data_5W1W
#
_entry.id   5W1W
#
_cell.length_a   73.371
_cell.length_b   225.926
_cell.length_c   276.267
_cell.angle_alpha   90.00
_cell.angle_beta   90.00
_cell.angle_gamma   90.00
#
_symmetry.space_group_name_H-M   'P 21 21 21'
#
loop_
_entity.id
_entity.type
_entity.pdbx_description
1 polymer 'HLA class I histocompatibility antigen, alpha chain E'
2 polymer Beta-2-microglobulin
3 polymer 'leader peptide of HLA class I histocompatibility antigen, A alpha chain'
4 polymer 'GF4 T cell receptor alpha chain'
5 polymer 'GF4 T cell receptor beta chain'
#
loop_
_entity_poly.entity_id
_entity_poly.type
_entity_poly.pdbx_seq_one_letter_code
_entity_poly.pdbx_strand_id
1 'polypeptide(L)'
;GSHSLKYFHTSVSRPGRGEPRFISVGYVDDTQFVRFDNDAASPRMVPRAPWMEQEGSEYWDRETRSARDTAQIFRVNLRT
LRGYYNQSEAGSHTLQWMHGCELGPDRRFLRGYEQFAYDGKDYLTLNEDLRSWTAVDTAAQISEQKSNDASEAEHQRAYL
EDTCVEWLHKYLEKGKETLLHLEPPKTHVTHHPISDHEATLRCWALGFYPAEITLTWQQDGEGHTQDTELVETRPAGDGT
FQKWAAVVVPSGEEQRYTCHVQHEGLPEPVTLRWKPAS
;
A,F,K,P
2 'polypeptide(L)'
;MIQRTPKIQVYSRHPAENGKSNFLNCYVSGFHPSDIEVDLLKNGERIEKVEHSDLSFSKDWSFYLLYYTEFTPTEKDEYA
CRVNHVTLSQPKIVKWDRDM
;
B,G,L,Q
3 'polypeptide(L)' VMAPRTLVL C,H,M,R
4 'polypeptide(L)'
;GQQLNQSPQSMFIQEGEDVSMNCTSSSIFNTWLWYKQDPGEGPVLLIALYKAGELTSNGRLTAQFGITRKDSFLNISASI
PSDVGIYFCAGQPLGGSNYKLTFGKGTLLTVNPNIQNPDPAVYQLRDSKSSDKSVCLFTDFDSQTNVSQSKDSDVYITDK
CVLDMRSMDFKSNSAVAWSNKSDFACANAFNNSIIPEDTFFPSPESS
;
D,I,N,S
5 'polypeptide(L)'
;DSGVTQTPKHLITATGQRVTLRCSPRSGDLSVYWYQQSLDQGLQFLIQYYNGEERAKGNILERFSAQQFPDLHSELNLSS
LELGDSALYFCASSANPGDSSNEKLFFGSGTQLSVLEDLNKVFPPEVAVFEPSEAEISHTQKATLVCLATGFYPDHVELS
WWVNGKEVHSGVCTDPQPLKEQPALNDSRYALSSRLRVSATFWQNPRNHFRCQVQFYGLSENDEWTQDRAKPVTQIVSAE
AWGRAD
;
E,J,O,T
#
# COMPACT_ATOMS: atom_id res chain seq x y z
N SER A 2 10.36 23.28 -32.95
CA SER A 2 11.14 22.30 -33.69
C SER A 2 12.62 22.32 -33.30
N HIS A 3 13.09 21.19 -32.79
CA HIS A 3 14.46 21.01 -32.34
C HIS A 3 15.02 19.74 -32.96
N SER A 4 16.34 19.60 -32.93
CA SER A 4 16.97 18.43 -33.52
C SER A 4 18.23 18.06 -32.79
N LEU A 5 18.40 16.75 -32.60
CA LEU A 5 19.60 16.16 -32.04
C LEU A 5 20.20 15.46 -33.25
N LYS A 6 21.34 15.97 -33.75
CA LYS A 6 22.03 15.48 -34.94
C LYS A 6 23.49 15.13 -34.59
N TYR A 7 24.08 14.13 -35.28
CA TYR A 7 25.47 13.72 -35.06
C TYR A 7 26.21 13.49 -36.38
N PHE A 8 27.50 13.89 -36.43
CA PHE A 8 28.33 13.77 -37.63
C PHE A 8 29.61 12.95 -37.38
N HIS A 9 29.64 11.74 -37.97
CA HIS A 9 30.73 10.79 -37.80
C HIS A 9 31.57 10.66 -39.08
N THR A 10 32.90 10.85 -38.95
CA THR A 10 33.84 10.79 -40.07
C THR A 10 35.01 9.88 -39.73
N SER A 11 35.33 8.92 -40.62
CA SER A 11 36.51 8.08 -40.50
C SER A 11 37.29 8.09 -41.80
N VAL A 12 38.56 8.51 -41.70
CA VAL A 12 39.50 8.66 -42.82
C VAL A 12 40.67 7.68 -42.66
N SER A 13 40.86 6.75 -43.64
CA SER A 13 41.98 5.78 -43.64
C SER A 13 43.30 6.53 -43.83
N ARG A 14 44.36 6.09 -43.13
CA ARG A 14 45.62 6.84 -43.23
C ARG A 14 46.79 5.96 -43.64
N PRO A 15 46.93 5.69 -44.96
CA PRO A 15 48.08 4.90 -45.43
C PRO A 15 49.37 5.55 -44.98
N GLY A 16 50.26 4.75 -44.43
CA GLY A 16 51.53 5.23 -43.91
C GLY A 16 51.47 5.79 -42.50
N ARG A 17 50.52 6.73 -42.24
CA ARG A 17 50.37 7.41 -40.95
C ARG A 17 50.04 6.47 -39.78
N GLY A 18 49.11 5.55 -40.00
CA GLY A 18 48.68 4.58 -38.99
C GLY A 18 47.21 4.24 -39.03
N GLU A 19 46.58 4.12 -37.84
CA GLU A 19 45.15 3.81 -37.69
C GLU A 19 44.26 4.97 -38.25
N PRO A 20 42.99 4.72 -38.65
CA PRO A 20 42.18 5.81 -39.24
C PRO A 20 41.74 6.89 -38.24
N ARG A 21 41.26 8.03 -38.75
CA ARG A 21 40.82 9.08 -37.86
C ARG A 21 39.31 9.10 -37.71
N PHE A 22 38.83 8.80 -36.50
CA PHE A 22 37.43 8.80 -36.16
C PHE A 22 37.12 10.06 -35.37
N ILE A 23 36.15 10.85 -35.86
CA ILE A 23 35.68 12.09 -35.26
C ILE A 23 34.16 12.01 -35.19
N SER A 24 33.62 12.31 -34.00
CA SER A 24 32.18 12.36 -33.74
C SER A 24 31.87 13.78 -33.31
N VAL A 25 30.83 14.39 -33.90
CA VAL A 25 30.42 15.77 -33.59
C VAL A 25 28.91 15.80 -33.32
N GLY A 26 28.55 16.09 -32.08
CA GLY A 26 27.15 16.15 -31.66
C GLY A 26 26.58 17.55 -31.65
N TYR A 27 25.33 17.69 -32.12
CA TYR A 27 24.64 18.97 -32.18
C TYR A 27 23.24 18.96 -31.61
N VAL A 28 22.94 19.96 -30.75
CA VAL A 28 21.59 20.21 -30.26
C VAL A 28 21.24 21.49 -31.04
N ASP A 29 20.33 21.36 -32.03
CA ASP A 29 19.94 22.43 -32.96
C ASP A 29 21.16 22.90 -33.73
N ASP A 30 21.59 24.16 -33.52
CA ASP A 30 22.78 24.70 -34.18
C ASP A 30 23.99 24.77 -33.24
N THR A 31 23.88 24.14 -32.04
CA THR A 31 24.91 24.15 -31.00
C THR A 31 25.64 22.81 -30.85
N GLN A 32 26.96 22.86 -31.04
CA GLN A 32 27.82 21.70 -30.85
C GLN A 32 27.97 21.52 -29.34
N PHE A 33 27.70 20.31 -28.84
CA PHE A 33 27.75 20.08 -27.40
C PHE A 33 28.72 19.00 -26.97
N VAL A 34 29.14 18.14 -27.90
CA VAL A 34 30.06 17.02 -27.66
C VAL A 34 30.95 16.77 -28.86
N ARG A 35 32.00 15.96 -28.64
CA ARG A 35 32.98 15.54 -29.63
C ARG A 35 33.79 14.38 -29.11
N PHE A 36 34.19 13.50 -30.04
CA PHE A 36 35.09 12.39 -29.81
C PHE A 36 36.10 12.40 -30.97
N ASP A 37 37.40 12.40 -30.65
CA ASP A 37 38.47 12.36 -31.65
C ASP A 37 39.47 11.30 -31.23
N ASN A 38 39.72 10.31 -32.10
CA ASN A 38 40.65 9.23 -31.77
C ASN A 38 42.10 9.59 -32.11
N ASP A 39 42.34 10.74 -32.80
CA ASP A 39 43.69 11.19 -33.13
C ASP A 39 44.43 11.48 -31.82
N ALA A 40 43.67 11.95 -30.80
CA ALA A 40 44.14 12.20 -29.44
C ALA A 40 44.60 10.88 -28.80
N ALA A 41 45.57 10.94 -27.87
CA ALA A 41 46.11 9.76 -27.19
C ALA A 41 45.15 9.23 -26.13
N SER A 42 44.42 10.14 -25.44
CA SER A 42 43.40 9.87 -24.42
C SER A 42 42.02 10.06 -25.14
N PRO A 43 41.53 9.06 -25.90
CA PRO A 43 40.28 9.27 -26.65
C PRO A 43 39.05 9.00 -25.80
N ARG A 44 38.27 10.06 -25.59
CA ARG A 44 37.03 10.04 -24.82
C ARG A 44 36.05 11.05 -25.41
N MET A 45 34.74 10.79 -25.22
CA MET A 45 33.67 11.69 -25.62
C MET A 45 33.73 12.83 -24.60
N VAL A 46 33.83 14.08 -25.08
CA VAL A 46 34.00 15.22 -24.19
C VAL A 46 32.96 16.34 -24.39
N PRO A 47 32.71 17.20 -23.36
CA PRO A 47 31.77 18.30 -23.56
C PRO A 47 32.38 19.41 -24.41
N ARG A 48 31.57 20.00 -25.30
CA ARG A 48 31.99 21.11 -26.14
C ARG A 48 31.05 22.30 -25.96
N ALA A 49 30.14 22.19 -24.97
CA ALA A 49 29.18 23.21 -24.54
C ALA A 49 29.23 23.29 -22.99
N PRO A 50 29.04 24.49 -22.39
CA PRO A 50 29.14 24.62 -20.92
C PRO A 50 28.07 23.89 -20.13
N TRP A 51 26.88 23.67 -20.73
CA TRP A 51 25.76 22.98 -20.07
C TRP A 51 25.95 21.46 -20.03
N MET A 52 27.18 20.99 -20.35
CA MET A 52 27.60 19.60 -20.36
C MET A 52 28.83 19.42 -19.45
N GLU A 53 29.45 20.54 -19.02
CA GLU A 53 30.65 20.63 -18.18
C GLU A 53 30.50 19.87 -16.86
N GLN A 54 29.28 19.78 -16.31
CA GLN A 54 28.97 18.99 -15.10
C GLN A 54 27.86 17.99 -15.44
N GLU A 55 28.26 16.74 -15.74
CA GLU A 55 27.36 15.68 -16.19
C GLU A 55 27.49 14.35 -15.44
N GLY A 56 28.72 13.91 -15.20
CA GLY A 56 28.98 12.65 -14.50
C GLY A 56 29.56 11.56 -15.39
N SER A 57 30.48 10.77 -14.82
CA SER A 57 31.21 9.67 -15.46
C SER A 57 30.33 8.69 -16.21
N GLU A 58 29.23 8.21 -15.59
CA GLU A 58 28.27 7.27 -16.17
C GLU A 58 27.94 7.63 -17.62
N TYR A 59 27.64 8.93 -17.88
CA TYR A 59 27.31 9.46 -19.20
C TYR A 59 28.52 9.37 -20.15
N TRP A 60 29.64 10.04 -19.80
CA TRP A 60 30.86 10.08 -20.60
C TRP A 60 31.37 8.69 -20.94
N ASP A 61 31.24 7.75 -19.99
CA ASP A 61 31.62 6.35 -20.12
C ASP A 61 30.82 5.66 -21.23
N ARG A 62 29.48 5.83 -21.24
CA ARG A 62 28.55 5.27 -22.23
C ARG A 62 28.92 5.76 -23.61
N GLU A 63 29.03 7.09 -23.73
CA GLU A 63 29.28 7.78 -24.97
C GLU A 63 30.66 7.49 -25.54
N THR A 64 31.68 7.34 -24.68
CA THR A 64 33.02 6.96 -25.15
C THR A 64 32.95 5.56 -25.76
N ARG A 65 32.23 4.62 -25.10
CA ARG A 65 32.06 3.26 -25.57
C ARG A 65 31.36 3.19 -26.94
N SER A 66 30.22 3.93 -27.10
CA SER A 66 29.48 3.97 -28.38
C SER A 66 30.45 4.39 -29.48
N ALA A 67 31.14 5.52 -29.27
CA ALA A 67 32.11 6.08 -30.20
C ALA A 67 33.31 5.15 -30.47
N ARG A 68 33.89 4.53 -29.41
CA ARG A 68 35.02 3.61 -29.53
C ARG A 68 34.64 2.41 -30.40
N ASP A 69 33.48 1.79 -30.09
CA ASP A 69 32.93 0.63 -30.80
C ASP A 69 32.57 0.94 -32.25
N THR A 70 32.24 2.21 -32.57
CA THR A 70 31.94 2.65 -33.93
C THR A 70 33.26 2.73 -34.68
N ALA A 71 34.27 3.40 -34.09
CA ALA A 71 35.60 3.52 -34.66
C ALA A 71 36.14 2.13 -35.08
N GLN A 72 35.93 1.10 -34.21
CA GLN A 72 36.33 -0.28 -34.44
C GLN A 72 35.70 -0.87 -35.70
N ILE A 73 34.37 -0.71 -35.85
CA ILE A 73 33.60 -1.19 -37.01
C ILE A 73 34.00 -0.42 -38.26
N PHE A 74 34.02 0.91 -38.19
CA PHE A 74 34.36 1.79 -39.31
C PHE A 74 35.74 1.50 -39.90
N ARG A 75 36.72 1.12 -39.04
CA ARG A 75 38.08 0.75 -39.43
C ARG A 75 37.99 -0.48 -40.35
N VAL A 76 37.13 -1.44 -39.99
CA VAL A 76 36.88 -2.65 -40.80
C VAL A 76 36.12 -2.25 -42.06
N ASN A 77 35.04 -1.44 -41.92
CA ASN A 77 34.21 -0.95 -43.01
C ASN A 77 35.06 -0.31 -44.10
N LEU A 78 36.09 0.47 -43.71
CA LEU A 78 36.99 1.10 -44.67
C LEU A 78 37.72 0.04 -45.52
N ARG A 79 38.18 -1.10 -44.94
CA ARG A 79 38.83 -2.14 -45.73
C ARG A 79 37.83 -2.97 -46.54
N THR A 80 36.56 -2.99 -46.10
CA THR A 80 35.49 -3.70 -46.79
C THR A 80 35.11 -2.89 -48.03
N LEU A 81 34.90 -1.57 -47.86
CA LEU A 81 34.55 -0.64 -48.92
C LEU A 81 35.62 -0.56 -50.02
N ARG A 82 36.89 -0.84 -49.66
CA ARG A 82 38.04 -0.90 -50.56
C ARG A 82 37.84 -2.08 -51.53
N GLY A 83 37.38 -3.21 -50.98
CA GLY A 83 37.12 -4.44 -51.73
C GLY A 83 35.98 -4.29 -52.71
N TYR A 84 34.91 -3.60 -52.27
CA TYR A 84 33.73 -3.35 -53.11
C TYR A 84 34.13 -2.52 -54.33
N TYR A 85 34.94 -1.48 -54.11
CA TYR A 85 35.39 -0.52 -55.10
C TYR A 85 36.72 -0.88 -55.78
N ASN A 86 37.24 -2.10 -55.50
CA ASN A 86 38.48 -2.68 -56.07
C ASN A 86 39.67 -1.72 -55.95
N GLN A 87 39.78 -1.08 -54.79
CA GLN A 87 40.80 -0.09 -54.40
C GLN A 87 41.99 -0.70 -53.67
N SER A 88 43.10 0.04 -53.60
CA SER A 88 44.36 -0.38 -52.99
C SER A 88 44.61 0.22 -51.61
N GLU A 89 45.61 -0.32 -50.89
CA GLU A 89 46.06 0.13 -49.57
C GLU A 89 46.76 1.50 -49.67
N ALA A 90 47.05 1.95 -50.90
CA ALA A 90 47.74 3.20 -51.24
C ALA A 90 47.01 4.49 -50.88
N GLY A 91 45.71 4.55 -51.20
CA GLY A 91 44.90 5.76 -51.01
C GLY A 91 44.12 5.89 -49.72
N SER A 92 43.85 7.14 -49.34
CA SER A 92 43.09 7.54 -48.15
C SER A 92 41.65 7.81 -48.60
N HIS A 93 40.69 7.07 -47.99
CA HIS A 93 39.27 7.18 -48.31
C HIS A 93 38.46 7.60 -47.10
N THR A 94 37.24 8.13 -47.33
CA THR A 94 36.41 8.70 -46.28
C THR A 94 35.03 8.06 -46.13
N LEU A 95 34.74 7.54 -44.93
CA LEU A 95 33.45 7.00 -44.55
C LEU A 95 32.77 8.02 -43.64
N GLN A 96 31.54 8.41 -43.98
CA GLN A 96 30.77 9.38 -43.21
C GLN A 96 29.39 8.87 -42.89
N TRP A 97 28.99 9.02 -41.63
CA TRP A 97 27.72 8.56 -41.14
C TRP A 97 27.06 9.68 -40.39
N MET A 98 25.88 10.08 -40.83
CA MET A 98 25.09 11.10 -40.16
C MET A 98 23.75 10.49 -39.75
N HIS A 99 23.28 10.84 -38.55
CA HIS A 99 22.01 10.40 -38.00
C HIS A 99 21.41 11.54 -37.21
N GLY A 100 20.08 11.62 -37.19
CA GLY A 100 19.38 12.67 -36.46
C GLY A 100 17.88 12.55 -36.39
N CYS A 101 17.28 13.21 -35.37
CA CYS A 101 15.84 13.25 -35.12
C CYS A 101 15.36 14.67 -34.98
N GLU A 102 14.17 14.96 -35.52
CA GLU A 102 13.56 16.28 -35.45
C GLU A 102 12.26 16.23 -34.65
N LEU A 103 12.01 17.29 -33.87
CA LEU A 103 10.78 17.41 -33.11
C LEU A 103 9.73 18.16 -33.91
N GLY A 104 8.48 17.83 -33.67
CA GLY A 104 7.35 18.50 -34.29
C GLY A 104 7.01 19.78 -33.54
N PRO A 105 5.95 20.52 -33.94
CA PRO A 105 5.59 21.74 -33.18
C PRO A 105 5.06 21.38 -31.78
N ASP A 106 4.44 20.20 -31.67
CA ASP A 106 3.89 19.62 -30.43
C ASP A 106 4.98 19.08 -29.47
N ARG A 107 6.24 19.16 -29.90
CA ARG A 107 7.39 18.67 -29.14
C ARG A 107 7.50 17.16 -29.18
N ARG A 108 6.82 16.54 -30.16
CA ARG A 108 6.81 15.10 -30.36
C ARG A 108 7.45 14.76 -31.69
N PHE A 109 8.20 13.65 -31.73
CA PHE A 109 8.93 13.13 -32.90
C PHE A 109 8.26 13.46 -34.23
N LEU A 110 8.96 14.22 -35.08
CA LEU A 110 8.50 14.59 -36.40
C LEU A 110 9.13 13.64 -37.41
N ARG A 111 10.45 13.75 -37.63
CA ARG A 111 11.14 12.87 -38.57
C ARG A 111 12.51 12.43 -38.08
N GLY A 112 13.05 11.41 -38.72
CA GLY A 112 14.34 10.83 -38.41
C GLY A 112 15.07 10.44 -39.68
N TYR A 113 16.37 10.68 -39.70
CA TYR A 113 17.20 10.36 -40.85
C TYR A 113 18.46 9.66 -40.39
N GLU A 114 19.06 8.90 -41.32
CA GLU A 114 20.30 8.16 -41.09
C GLU A 114 20.85 7.74 -42.44
N GLN A 115 22.08 8.16 -42.74
CA GLN A 115 22.74 7.88 -44.01
C GLN A 115 24.21 7.58 -43.86
N PHE A 116 24.78 6.97 -44.91
CA PHE A 116 26.19 6.65 -45.06
C PHE A 116 26.68 7.13 -46.42
N ALA A 117 27.92 7.58 -46.46
CA ALA A 117 28.61 8.04 -47.67
C ALA A 117 30.01 7.49 -47.68
N TYR A 118 30.50 7.19 -48.88
CA TYR A 118 31.87 6.75 -49.10
C TYR A 118 32.47 7.67 -50.14
N ASP A 119 33.56 8.36 -49.76
CA ASP A 119 34.27 9.32 -50.60
C ASP A 119 33.32 10.43 -51.10
N GLY A 120 32.63 11.06 -50.15
CA GLY A 120 31.72 12.18 -50.38
C GLY A 120 30.46 11.95 -51.17
N LYS A 121 30.27 10.73 -51.70
CA LYS A 121 29.11 10.35 -52.49
C LYS A 121 28.18 9.44 -51.68
N ASP A 122 26.83 9.64 -51.76
CA ASP A 122 25.80 8.85 -51.06
C ASP A 122 26.07 7.35 -51.23
N TYR A 123 25.86 6.58 -50.16
CA TYR A 123 26.14 5.14 -50.18
C TYR A 123 24.91 4.29 -49.85
N LEU A 124 24.42 4.42 -48.62
CA LEU A 124 23.27 3.68 -48.10
C LEU A 124 22.41 4.61 -47.26
N THR A 125 21.09 4.49 -47.40
CA THR A 125 20.14 5.35 -46.71
C THR A 125 19.02 4.56 -46.04
N LEU A 126 18.70 4.92 -44.80
CA LEU A 126 17.59 4.38 -44.05
C LEU A 126 16.36 5.05 -44.65
N ASN A 127 15.34 4.26 -45.03
CA ASN A 127 14.12 4.79 -45.65
C ASN A 127 13.30 5.67 -44.70
N GLU A 128 12.45 6.59 -45.23
CA GLU A 128 11.64 7.50 -44.40
C GLU A 128 10.84 6.77 -43.32
N ASP A 129 10.39 5.54 -43.61
CA ASP A 129 9.64 4.65 -42.71
C ASP A 129 10.50 4.12 -41.55
N LEU A 130 11.85 4.16 -41.71
CA LEU A 130 12.87 3.68 -40.76
C LEU A 130 12.80 2.17 -40.57
N ARG A 131 12.37 1.42 -41.60
CA ARG A 131 12.21 -0.03 -41.50
C ARG A 131 13.11 -0.86 -42.42
N SER A 132 13.84 -0.21 -43.37
CA SER A 132 14.78 -0.86 -44.29
C SER A 132 15.87 0.10 -44.81
N TRP A 133 16.80 -0.44 -45.59
CA TRP A 133 17.92 0.31 -46.16
C TRP A 133 17.89 0.26 -47.68
N THR A 134 18.25 1.41 -48.32
CA THR A 134 18.34 1.53 -49.78
C THR A 134 19.77 1.83 -50.20
N ALA A 135 20.28 1.04 -51.16
CA ALA A 135 21.61 1.22 -51.73
C ALA A 135 21.50 2.32 -52.77
N VAL A 136 21.94 3.54 -52.40
CA VAL A 136 21.89 4.72 -53.27
C VAL A 136 22.89 4.54 -54.44
N ASP A 137 24.05 3.94 -54.13
CA ASP A 137 25.12 3.57 -55.05
C ASP A 137 24.86 2.10 -55.41
N THR A 138 25.27 1.65 -56.60
CA THR A 138 25.05 0.24 -56.97
C THR A 138 26.14 -0.66 -56.37
N ALA A 139 27.15 -0.07 -55.72
CA ALA A 139 28.21 -0.84 -55.08
C ALA A 139 27.75 -1.17 -53.66
N ALA A 140 26.79 -0.37 -53.15
CA ALA A 140 26.17 -0.51 -51.83
C ALA A 140 25.15 -1.65 -51.78
N GLN A 141 24.93 -2.38 -52.89
CA GLN A 141 23.97 -3.48 -53.00
C GLN A 141 24.21 -4.61 -51.99
N ILE A 142 25.50 -4.98 -51.71
CA ILE A 142 25.79 -6.05 -50.73
C ILE A 142 25.43 -5.55 -49.33
N SER A 143 25.97 -4.37 -48.93
CA SER A 143 25.68 -3.74 -47.64
C SER A 143 24.17 -3.67 -47.40
N GLU A 144 23.41 -3.37 -48.48
CA GLU A 144 21.95 -3.26 -48.48
C GLU A 144 21.23 -4.58 -48.18
N GLN A 145 21.64 -5.70 -48.81
CA GLN A 145 21.01 -6.99 -48.55
C GLN A 145 21.31 -7.38 -47.12
N LYS A 146 22.61 -7.37 -46.76
CA LYS A 146 23.15 -7.72 -45.45
C LYS A 146 22.36 -7.08 -44.31
N SER A 147 22.15 -5.76 -44.38
CA SER A 147 21.49 -4.92 -43.38
C SER A 147 19.98 -5.06 -43.30
N ASN A 148 19.35 -5.45 -44.41
CA ASN A 148 17.92 -5.66 -44.48
C ASN A 148 17.61 -7.06 -43.98
N ASP A 149 18.47 -8.03 -44.32
CA ASP A 149 18.29 -9.42 -43.93
C ASP A 149 18.52 -9.66 -42.44
N ALA A 150 19.40 -8.87 -41.82
CA ALA A 150 19.71 -9.00 -40.39
C ALA A 150 18.84 -8.10 -39.52
N SER A 151 17.88 -7.39 -40.14
CA SER A 151 16.99 -6.43 -39.49
C SER A 151 17.77 -5.42 -38.65
N GLU A 152 18.55 -4.57 -39.34
CA GLU A 152 19.35 -3.57 -38.66
C GLU A 152 18.55 -2.34 -38.37
N ALA A 153 17.70 -1.93 -39.32
CA ALA A 153 16.82 -0.78 -39.26
C ALA A 153 16.06 -0.65 -37.93
N GLU A 154 15.65 -1.79 -37.35
CA GLU A 154 14.90 -1.85 -36.08
C GLU A 154 15.66 -1.19 -34.93
N HIS A 155 17.01 -1.34 -34.89
CA HIS A 155 17.88 -0.74 -33.88
C HIS A 155 17.88 0.77 -33.99
N GLN A 156 17.92 1.26 -35.24
CA GLN A 156 17.95 2.68 -35.59
C GLN A 156 16.59 3.33 -35.39
N ARG A 157 15.51 2.63 -35.78
CA ARG A 157 14.12 3.08 -35.62
C ARG A 157 13.88 3.40 -34.14
N ALA A 158 14.33 2.50 -33.23
CA ALA A 158 14.24 2.65 -31.78
C ALA A 158 15.06 3.85 -31.27
N TYR A 159 16.29 4.05 -31.80
CA TYR A 159 17.13 5.17 -31.40
C TYR A 159 16.47 6.48 -31.85
N LEU A 160 16.24 6.62 -33.16
CA LEU A 160 15.66 7.80 -33.78
C LEU A 160 14.30 8.18 -33.22
N GLU A 161 13.43 7.18 -32.96
CA GLU A 161 12.08 7.44 -32.46
C GLU A 161 11.97 7.69 -30.95
N ASP A 162 12.78 6.97 -30.13
CA ASP A 162 12.66 7.05 -28.67
C ASP A 162 13.87 7.64 -27.94
N THR A 163 15.07 7.08 -28.13
CA THR A 163 16.32 7.52 -27.47
C THR A 163 16.66 8.96 -27.81
N CYS A 164 16.84 9.22 -29.12
CA CYS A 164 17.19 10.52 -29.68
C CYS A 164 16.26 11.60 -29.16
N VAL A 165 14.94 11.32 -29.17
CA VAL A 165 13.89 12.24 -28.70
C VAL A 165 13.95 12.41 -27.17
N GLU A 166 14.04 11.30 -26.38
CA GLU A 166 14.13 11.36 -24.89
C GLU A 166 15.28 12.28 -24.48
N TRP A 167 16.43 12.08 -25.11
CA TRP A 167 17.64 12.82 -24.85
C TRP A 167 17.64 14.22 -25.34
N LEU A 168 17.07 14.48 -26.54
CA LEU A 168 16.97 15.83 -27.11
C LEU A 168 16.29 16.75 -26.09
N HIS A 169 15.26 16.22 -25.39
CA HIS A 169 14.57 16.94 -24.32
C HIS A 169 15.48 17.08 -23.12
N LYS A 170 16.18 15.99 -22.69
CA LYS A 170 17.11 16.04 -21.55
C LYS A 170 18.12 17.18 -21.76
N TYR A 171 18.73 17.27 -22.96
CA TYR A 171 19.70 18.31 -23.35
C TYR A 171 19.05 19.69 -23.45
N LEU A 172 17.86 19.79 -24.09
CA LEU A 172 17.12 21.06 -24.24
C LEU A 172 16.87 21.68 -22.88
N GLU A 173 16.50 20.86 -21.87
CA GLU A 173 16.28 21.34 -20.51
C GLU A 173 17.65 21.78 -19.94
N LYS A 174 18.65 20.86 -19.95
CA LYS A 174 20.03 21.08 -19.46
C LYS A 174 20.61 22.46 -19.81
N GLY A 175 20.29 22.96 -21.00
CA GLY A 175 20.74 24.27 -21.45
C GLY A 175 19.62 25.17 -21.91
N LYS A 176 18.48 25.20 -21.16
CA LYS A 176 17.29 26.01 -21.45
C LYS A 176 17.66 27.48 -21.71
N GLU A 177 18.37 28.07 -20.73
CA GLU A 177 18.87 29.44 -20.66
C GLU A 177 19.65 29.90 -21.91
N THR A 178 20.37 28.96 -22.55
CA THR A 178 21.21 29.19 -23.73
C THR A 178 20.46 28.85 -25.03
N LEU A 179 20.16 27.55 -25.22
CA LEU A 179 19.54 26.95 -26.40
C LEU A 179 18.21 27.56 -26.83
N LEU A 180 17.25 27.62 -25.91
CA LEU A 180 15.91 28.11 -26.23
C LEU A 180 15.82 29.66 -26.31
N HIS A 181 16.82 30.38 -25.73
CA HIS A 181 16.90 31.83 -25.79
C HIS A 181 17.19 32.28 -27.22
N LEU A 182 16.45 33.28 -27.70
CA LEU A 182 16.59 33.82 -29.04
C LEU A 182 17.41 35.10 -29.03
N GLU A 183 18.51 35.12 -29.80
CA GLU A 183 19.35 36.30 -29.93
C GLU A 183 19.06 36.90 -31.31
N PRO A 184 18.26 38.00 -31.36
CA PRO A 184 17.90 38.58 -32.66
C PRO A 184 19.05 39.32 -33.33
N PRO A 185 19.09 39.41 -34.68
CA PRO A 185 20.22 40.07 -35.34
C PRO A 185 20.29 41.58 -35.16
N LYS A 186 21.50 42.09 -34.85
CA LYS A 186 21.78 43.51 -34.71
C LYS A 186 22.11 43.98 -36.12
N THR A 187 21.17 44.71 -36.71
CA THR A 187 21.29 45.14 -38.09
C THR A 187 21.83 46.55 -38.27
N HIS A 188 22.39 46.80 -39.48
CA HIS A 188 22.95 48.06 -39.96
C HIS A 188 23.31 47.93 -41.45
N VAL A 189 23.08 49.00 -42.21
CA VAL A 189 23.41 49.07 -43.63
C VAL A 189 24.65 49.95 -43.80
N THR A 190 25.61 49.50 -44.64
CA THR A 190 26.85 50.20 -44.94
C THR A 190 27.00 50.54 -46.42
N HIS A 191 27.64 51.68 -46.71
CA HIS A 191 27.85 52.20 -48.06
C HIS A 191 29.32 52.18 -48.48
N HIS A 192 29.63 51.44 -49.55
CA HIS A 192 31.00 51.34 -50.08
C HIS A 192 31.02 51.73 -51.55
N PRO A 193 31.40 53.00 -51.86
CA PRO A 193 31.39 53.46 -53.27
C PRO A 193 32.40 52.74 -54.18
N ILE A 194 31.96 52.32 -55.37
CA ILE A 194 32.84 51.66 -56.35
C ILE A 194 33.54 52.76 -57.15
N SER A 195 32.83 53.35 -58.13
CA SER A 195 33.32 54.43 -58.99
C SER A 195 32.52 55.72 -58.68
N ASP A 196 32.55 56.70 -59.59
CA ASP A 196 31.81 57.95 -59.48
C ASP A 196 30.33 57.62 -59.76
N HIS A 197 30.13 56.69 -60.73
CA HIS A 197 28.86 56.19 -61.23
C HIS A 197 28.17 55.20 -60.29
N GLU A 198 28.94 54.22 -59.76
CA GLU A 198 28.44 53.14 -58.91
C GLU A 198 28.72 53.32 -57.40
N ALA A 199 28.11 52.41 -56.58
CA ALA A 199 28.21 52.31 -55.12
C ALA A 199 27.59 50.99 -54.64
N THR A 200 28.18 50.35 -53.61
CA THR A 200 27.65 49.09 -53.06
C THR A 200 26.98 49.33 -51.71
N LEU A 201 25.72 48.87 -51.57
CA LEU A 201 24.96 48.95 -50.32
C LEU A 201 24.91 47.55 -49.69
N ARG A 202 25.44 47.44 -48.46
CA ARG A 202 25.55 46.19 -47.71
C ARG A 202 24.70 46.14 -46.45
N CYS A 203 23.84 45.12 -46.34
CA CYS A 203 22.94 44.88 -45.22
C CYS A 203 23.59 43.85 -44.30
N TRP A 204 23.79 44.20 -43.02
CA TRP A 204 24.46 43.30 -42.08
C TRP A 204 23.56 42.73 -40.99
N ALA A 205 23.46 41.40 -40.94
CA ALA A 205 22.74 40.68 -39.90
C ALA A 205 23.84 40.06 -39.04
N LEU A 206 23.97 40.51 -37.79
CA LEU A 206 25.07 40.05 -36.93
C LEU A 206 24.65 39.62 -35.54
N GLY A 207 25.19 38.49 -35.10
CA GLY A 207 24.97 37.94 -33.76
C GLY A 207 23.60 37.35 -33.53
N PHE A 208 23.13 36.52 -34.47
CA PHE A 208 21.83 35.86 -34.43
C PHE A 208 21.90 34.36 -34.16
N TYR A 209 20.97 33.86 -33.31
CA TYR A 209 20.81 32.43 -33.02
C TYR A 209 19.30 32.10 -33.05
N PRO A 210 18.80 31.16 -33.90
CA PRO A 210 19.51 30.22 -34.79
C PRO A 210 20.16 30.81 -36.04
N ALA A 211 20.92 29.98 -36.78
CA ALA A 211 21.61 30.31 -38.02
C ALA A 211 20.67 30.55 -39.21
N GLU A 212 19.39 30.15 -39.09
CA GLU A 212 18.39 30.33 -40.15
C GLU A 212 17.96 31.80 -40.20
N ILE A 213 18.13 32.41 -41.38
CA ILE A 213 17.78 33.81 -41.65
C ILE A 213 17.53 34.03 -43.15
N THR A 214 16.85 35.14 -43.50
CA THR A 214 16.54 35.55 -44.86
C THR A 214 16.84 37.06 -45.02
N LEU A 215 17.69 37.41 -45.99
CA LEU A 215 18.09 38.80 -46.28
C LEU A 215 17.83 39.13 -47.75
N THR A 216 16.99 40.15 -48.01
CA THR A 216 16.60 40.54 -49.36
C THR A 216 16.62 42.03 -49.65
N TRP A 217 16.98 42.40 -50.90
CA TRP A 217 17.00 43.78 -51.39
C TRP A 217 15.86 43.95 -52.40
N GLN A 218 15.10 45.08 -52.30
CA GLN A 218 13.97 45.35 -53.19
C GLN A 218 14.07 46.70 -53.93
N GLN A 219 13.61 46.70 -55.20
CA GLN A 219 13.52 47.79 -56.19
C GLN A 219 14.74 48.73 -56.20
N GLY A 223 10.33 43.98 -56.51
CA GLY A 223 11.27 42.93 -56.14
C GLY A 223 12.55 42.98 -56.96
N HIS A 224 13.70 43.17 -56.28
CA HIS A 224 15.01 43.25 -56.95
C HIS A 224 15.80 41.93 -56.89
N THR A 225 15.42 41.01 -57.79
CA THR A 225 16.02 39.68 -57.96
C THR A 225 17.37 39.75 -58.70
N GLN A 226 17.45 40.61 -59.73
CA GLN A 226 18.57 40.81 -60.65
C GLN A 226 19.91 41.24 -60.00
N ASP A 227 20.83 40.27 -59.88
CA ASP A 227 22.21 40.35 -59.39
C ASP A 227 22.42 41.02 -58.00
N THR A 228 22.10 40.26 -56.94
CA THR A 228 22.30 40.64 -55.54
C THR A 228 23.35 39.64 -55.02
N GLU A 229 24.41 40.12 -54.33
CA GLU A 229 25.45 39.23 -53.78
C GLU A 229 25.08 38.80 -52.36
N LEU A 230 25.03 37.47 -52.13
CA LEU A 230 24.70 36.90 -50.83
C LEU A 230 25.71 35.87 -50.35
N VAL A 231 26.38 36.17 -49.23
CA VAL A 231 27.37 35.27 -48.62
C VAL A 231 26.73 34.26 -47.69
N GLU A 232 27.33 33.07 -47.64
CA GLU A 232 26.98 31.93 -46.80
C GLU A 232 26.91 32.40 -45.32
N THR A 233 26.01 31.79 -44.53
CA THR A 233 25.87 32.10 -43.11
C THR A 233 27.12 31.61 -42.41
N ARG A 234 27.78 32.52 -41.69
CA ARG A 234 29.06 32.22 -41.05
C ARG A 234 29.01 32.26 -39.52
N PRO A 235 29.84 31.44 -38.83
CA PRO A 235 29.84 31.49 -37.36
C PRO A 235 30.68 32.64 -36.81
N ALA A 236 30.18 33.39 -35.83
CA ALA A 236 30.93 34.48 -35.23
C ALA A 236 32.10 33.95 -34.41
N GLY A 237 31.90 32.78 -33.78
CA GLY A 237 32.89 32.11 -32.94
C GLY A 237 32.48 31.97 -31.49
N ASP A 238 31.43 32.69 -31.08
CA ASP A 238 30.90 32.69 -29.72
C ASP A 238 29.54 31.99 -29.57
N GLY A 239 29.07 31.37 -30.66
CA GLY A 239 27.81 30.65 -30.70
C GLY A 239 26.79 31.26 -31.63
N THR A 240 26.92 32.58 -31.87
CA THR A 240 26.05 33.36 -32.73
C THR A 240 26.53 33.29 -34.17
N PHE A 241 25.71 33.79 -35.10
CA PHE A 241 26.04 33.76 -36.53
C PHE A 241 26.03 35.14 -37.17
N GLN A 242 26.58 35.22 -38.38
CA GLN A 242 26.69 36.45 -39.16
C GLN A 242 26.28 36.20 -40.61
N LYS A 243 25.70 37.23 -41.25
CA LYS A 243 25.32 37.21 -42.67
C LYS A 243 25.21 38.62 -43.23
N TRP A 244 25.55 38.79 -44.52
CA TRP A 244 25.43 40.06 -45.22
C TRP A 244 24.94 39.88 -46.65
N ALA A 245 24.18 40.88 -47.14
CA ALA A 245 23.64 40.93 -48.50
C ALA A 245 24.01 42.26 -49.15
N ALA A 246 24.60 42.20 -50.35
CA ALA A 246 25.05 43.38 -51.09
C ALA A 246 24.37 43.58 -52.44
N VAL A 247 24.23 44.85 -52.85
CA VAL A 247 23.61 45.23 -54.12
C VAL A 247 24.35 46.44 -54.75
N VAL A 248 24.51 46.43 -56.09
CA VAL A 248 25.16 47.52 -56.85
C VAL A 248 24.10 48.61 -57.13
N VAL A 249 24.24 49.75 -56.45
CA VAL A 249 23.32 50.90 -56.47
C VAL A 249 23.91 52.10 -57.27
N PRO A 250 23.13 52.72 -58.20
CA PRO A 250 23.66 53.90 -58.90
C PRO A 250 23.73 55.10 -57.97
N SER A 251 24.87 55.84 -58.01
CA SER A 251 25.20 57.01 -57.17
C SER A 251 24.08 58.05 -57.03
N GLY A 252 23.82 58.44 -55.78
CA GLY A 252 22.80 59.42 -55.42
C GLY A 252 21.46 58.81 -55.06
N GLU A 253 20.93 57.95 -55.95
CA GLU A 253 19.63 57.28 -55.79
C GLU A 253 19.78 55.99 -54.94
N GLU A 254 20.24 56.18 -53.68
CA GLU A 254 20.48 55.11 -52.72
C GLU A 254 19.22 54.61 -52.02
N GLN A 255 18.42 55.55 -51.47
CA GLN A 255 17.19 55.27 -50.71
C GLN A 255 16.13 54.45 -51.48
N ARG A 256 16.29 54.31 -52.81
CA ARG A 256 15.38 53.54 -53.67
C ARG A 256 15.51 52.02 -53.44
N TYR A 257 16.53 51.60 -52.66
CA TYR A 257 16.82 50.21 -52.31
C TYR A 257 16.55 49.96 -50.81
N THR A 258 15.65 48.98 -50.53
CA THR A 258 15.23 48.60 -49.17
C THR A 258 15.67 47.18 -48.83
N CYS A 259 16.20 46.97 -47.61
CA CYS A 259 16.65 45.67 -47.14
C CYS A 259 15.63 45.02 -46.21
N HIS A 260 15.22 43.79 -46.52
CA HIS A 260 14.24 43.02 -45.76
C HIS A 260 14.92 41.88 -44.99
N VAL A 261 14.84 41.92 -43.65
CA VAL A 261 15.43 40.95 -42.69
C VAL A 261 14.31 40.17 -42.00
N GLN A 262 14.41 38.82 -42.00
CA GLN A 262 13.43 37.93 -41.36
C GLN A 262 14.14 36.83 -40.56
N HIS A 263 14.07 36.92 -39.22
CA HIS A 263 14.65 35.97 -38.27
C HIS A 263 13.64 35.63 -37.17
N GLU A 264 13.74 34.41 -36.61
CA GLU A 264 12.85 33.88 -35.57
C GLU A 264 12.77 34.77 -34.32
N GLY A 265 13.92 35.18 -33.78
CA GLY A 265 14.03 36.03 -32.59
C GLY A 265 13.42 37.41 -32.71
N LEU A 266 13.05 37.83 -33.93
CA LEU A 266 12.44 39.12 -34.24
C LEU A 266 10.91 39.09 -34.12
N PRO A 267 10.29 40.00 -33.32
CA PRO A 267 8.82 40.04 -33.27
C PRO A 267 8.27 40.52 -34.61
N GLU A 268 8.81 41.67 -35.08
CA GLU A 268 8.45 42.27 -36.36
C GLU A 268 9.61 42.11 -37.34
N PRO A 269 9.35 41.63 -38.59
CA PRO A 269 10.44 41.53 -39.59
C PRO A 269 10.98 42.94 -39.84
N VAL A 270 12.30 43.14 -39.66
CA VAL A 270 12.91 44.47 -39.79
C VAL A 270 13.31 44.80 -41.24
N THR A 271 13.01 46.06 -41.64
CA THR A 271 13.34 46.61 -42.95
C THR A 271 14.30 47.77 -42.73
N LEU A 272 15.37 47.83 -43.55
CA LEU A 272 16.40 48.86 -43.44
C LEU A 272 16.70 49.61 -44.73
N ARG A 273 17.41 50.75 -44.56
CA ARG A 273 17.90 51.70 -45.57
C ARG A 273 19.15 52.40 -44.96
N TRP A 274 20.05 52.88 -45.82
CA TRP A 274 21.27 53.56 -45.37
C TRP A 274 21.04 54.99 -44.88
N LYS A 275 21.62 55.34 -43.71
CA LYS A 275 21.54 56.68 -43.13
C LYS A 275 22.90 57.42 -43.26
N PRO A 276 22.98 58.51 -44.06
CA PRO A 276 24.23 59.25 -44.17
C PRO A 276 24.38 60.29 -43.04
N MET B 1 36.05 10.17 -58.06
CA MET B 1 35.99 10.58 -56.65
C MET B 1 35.43 12.00 -56.53
N ILE B 2 34.73 12.28 -55.41
CA ILE B 2 34.16 13.60 -55.17
C ILE B 2 35.27 14.54 -54.68
N GLN B 3 35.63 15.52 -55.52
CA GLN B 3 36.63 16.54 -55.20
C GLN B 3 35.92 17.88 -55.21
N ARG B 4 35.86 18.53 -54.04
CA ARG B 4 35.18 19.81 -53.84
C ARG B 4 36.13 20.83 -53.23
N THR B 5 36.22 22.02 -53.84
CA THR B 5 37.12 23.10 -53.41
C THR B 5 36.50 23.95 -52.28
N PRO B 6 37.33 24.45 -51.33
CA PRO B 6 36.76 25.23 -50.20
C PRO B 6 36.11 26.56 -50.55
N LYS B 7 35.31 27.05 -49.62
CA LYS B 7 34.64 28.34 -49.66
C LYS B 7 35.19 29.09 -48.45
N ILE B 8 36.15 29.97 -48.73
CA ILE B 8 36.90 30.74 -47.74
C ILE B 8 36.25 32.08 -47.41
N GLN B 9 36.28 32.44 -46.11
CA GLN B 9 35.74 33.69 -45.57
C GLN B 9 36.61 34.19 -44.41
N VAL B 10 37.32 35.33 -44.63
CA VAL B 10 38.12 35.96 -43.57
C VAL B 10 37.31 37.11 -43.00
N TYR B 11 37.12 37.10 -41.68
CA TYR B 11 36.35 38.11 -40.97
C TYR B 11 36.72 38.16 -39.49
N SER B 12 36.08 39.09 -38.77
CA SER B 12 36.23 39.29 -37.34
C SER B 12 34.95 38.88 -36.64
N ARG B 13 35.02 38.58 -35.33
CA ARG B 13 33.86 38.21 -34.53
C ARG B 13 33.02 39.45 -34.29
N HIS B 14 33.65 40.52 -33.78
CA HIS B 14 33.01 41.80 -33.48
C HIS B 14 33.51 42.87 -34.45
N PRO B 15 32.75 43.98 -34.69
CA PRO B 15 33.25 45.02 -35.63
C PRO B 15 34.60 45.55 -35.19
N ALA B 16 35.57 45.54 -36.13
CA ALA B 16 36.95 45.97 -35.95
C ALA B 16 37.05 47.38 -35.40
N GLU B 17 37.93 47.56 -34.39
CA GLU B 17 38.17 48.85 -33.76
C GLU B 17 39.63 48.97 -33.38
N ASN B 18 40.35 49.88 -34.06
CA ASN B 18 41.77 50.13 -33.84
C ASN B 18 42.10 50.24 -32.36
N GLY B 19 42.78 49.23 -31.84
CA GLY B 19 43.19 49.16 -30.43
C GLY B 19 42.36 48.25 -29.55
N LYS B 20 41.07 48.06 -29.89
CA LYS B 20 40.14 47.21 -29.15
C LYS B 20 40.30 45.75 -29.63
N SER B 21 40.65 44.82 -28.69
CA SER B 21 40.87 43.38 -28.98
C SER B 21 39.67 42.70 -29.63
N ASN B 22 39.96 41.67 -30.45
CA ASN B 22 38.98 40.93 -31.24
C ASN B 22 39.46 39.52 -31.58
N PHE B 23 38.72 38.87 -32.51
CA PHE B 23 38.99 37.53 -33.01
C PHE B 23 38.98 37.53 -34.52
N LEU B 24 40.05 36.99 -35.13
CA LEU B 24 40.17 36.87 -36.58
C LEU B 24 39.81 35.44 -36.93
N ASN B 25 38.79 35.28 -37.76
CA ASN B 25 38.28 34.00 -38.20
C ASN B 25 38.53 33.77 -39.67
N CYS B 26 38.94 32.56 -40.01
CA CYS B 26 39.08 32.08 -41.39
C CYS B 26 38.20 30.83 -41.40
N TYR B 27 36.97 30.98 -41.96
CA TYR B 27 35.98 29.92 -42.03
C TYR B 27 36.00 29.21 -43.39
N VAL B 28 36.51 27.96 -43.40
CA VAL B 28 36.55 27.11 -44.60
C VAL B 28 35.42 26.10 -44.56
N SER B 29 34.69 26.00 -45.68
CA SER B 29 33.54 25.11 -45.84
C SER B 29 33.41 24.61 -47.28
N GLY B 30 32.44 23.71 -47.50
CA GLY B 30 32.13 23.13 -48.80
C GLY B 30 33.24 22.36 -49.48
N PHE B 31 34.13 21.70 -48.71
CA PHE B 31 35.27 20.98 -49.28
C PHE B 31 35.27 19.47 -49.00
N HIS B 32 35.93 18.72 -49.90
CA HIS B 32 36.12 17.27 -49.83
C HIS B 32 37.37 16.87 -50.60
N PRO B 33 38.31 16.09 -50.03
CA PRO B 33 38.32 15.44 -48.70
C PRO B 33 38.61 16.34 -47.49
N SER B 34 38.61 15.70 -46.31
CA SER B 34 38.86 16.24 -44.97
C SER B 34 40.15 17.06 -44.87
N ASP B 35 41.25 16.48 -45.37
CA ASP B 35 42.61 17.01 -45.37
C ASP B 35 42.70 18.43 -45.92
N ILE B 36 43.07 19.38 -45.06
CA ILE B 36 43.21 20.78 -45.41
C ILE B 36 44.29 21.46 -44.56
N GLU B 37 45.03 22.40 -45.17
CA GLU B 37 46.05 23.21 -44.54
C GLU B 37 45.51 24.63 -44.49
N VAL B 38 45.38 25.19 -43.28
CA VAL B 38 44.92 26.57 -43.11
C VAL B 38 45.89 27.28 -42.18
N ASP B 39 46.25 28.53 -42.56
CA ASP B 39 47.13 29.42 -41.83
C ASP B 39 46.58 30.82 -41.83
N LEU B 40 46.77 31.53 -40.73
CA LEU B 40 46.32 32.90 -40.57
C LEU B 40 47.58 33.77 -40.55
N LEU B 41 47.62 34.80 -41.41
CA LEU B 41 48.79 35.66 -41.56
C LEU B 41 48.56 37.09 -41.11
N LYS B 42 49.62 37.70 -40.58
CA LYS B 42 49.70 39.10 -40.17
C LYS B 42 50.83 39.71 -40.99
N ASN B 43 50.49 40.65 -41.89
CA ASN B 43 51.42 41.35 -42.79
C ASN B 43 52.39 40.36 -43.50
N GLY B 44 51.81 39.30 -44.07
CA GLY B 44 52.53 38.24 -44.77
C GLY B 44 53.06 37.12 -43.89
N GLU B 45 53.35 37.41 -42.60
CA GLU B 45 53.91 36.43 -41.65
C GLU B 45 52.84 35.58 -40.98
N ARG B 46 53.08 34.25 -40.89
CA ARG B 46 52.19 33.26 -40.28
C ARG B 46 52.00 33.49 -38.77
N ILE B 47 50.77 33.24 -38.25
CA ILE B 47 50.40 33.35 -36.83
C ILE B 47 50.49 31.94 -36.25
N GLU B 48 51.23 31.75 -35.14
CA GLU B 48 51.44 30.44 -34.54
C GLU B 48 50.44 30.08 -33.41
N LYS B 49 49.82 31.09 -32.76
CA LYS B 49 48.83 30.97 -31.67
C LYS B 49 47.44 30.48 -32.15
N VAL B 50 47.22 30.43 -33.49
CA VAL B 50 45.95 30.08 -34.16
C VAL B 50 45.40 28.69 -33.72
N GLU B 51 44.08 28.66 -33.45
CA GLU B 51 43.26 27.53 -32.97
C GLU B 51 42.12 27.19 -33.96
N HIS B 52 41.52 26.00 -33.85
CA HIS B 52 40.43 25.57 -34.74
C HIS B 52 39.30 24.77 -34.07
N SER B 53 38.26 24.44 -34.86
CA SER B 53 37.09 23.69 -34.44
C SER B 53 37.17 22.20 -34.81
N ASP B 54 36.14 21.45 -34.45
CA ASP B 54 36.05 20.02 -34.71
C ASP B 54 35.50 19.80 -36.10
N LEU B 55 36.16 18.90 -36.84
CA LEU B 55 35.76 18.55 -38.20
C LEU B 55 34.35 17.98 -38.23
N SER B 56 33.45 18.68 -38.91
CA SER B 56 32.06 18.30 -39.07
C SER B 56 31.68 18.44 -40.54
N PHE B 57 30.47 17.99 -40.92
CA PHE B 57 30.02 18.06 -42.30
C PHE B 57 28.54 18.42 -42.43
N SER B 58 28.14 18.84 -43.64
CA SER B 58 26.79 19.27 -43.98
C SER B 58 26.01 18.11 -44.62
N LYS B 59 24.73 18.35 -44.95
CA LYS B 59 23.85 17.35 -45.57
C LYS B 59 24.39 16.83 -46.91
N ASP B 60 25.32 17.58 -47.54
CA ASP B 60 25.96 17.20 -48.81
C ASP B 60 27.29 16.49 -48.60
N TRP B 61 27.66 16.24 -47.32
CA TRP B 61 28.90 15.57 -46.88
C TRP B 61 30.17 16.44 -46.98
N SER B 62 30.04 17.69 -47.46
CA SER B 62 31.15 18.63 -47.58
C SER B 62 31.54 19.07 -46.17
N PHE B 63 32.84 19.23 -45.91
CA PHE B 63 33.33 19.58 -44.59
C PHE B 63 33.28 21.07 -44.26
N TYR B 64 33.40 21.39 -42.96
CA TYR B 64 33.46 22.74 -42.46
C TYR B 64 34.29 22.84 -41.19
N LEU B 65 35.21 23.81 -41.17
CA LEU B 65 36.10 24.10 -40.05
C LEU B 65 36.19 25.60 -39.87
N LEU B 66 36.55 26.06 -38.65
CA LEU B 66 36.74 27.48 -38.35
C LEU B 66 38.03 27.69 -37.59
N TYR B 67 39.02 28.28 -38.27
CA TYR B 67 40.32 28.65 -37.73
C TYR B 67 40.21 30.06 -37.18
N TYR B 68 40.43 30.21 -35.88
CA TYR B 68 40.28 31.48 -35.17
C TYR B 68 41.52 31.81 -34.37
N THR B 69 41.79 33.12 -34.21
CA THR B 69 42.90 33.63 -33.40
C THR B 69 42.49 34.93 -32.72
N GLU B 70 42.93 35.10 -31.47
CA GLU B 70 42.66 36.34 -30.74
C GLU B 70 43.65 37.35 -31.29
N PHE B 71 43.18 38.54 -31.64
CA PHE B 71 44.05 39.55 -32.24
C PHE B 71 43.56 40.96 -31.96
N THR B 72 44.47 41.93 -31.99
CA THR B 72 44.12 43.33 -31.81
C THR B 72 44.43 44.08 -33.11
N PRO B 73 43.40 44.70 -33.75
CA PRO B 73 43.66 45.39 -35.02
C PRO B 73 44.08 46.86 -34.90
N THR B 74 44.98 47.27 -35.81
CA THR B 74 45.46 48.65 -36.02
C THR B 74 45.12 48.91 -37.49
N GLU B 75 45.17 50.16 -37.96
CA GLU B 75 44.92 50.40 -39.40
C GLU B 75 46.18 50.01 -40.19
N LYS B 76 47.35 50.14 -39.53
CA LYS B 76 48.67 49.81 -40.07
C LYS B 76 48.81 48.31 -40.39
N ASP B 77 48.33 47.44 -39.47
CA ASP B 77 48.36 45.99 -39.65
C ASP B 77 47.30 45.51 -40.64
N GLU B 78 47.70 44.59 -41.53
CA GLU B 78 46.83 43.98 -42.52
C GLU B 78 46.97 42.46 -42.35
N TYR B 79 45.84 41.76 -42.36
CA TYR B 79 45.77 40.30 -42.16
C TYR B 79 45.12 39.62 -43.35
N ALA B 80 45.37 38.30 -43.51
CA ALA B 80 44.83 37.44 -44.58
C ALA B 80 44.98 35.98 -44.19
N CYS B 81 44.19 35.06 -44.79
CA CYS B 81 44.36 33.64 -44.46
C CYS B 81 44.72 32.82 -45.71
N ARG B 82 45.75 31.97 -45.58
N ARG B 82 45.75 31.97 -45.57
CA ARG B 82 46.29 31.10 -46.61
CA ARG B 82 46.27 31.10 -46.61
C ARG B 82 45.70 29.68 -46.43
C ARG B 82 45.68 29.70 -46.42
N VAL B 83 45.01 29.17 -47.46
CA VAL B 83 44.37 27.85 -47.45
C VAL B 83 44.95 26.97 -48.57
N ASN B 84 45.23 25.69 -48.27
CA ASN B 84 45.70 24.74 -49.27
C ASN B 84 45.03 23.38 -49.13
N HIS B 85 44.46 22.93 -50.25
CA HIS B 85 43.69 21.69 -50.40
C HIS B 85 44.22 20.94 -51.61
N VAL B 86 43.86 19.64 -51.78
CA VAL B 86 44.25 18.85 -52.95
C VAL B 86 43.68 19.50 -54.25
N THR B 87 42.47 20.10 -54.16
CA THR B 87 41.79 20.75 -55.28
C THR B 87 42.47 22.06 -55.73
N LEU B 88 43.42 22.57 -54.94
CA LEU B 88 44.13 23.82 -55.24
C LEU B 88 45.48 23.63 -55.93
N SER B 89 45.65 24.35 -57.06
CA SER B 89 46.85 24.38 -57.90
C SER B 89 47.99 24.98 -57.06
N GLN B 90 47.70 26.13 -56.42
CA GLN B 90 48.58 26.89 -55.52
C GLN B 90 47.74 27.45 -54.35
N PRO B 91 48.30 27.57 -53.12
CA PRO B 91 47.49 28.07 -51.99
C PRO B 91 46.69 29.35 -52.25
N LYS B 92 45.36 29.28 -52.04
CA LYS B 92 44.46 30.41 -52.23
C LYS B 92 44.53 31.32 -50.99
N ILE B 93 44.96 32.57 -51.21
CA ILE B 93 45.12 33.56 -50.15
C ILE B 93 44.08 34.67 -50.36
N VAL B 94 43.34 35.02 -49.30
CA VAL B 94 42.33 36.07 -49.34
C VAL B 94 42.50 37.03 -48.16
N LYS B 95 42.44 38.34 -48.46
CA LYS B 95 42.65 39.43 -47.51
C LYS B 95 41.45 39.73 -46.62
N TRP B 96 41.74 40.14 -45.38
CA TRP B 96 40.69 40.54 -44.46
C TRP B 96 40.33 41.99 -44.71
N ASP B 97 39.05 42.21 -45.04
CA ASP B 97 38.46 43.53 -45.26
C ASP B 97 37.52 43.77 -44.08
N ARG B 98 37.71 44.87 -43.34
CA ARG B 98 36.88 45.19 -42.16
C ARG B 98 35.43 45.52 -42.50
N ASP B 99 35.14 45.87 -43.76
CA ASP B 99 33.80 46.23 -44.26
C ASP B 99 33.15 45.05 -45.04
N MET B 100 33.68 43.83 -44.82
CA MET B 100 33.23 42.62 -45.51
C MET B 100 33.39 41.34 -44.66
N VAL C 1 22.42 11.45 -26.91
CA VAL C 1 23.38 10.35 -27.03
C VAL C 1 23.46 9.88 -28.49
N MET C 2 24.65 9.46 -28.95
CA MET C 2 24.82 8.95 -30.32
C MET C 2 24.25 7.53 -30.40
N ALA C 3 24.02 7.03 -31.63
CA ALA C 3 23.50 5.69 -31.88
C ALA C 3 24.44 4.61 -31.32
N PRO C 4 23.93 3.73 -30.42
CA PRO C 4 24.82 2.70 -29.80
C PRO C 4 25.30 1.60 -30.74
N ARG C 5 24.63 1.44 -31.88
CA ARG C 5 24.93 0.43 -32.88
C ARG C 5 24.98 1.08 -34.28
N THR C 6 25.96 0.65 -35.09
CA THR C 6 26.19 1.08 -36.47
C THR C 6 26.00 -0.11 -37.42
N LEU C 7 26.49 0.00 -38.65
CA LEU C 7 26.36 -1.07 -39.63
C LEU C 7 27.70 -1.68 -40.00
N VAL C 8 27.70 -3.01 -40.18
CA VAL C 8 28.85 -3.76 -40.67
C VAL C 8 28.52 -3.94 -42.15
N LEU C 9 29.01 -3.00 -42.95
CA LEU C 9 28.80 -2.97 -44.40
C LEU C 9 29.70 -4.02 -45.05
N GLN D 3 19.79 -10.32 -20.62
CA GLN D 3 19.55 -11.52 -19.82
C GLN D 3 18.35 -12.33 -20.33
N LEU D 4 18.58 -13.64 -20.56
CA LEU D 4 17.58 -14.59 -21.05
C LEU D 4 17.21 -15.61 -19.98
N ASN D 5 16.08 -16.30 -20.18
CA ASN D 5 15.57 -17.32 -19.27
C ASN D 5 14.92 -18.45 -20.03
N GLN D 6 15.57 -19.61 -20.02
CA GLN D 6 15.12 -20.80 -20.70
C GLN D 6 14.29 -21.70 -19.82
N SER D 7 13.18 -22.21 -20.39
CA SER D 7 12.23 -23.08 -19.71
C SER D 7 11.72 -24.26 -20.54
N PRO D 8 11.51 -25.45 -19.91
CA PRO D 8 11.86 -25.80 -18.53
C PRO D 8 13.36 -26.03 -18.46
N GLN D 9 13.95 -26.06 -17.27
CA GLN D 9 15.38 -26.26 -17.10
C GLN D 9 15.84 -27.63 -17.61
N SER D 10 14.99 -28.65 -17.41
CA SER D 10 15.20 -30.03 -17.78
C SER D 10 13.91 -30.64 -18.34
N MET D 11 14.05 -31.55 -19.31
CA MET D 11 12.92 -32.19 -20.00
C MET D 11 13.14 -33.68 -20.15
N PHE D 12 12.18 -34.49 -19.67
CA PHE D 12 12.25 -35.94 -19.84
C PHE D 12 11.07 -36.38 -20.71
N ILE D 13 11.40 -36.66 -21.97
CA ILE D 13 10.50 -37.03 -23.05
C ILE D 13 10.67 -38.50 -23.42
N GLN D 14 9.60 -39.17 -23.87
CA GLN D 14 9.68 -40.55 -24.34
C GLN D 14 9.93 -40.50 -25.84
N GLU D 15 10.70 -41.46 -26.40
CA GLU D 15 11.01 -41.51 -27.83
C GLU D 15 9.72 -41.41 -28.67
N GLY D 16 9.77 -40.63 -29.74
CA GLY D 16 8.62 -40.42 -30.61
C GLY D 16 7.80 -39.20 -30.28
N GLU D 17 7.74 -38.82 -28.98
CA GLU D 17 7.00 -37.65 -28.49
C GLU D 17 7.58 -36.35 -29.05
N ASP D 18 6.73 -35.33 -29.22
CA ASP D 18 7.14 -34.00 -29.66
C ASP D 18 7.56 -33.23 -28.40
N VAL D 19 8.36 -32.16 -28.57
CA VAL D 19 8.80 -31.34 -27.44
C VAL D 19 8.92 -29.88 -27.84
N SER D 20 8.61 -28.99 -26.89
CA SER D 20 8.72 -27.54 -27.04
C SER D 20 9.63 -27.03 -25.95
N MET D 21 10.34 -25.94 -26.27
CA MET D 21 11.25 -25.29 -25.36
C MET D 21 11.02 -23.82 -25.46
N ASN D 22 11.02 -23.17 -24.31
CA ASN D 22 10.76 -21.75 -24.17
C ASN D 22 12.02 -20.94 -23.90
N CYS D 23 12.01 -19.65 -24.28
CA CYS D 23 13.08 -18.67 -24.03
C CYS D 23 12.47 -17.29 -23.83
N THR D 24 12.93 -16.52 -22.80
CA THR D 24 12.40 -15.21 -22.47
C THR D 24 13.47 -14.20 -22.04
N SER D 25 13.37 -12.98 -22.58
CA SER D 25 14.27 -11.89 -22.21
C SER D 25 13.56 -10.89 -21.30
N SER D 26 14.35 -10.17 -20.49
CA SER D 26 13.88 -9.12 -19.57
C SER D 26 13.72 -7.79 -20.31
N SER D 27 14.50 -7.63 -21.39
CA SER D 27 14.59 -6.48 -22.29
C SER D 27 14.13 -6.92 -23.71
N ILE D 28 13.81 -5.99 -24.62
CA ILE D 28 13.40 -6.32 -25.99
C ILE D 28 14.58 -6.81 -26.83
N PHE D 29 14.41 -7.92 -27.55
CA PHE D 29 15.46 -8.49 -28.41
C PHE D 29 15.13 -8.33 -29.90
N ASN D 30 16.16 -8.51 -30.77
CA ASN D 30 16.00 -8.30 -32.20
C ASN D 30 16.41 -9.48 -33.09
N THR D 31 17.21 -10.42 -32.57
CA THR D 31 17.58 -11.63 -33.28
C THR D 31 17.69 -12.75 -32.27
N TRP D 32 17.28 -13.96 -32.65
CA TRP D 32 17.30 -15.16 -31.81
C TRP D 32 18.11 -16.28 -32.47
N LEU D 33 18.97 -16.95 -31.68
CA LEU D 33 19.82 -18.06 -32.11
C LEU D 33 19.58 -19.26 -31.20
N TRP D 34 19.45 -20.45 -31.79
CA TRP D 34 19.22 -21.70 -31.07
C TRP D 34 20.37 -22.66 -31.32
N TYR D 35 21.06 -23.05 -30.25
CA TYR D 35 22.25 -23.93 -30.30
C TYR D 35 22.02 -25.27 -29.60
N LYS D 36 22.64 -26.34 -30.11
CA LYS D 36 22.62 -27.63 -29.42
C LYS D 36 24.03 -27.90 -28.95
N GLN D 37 24.17 -28.47 -27.74
CA GLN D 37 25.48 -28.79 -27.21
C GLN D 37 25.55 -30.22 -26.74
N ASP D 38 26.27 -31.05 -27.51
CA ASP D 38 26.48 -32.44 -27.17
C ASP D 38 27.57 -32.49 -26.09
N PRO D 39 27.34 -33.23 -24.99
CA PRO D 39 28.30 -33.24 -23.87
C PRO D 39 29.78 -33.19 -24.25
N GLY D 40 30.47 -32.20 -23.69
CA GLY D 40 31.90 -31.96 -23.89
C GLY D 40 32.32 -31.35 -25.20
N GLU D 41 31.37 -31.20 -26.15
CA GLU D 41 31.61 -30.62 -27.47
C GLU D 41 31.13 -29.19 -27.47
N GLY D 42 31.54 -28.42 -28.48
CA GLY D 42 31.15 -27.03 -28.61
C GLY D 42 29.71 -26.84 -29.07
N PRO D 43 28.98 -25.82 -28.56
CA PRO D 43 27.61 -25.60 -29.04
C PRO D 43 27.60 -25.40 -30.56
N VAL D 44 26.63 -26.01 -31.23
CA VAL D 44 26.53 -25.97 -32.69
C VAL D 44 25.18 -25.33 -33.09
N LEU D 45 25.22 -24.36 -34.04
CA LEU D 45 24.03 -23.60 -34.47
C LEU D 45 22.98 -24.46 -35.15
N LEU D 46 21.74 -24.34 -34.64
CA LEU D 46 20.57 -25.04 -35.12
C LEU D 46 19.70 -24.12 -35.97
N ILE D 47 19.22 -22.99 -35.40
CA ILE D 47 18.33 -22.03 -36.09
C ILE D 47 18.62 -20.56 -35.75
N ALA D 48 18.57 -19.67 -36.78
CA ALA D 48 18.70 -18.22 -36.65
C ALA D 48 17.37 -17.58 -37.06
N LEU D 49 16.87 -16.64 -36.24
CA LEU D 49 15.62 -15.91 -36.47
C LEU D 49 15.90 -14.41 -36.46
N TYR D 50 15.50 -13.70 -37.54
CA TYR D 50 15.80 -12.27 -37.72
C TYR D 50 14.63 -11.31 -37.71
N LYS D 51 13.44 -11.79 -38.06
CA LYS D 51 12.25 -10.94 -38.18
C LYS D 51 11.11 -11.42 -37.28
N ALA D 52 10.37 -10.48 -36.67
CA ALA D 52 9.25 -10.75 -35.77
C ALA D 52 8.19 -11.65 -36.36
N GLY D 53 7.78 -12.64 -35.58
CA GLY D 53 6.80 -13.62 -35.98
C GLY D 53 7.29 -14.66 -36.97
N GLU D 54 8.54 -14.51 -37.48
CA GLU D 54 9.10 -15.46 -38.44
C GLU D 54 9.25 -16.85 -37.83
N LEU D 55 8.93 -17.89 -38.61
CA LEU D 55 9.18 -19.24 -38.15
C LEU D 55 9.98 -19.94 -39.22
N THR D 56 11.07 -20.56 -38.77
CA THR D 56 12.09 -21.22 -39.56
C THR D 56 12.35 -22.58 -38.93
N SER D 57 12.50 -23.60 -39.77
CA SER D 57 12.76 -24.95 -39.33
C SER D 57 14.06 -25.49 -39.95
N ASN D 58 14.65 -26.52 -39.32
CA ASN D 58 15.88 -27.19 -39.74
C ASN D 58 15.69 -28.66 -39.38
N GLY D 59 15.16 -29.42 -40.32
CA GLY D 59 14.83 -30.83 -40.11
C GLY D 59 13.55 -30.89 -39.30
N ARG D 60 13.57 -31.67 -38.20
CA ARG D 60 12.41 -31.79 -37.31
C ARG D 60 12.34 -30.62 -36.32
N LEU D 61 13.40 -29.80 -36.26
CA LEU D 61 13.50 -28.63 -35.39
C LEU D 61 12.80 -27.45 -36.04
N THR D 62 12.04 -26.65 -35.26
CA THR D 62 11.30 -25.47 -35.73
C THR D 62 11.28 -24.41 -34.62
N ALA D 63 11.76 -23.19 -34.92
CA ALA D 63 11.83 -22.07 -33.99
C ALA D 63 10.91 -20.93 -34.40
N GLN D 64 10.43 -20.13 -33.42
CA GLN D 64 9.54 -19.01 -33.68
C GLN D 64 10.05 -17.71 -33.06
N PHE D 65 9.83 -16.56 -33.73
CA PHE D 65 10.34 -15.29 -33.23
C PHE D 65 9.55 -14.71 -32.06
N GLY D 66 8.23 -14.63 -32.16
CA GLY D 66 7.47 -14.05 -31.04
C GLY D 66 7.37 -12.55 -31.18
N ILE D 67 6.20 -12.10 -31.65
CA ILE D 67 5.79 -10.71 -31.95
C ILE D 67 5.98 -9.76 -30.79
N THR D 68 6.13 -10.35 -29.61
CA THR D 68 6.37 -9.76 -28.31
C THR D 68 7.77 -9.14 -28.27
N ARG D 69 8.73 -9.70 -29.07
CA ARG D 69 10.15 -9.36 -29.16
C ARG D 69 10.91 -9.76 -27.89
N LYS D 70 10.27 -10.55 -27.01
CA LYS D 70 10.86 -10.97 -25.74
C LYS D 70 10.82 -12.46 -25.50
N ASP D 71 10.35 -13.24 -26.48
CA ASP D 71 10.19 -14.68 -26.35
C ASP D 71 10.53 -15.41 -27.63
N SER D 72 11.02 -16.64 -27.53
CA SER D 72 11.29 -17.50 -28.68
C SER D 72 11.09 -18.95 -28.29
N PHE D 73 10.56 -19.78 -29.20
CA PHE D 73 10.34 -21.21 -28.91
C PHE D 73 11.00 -22.11 -29.92
N LEU D 74 11.47 -23.27 -29.45
CA LEU D 74 12.04 -24.32 -30.27
C LEU D 74 11.21 -25.59 -30.09
N ASN D 75 10.91 -26.23 -31.23
CA ASN D 75 10.13 -27.43 -31.28
C ASN D 75 10.90 -28.53 -31.97
N ILE D 76 10.95 -29.72 -31.34
CA ILE D 76 11.53 -30.90 -31.97
C ILE D 76 10.31 -31.72 -32.31
N SER D 77 10.13 -32.00 -33.62
CA SER D 77 8.95 -32.70 -34.13
C SER D 77 8.82 -34.13 -33.63
N ALA D 78 9.59 -35.08 -34.14
CA ALA D 78 9.48 -36.47 -33.64
C ALA D 78 10.78 -36.71 -32.93
N SER D 79 10.75 -37.04 -31.63
CA SER D 79 12.02 -37.22 -30.95
C SER D 79 12.64 -38.58 -31.20
N ILE D 80 13.92 -38.53 -31.59
CA ILE D 80 14.84 -39.65 -31.80
C ILE D 80 15.79 -39.56 -30.57
N PRO D 81 16.32 -40.67 -30.00
CA PRO D 81 17.14 -40.55 -28.79
C PRO D 81 18.42 -39.72 -28.90
N SER D 82 18.89 -39.44 -30.13
CA SER D 82 20.10 -38.65 -30.38
C SER D 82 19.93 -37.16 -30.09
N ASP D 83 18.69 -36.68 -29.86
CA ASP D 83 18.43 -35.27 -29.56
C ASP D 83 18.85 -34.91 -28.12
N VAL D 84 19.45 -35.86 -27.38
CA VAL D 84 19.94 -35.64 -26.02
C VAL D 84 20.95 -34.49 -26.06
N GLY D 85 20.83 -33.57 -25.12
CA GLY D 85 21.78 -32.48 -25.03
C GLY D 85 21.20 -31.20 -24.48
N ILE D 86 22.03 -30.17 -24.44
CA ILE D 86 21.58 -28.88 -23.97
C ILE D 86 21.23 -28.01 -25.16
N TYR D 87 20.08 -27.36 -25.07
CA TYR D 87 19.59 -26.48 -26.11
C TYR D 87 19.73 -25.08 -25.58
N PHE D 88 20.66 -24.30 -26.16
CA PHE D 88 20.94 -22.93 -25.74
C PHE D 88 20.25 -21.90 -26.61
N CYS D 89 19.69 -20.90 -25.97
CA CYS D 89 19.01 -19.80 -26.61
C CYS D 89 19.91 -18.58 -26.48
N ALA D 90 20.21 -17.91 -27.59
CA ALA D 90 21.04 -16.71 -27.60
C ALA D 90 20.31 -15.60 -28.35
N GLY D 91 20.57 -14.35 -27.99
CA GLY D 91 19.88 -13.25 -28.65
C GLY D 91 20.66 -11.97 -28.78
N GLN D 92 20.25 -11.15 -29.75
CA GLN D 92 20.81 -9.83 -30.06
C GLN D 92 19.92 -8.80 -29.34
N PRO D 93 20.32 -8.26 -28.16
CA PRO D 93 19.45 -7.29 -27.48
C PRO D 93 19.33 -6.01 -28.30
N LEU D 94 18.08 -5.55 -28.51
CA LEU D 94 17.80 -4.32 -29.27
C LEU D 94 18.54 -3.15 -28.65
N GLY D 95 19.32 -2.47 -29.47
CA GLY D 95 20.12 -1.32 -29.07
C GLY D 95 21.55 -1.71 -28.70
N GLY D 96 21.82 -3.00 -28.65
CA GLY D 96 23.15 -3.51 -28.32
C GLY D 96 24.12 -3.22 -29.44
N SER D 97 25.37 -2.84 -29.11
CA SER D 97 26.38 -2.55 -30.14
C SER D 97 26.64 -3.80 -30.97
N ASN D 98 27.23 -3.63 -32.17
CA ASN D 98 27.51 -4.72 -33.08
C ASN D 98 28.31 -5.81 -32.41
N TYR D 99 27.84 -7.05 -32.61
CA TYR D 99 28.40 -8.33 -32.13
C TYR D 99 28.17 -8.58 -30.62
N LYS D 100 27.22 -7.82 -29.99
CA LYS D 100 26.82 -8.09 -28.60
C LYS D 100 25.66 -9.06 -28.69
N LEU D 101 25.79 -10.24 -28.05
CA LEU D 101 24.71 -11.21 -28.00
C LEU D 101 24.78 -12.10 -26.76
N THR D 102 23.72 -12.03 -25.92
CA THR D 102 23.53 -12.75 -24.67
C THR D 102 23.17 -14.21 -24.95
N PHE D 103 23.46 -15.10 -23.98
CA PHE D 103 23.13 -16.52 -23.98
C PHE D 103 22.23 -16.85 -22.80
N GLY D 104 21.50 -17.94 -22.95
CA GLY D 104 20.67 -18.50 -21.90
C GLY D 104 21.51 -19.50 -21.13
N LYS D 105 20.93 -20.10 -20.09
CA LYS D 105 21.66 -21.07 -19.28
C LYS D 105 21.31 -22.53 -19.72
N GLY D 106 20.61 -22.65 -20.84
CA GLY D 106 20.25 -23.92 -21.47
C GLY D 106 19.08 -24.71 -20.90
N THR D 107 18.54 -25.61 -21.73
CA THR D 107 17.47 -26.57 -21.40
C THR D 107 18.02 -27.96 -21.70
N LEU D 108 18.01 -28.81 -20.69
CA LEU D 108 18.53 -30.18 -20.74
C LEU D 108 17.45 -31.12 -21.31
N LEU D 109 17.70 -31.76 -22.46
CA LEU D 109 16.71 -32.69 -23.03
C LEU D 109 17.13 -34.15 -22.88
N THR D 110 16.21 -34.99 -22.39
CA THR D 110 16.40 -36.42 -22.19
C THR D 110 15.29 -37.19 -22.89
N VAL D 111 15.67 -37.97 -23.90
CA VAL D 111 14.75 -38.77 -24.71
C VAL D 111 14.92 -40.23 -24.30
N ASN D 112 13.83 -40.90 -23.91
CA ASN D 112 13.83 -42.30 -23.46
C ASN D 112 13.54 -43.28 -24.60
N PRO D 113 14.55 -44.09 -25.01
CA PRO D 113 14.33 -45.05 -26.12
C PRO D 113 13.23 -46.08 -25.88
N ASN D 114 12.50 -46.41 -26.97
CA ASN D 114 11.43 -47.41 -26.93
C ASN D 114 12.09 -48.78 -27.00
N ILE D 115 11.69 -49.70 -26.08
CA ILE D 115 12.21 -51.07 -26.05
C ILE D 115 11.08 -52.03 -26.43
N GLN D 116 11.31 -52.80 -27.51
CA GLN D 116 10.34 -53.71 -28.15
C GLN D 116 10.05 -55.02 -27.40
N ASN D 117 11.06 -55.88 -27.19
CA ASN D 117 10.82 -57.18 -26.56
C ASN D 117 11.58 -57.32 -25.24
N PRO D 118 11.00 -56.82 -24.13
CA PRO D 118 11.70 -56.96 -22.85
C PRO D 118 11.67 -58.39 -22.32
N ASP D 119 12.84 -59.05 -22.37
CA ASP D 119 13.10 -60.40 -21.87
C ASP D 119 14.11 -60.19 -20.72
N PRO D 120 13.68 -59.62 -19.55
CA PRO D 120 14.65 -59.31 -18.47
C PRO D 120 15.55 -60.46 -18.05
N ALA D 121 16.80 -60.14 -17.63
CA ALA D 121 17.77 -61.14 -17.19
C ALA D 121 18.98 -60.54 -16.48
N VAL D 122 19.61 -61.33 -15.60
CA VAL D 122 20.84 -60.96 -14.90
C VAL D 122 21.85 -62.07 -15.15
N TYR D 123 22.95 -61.72 -15.85
CA TYR D 123 23.99 -62.68 -16.21
C TYR D 123 25.29 -62.39 -15.49
N GLN D 124 26.18 -63.39 -15.47
CA GLN D 124 27.51 -63.32 -14.87
C GLN D 124 28.51 -63.51 -16.01
N LEU D 125 29.45 -62.57 -16.14
CA LEU D 125 30.47 -62.59 -17.19
C LEU D 125 31.83 -62.94 -16.63
N ARG D 126 32.60 -63.77 -17.35
CA ARG D 126 33.94 -64.15 -16.91
C ARG D 126 35.02 -63.20 -17.41
N ASP D 127 36.05 -62.98 -16.58
CA ASP D 127 37.19 -62.14 -16.90
C ASP D 127 38.17 -62.93 -17.79
N SER D 128 39.01 -62.22 -18.57
CA SER D 128 40.05 -62.81 -19.43
C SER D 128 41.31 -63.22 -18.62
N LYS D 129 41.29 -62.97 -17.30
CA LYS D 129 42.28 -63.33 -16.28
C LYS D 129 41.52 -64.23 -15.29
N SER D 130 42.02 -65.44 -15.01
CA SER D 130 41.36 -66.38 -14.10
C SER D 130 41.33 -65.89 -12.63
N SER D 131 40.30 -65.07 -12.30
CA SER D 131 40.10 -64.48 -10.97
C SER D 131 38.61 -64.43 -10.58
N ASP D 132 38.31 -64.19 -9.27
CA ASP D 132 36.96 -64.05 -8.73
C ASP D 132 36.35 -62.73 -9.23
N LYS D 133 37.24 -61.73 -9.51
CA LYS D 133 36.90 -60.41 -10.05
C LYS D 133 36.15 -60.53 -11.37
N SER D 134 34.82 -60.28 -11.31
CA SER D 134 33.88 -60.38 -12.43
C SER D 134 32.64 -59.48 -12.27
N VAL D 135 31.90 -59.29 -13.38
CA VAL D 135 30.74 -58.38 -13.47
C VAL D 135 29.39 -59.07 -13.68
N CYS D 136 28.33 -58.39 -13.22
CA CYS D 136 26.93 -58.77 -13.32
C CYS D 136 26.25 -57.90 -14.37
N LEU D 137 25.44 -58.49 -15.25
CA LEU D 137 24.78 -57.75 -16.31
C LEU D 137 23.25 -57.81 -16.30
N PHE D 138 22.60 -56.68 -16.00
CA PHE D 138 21.15 -56.55 -16.08
C PHE D 138 20.92 -56.13 -17.52
N THR D 139 20.05 -56.86 -18.24
CA THR D 139 19.83 -56.62 -19.66
C THR D 139 18.42 -57.01 -20.12
N ASP D 140 18.10 -56.56 -21.35
CA ASP D 140 16.86 -56.82 -22.08
C ASP D 140 15.62 -56.45 -21.28
N PHE D 141 15.67 -55.29 -20.61
CA PHE D 141 14.57 -54.75 -19.82
C PHE D 141 13.91 -53.55 -20.53
N ASP D 142 12.63 -53.31 -20.23
CA ASP D 142 11.77 -52.26 -20.79
C ASP D 142 12.21 -50.82 -20.45
N SER D 143 11.45 -49.82 -20.94
CA SER D 143 11.71 -48.39 -20.76
C SER D 143 11.26 -47.84 -19.41
N GLN D 144 10.40 -48.57 -18.68
CA GLN D 144 9.85 -48.11 -17.41
C GLN D 144 10.72 -48.38 -16.18
N THR D 145 11.72 -49.28 -16.27
CA THR D 145 12.61 -49.64 -15.16
C THR D 145 13.54 -48.50 -14.77
N ASN D 146 13.20 -47.78 -13.68
CA ASN D 146 13.99 -46.67 -13.16
C ASN D 146 14.98 -47.20 -12.11
N VAL D 147 16.10 -47.74 -12.61
CA VAL D 147 17.19 -48.38 -11.87
C VAL D 147 17.96 -47.40 -10.95
N SER D 148 18.16 -47.79 -9.68
CA SER D 148 18.83 -47.03 -8.62
C SER D 148 20.31 -47.40 -8.40
N GLN D 149 21.09 -46.44 -7.85
CA GLN D 149 22.51 -46.48 -7.52
C GLN D 149 22.87 -47.60 -6.51
N SER D 150 24.18 -47.85 -6.33
CA SER D 150 24.74 -48.85 -5.41
C SER D 150 24.44 -48.48 -3.96
N LYS D 151 23.69 -49.34 -3.27
CA LYS D 151 23.29 -49.18 -1.87
C LYS D 151 24.47 -49.45 -0.91
N ASP D 152 25.57 -50.01 -1.46
CA ASP D 152 26.77 -50.34 -0.69
C ASP D 152 27.98 -49.49 -1.04
N SER D 153 29.02 -49.63 -0.22
CA SER D 153 30.30 -48.96 -0.36
C SER D 153 31.12 -49.67 -1.45
N ASP D 154 31.27 -51.00 -1.33
CA ASP D 154 32.06 -51.84 -2.24
C ASP D 154 31.32 -52.27 -3.52
N VAL D 155 30.03 -51.92 -3.67
CA VAL D 155 29.21 -52.25 -4.84
C VAL D 155 29.16 -51.06 -5.83
N TYR D 156 29.15 -51.33 -7.15
CA TYR D 156 29.07 -50.30 -8.19
C TYR D 156 28.08 -50.67 -9.29
N ILE D 157 27.06 -49.81 -9.52
CA ILE D 157 26.01 -49.99 -10.55
C ILE D 157 25.93 -48.77 -11.47
N THR D 158 25.89 -49.01 -12.79
CA THR D 158 25.79 -47.98 -13.83
C THR D 158 24.33 -47.84 -14.28
N ASP D 159 23.97 -46.69 -14.87
CA ASP D 159 22.62 -46.44 -15.38
C ASP D 159 22.41 -47.15 -16.72
N LYS D 160 21.14 -47.34 -17.15
CA LYS D 160 20.78 -48.00 -18.41
C LYS D 160 21.43 -47.31 -19.59
N CYS D 161 21.98 -48.13 -20.49
CA CYS D 161 22.67 -47.73 -21.70
C CYS D 161 21.95 -48.48 -22.81
N VAL D 162 21.68 -47.82 -23.95
CA VAL D 162 20.95 -48.51 -25.01
C VAL D 162 21.82 -48.69 -26.28
N LEU D 163 22.02 -49.95 -26.68
CA LEU D 163 22.78 -50.31 -27.87
C LEU D 163 21.85 -50.70 -29.01
N ASP D 164 22.30 -50.51 -30.25
CA ASP D 164 21.54 -50.88 -31.44
C ASP D 164 22.42 -51.70 -32.38
N MET D 165 21.97 -52.94 -32.64
CA MET D 165 22.62 -53.85 -33.57
C MET D 165 21.89 -53.64 -34.90
N ARG D 166 21.95 -52.38 -35.40
CA ARG D 166 21.31 -51.82 -36.60
C ARG D 166 21.25 -52.74 -37.84
N SER D 167 22.15 -53.74 -37.93
CA SER D 167 22.11 -54.71 -39.01
C SER D 167 20.91 -55.63 -38.73
N MET D 168 20.92 -56.33 -37.58
CA MET D 168 19.83 -57.20 -37.11
C MET D 168 18.60 -56.38 -36.67
N ASP D 169 18.75 -55.02 -36.57
CA ASP D 169 17.75 -54.03 -36.13
C ASP D 169 17.06 -54.48 -34.84
N PHE D 170 17.85 -54.39 -33.76
CA PHE D 170 17.52 -54.78 -32.40
C PHE D 170 18.18 -53.80 -31.44
N LYS D 171 17.38 -53.24 -30.52
CA LYS D 171 17.84 -52.32 -29.49
C LYS D 171 17.60 -52.97 -28.12
N SER D 172 18.56 -52.81 -27.19
CA SER D 172 18.45 -53.37 -25.84
C SER D 172 19.03 -52.48 -24.77
N ASN D 173 18.35 -52.45 -23.61
CA ASN D 173 18.77 -51.69 -22.44
C ASN D 173 19.69 -52.57 -21.59
N SER D 174 20.68 -51.97 -20.91
CA SER D 174 21.61 -52.71 -20.05
C SER D 174 22.33 -51.88 -19.01
N ALA D 175 22.44 -52.43 -17.80
CA ALA D 175 23.15 -51.87 -16.65
C ALA D 175 24.15 -52.90 -16.15
N VAL D 176 25.37 -52.45 -15.82
CA VAL D 176 26.45 -53.29 -15.32
C VAL D 176 26.59 -53.10 -13.81
N ALA D 177 26.89 -54.19 -13.08
CA ALA D 177 27.10 -54.20 -11.65
C ALA D 177 28.37 -54.96 -11.32
N TRP D 178 29.20 -54.41 -10.43
CA TRP D 178 30.42 -55.09 -10.01
C TRP D 178 30.82 -54.75 -8.58
N SER D 179 31.56 -55.66 -7.95
CA SER D 179 32.07 -55.57 -6.57
C SER D 179 33.33 -56.44 -6.41
N ASN D 180 33.97 -56.39 -5.23
CA ASN D 180 35.17 -57.16 -4.90
C ASN D 180 34.89 -58.30 -3.92
N LYS D 181 33.83 -58.15 -3.11
CA LYS D 181 33.41 -59.10 -2.09
C LYS D 181 32.96 -60.47 -2.59
N SER D 182 33.07 -61.49 -1.71
CA SER D 182 32.58 -62.84 -1.94
C SER D 182 31.06 -62.72 -1.76
N ASP D 183 30.65 -61.76 -0.89
CA ASP D 183 29.28 -61.33 -0.62
C ASP D 183 28.88 -60.43 -1.81
N PHE D 184 28.74 -61.06 -2.99
CA PHE D 184 28.38 -60.46 -4.27
C PHE D 184 27.83 -61.55 -5.18
N ALA D 185 26.51 -61.54 -5.35
CA ALA D 185 25.78 -62.50 -6.16
C ALA D 185 24.80 -61.77 -7.08
N CYS D 186 24.46 -62.39 -8.22
CA CYS D 186 23.55 -61.88 -9.23
C CYS D 186 22.18 -61.51 -8.67
N ALA D 187 21.58 -62.40 -7.87
CA ALA D 187 20.28 -62.22 -7.24
C ALA D 187 20.27 -61.08 -6.23
N ASN D 188 21.41 -60.84 -5.54
CA ASN D 188 21.58 -59.79 -4.54
C ASN D 188 21.98 -58.44 -5.14
N ALA D 189 22.56 -58.44 -6.37
CA ALA D 189 23.05 -57.26 -7.09
C ALA D 189 22.04 -56.13 -7.26
N PHE D 190 20.87 -56.41 -7.87
CA PHE D 190 19.83 -55.40 -8.09
C PHE D 190 18.63 -55.67 -7.19
N ASN D 191 18.63 -55.07 -5.98
CA ASN D 191 17.57 -55.24 -5.00
C ASN D 191 16.86 -53.96 -4.66
N ASN D 192 17.62 -52.85 -4.58
CA ASN D 192 17.06 -51.53 -4.32
C ASN D 192 16.31 -51.08 -5.58
N SER D 193 16.88 -51.42 -6.76
CA SER D 193 16.32 -51.13 -8.07
C SER D 193 15.13 -52.05 -8.34
N ILE D 194 13.92 -51.45 -8.41
CA ILE D 194 12.64 -52.13 -8.63
C ILE D 194 12.58 -52.72 -10.03
N ILE D 195 12.64 -54.06 -10.09
CA ILE D 195 12.64 -54.89 -11.29
C ILE D 195 11.36 -55.76 -11.35
N PRO D 196 10.94 -56.32 -12.52
CA PRO D 196 9.71 -57.14 -12.53
C PRO D 196 9.84 -58.51 -11.88
N GLU D 197 8.69 -59.15 -11.58
CA GLU D 197 8.64 -60.50 -11.02
C GLU D 197 9.11 -61.53 -12.06
N ASP D 198 8.81 -61.25 -13.35
CA ASP D 198 9.18 -62.09 -14.50
C ASP D 198 10.58 -61.74 -15.02
N THR D 199 11.61 -61.90 -14.17
CA THR D 199 13.02 -61.64 -14.50
C THR D 199 13.82 -62.94 -14.45
N PHE D 200 14.52 -63.25 -15.54
CA PHE D 200 15.34 -64.45 -15.71
C PHE D 200 16.61 -64.43 -14.85
N PHE D 201 16.92 -65.58 -14.24
CA PHE D 201 18.10 -65.78 -13.39
C PHE D 201 18.66 -67.22 -13.54
N PRO D 202 19.80 -67.39 -14.25
CA PRO D 202 20.37 -68.75 -14.39
C PRO D 202 21.17 -69.19 -13.15
N SER D 203 22.13 -70.13 -13.31
CA SER D 203 22.96 -70.63 -12.21
C SER D 203 24.45 -70.33 -12.37
N GLY E 3 38.68 -23.28 -39.47
CA GLY E 3 37.80 -23.63 -38.36
C GLY E 3 38.29 -23.14 -37.00
N VAL E 4 37.42 -23.22 -35.98
CA VAL E 4 37.78 -22.79 -34.62
C VAL E 4 38.65 -23.87 -34.01
N THR E 5 39.95 -23.63 -33.96
CA THR E 5 40.89 -24.60 -33.41
C THR E 5 41.41 -24.11 -32.06
N GLN E 6 41.31 -24.97 -31.04
CA GLN E 6 41.73 -24.69 -29.67
C GLN E 6 42.79 -25.67 -29.21
N THR E 7 43.83 -25.17 -28.55
CA THR E 7 44.93 -25.96 -28.01
C THR E 7 45.22 -25.44 -26.60
N PRO E 8 45.39 -26.32 -25.58
CA PRO E 8 45.37 -27.78 -25.61
C PRO E 8 43.95 -28.37 -25.48
N LYS E 9 43.70 -29.58 -26.03
CA LYS E 9 42.35 -30.17 -25.91
C LYS E 9 42.02 -30.52 -24.45
N HIS E 10 43.04 -30.91 -23.67
CA HIS E 10 42.94 -31.22 -22.25
C HIS E 10 44.11 -30.59 -21.50
N LEU E 11 43.94 -30.35 -20.19
CA LEU E 11 44.98 -29.78 -19.33
C LEU E 11 44.77 -30.07 -17.84
N ILE E 12 45.77 -30.72 -17.22
CA ILE E 12 45.78 -31.02 -15.78
C ILE E 12 46.95 -30.31 -15.11
N THR E 13 46.66 -29.47 -14.10
CA THR E 13 47.68 -28.70 -13.36
C THR E 13 47.34 -28.54 -11.87
N ALA E 14 48.34 -28.04 -11.11
CA ALA E 14 48.24 -27.80 -9.67
C ALA E 14 47.76 -26.41 -9.35
N THR E 15 47.17 -26.27 -8.15
CA THR E 15 46.67 -25.01 -7.58
C THR E 15 47.84 -24.04 -7.40
N GLY E 16 47.64 -22.80 -7.82
CA GLY E 16 48.63 -21.73 -7.76
C GLY E 16 49.35 -21.48 -9.07
N GLN E 17 49.45 -22.53 -9.93
CA GLN E 17 50.15 -22.49 -11.22
C GLN E 17 49.44 -21.69 -12.32
N ARG E 18 50.19 -21.19 -13.34
CA ARG E 18 49.62 -20.46 -14.46
C ARG E 18 49.38 -21.39 -15.64
N VAL E 19 48.35 -21.04 -16.42
CA VAL E 19 48.00 -21.76 -17.64
C VAL E 19 47.65 -20.76 -18.74
N THR E 20 47.91 -21.13 -19.99
CA THR E 20 47.66 -20.33 -21.18
C THR E 20 46.87 -21.16 -22.18
N LEU E 21 45.75 -20.61 -22.65
CA LEU E 21 44.89 -21.32 -23.59
C LEU E 21 44.89 -20.59 -24.93
N ARG E 22 45.06 -21.34 -26.02
CA ARG E 22 45.10 -20.72 -27.33
C ARG E 22 43.83 -21.00 -28.12
N CYS E 23 43.52 -20.08 -29.04
CA CYS E 23 42.44 -20.17 -29.98
C CYS E 23 42.85 -19.57 -31.29
N SER E 24 42.49 -20.27 -32.35
CA SER E 24 42.68 -19.88 -33.73
C SER E 24 41.26 -19.76 -34.28
N PRO E 25 40.80 -18.53 -34.60
CA PRO E 25 39.42 -18.38 -35.12
C PRO E 25 39.24 -18.94 -36.52
N ARG E 26 37.98 -18.95 -37.01
CA ARG E 26 37.69 -19.36 -38.38
C ARG E 26 38.38 -18.34 -39.25
N SER E 27 38.98 -18.78 -40.35
CA SER E 27 39.68 -17.89 -41.26
C SER E 27 38.69 -16.87 -41.81
N GLY E 28 38.99 -15.60 -41.61
CA GLY E 28 38.13 -14.50 -42.04
C GLY E 28 37.36 -13.87 -40.91
N ASP E 29 37.01 -14.69 -39.88
CA ASP E 29 36.30 -14.23 -38.69
C ASP E 29 37.20 -13.32 -37.90
N LEU E 30 36.67 -12.15 -37.51
CA LEU E 30 37.34 -11.07 -36.81
C LEU E 30 37.09 -11.00 -35.32
N SER E 31 36.20 -11.86 -34.79
CA SER E 31 35.84 -11.80 -33.38
C SER E 31 36.14 -13.06 -32.62
N VAL E 32 36.61 -12.90 -31.38
CA VAL E 32 36.92 -14.02 -30.49
C VAL E 32 36.24 -13.82 -29.14
N TYR E 33 35.55 -14.87 -28.66
CA TYR E 33 34.84 -14.88 -27.38
C TYR E 33 35.39 -16.01 -26.53
N TRP E 34 35.54 -15.75 -25.25
CA TRP E 34 35.96 -16.79 -24.31
C TRP E 34 34.84 -16.98 -23.30
N TYR E 35 34.41 -18.24 -23.14
CA TYR E 35 33.38 -18.65 -22.21
C TYR E 35 33.95 -19.77 -21.34
N GLN E 36 33.34 -20.03 -20.19
CA GLN E 36 33.73 -21.15 -19.35
C GLN E 36 32.48 -21.88 -18.87
N GLN E 37 32.39 -23.18 -19.19
CA GLN E 37 31.25 -24.00 -18.86
C GLN E 37 31.59 -24.91 -17.68
N SER E 38 31.04 -24.60 -16.50
CA SER E 38 31.28 -25.37 -15.29
C SER E 38 30.36 -26.60 -15.19
N LEU E 39 30.65 -27.52 -14.22
CA LEU E 39 30.00 -28.81 -13.97
C LEU E 39 28.49 -28.89 -14.31
N ASP E 40 27.69 -27.88 -13.90
CA ASP E 40 26.27 -27.79 -14.22
C ASP E 40 26.05 -26.54 -15.04
N GLN E 41 26.66 -25.43 -14.58
CA GLN E 41 26.60 -24.08 -15.12
C GLN E 41 26.61 -24.01 -16.64
N GLY E 42 25.92 -23.01 -17.17
CA GLY E 42 25.87 -22.76 -18.60
C GLY E 42 27.15 -22.11 -19.07
N LEU E 43 27.10 -21.45 -20.22
CA LEU E 43 28.27 -20.81 -20.78
C LEU E 43 28.51 -19.43 -20.19
N GLN E 44 29.23 -19.34 -19.06
CA GLN E 44 29.46 -18.02 -18.50
C GLN E 44 30.61 -17.33 -19.27
N PHE E 45 30.27 -16.16 -19.84
CA PHE E 45 31.12 -15.33 -20.68
C PHE E 45 32.23 -14.68 -19.88
N LEU E 46 33.43 -14.59 -20.50
CA LEU E 46 34.61 -13.98 -19.90
C LEU E 46 35.03 -12.68 -20.59
N ILE E 47 35.49 -12.77 -21.87
CA ILE E 47 35.99 -11.62 -22.63
C ILE E 47 35.83 -11.77 -24.17
N GLN E 48 35.67 -10.63 -24.88
CA GLN E 48 35.49 -10.58 -26.33
C GLN E 48 36.44 -9.61 -27.02
N TYR E 49 37.00 -10.03 -28.17
CA TYR E 49 37.93 -9.27 -29.01
C TYR E 49 37.39 -9.06 -30.42
N TYR E 50 37.77 -7.94 -31.04
CA TYR E 50 37.37 -7.56 -32.40
C TYR E 50 38.52 -6.91 -33.15
N ASN E 51 39.04 -7.63 -34.17
CA ASN E 51 40.13 -7.19 -35.05
C ASN E 51 41.36 -6.70 -34.24
N GLY E 52 41.82 -7.56 -33.32
CA GLY E 52 42.96 -7.33 -32.47
C GLY E 52 42.72 -6.57 -31.17
N GLU E 53 41.64 -5.76 -31.09
CA GLU E 53 41.32 -4.94 -29.91
C GLU E 53 40.27 -5.59 -29.01
N GLU E 54 40.24 -5.20 -27.71
CA GLU E 54 39.23 -5.67 -26.76
C GLU E 54 37.90 -4.96 -27.09
N ARG E 55 36.77 -5.71 -27.03
CA ARG E 55 35.43 -5.23 -27.36
C ARG E 55 34.48 -5.26 -26.15
N ALA E 56 34.51 -6.36 -25.39
CA ALA E 56 33.67 -6.55 -24.22
C ALA E 56 34.38 -7.36 -23.17
N LYS E 57 34.07 -7.04 -21.92
CA LYS E 57 34.59 -7.71 -20.73
C LYS E 57 33.34 -8.17 -19.97
N GLY E 58 33.37 -9.40 -19.51
CA GLY E 58 32.26 -10.00 -18.79
C GLY E 58 32.66 -10.57 -17.44
N ASN E 59 33.20 -9.72 -16.55
CA ASN E 59 33.62 -10.06 -15.18
C ASN E 59 34.73 -11.14 -15.12
N ILE E 60 35.90 -10.83 -15.69
CA ILE E 60 37.06 -11.72 -15.58
C ILE E 60 37.66 -11.50 -14.18
N LEU E 61 38.21 -12.55 -13.59
CA LEU E 61 38.76 -12.63 -12.23
C LEU E 61 39.98 -11.73 -11.91
N GLU E 62 40.43 -10.82 -12.81
CA GLU E 62 41.63 -9.97 -12.69
C GLU E 62 42.88 -10.82 -12.92
N ARG E 63 42.92 -12.02 -12.27
CA ARG E 63 43.96 -13.05 -12.41
C ARG E 63 43.84 -13.72 -13.79
N PHE E 64 42.67 -13.56 -14.44
CA PHE E 64 42.38 -13.99 -15.80
C PHE E 64 42.87 -12.85 -16.70
N SER E 65 43.51 -13.19 -17.81
CA SER E 65 44.09 -12.22 -18.74
C SER E 65 43.91 -12.70 -20.17
N ALA E 66 43.72 -11.77 -21.12
CA ALA E 66 43.54 -12.17 -22.51
C ALA E 66 44.09 -11.19 -23.52
N GLN E 67 44.24 -11.64 -24.77
CA GLN E 67 44.67 -10.85 -25.92
C GLN E 67 44.40 -11.53 -27.25
N GLN E 68 44.22 -10.70 -28.29
CA GLN E 68 44.04 -11.12 -29.67
C GLN E 68 45.20 -10.47 -30.42
N PHE E 69 45.92 -11.26 -31.20
CA PHE E 69 47.09 -10.78 -31.95
C PHE E 69 46.71 -10.20 -33.34
N PRO E 70 47.59 -9.47 -34.09
CA PRO E 70 47.20 -8.94 -35.41
C PRO E 70 46.68 -10.03 -36.35
N ASP E 71 47.31 -11.24 -36.33
CA ASP E 71 46.83 -12.47 -36.96
C ASP E 71 45.86 -12.83 -35.83
N LEU E 72 44.57 -12.82 -36.14
CA LEU E 72 43.45 -12.85 -35.20
C LEU E 72 43.39 -13.97 -34.13
N HIS E 73 44.49 -14.71 -33.95
CA HIS E 73 44.66 -15.72 -32.89
C HIS E 73 44.51 -15.08 -31.51
N SER E 74 44.12 -15.89 -30.52
CA SER E 74 43.90 -15.39 -29.17
C SER E 74 44.54 -16.24 -28.09
N GLU E 75 44.76 -15.64 -26.91
CA GLU E 75 45.40 -16.26 -25.76
C GLU E 75 44.62 -15.99 -24.48
N LEU E 76 44.28 -17.05 -23.73
CA LEU E 76 43.60 -16.89 -22.45
C LEU E 76 44.51 -17.37 -21.33
N ASN E 77 45.05 -16.42 -20.59
CA ASN E 77 45.94 -16.67 -19.48
C ASN E 77 45.13 -16.75 -18.19
N LEU E 78 45.40 -17.79 -17.38
CA LEU E 78 44.72 -18.05 -16.11
C LEU E 78 45.78 -18.33 -15.03
N SER E 79 45.89 -17.42 -14.03
CA SER E 79 46.86 -17.50 -12.91
C SER E 79 46.70 -16.33 -11.92
N SER E 80 46.88 -16.56 -10.60
CA SER E 80 47.15 -17.85 -9.97
C SER E 80 45.93 -18.73 -9.89
N LEU E 81 46.04 -19.92 -10.50
CA LEU E 81 44.98 -20.93 -10.61
C LEU E 81 44.43 -21.40 -9.29
N GLU E 82 43.10 -21.45 -9.18
CA GLU E 82 42.41 -21.94 -7.99
C GLU E 82 41.54 -23.13 -8.35
N LEU E 83 41.31 -24.03 -7.38
CA LEU E 83 40.58 -25.30 -7.54
C LEU E 83 39.26 -25.23 -8.34
N GLY E 84 38.42 -24.24 -8.01
CA GLY E 84 37.12 -24.02 -8.65
C GLY E 84 37.15 -23.59 -10.10
N ASP E 85 38.33 -23.21 -10.61
CA ASP E 85 38.51 -22.80 -12.00
C ASP E 85 38.51 -24.00 -12.96
N SER E 86 38.19 -25.19 -12.42
CA SER E 86 38.10 -26.42 -13.21
C SER E 86 36.81 -26.35 -14.02
N ALA E 87 36.94 -26.33 -15.36
CA ALA E 87 35.83 -26.23 -16.32
C ALA E 87 36.29 -26.44 -17.76
N LEU E 88 35.34 -26.33 -18.71
CA LEU E 88 35.56 -26.42 -20.14
C LEU E 88 35.62 -25.00 -20.66
N TYR E 89 36.74 -24.65 -21.26
CA TYR E 89 36.90 -23.29 -21.78
C TYR E 89 36.69 -23.29 -23.26
N PHE E 90 35.62 -22.65 -23.69
CA PHE E 90 35.26 -22.57 -25.09
C PHE E 90 35.64 -21.26 -25.72
N CYS E 91 36.07 -21.34 -26.97
CA CYS E 91 36.41 -20.18 -27.76
C CYS E 91 35.40 -20.07 -28.88
N ALA E 92 34.87 -18.86 -29.10
CA ALA E 92 33.90 -18.61 -30.16
C ALA E 92 34.38 -17.58 -31.16
N SER E 93 34.12 -17.85 -32.43
CA SER E 93 34.52 -17.05 -33.57
C SER E 93 33.31 -16.56 -34.35
N SER E 94 33.38 -15.33 -34.87
CA SER E 94 32.37 -14.66 -35.71
C SER E 94 32.98 -13.36 -36.27
N ALA E 95 32.14 -12.49 -36.88
CA ALA E 95 32.46 -11.13 -37.38
C ALA E 95 33.22 -11.04 -38.71
N ASN E 96 33.20 -12.09 -39.54
CA ASN E 96 33.79 -12.03 -40.88
C ASN E 96 32.87 -11.10 -41.69
N PRO E 97 33.30 -9.89 -42.14
CA PRO E 97 32.38 -9.02 -42.88
C PRO E 97 31.93 -9.57 -44.22
N GLY E 98 32.65 -10.57 -44.72
CA GLY E 98 32.35 -11.27 -45.96
C GLY E 98 31.04 -12.02 -45.88
N ASP E 99 30.77 -12.67 -44.73
CA ASP E 99 29.54 -13.43 -44.47
C ASP E 99 28.33 -12.51 -44.31
N SER E 100 27.16 -12.98 -44.80
CA SER E 100 25.88 -12.27 -44.75
C SER E 100 25.32 -12.22 -43.33
N SER E 101 25.56 -13.29 -42.56
CA SER E 101 25.10 -13.39 -41.18
C SER E 101 26.28 -13.35 -40.19
N ASN E 102 27.08 -12.28 -40.28
CA ASN E 102 28.27 -11.97 -39.49
C ASN E 102 28.24 -12.40 -38.02
N GLU E 103 27.12 -12.08 -37.32
CA GLU E 103 26.94 -12.28 -35.88
C GLU E 103 26.75 -13.76 -35.44
N LYS E 104 26.62 -14.70 -36.40
CA LYS E 104 26.51 -16.15 -36.14
C LYS E 104 27.81 -16.63 -35.49
N LEU E 105 27.74 -17.16 -34.24
CA LEU E 105 28.91 -17.63 -33.48
C LEU E 105 29.27 -19.10 -33.74
N PHE E 106 30.58 -19.37 -33.85
CA PHE E 106 31.13 -20.72 -34.08
C PHE E 106 32.10 -21.08 -32.99
N PHE E 107 31.88 -22.21 -32.31
CA PHE E 107 32.70 -22.67 -31.20
C PHE E 107 33.69 -23.77 -31.61
N GLY E 108 34.73 -23.95 -30.81
CA GLY E 108 35.71 -25.02 -31.00
C GLY E 108 35.51 -26.09 -29.94
N SER E 109 36.09 -27.29 -30.13
CA SER E 109 35.99 -28.33 -29.10
C SER E 109 36.98 -27.92 -28.04
N GLY E 110 36.44 -27.35 -26.96
CA GLY E 110 37.12 -26.68 -25.86
C GLY E 110 38.41 -27.16 -25.25
N THR E 111 38.80 -26.49 -24.16
CA THR E 111 39.97 -26.86 -23.36
C THR E 111 39.44 -27.28 -22.00
N GLN E 112 39.60 -28.57 -21.68
CA GLN E 112 39.20 -29.08 -20.38
C GLN E 112 40.35 -28.79 -19.41
N LEU E 113 40.08 -27.98 -18.39
CA LEU E 113 41.06 -27.61 -17.37
C LEU E 113 40.70 -28.29 -16.04
N SER E 114 41.64 -29.11 -15.52
CA SER E 114 41.48 -29.79 -14.24
C SER E 114 42.46 -29.21 -13.25
N VAL E 115 41.95 -28.36 -12.34
CA VAL E 115 42.78 -27.78 -11.27
C VAL E 115 42.67 -28.75 -10.11
N LEU E 116 43.81 -29.39 -9.79
CA LEU E 116 43.94 -30.37 -8.72
C LEU E 116 44.90 -29.84 -7.67
N GLU E 117 44.79 -30.33 -6.42
CA GLU E 117 45.69 -29.87 -5.37
C GLU E 117 47.05 -30.54 -5.50
N ASP E 118 47.06 -31.88 -5.51
CA ASP E 118 48.24 -32.72 -5.62
C ASP E 118 48.24 -33.42 -6.97
N LEU E 119 49.32 -33.27 -7.75
CA LEU E 119 49.42 -33.94 -9.05
C LEU E 119 49.67 -35.44 -8.89
N ASN E 120 49.87 -35.91 -7.64
CA ASN E 120 50.05 -37.32 -7.32
C ASN E 120 48.70 -38.03 -7.14
N LYS E 121 47.59 -37.28 -7.28
CA LYS E 121 46.21 -37.79 -7.22
C LYS E 121 45.77 -38.27 -8.62
N VAL E 122 46.63 -38.03 -9.64
CA VAL E 122 46.43 -38.40 -11.04
C VAL E 122 46.69 -39.89 -11.23
N PHE E 123 45.69 -40.61 -11.78
CA PHE E 123 45.80 -42.04 -12.01
C PHE E 123 45.25 -42.45 -13.37
N PRO E 124 45.98 -43.27 -14.15
CA PRO E 124 45.43 -43.75 -15.43
C PRO E 124 44.43 -44.89 -15.18
N PRO E 125 43.65 -45.33 -16.18
CA PRO E 125 42.68 -46.40 -15.91
C PRO E 125 43.27 -47.81 -16.02
N GLU E 126 42.51 -48.79 -15.49
CA GLU E 126 42.81 -50.21 -15.56
C GLU E 126 41.71 -50.75 -16.48
N VAL E 127 42.09 -51.17 -17.67
CA VAL E 127 41.12 -51.69 -18.64
C VAL E 127 41.07 -53.22 -18.57
N ALA E 128 39.85 -53.79 -18.59
CA ALA E 128 39.58 -55.23 -18.50
C ALA E 128 38.30 -55.58 -19.25
N VAL E 129 38.40 -56.51 -20.23
CA VAL E 129 37.26 -56.96 -21.02
C VAL E 129 36.75 -58.32 -20.48
N PHE E 130 35.43 -58.42 -20.34
CA PHE E 130 34.68 -59.55 -19.79
C PHE E 130 33.95 -60.32 -20.87
N GLU E 131 34.22 -61.62 -20.96
CA GLU E 131 33.66 -62.55 -21.92
C GLU E 131 32.18 -62.84 -21.68
N PRO E 132 31.38 -63.02 -22.76
CA PRO E 132 29.94 -63.23 -22.60
C PRO E 132 29.50 -64.47 -21.81
N SER E 133 28.38 -64.34 -21.10
CA SER E 133 27.75 -65.41 -20.31
C SER E 133 27.24 -66.50 -21.24
N GLU E 134 27.61 -67.77 -20.97
CA GLU E 134 27.15 -68.90 -21.78
C GLU E 134 25.68 -69.21 -21.52
N ALA E 135 25.11 -68.53 -20.51
CA ALA E 135 23.71 -68.60 -20.12
C ALA E 135 22.92 -67.55 -20.91
N GLU E 136 23.62 -66.49 -21.39
CA GLU E 136 23.08 -65.43 -22.24
C GLU E 136 23.06 -65.94 -23.67
N ILE E 137 24.16 -66.57 -24.11
CA ILE E 137 24.35 -67.15 -25.44
C ILE E 137 23.25 -68.19 -25.72
N SER E 138 22.90 -69.01 -24.73
CA SER E 138 21.87 -70.04 -24.87
C SER E 138 20.46 -69.43 -24.91
N HIS E 139 20.20 -68.42 -24.07
CA HIS E 139 18.88 -67.78 -23.99
C HIS E 139 18.60 -66.83 -25.16
N THR E 140 19.46 -65.82 -25.35
CA THR E 140 19.32 -64.76 -26.34
C THR E 140 19.88 -65.06 -27.74
N GLN E 141 20.90 -65.94 -27.85
CA GLN E 141 21.61 -66.27 -29.10
C GLN E 141 22.46 -65.05 -29.55
N LYS E 142 22.73 -64.16 -28.58
CA LYS E 142 23.53 -62.94 -28.66
C LYS E 142 24.58 -63.00 -27.53
N ALA E 143 25.70 -62.28 -27.69
CA ALA E 143 26.80 -62.31 -26.73
C ALA E 143 27.29 -60.91 -26.37
N THR E 144 27.04 -60.46 -25.13
CA THR E 144 27.50 -59.15 -24.66
C THR E 144 28.86 -59.27 -24.00
N LEU E 145 29.82 -58.47 -24.50
CA LEU E 145 31.17 -58.28 -23.98
C LEU E 145 31.05 -57.03 -23.12
N VAL E 146 31.66 -57.01 -21.94
CA VAL E 146 31.62 -55.83 -21.07
C VAL E 146 33.03 -55.35 -20.82
N CYS E 147 33.25 -54.03 -20.90
CA CYS E 147 34.56 -53.45 -20.62
C CYS E 147 34.47 -52.49 -19.46
N LEU E 148 35.51 -52.45 -18.62
CA LEU E 148 35.61 -51.53 -17.49
C LEU E 148 36.93 -50.80 -17.50
N ALA E 149 36.87 -49.49 -17.21
CA ALA E 149 38.03 -48.61 -17.05
C ALA E 149 37.85 -48.11 -15.65
N THR E 150 38.71 -48.58 -14.75
CA THR E 150 38.58 -48.31 -13.33
C THR E 150 39.78 -47.57 -12.74
N GLY E 151 39.56 -46.94 -11.58
CA GLY E 151 40.56 -46.21 -10.82
C GLY E 151 41.33 -45.14 -11.58
N PHE E 152 40.62 -44.28 -12.31
CA PHE E 152 41.25 -43.20 -13.07
C PHE E 152 40.87 -41.83 -12.55
N TYR E 153 41.85 -40.90 -12.50
CA TYR E 153 41.61 -39.54 -12.05
C TYR E 153 42.47 -38.50 -12.81
N PRO E 154 41.88 -37.45 -13.44
CA PRO E 154 40.44 -37.10 -13.53
C PRO E 154 39.70 -37.89 -14.62
N ASP E 155 38.44 -37.50 -14.96
CA ASP E 155 37.72 -38.26 -16.00
C ASP E 155 38.03 -37.77 -17.43
N HIS E 156 39.34 -37.64 -17.73
CA HIS E 156 39.90 -37.28 -19.03
C HIS E 156 40.11 -38.59 -19.84
N VAL E 157 39.03 -39.34 -20.15
CA VAL E 157 39.19 -40.58 -20.93
C VAL E 157 38.30 -40.61 -22.18
N GLU E 158 38.56 -41.60 -23.06
CA GLU E 158 37.83 -41.86 -24.30
C GLU E 158 37.80 -43.37 -24.54
N LEU E 159 36.63 -44.00 -24.39
CA LEU E 159 36.51 -45.44 -24.62
C LEU E 159 36.10 -45.75 -26.06
N SER E 160 36.82 -46.69 -26.70
CA SER E 160 36.55 -47.15 -28.07
C SER E 160 36.75 -48.66 -28.22
N TRP E 161 35.83 -49.35 -28.94
CA TRP E 161 35.91 -50.79 -29.20
C TRP E 161 36.50 -50.99 -30.59
N TRP E 162 37.28 -52.06 -30.77
CA TRP E 162 37.93 -52.39 -32.03
C TRP E 162 37.72 -53.86 -32.32
N VAL E 163 37.10 -54.18 -33.46
CA VAL E 163 36.86 -55.58 -33.83
C VAL E 163 37.64 -55.90 -35.09
N ASN E 164 38.53 -56.90 -34.98
CA ASN E 164 39.42 -57.40 -36.03
C ASN E 164 40.27 -56.29 -36.66
N GLY E 165 40.71 -55.36 -35.81
CA GLY E 165 41.59 -54.27 -36.21
C GLY E 165 40.93 -52.92 -36.43
N LYS E 166 39.66 -52.91 -36.85
CA LYS E 166 39.01 -51.64 -37.11
C LYS E 166 37.89 -51.35 -36.12
N GLU E 167 37.77 -50.05 -35.74
CA GLU E 167 36.78 -49.59 -34.77
C GLU E 167 35.35 -49.85 -35.20
N VAL E 168 34.56 -50.38 -34.26
CA VAL E 168 33.14 -50.67 -34.40
C VAL E 168 32.32 -49.64 -33.58
N HIS E 169 31.04 -49.43 -33.95
CA HIS E 169 30.11 -48.53 -33.28
C HIS E 169 28.75 -49.21 -33.10
N SER E 170 28.40 -50.15 -34.01
CA SER E 170 27.16 -50.93 -33.94
C SER E 170 27.30 -51.90 -32.77
N GLY E 171 26.26 -51.96 -31.94
CA GLY E 171 26.22 -52.80 -30.75
C GLY E 171 26.96 -52.23 -29.56
N VAL E 172 27.78 -51.18 -29.77
CA VAL E 172 28.58 -50.51 -28.73
C VAL E 172 27.68 -49.66 -27.82
N CYS E 173 28.04 -49.54 -26.51
CA CYS E 173 27.30 -48.73 -25.53
C CYS E 173 28.14 -48.31 -24.34
N THR E 174 28.79 -47.15 -24.44
CA THR E 174 29.56 -46.59 -23.34
C THR E 174 28.63 -45.82 -22.41
N ASP E 175 28.98 -45.76 -21.13
CA ASP E 175 28.26 -45.00 -20.12
C ASP E 175 28.40 -43.52 -20.49
N PRO E 176 27.31 -42.71 -20.38
CA PRO E 176 27.46 -41.29 -20.71
C PRO E 176 28.27 -40.54 -19.64
N GLN E 177 28.18 -41.01 -18.38
CA GLN E 177 28.85 -40.43 -17.21
C GLN E 177 29.63 -41.48 -16.41
N PRO E 178 30.81 -41.13 -15.83
CA PRO E 178 31.53 -42.13 -15.02
C PRO E 178 31.05 -42.17 -13.58
N LEU E 179 31.44 -43.21 -12.85
CA LEU E 179 31.09 -43.40 -11.44
C LEU E 179 32.23 -43.02 -10.54
N LYS E 180 31.91 -42.50 -9.35
CA LYS E 180 32.89 -42.18 -8.32
C LYS E 180 33.08 -43.47 -7.53
N GLU E 181 34.33 -43.91 -7.37
CA GLU E 181 34.60 -45.15 -6.63
C GLU E 181 34.44 -44.93 -5.12
N GLN E 182 34.79 -43.73 -4.66
CA GLN E 182 34.63 -43.31 -3.26
C GLN E 182 33.66 -42.11 -3.32
N PRO E 183 32.33 -42.37 -3.35
CA PRO E 183 31.35 -41.27 -3.55
C PRO E 183 31.44 -40.11 -2.58
N ALA E 184 31.55 -40.37 -1.27
CA ALA E 184 31.67 -39.32 -0.27
C ALA E 184 33.15 -38.93 -0.10
N LEU E 185 33.79 -38.54 -1.23
CA LEU E 185 35.20 -38.15 -1.29
C LEU E 185 35.46 -37.20 -2.47
N ASN E 186 36.24 -36.13 -2.20
CA ASN E 186 36.69 -35.15 -3.18
C ASN E 186 38.00 -35.71 -3.74
N ASP E 187 38.12 -35.74 -5.07
CA ASP E 187 39.24 -36.32 -5.83
C ASP E 187 39.15 -37.85 -5.75
N SER E 188 37.91 -38.35 -5.91
CA SER E 188 37.56 -39.76 -5.93
C SER E 188 37.85 -40.28 -7.32
N ARG E 189 38.52 -41.43 -7.40
CA ARG E 189 38.82 -42.05 -8.68
C ARG E 189 37.55 -42.52 -9.37
N TYR E 190 37.60 -42.59 -10.71
CA TYR E 190 36.42 -42.93 -11.52
C TYR E 190 36.42 -44.33 -12.11
N ALA E 191 35.21 -44.77 -12.48
CA ALA E 191 34.94 -46.05 -13.11
C ALA E 191 34.02 -45.80 -14.31
N LEU E 192 34.23 -46.54 -15.41
CA LEU E 192 33.45 -46.39 -16.64
C LEU E 192 33.19 -47.76 -17.28
N SER E 193 31.91 -48.05 -17.56
CA SER E 193 31.53 -49.30 -18.21
C SER E 193 31.09 -49.04 -19.64
N SER E 194 31.26 -50.04 -20.51
CA SER E 194 30.86 -50.02 -21.92
C SER E 194 30.58 -51.44 -22.40
N ARG E 195 29.45 -51.61 -23.11
CA ARG E 195 29.03 -52.90 -23.63
C ARG E 195 29.23 -53.03 -25.15
N LEU E 196 29.46 -54.26 -25.61
CA LEU E 196 29.57 -54.61 -27.02
C LEU E 196 28.83 -55.93 -27.22
N ARG E 197 27.69 -55.88 -27.90
CA ARG E 197 26.89 -57.08 -28.14
C ARG E 197 27.02 -57.54 -29.59
N VAL E 198 27.33 -58.83 -29.76
CA VAL E 198 27.53 -59.50 -31.05
C VAL E 198 26.57 -60.70 -31.15
N SER E 199 26.50 -61.36 -32.32
CA SER E 199 25.69 -62.56 -32.47
C SER E 199 26.49 -63.68 -31.82
N ALA E 200 25.82 -64.71 -31.27
CA ALA E 200 26.51 -65.85 -30.63
C ALA E 200 27.58 -66.42 -31.58
N THR E 201 27.19 -66.66 -32.85
CA THR E 201 28.05 -67.20 -33.91
C THR E 201 29.24 -66.26 -34.27
N PHE E 202 29.19 -64.96 -33.91
CA PHE E 202 30.33 -64.08 -34.17
C PHE E 202 31.35 -64.22 -33.06
N TRP E 203 30.87 -64.30 -31.80
CA TRP E 203 31.69 -64.50 -30.62
C TRP E 203 32.34 -65.90 -30.66
N GLN E 204 31.53 -66.94 -30.97
CA GLN E 204 31.97 -68.33 -31.02
C GLN E 204 33.08 -68.63 -32.03
N ASN E 205 33.39 -67.68 -32.96
CA ASN E 205 34.47 -67.87 -33.92
C ASN E 205 35.83 -67.38 -33.38
N PRO E 206 36.80 -68.30 -33.22
CA PRO E 206 38.10 -67.92 -32.63
C PRO E 206 39.03 -67.08 -33.49
N ARG E 207 38.64 -66.81 -34.74
CA ARG E 207 39.44 -65.97 -35.63
C ARG E 207 39.05 -64.49 -35.45
N ASN E 208 38.03 -64.22 -34.59
CA ASN E 208 37.52 -62.89 -34.26
C ASN E 208 38.17 -62.32 -32.99
N HIS E 209 38.82 -61.14 -33.15
CA HIS E 209 39.53 -60.42 -32.09
C HIS E 209 38.78 -59.15 -31.70
N PHE E 210 38.40 -59.04 -30.43
CA PHE E 210 37.69 -57.91 -29.86
C PHE E 210 38.61 -57.17 -28.90
N ARG E 211 38.69 -55.84 -29.01
CA ARG E 211 39.56 -55.06 -28.15
C ARG E 211 38.96 -53.74 -27.70
N CYS E 212 38.73 -53.64 -26.39
CA CYS E 212 38.31 -52.43 -25.71
C CYS E 212 39.57 -51.57 -25.59
N GLN E 213 39.44 -50.25 -25.76
CA GLN E 213 40.57 -49.33 -25.75
C GLN E 213 40.20 -48.00 -25.09
N VAL E 214 40.91 -47.64 -24.02
CA VAL E 214 40.67 -46.41 -23.30
C VAL E 214 41.86 -45.47 -23.48
N GLN E 215 41.58 -44.26 -24.02
CA GLN E 215 42.60 -43.24 -24.26
C GLN E 215 42.54 -42.25 -23.11
N PHE E 216 43.52 -42.34 -22.21
CA PHE E 216 43.61 -41.47 -21.05
C PHE E 216 44.42 -40.25 -21.42
N TYR E 217 43.97 -39.08 -20.95
CA TYR E 217 44.65 -37.80 -21.11
C TYR E 217 45.19 -37.44 -19.74
N GLY E 218 46.51 -37.44 -19.62
CA GLY E 218 47.19 -37.17 -18.36
C GLY E 218 48.20 -36.06 -18.37
N LEU E 219 49.18 -36.17 -17.45
CA LEU E 219 50.26 -35.20 -17.24
C LEU E 219 51.15 -34.97 -18.45
N SER E 220 51.63 -33.72 -18.58
CA SER E 220 52.54 -33.23 -19.62
C SER E 220 53.93 -33.84 -19.43
N GLU E 221 54.80 -33.74 -20.44
CA GLU E 221 56.16 -34.25 -20.29
C GLU E 221 57.01 -33.31 -19.42
N ASN E 222 56.74 -31.99 -19.48
CA ASN E 222 57.43 -30.97 -18.68
C ASN E 222 57.08 -31.07 -17.20
N ASP E 223 55.94 -31.73 -16.88
CA ASP E 223 55.45 -31.92 -15.51
C ASP E 223 56.43 -32.69 -14.62
N GLU E 224 56.58 -32.24 -13.37
CA GLU E 224 57.48 -32.82 -12.39
C GLU E 224 56.88 -34.05 -11.73
N TRP E 225 57.50 -35.21 -11.92
CA TRP E 225 57.06 -36.47 -11.30
C TRP E 225 58.04 -36.96 -10.24
N THR E 226 57.80 -36.54 -8.99
CA THR E 226 58.61 -36.88 -7.81
C THR E 226 58.40 -38.32 -7.36
N GLN E 227 57.12 -38.78 -7.36
CA GLN E 227 56.66 -40.12 -6.93
C GLN E 227 57.44 -41.31 -7.50
N ASP E 228 57.43 -42.45 -6.76
CA ASP E 228 58.13 -43.69 -7.12
C ASP E 228 57.39 -44.53 -8.18
N ARG E 229 56.05 -44.45 -8.20
CA ARG E 229 55.19 -45.14 -9.19
C ARG E 229 55.36 -44.50 -10.58
N ALA E 230 54.80 -45.13 -11.64
CA ALA E 230 54.90 -44.65 -13.03
C ALA E 230 54.27 -43.28 -13.27
N LYS E 231 54.85 -42.47 -14.19
CA LYS E 231 54.34 -41.13 -14.53
C LYS E 231 52.99 -41.25 -15.27
N PRO E 232 51.89 -40.73 -14.66
CA PRO E 232 50.58 -40.85 -15.30
C PRO E 232 50.40 -39.85 -16.44
N VAL E 233 51.04 -40.17 -17.56
CA VAL E 233 51.03 -39.37 -18.78
C VAL E 233 49.80 -39.73 -19.62
N THR E 234 49.71 -39.12 -20.82
CA THR E 234 48.67 -39.40 -21.79
C THR E 234 49.08 -40.71 -22.44
N GLN E 235 48.20 -41.70 -22.39
CA GLN E 235 48.46 -43.08 -22.84
C GLN E 235 47.19 -43.85 -23.18
N ILE E 236 47.31 -44.78 -24.12
CA ILE E 236 46.24 -45.68 -24.55
C ILE E 236 46.39 -46.96 -23.71
N VAL E 237 45.30 -47.38 -23.05
CA VAL E 237 45.26 -48.57 -22.20
C VAL E 237 44.18 -49.50 -22.78
N SER E 238 44.61 -50.63 -23.37
CA SER E 238 43.71 -51.58 -24.02
C SER E 238 43.59 -52.89 -23.24
N ALA E 239 42.53 -53.67 -23.55
CA ALA E 239 42.23 -55.00 -23.00
C ALA E 239 41.58 -55.78 -24.13
N GLU E 240 42.19 -56.91 -24.52
CA GLU E 240 41.68 -57.68 -25.64
C GLU E 240 41.12 -59.05 -25.26
N ALA E 241 40.41 -59.67 -26.23
CA ALA E 241 39.78 -60.98 -26.13
C ALA E 241 39.63 -61.58 -27.52
N TRP E 242 39.69 -62.91 -27.60
CA TRP E 242 39.49 -63.67 -28.83
C TRP E 242 38.25 -64.56 -28.62
N GLY E 243 37.62 -64.95 -29.72
CA GLY E 243 36.43 -65.80 -29.68
C GLY E 243 36.72 -67.23 -29.27
N ARG E 244 35.66 -67.95 -28.82
CA ARG E 244 35.74 -69.34 -28.37
C ARG E 244 34.42 -70.09 -28.52
N ALA E 245 34.48 -71.34 -28.99
CA ALA E 245 33.33 -72.23 -29.18
C ALA E 245 32.87 -72.92 -27.88
N SER F 2 -1.60 -58.13 -33.81
CA SER F 2 -1.90 -56.81 -34.36
C SER F 2 -3.25 -56.29 -33.90
N HIS F 3 -3.35 -55.92 -32.62
CA HIS F 3 -4.56 -55.39 -31.98
C HIS F 3 -5.08 -54.12 -32.64
N SER F 4 -6.36 -53.77 -32.36
CA SER F 4 -7.05 -52.58 -32.83
C SER F 4 -8.26 -52.22 -31.97
N LEU F 5 -8.53 -50.92 -31.88
CA LEU F 5 -9.69 -50.33 -31.19
C LEU F 5 -10.39 -49.58 -32.31
N LYS F 6 -11.64 -49.98 -32.60
CA LYS F 6 -12.43 -49.39 -33.69
C LYS F 6 -13.84 -49.08 -33.23
N TYR F 7 -14.41 -48.01 -33.78
CA TYR F 7 -15.77 -47.58 -33.47
C TYR F 7 -16.59 -47.40 -34.73
N PHE F 8 -17.89 -47.70 -34.61
CA PHE F 8 -18.85 -47.64 -35.72
C PHE F 8 -20.08 -46.83 -35.30
N HIS F 9 -20.18 -45.62 -35.87
CA HIS F 9 -21.23 -44.65 -35.59
C HIS F 9 -22.14 -44.48 -36.80
N THR F 10 -23.46 -44.60 -36.58
CA THR F 10 -24.49 -44.46 -37.62
C THR F 10 -25.62 -43.56 -37.15
N SER F 11 -26.04 -42.62 -38.00
CA SER F 11 -27.19 -41.76 -37.74
C SER F 11 -28.16 -41.88 -38.91
N VAL F 12 -29.44 -42.10 -38.60
CA VAL F 12 -30.47 -42.23 -39.63
C VAL F 12 -31.61 -41.28 -39.31
N SER F 13 -31.90 -40.34 -40.22
CA SER F 13 -33.00 -39.39 -40.05
C SER F 13 -34.30 -40.16 -40.18
N ARG F 14 -35.28 -39.85 -39.32
CA ARG F 14 -36.57 -40.54 -39.30
C ARG F 14 -37.68 -39.49 -39.51
N PRO F 15 -37.94 -39.09 -40.78
CA PRO F 15 -38.97 -38.06 -41.03
C PRO F 15 -40.36 -38.60 -40.75
N GLY F 16 -41.02 -37.96 -39.79
CA GLY F 16 -42.33 -38.37 -39.31
C GLY F 16 -42.17 -39.21 -38.06
N ARG F 17 -41.52 -40.40 -38.22
CA ARG F 17 -41.21 -41.41 -37.19
C ARG F 17 -40.73 -40.83 -35.83
N GLY F 18 -40.07 -39.68 -35.85
CA GLY F 18 -39.55 -38.98 -34.68
C GLY F 18 -38.23 -38.29 -34.92
N GLU F 19 -37.32 -38.37 -33.92
CA GLU F 19 -35.97 -37.81 -34.02
C GLU F 19 -35.05 -38.81 -34.77
N PRO F 20 -33.84 -38.42 -35.26
CA PRO F 20 -33.00 -39.42 -35.95
C PRO F 20 -32.42 -40.44 -34.98
N ARG F 21 -32.05 -41.62 -35.47
CA ARG F 21 -31.48 -42.63 -34.60
C ARG F 21 -29.97 -42.64 -34.72
N PHE F 22 -29.30 -42.58 -33.58
CA PHE F 22 -27.85 -42.60 -33.49
C PHE F 22 -27.40 -43.76 -32.64
N ILE F 23 -26.63 -44.67 -33.23
CA ILE F 23 -26.06 -45.80 -32.51
C ILE F 23 -24.55 -45.81 -32.68
N SER F 24 -23.85 -46.16 -31.60
CA SER F 24 -22.40 -46.27 -31.62
C SER F 24 -21.98 -47.57 -30.97
N VAL F 25 -21.09 -48.33 -31.64
CA VAL F 25 -20.57 -49.61 -31.14
C VAL F 25 -19.04 -49.57 -31.04
N GLY F 26 -18.50 -50.23 -30.02
CA GLY F 26 -17.06 -50.28 -29.77
C GLY F 26 -16.48 -51.67 -29.84
N TYR F 27 -15.39 -51.83 -30.62
CA TYR F 27 -14.69 -53.10 -30.77
C TYR F 27 -13.24 -53.06 -30.32
N VAL F 28 -12.73 -54.23 -29.93
CA VAL F 28 -11.34 -54.54 -29.55
C VAL F 28 -11.07 -55.71 -30.49
N ASP F 29 -10.37 -55.45 -31.62
CA ASP F 29 -10.15 -56.39 -32.73
C ASP F 29 -11.56 -56.81 -33.15
N ASP F 30 -11.93 -58.09 -32.95
CA ASP F 30 -13.25 -58.60 -33.26
C ASP F 30 -14.11 -58.92 -32.01
N THR F 31 -14.16 -57.98 -31.01
CA THR F 31 -14.94 -58.17 -29.77
C THR F 31 -15.63 -56.90 -29.26
N GLN F 32 -16.98 -56.95 -29.13
CA GLN F 32 -17.75 -55.84 -28.59
C GLN F 32 -17.61 -55.76 -27.08
N PHE F 33 -17.54 -54.52 -26.55
CA PHE F 33 -17.39 -54.21 -25.13
C PHE F 33 -18.29 -53.06 -24.71
N VAL F 34 -18.68 -52.19 -25.67
CA VAL F 34 -19.52 -51.01 -25.44
C VAL F 34 -20.48 -50.73 -26.60
N ARG F 35 -21.57 -50.01 -26.26
CA ARG F 35 -22.58 -49.51 -27.19
C ARG F 35 -23.33 -48.34 -26.57
N PHE F 36 -23.96 -47.53 -27.43
CA PHE F 36 -24.80 -46.40 -27.03
C PHE F 36 -25.96 -46.33 -28.00
N ASP F 37 -27.17 -46.38 -27.47
CA ASP F 37 -28.39 -46.25 -28.27
C ASP F 37 -29.24 -45.13 -27.72
N ASN F 38 -29.53 -44.14 -28.59
CA ASN F 38 -30.35 -42.98 -28.26
C ASN F 38 -31.84 -43.33 -28.31
N ASP F 39 -32.19 -44.35 -29.10
CA ASP F 39 -33.57 -44.83 -29.32
C ASP F 39 -34.26 -45.25 -28.02
N ALA F 40 -33.50 -45.81 -27.06
CA ALA F 40 -34.03 -46.20 -25.75
C ALA F 40 -34.34 -44.92 -24.94
N ALA F 41 -35.24 -45.03 -23.94
CA ALA F 41 -35.59 -43.88 -23.07
C ALA F 41 -34.38 -43.52 -22.16
N SER F 42 -33.44 -44.48 -22.02
CA SER F 42 -32.18 -44.37 -21.28
C SER F 42 -31.01 -44.30 -22.31
N PRO F 43 -30.79 -43.15 -23.00
CA PRO F 43 -29.68 -43.08 -23.95
C PRO F 43 -28.39 -42.89 -23.14
N ARG F 44 -27.64 -44.00 -22.98
CA ARG F 44 -26.39 -44.06 -22.22
C ARG F 44 -25.43 -45.07 -22.81
N MET F 45 -24.11 -44.83 -22.65
CA MET F 45 -23.06 -45.74 -23.10
C MET F 45 -23.02 -46.84 -22.04
N VAL F 46 -23.11 -48.10 -22.48
CA VAL F 46 -23.21 -49.25 -21.57
C VAL F 46 -22.23 -50.40 -21.89
N PRO F 47 -21.86 -51.24 -20.88
CA PRO F 47 -20.97 -52.38 -21.17
C PRO F 47 -21.65 -53.47 -21.98
N ARG F 48 -20.87 -54.22 -22.75
CA ARG F 48 -21.34 -55.33 -23.58
C ARG F 48 -20.50 -56.59 -23.35
N ALA F 49 -19.37 -56.42 -22.64
CA ALA F 49 -18.43 -57.48 -22.22
C ALA F 49 -18.43 -57.55 -20.67
N PRO F 50 -18.20 -58.74 -20.05
CA PRO F 50 -18.24 -58.82 -18.58
C PRO F 50 -17.05 -58.17 -17.87
N TRP F 51 -15.95 -57.92 -18.59
CA TRP F 51 -14.78 -57.24 -18.04
C TRP F 51 -15.04 -55.73 -17.92
N MET F 52 -15.94 -55.22 -18.77
CA MET F 52 -16.38 -53.83 -18.80
C MET F 52 -17.48 -53.59 -17.78
N GLU F 53 -18.09 -54.69 -17.25
CA GLU F 53 -19.16 -54.67 -16.23
C GLU F 53 -18.76 -53.81 -15.02
N GLN F 54 -17.45 -53.76 -14.72
CA GLN F 54 -16.86 -52.95 -13.66
C GLN F 54 -15.81 -52.02 -14.25
N GLU F 55 -16.21 -50.76 -14.52
CA GLU F 55 -15.33 -49.73 -15.05
C GLU F 55 -15.53 -48.39 -14.33
N GLY F 56 -16.62 -48.28 -13.58
CA GLY F 56 -16.93 -47.12 -12.76
C GLY F 56 -17.66 -45.97 -13.40
N SER F 57 -18.43 -45.23 -12.56
CA SER F 57 -19.25 -44.05 -12.85
C SER F 57 -18.55 -43.05 -13.79
N GLU F 58 -17.34 -42.61 -13.41
CA GLU F 58 -16.51 -41.66 -14.15
C GLU F 58 -16.34 -42.00 -15.64
N TYR F 59 -16.02 -43.27 -15.96
CA TYR F 59 -15.84 -43.72 -17.35
C TYR F 59 -17.15 -43.75 -18.12
N TRP F 60 -18.26 -44.14 -17.47
CA TRP F 60 -19.55 -44.19 -18.15
C TRP F 60 -20.09 -42.79 -18.38
N ASP F 61 -20.07 -41.93 -17.33
CA ASP F 61 -20.47 -40.52 -17.39
C ASP F 61 -19.80 -39.82 -18.58
N ARG F 62 -18.47 -40.01 -18.72
CA ARG F 62 -17.63 -39.44 -19.78
C ARG F 62 -18.00 -39.95 -21.18
N GLU F 63 -18.05 -41.28 -21.39
CA GLU F 63 -18.34 -41.85 -22.70
C GLU F 63 -19.76 -41.60 -23.17
N THR F 64 -20.71 -41.46 -22.23
CA THR F 64 -22.11 -41.14 -22.53
C THR F 64 -22.17 -39.77 -23.19
N ARG F 65 -21.49 -38.76 -22.60
CA ARG F 65 -21.43 -37.38 -23.12
C ARG F 65 -20.75 -37.29 -24.49
N SER F 66 -19.71 -38.10 -24.74
CA SER F 66 -19.02 -38.10 -26.05
C SER F 66 -20.01 -38.51 -27.14
N ALA F 67 -20.79 -39.56 -26.86
CA ALA F 67 -21.79 -40.14 -27.74
C ALA F 67 -23.01 -39.23 -27.84
N ARG F 68 -23.42 -38.60 -26.72
CA ARG F 68 -24.55 -37.68 -26.62
C ARG F 68 -24.33 -36.51 -27.59
N ASP F 69 -23.15 -35.87 -27.49
CA ASP F 69 -22.75 -34.73 -28.30
C ASP F 69 -22.60 -35.12 -29.76
N THR F 70 -22.06 -36.32 -30.05
CA THR F 70 -21.91 -36.78 -31.44
C THR F 70 -23.29 -36.92 -32.10
N ALA F 71 -24.31 -37.35 -31.33
CA ALA F 71 -25.67 -37.44 -31.84
C ALA F 71 -26.21 -36.04 -32.14
N GLN F 72 -25.99 -35.05 -31.23
CA GLN F 72 -26.41 -33.65 -31.37
C GLN F 72 -25.90 -33.02 -32.68
N ILE F 73 -24.59 -33.20 -32.97
CA ILE F 73 -23.90 -32.69 -34.16
C ILE F 73 -24.42 -33.37 -35.43
N PHE F 74 -24.68 -34.69 -35.36
CA PHE F 74 -25.12 -35.50 -36.50
C PHE F 74 -26.50 -35.15 -36.99
N ARG F 75 -27.45 -34.83 -36.08
CA ARG F 75 -28.80 -34.39 -36.43
C ARG F 75 -28.70 -33.15 -37.36
N VAL F 76 -27.87 -32.16 -36.95
CA VAL F 76 -27.61 -30.93 -37.71
C VAL F 76 -26.92 -31.30 -39.02
N ASN F 77 -25.92 -32.20 -38.96
CA ASN F 77 -25.19 -32.65 -40.14
C ASN F 77 -26.10 -33.30 -41.16
N LEU F 78 -27.19 -33.92 -40.69
CA LEU F 78 -28.17 -34.53 -41.58
C LEU F 78 -28.91 -33.48 -42.40
N ARG F 79 -29.41 -32.39 -41.77
CA ARG F 79 -30.07 -31.34 -42.55
C ARG F 79 -29.06 -30.53 -43.37
N THR F 80 -27.80 -30.45 -42.89
CA THR F 80 -26.71 -29.77 -43.62
C THR F 80 -26.39 -30.56 -44.90
N LEU F 81 -26.41 -31.90 -44.82
CA LEU F 81 -26.13 -32.77 -45.96
C LEU F 81 -27.23 -32.76 -46.99
N ARG F 82 -28.48 -32.54 -46.54
CA ARG F 82 -29.66 -32.42 -47.40
C ARG F 82 -29.44 -31.24 -48.34
N GLY F 83 -29.05 -30.09 -47.77
CA GLY F 83 -28.78 -28.86 -48.49
C GLY F 83 -27.88 -29.04 -49.68
N TYR F 84 -26.78 -29.79 -49.48
CA TYR F 84 -25.79 -30.13 -50.49
C TYR F 84 -26.42 -30.85 -51.67
N TYR F 85 -27.05 -32.01 -51.42
CA TYR F 85 -27.68 -32.86 -52.43
C TYR F 85 -29.13 -32.47 -52.79
N ASN F 86 -29.62 -31.32 -52.28
CA ASN F 86 -30.98 -30.79 -52.49
C ASN F 86 -32.08 -31.84 -52.23
N GLN F 87 -31.98 -32.53 -51.08
CA GLN F 87 -32.93 -33.54 -50.63
C GLN F 87 -34.07 -32.84 -49.90
N SER F 88 -35.24 -33.50 -49.77
CA SER F 88 -36.42 -32.95 -49.10
C SER F 88 -36.59 -33.53 -47.69
N GLU F 89 -37.46 -32.91 -46.88
CA GLU F 89 -37.79 -33.35 -45.52
C GLU F 89 -38.37 -34.77 -45.51
N ALA F 90 -38.88 -35.25 -46.68
CA ALA F 90 -39.50 -36.55 -46.89
C ALA F 90 -38.58 -37.75 -46.66
N GLY F 91 -37.47 -37.82 -47.42
CA GLY F 91 -36.51 -38.91 -47.37
C GLY F 91 -35.76 -39.09 -46.06
N SER F 92 -35.59 -40.35 -45.66
CA SER F 92 -34.83 -40.78 -44.49
C SER F 92 -33.43 -41.14 -45.02
N HIS F 93 -32.41 -40.39 -44.61
CA HIS F 93 -31.05 -40.62 -45.05
C HIS F 93 -30.15 -41.09 -43.91
N THR F 94 -29.03 -41.76 -44.28
CA THR F 94 -28.06 -42.35 -43.37
C THR F 94 -26.71 -41.62 -43.42
N LEU F 95 -26.09 -41.42 -42.23
CA LEU F 95 -24.78 -40.78 -42.06
C LEU F 95 -23.91 -41.68 -41.19
N GLN F 96 -22.77 -42.12 -41.73
CA GLN F 96 -21.87 -43.02 -40.99
C GLN F 96 -20.49 -42.43 -40.73
N TRP F 97 -19.89 -42.83 -39.59
CA TRP F 97 -18.57 -42.39 -39.14
C TRP F 97 -17.78 -43.53 -38.49
N MET F 98 -16.63 -43.88 -39.09
CA MET F 98 -15.77 -44.93 -38.53
C MET F 98 -14.38 -44.43 -38.21
N HIS F 99 -13.94 -44.68 -36.96
CA HIS F 99 -12.64 -44.30 -36.47
C HIS F 99 -11.98 -45.45 -35.72
N GLY F 100 -10.68 -45.57 -35.88
CA GLY F 100 -9.91 -46.61 -35.22
C GLY F 100 -8.41 -46.53 -35.42
N CYS F 101 -7.66 -47.02 -34.43
CA CYS F 101 -6.21 -47.07 -34.45
C CYS F 101 -5.73 -48.51 -34.34
N GLU F 102 -4.74 -48.86 -35.16
CA GLU F 102 -4.15 -50.18 -35.22
C GLU F 102 -2.77 -50.21 -34.60
N LEU F 103 -2.51 -51.18 -33.73
CA LEU F 103 -1.19 -51.37 -33.14
C LEU F 103 -0.42 -52.27 -34.10
N GLY F 104 0.90 -52.26 -34.00
CA GLY F 104 1.75 -53.09 -34.85
C GLY F 104 2.26 -54.34 -34.15
N PRO F 105 3.23 -55.07 -34.77
CA PRO F 105 3.81 -56.24 -34.09
C PRO F 105 4.55 -55.82 -32.81
N ASP F 106 5.08 -54.58 -32.84
CA ASP F 106 5.84 -53.86 -31.80
C ASP F 106 4.98 -53.39 -30.61
N ARG F 107 3.67 -53.35 -30.77
CA ARG F 107 2.74 -52.93 -29.72
C ARG F 107 2.64 -51.42 -29.56
N ARG F 108 3.13 -50.66 -30.54
CA ARG F 108 3.11 -49.19 -30.59
C ARG F 108 2.42 -48.78 -31.89
N PHE F 109 1.67 -47.64 -31.89
CA PHE F 109 0.89 -47.13 -33.03
C PHE F 109 1.43 -47.49 -34.42
N LEU F 110 0.65 -48.26 -35.19
CA LEU F 110 0.97 -48.66 -36.56
C LEU F 110 0.33 -47.65 -37.52
N ARG F 111 -1.02 -47.63 -37.63
CA ARG F 111 -1.78 -46.72 -38.50
C ARG F 111 -3.22 -46.46 -38.00
N GLY F 112 -3.81 -45.36 -38.47
CA GLY F 112 -5.16 -44.93 -38.12
C GLY F 112 -6.03 -44.52 -39.31
N TYR F 113 -7.35 -44.46 -39.08
CA TYR F 113 -8.34 -44.09 -40.10
C TYR F 113 -9.53 -43.35 -39.50
N GLU F 114 -10.13 -42.46 -40.29
CA GLU F 114 -11.34 -41.72 -39.93
C GLU F 114 -12.12 -41.41 -41.19
N GLN F 115 -13.28 -42.06 -41.36
CA GLN F 115 -14.08 -41.88 -42.57
C GLN F 115 -15.54 -41.54 -42.31
N PHE F 116 -16.14 -40.82 -43.28
CA PHE F 116 -17.53 -40.38 -43.28
C PHE F 116 -18.25 -40.84 -44.54
N ALA F 117 -19.53 -41.22 -44.40
CA ALA F 117 -20.34 -41.69 -45.53
C ALA F 117 -21.76 -41.18 -45.51
N TYR F 118 -22.19 -40.64 -46.65
CA TYR F 118 -23.57 -40.21 -46.81
C TYR F 118 -24.24 -41.16 -47.75
N ASP F 119 -25.21 -41.91 -47.20
CA ASP F 119 -26.03 -42.92 -47.88
C ASP F 119 -25.20 -44.02 -48.58
N GLY F 120 -24.34 -44.66 -47.78
CA GLY F 120 -23.47 -45.77 -48.18
C GLY F 120 -22.45 -45.50 -49.27
N LYS F 121 -22.20 -44.21 -49.55
CA LYS F 121 -21.26 -43.72 -50.56
C LYS F 121 -20.15 -42.97 -49.79
N ASP F 122 -18.87 -43.14 -50.19
CA ASP F 122 -17.74 -42.47 -49.52
C ASP F 122 -17.95 -40.97 -49.59
N TYR F 123 -17.82 -40.27 -48.45
CA TYR F 123 -18.02 -38.82 -48.38
C TYR F 123 -16.74 -38.03 -48.09
N LEU F 124 -16.28 -38.03 -46.81
CA LEU F 124 -15.09 -37.30 -46.37
C LEU F 124 -14.19 -38.21 -45.58
N THR F 125 -12.92 -38.30 -46.00
CA THR F 125 -11.92 -39.15 -45.38
C THR F 125 -10.77 -38.34 -44.82
N LEU F 126 -10.18 -38.81 -43.71
CA LEU F 126 -8.98 -38.22 -43.12
C LEU F 126 -7.82 -38.74 -43.95
N ASN F 127 -6.85 -37.87 -44.26
CA ASN F 127 -5.69 -38.27 -45.07
C ASN F 127 -4.78 -39.24 -44.34
N GLU F 128 -3.92 -39.94 -45.10
CA GLU F 128 -2.98 -40.93 -44.56
C GLU F 128 -2.03 -40.30 -43.53
N ASP F 129 -1.65 -39.03 -43.77
CA ASP F 129 -0.80 -38.23 -42.89
C ASP F 129 -1.51 -37.78 -41.60
N LEU F 130 -2.86 -37.90 -41.54
CA LEU F 130 -3.73 -37.49 -40.43
C LEU F 130 -3.65 -35.94 -40.21
N ARG F 131 -3.32 -35.18 -41.27
CA ARG F 131 -3.17 -33.73 -41.19
C ARG F 131 -4.27 -32.95 -41.88
N SER F 132 -4.95 -33.56 -42.87
CA SER F 132 -6.06 -32.90 -43.58
C SER F 132 -7.20 -33.88 -43.92
N TRP F 133 -8.21 -33.39 -44.67
CA TRP F 133 -9.36 -34.20 -45.08
C TRP F 133 -9.53 -34.11 -46.58
N THR F 134 -9.96 -35.22 -47.21
CA THR F 134 -10.21 -35.24 -48.65
C THR F 134 -11.68 -35.53 -48.91
N ALA F 135 -12.28 -34.71 -49.77
CA ALA F 135 -13.66 -34.82 -50.21
C ALA F 135 -13.73 -35.83 -51.35
N VAL F 136 -14.14 -37.08 -51.04
CA VAL F 136 -14.27 -38.16 -52.00
C VAL F 136 -15.40 -37.82 -53.00
N ASP F 137 -16.51 -37.27 -52.47
CA ASP F 137 -17.67 -36.80 -53.23
C ASP F 137 -17.45 -35.32 -53.58
N THR F 138 -18.01 -34.85 -54.70
CA THR F 138 -17.88 -33.44 -55.09
C THR F 138 -18.84 -32.53 -54.30
N ALA F 139 -19.69 -33.12 -53.45
CA ALA F 139 -20.61 -32.36 -52.60
C ALA F 139 -19.96 -32.15 -51.24
N ALA F 140 -18.96 -33.01 -50.93
CA ALA F 140 -18.18 -32.94 -49.71
C ALA F 140 -17.21 -31.76 -49.72
N GLN F 141 -16.92 -31.20 -50.94
CA GLN F 141 -16.04 -30.06 -51.20
C GLN F 141 -16.17 -28.92 -50.17
N ILE F 142 -17.42 -28.49 -49.92
CA ILE F 142 -17.75 -27.42 -48.96
C ILE F 142 -17.33 -27.84 -47.55
N SER F 143 -17.63 -29.10 -47.16
CA SER F 143 -17.26 -29.67 -45.86
C SER F 143 -15.74 -29.90 -45.78
N GLU F 144 -15.05 -30.04 -46.94
CA GLU F 144 -13.61 -30.24 -47.02
C GLU F 144 -12.90 -28.97 -46.60
N GLN F 145 -13.31 -27.82 -47.18
CA GLN F 145 -12.81 -26.46 -46.91
C GLN F 145 -12.87 -26.21 -45.41
N LYS F 146 -14.10 -26.16 -44.86
CA LYS F 146 -14.40 -25.90 -43.44
C LYS F 146 -13.47 -26.63 -42.47
N SER F 147 -13.47 -27.97 -42.52
CA SER F 147 -12.69 -28.86 -41.65
C SER F 147 -11.18 -28.69 -41.75
N ASN F 148 -10.69 -28.32 -42.94
CA ASN F 148 -9.27 -28.10 -43.17
C ASN F 148 -8.84 -26.72 -42.69
N ASP F 149 -9.63 -25.69 -43.02
CA ASP F 149 -9.38 -24.30 -42.64
C ASP F 149 -9.47 -24.05 -41.14
N ALA F 150 -10.22 -24.88 -40.41
CA ALA F 150 -10.43 -24.78 -38.97
C ALA F 150 -9.60 -25.79 -38.18
N SER F 151 -8.57 -26.38 -38.82
CA SER F 151 -7.65 -27.39 -38.27
C SER F 151 -8.34 -28.51 -37.47
N GLU F 152 -9.48 -29.03 -37.99
CA GLU F 152 -10.25 -30.09 -37.36
C GLU F 152 -9.45 -31.37 -37.20
N ALA F 153 -8.68 -31.72 -38.24
CA ALA F 153 -7.81 -32.89 -38.33
C ALA F 153 -6.84 -33.04 -37.15
N GLU F 154 -6.42 -31.91 -36.54
CA GLU F 154 -5.49 -31.91 -35.42
C GLU F 154 -6.03 -32.57 -34.15
N HIS F 155 -7.36 -32.48 -33.95
CA HIS F 155 -8.09 -33.06 -32.81
C HIS F 155 -8.21 -34.57 -32.94
N GLN F 156 -8.30 -35.05 -34.19
CA GLN F 156 -8.46 -36.47 -34.53
C GLN F 156 -7.14 -37.20 -34.42
N ARG F 157 -6.07 -36.63 -35.02
CA ARG F 157 -4.69 -37.12 -34.98
C ARG F 157 -4.30 -37.35 -33.53
N ALA F 158 -4.54 -36.33 -32.66
CA ALA F 158 -4.31 -36.40 -31.22
C ALA F 158 -4.95 -37.67 -30.63
N TYR F 159 -6.24 -37.93 -30.94
CA TYR F 159 -6.97 -39.11 -30.46
C TYR F 159 -6.37 -40.40 -31.05
N LEU F 160 -6.39 -40.55 -32.39
CA LEU F 160 -5.90 -41.74 -33.10
C LEU F 160 -4.50 -42.15 -32.67
N GLU F 161 -3.56 -41.19 -32.67
CA GLU F 161 -2.18 -41.44 -32.26
C GLU F 161 -2.06 -41.63 -30.74
N ASP F 162 -2.38 -40.62 -29.92
CA ASP F 162 -2.21 -40.74 -28.47
C ASP F 162 -3.32 -41.51 -27.72
N THR F 163 -4.53 -40.95 -27.60
CA THR F 163 -5.64 -41.45 -26.77
C THR F 163 -6.17 -42.86 -27.16
N CYS F 164 -6.39 -43.12 -28.45
CA CYS F 164 -6.91 -44.41 -28.93
C CYS F 164 -5.99 -45.57 -28.53
N VAL F 165 -4.68 -45.43 -28.83
CA VAL F 165 -3.60 -46.38 -28.55
C VAL F 165 -3.46 -46.58 -27.02
N GLU F 166 -3.47 -45.48 -26.26
CA GLU F 166 -3.37 -45.48 -24.80
C GLU F 166 -4.50 -46.30 -24.19
N TRP F 167 -5.74 -46.08 -24.68
CA TRP F 167 -6.92 -46.78 -24.21
C TRP F 167 -7.06 -48.18 -24.77
N LEU F 168 -6.41 -48.49 -25.91
CA LEU F 168 -6.42 -49.84 -26.51
C LEU F 168 -5.76 -50.79 -25.51
N HIS F 169 -4.52 -50.43 -25.07
CA HIS F 169 -3.72 -51.13 -24.07
C HIS F 169 -4.49 -51.24 -22.76
N LYS F 170 -5.10 -50.12 -22.30
CA LYS F 170 -5.88 -50.03 -21.06
C LYS F 170 -6.96 -51.11 -20.95
N TYR F 171 -7.67 -51.40 -22.07
CA TYR F 171 -8.72 -52.43 -22.16
C TYR F 171 -8.11 -53.83 -22.26
N LEU F 172 -6.97 -53.94 -22.99
CA LEU F 172 -6.24 -55.19 -23.20
C LEU F 172 -5.75 -55.85 -21.92
N GLU F 173 -5.62 -55.08 -20.82
CA GLU F 173 -5.21 -55.58 -19.52
C GLU F 173 -6.45 -56.00 -18.70
N LYS F 174 -7.61 -55.37 -18.97
CA LYS F 174 -8.86 -55.68 -18.29
C LYS F 174 -9.53 -56.96 -18.81
N GLY F 175 -9.22 -57.33 -20.05
CA GLY F 175 -9.75 -58.54 -20.68
C GLY F 175 -8.69 -59.36 -21.40
N LYS F 176 -7.45 -59.37 -20.86
CA LYS F 176 -6.28 -60.09 -21.42
C LYS F 176 -6.54 -61.57 -21.67
N GLU F 177 -7.08 -62.25 -20.64
CA GLU F 177 -7.44 -63.68 -20.61
C GLU F 177 -8.48 -64.01 -21.68
N THR F 178 -9.30 -63.01 -22.06
CA THR F 178 -10.36 -63.15 -23.06
C THR F 178 -9.88 -62.85 -24.50
N LEU F 179 -9.20 -61.69 -24.68
CA LEU F 179 -8.82 -61.11 -25.97
C LEU F 179 -7.58 -61.71 -26.67
N LEU F 180 -6.42 -61.87 -25.99
CA LEU F 180 -5.27 -62.48 -26.69
C LEU F 180 -5.34 -64.02 -26.64
N HIS F 181 -5.99 -64.59 -25.60
CA HIS F 181 -6.16 -66.04 -25.50
C HIS F 181 -6.84 -66.53 -26.76
N LEU F 182 -6.14 -67.38 -27.50
CA LEU F 182 -6.62 -67.91 -28.76
C LEU F 182 -7.45 -69.17 -28.60
N GLU F 183 -8.46 -69.29 -29.47
CA GLU F 183 -9.35 -70.44 -29.55
C GLU F 183 -9.26 -70.99 -30.97
N PRO F 184 -8.85 -72.27 -31.13
CA PRO F 184 -8.63 -72.81 -32.48
C PRO F 184 -9.88 -73.37 -33.17
N PRO F 185 -9.91 -73.37 -34.53
CA PRO F 185 -11.10 -73.90 -35.24
C PRO F 185 -11.33 -75.41 -35.11
N LYS F 186 -12.46 -75.77 -34.50
CA LYS F 186 -12.91 -77.16 -34.29
C LYS F 186 -13.48 -77.67 -35.61
N THR F 187 -12.56 -78.01 -36.52
CA THR F 187 -12.79 -78.49 -37.88
C THR F 187 -13.36 -79.90 -37.97
N HIS F 188 -14.01 -80.20 -39.11
CA HIS F 188 -14.56 -81.48 -39.57
C HIS F 188 -15.09 -81.34 -41.01
N VAL F 189 -14.90 -82.38 -41.83
CA VAL F 189 -15.38 -82.39 -43.21
C VAL F 189 -16.64 -83.25 -43.27
N THR F 190 -17.66 -82.81 -44.02
CA THR F 190 -18.95 -83.49 -44.14
C THR F 190 -19.29 -83.82 -45.60
N HIS F 191 -19.81 -85.04 -45.86
CA HIS F 191 -20.17 -85.55 -47.20
C HIS F 191 -21.63 -85.27 -47.57
N HIS F 192 -21.84 -84.54 -48.67
CA HIS F 192 -23.17 -84.17 -49.19
C HIS F 192 -23.28 -84.52 -50.70
N PRO F 193 -23.72 -85.75 -51.07
CA PRO F 193 -23.81 -86.08 -52.50
C PRO F 193 -25.06 -85.56 -53.21
N ILE F 194 -25.02 -85.56 -54.56
CA ILE F 194 -26.11 -85.11 -55.43
C ILE F 194 -26.70 -86.32 -56.18
N SER F 195 -25.83 -87.17 -56.76
CA SER F 195 -26.18 -88.39 -57.50
C SER F 195 -25.02 -89.41 -57.40
N ASP F 196 -25.05 -90.49 -58.22
CA ASP F 196 -23.98 -91.51 -58.26
C ASP F 196 -22.74 -91.00 -59.05
N HIS F 197 -22.79 -89.72 -59.48
CA HIS F 197 -21.79 -88.98 -60.25
C HIS F 197 -21.03 -88.02 -59.41
N GLU F 198 -21.81 -87.14 -58.77
CA GLU F 198 -21.34 -85.98 -58.04
C GLU F 198 -21.60 -86.07 -56.56
N ALA F 199 -20.72 -85.42 -55.82
CA ALA F 199 -20.73 -85.30 -54.37
C ALA F 199 -20.19 -83.91 -54.03
N THR F 200 -20.56 -83.36 -52.87
CA THR F 200 -20.10 -82.04 -52.43
C THR F 200 -19.55 -82.13 -51.01
N LEU F 201 -18.27 -81.78 -50.83
CA LEU F 201 -17.61 -81.82 -49.53
C LEU F 201 -17.37 -80.43 -48.97
N ARG F 202 -17.84 -80.20 -47.73
CA ARG F 202 -17.71 -78.91 -47.04
C ARG F 202 -16.72 -78.99 -45.87
N CYS F 203 -15.65 -78.18 -45.92
CA CYS F 203 -14.68 -78.14 -44.83
C CYS F 203 -15.12 -77.09 -43.82
N TRP F 204 -15.41 -77.54 -42.60
CA TRP F 204 -15.91 -76.69 -41.51
C TRP F 204 -14.81 -76.18 -40.60
N ALA F 205 -15.15 -75.19 -39.75
CA ALA F 205 -14.32 -74.53 -38.75
C ALA F 205 -15.27 -73.83 -37.77
N LEU F 206 -15.31 -74.30 -36.51
CA LEU F 206 -16.21 -73.77 -35.49
C LEU F 206 -15.50 -73.40 -34.20
N GLY F 207 -16.11 -72.53 -33.41
CA GLY F 207 -15.59 -72.09 -32.12
C GLY F 207 -14.18 -71.51 -32.17
N PHE F 208 -13.91 -70.64 -33.16
CA PHE F 208 -12.60 -70.02 -33.30
C PHE F 208 -12.63 -68.52 -33.02
N TYR F 209 -11.46 -67.97 -32.67
CA TYR F 209 -11.25 -66.54 -32.35
C TYR F 209 -9.79 -66.17 -32.66
N PRO F 210 -9.49 -65.13 -33.49
CA PRO F 210 -10.40 -64.18 -34.15
C PRO F 210 -10.92 -64.60 -35.53
N ALA F 211 -11.80 -63.74 -36.10
CA ALA F 211 -12.50 -63.89 -37.38
C ALA F 211 -11.64 -64.19 -38.62
N GLU F 212 -10.34 -63.83 -38.61
CA GLU F 212 -9.47 -64.12 -39.76
C GLU F 212 -9.16 -65.61 -39.84
N ILE F 213 -9.49 -66.22 -41.00
CA ILE F 213 -9.30 -67.64 -41.28
C ILE F 213 -9.19 -67.87 -42.79
N THR F 214 -8.49 -68.94 -43.18
CA THR F 214 -8.34 -69.31 -44.60
C THR F 214 -8.64 -70.79 -44.78
N LEU F 215 -9.58 -71.09 -45.69
CA LEU F 215 -10.00 -72.43 -46.05
C LEU F 215 -9.94 -72.54 -47.57
N THR F 216 -9.14 -73.50 -48.09
CA THR F 216 -9.00 -73.71 -49.54
C THR F 216 -8.74 -75.19 -49.90
N TRP F 217 -9.39 -75.65 -51.00
CA TRP F 217 -9.29 -77.01 -51.52
C TRP F 217 -8.22 -77.10 -52.60
N GLN F 218 -7.43 -78.19 -52.57
CA GLN F 218 -6.35 -78.43 -53.50
C GLN F 218 -6.57 -79.66 -54.40
N GLN F 219 -6.36 -79.48 -55.73
CA GLN F 219 -6.49 -80.47 -56.81
C GLN F 219 -7.94 -80.92 -57.04
N GLY F 223 -3.42 -77.27 -56.75
CA GLY F 223 -4.53 -76.45 -56.29
C GLY F 223 -5.71 -76.46 -57.23
N HIS F 224 -6.94 -76.38 -56.67
CA HIS F 224 -8.17 -76.35 -57.47
C HIS F 224 -8.96 -75.06 -57.31
N THR F 225 -9.26 -74.42 -58.46
CA THR F 225 -9.99 -73.16 -58.59
C THR F 225 -11.24 -73.28 -59.48
N GLN F 226 -11.38 -74.42 -60.21
CA GLN F 226 -12.50 -74.66 -61.13
C GLN F 226 -13.82 -74.95 -60.42
N ASP F 227 -14.61 -73.87 -60.20
CA ASP F 227 -15.94 -73.82 -59.58
C ASP F 227 -15.99 -74.38 -58.14
N THR F 228 -15.68 -73.52 -57.17
CA THR F 228 -15.66 -73.79 -55.73
C THR F 228 -16.74 -72.91 -55.05
N GLU F 229 -17.30 -73.37 -53.91
CA GLU F 229 -18.29 -72.61 -53.13
C GLU F 229 -17.71 -72.23 -51.77
N LEU F 230 -17.94 -70.98 -51.32
CA LEU F 230 -17.45 -70.47 -50.04
C LEU F 230 -18.42 -69.45 -49.43
N VAL F 231 -18.50 -69.41 -48.09
CA VAL F 231 -19.40 -68.50 -47.37
C VAL F 231 -18.64 -67.50 -46.50
N GLU F 232 -19.29 -66.37 -46.19
CA GLU F 232 -18.76 -65.29 -45.35
C GLU F 232 -18.67 -65.72 -43.90
N THR F 233 -17.61 -65.27 -43.18
CA THR F 233 -17.36 -65.58 -41.78
C THR F 233 -18.50 -65.00 -40.91
N ARG F 234 -19.30 -65.91 -40.37
CA ARG F 234 -20.49 -65.65 -39.56
C ARG F 234 -20.24 -65.79 -38.04
N PRO F 235 -20.87 -64.98 -37.16
CA PRO F 235 -20.61 -65.10 -35.71
C PRO F 235 -21.34 -66.27 -35.04
N ALA F 236 -20.80 -66.75 -33.91
CA ALA F 236 -21.42 -67.84 -33.17
C ALA F 236 -22.48 -67.33 -32.19
N GLY F 237 -22.15 -66.29 -31.42
CA GLY F 237 -23.06 -65.70 -30.45
C GLY F 237 -22.58 -65.75 -29.01
N ASP F 238 -21.50 -66.51 -28.77
CA ASP F 238 -20.85 -66.67 -27.45
C ASP F 238 -19.46 -66.01 -27.46
N GLY F 239 -19.12 -65.42 -28.61
CA GLY F 239 -17.85 -64.73 -28.84
C GLY F 239 -17.00 -65.33 -29.94
N THR F 240 -17.29 -66.59 -30.34
CA THR F 240 -16.52 -67.30 -31.37
C THR F 240 -17.10 -67.11 -32.79
N PHE F 241 -16.46 -67.73 -33.80
CA PHE F 241 -16.84 -67.58 -35.21
C PHE F 241 -16.97 -68.91 -35.97
N GLN F 242 -17.59 -68.89 -37.17
CA GLN F 242 -17.84 -70.04 -38.06
C GLN F 242 -17.62 -69.64 -39.53
N LYS F 243 -17.31 -70.65 -40.40
CA LYS F 243 -17.11 -70.50 -41.85
C LYS F 243 -16.86 -71.87 -42.52
N TRP F 244 -17.40 -72.07 -43.74
CA TRP F 244 -17.17 -73.32 -44.47
C TRP F 244 -16.82 -73.09 -45.96
N ALA F 245 -16.21 -74.12 -46.59
CA ALA F 245 -15.81 -74.10 -48.00
C ALA F 245 -16.17 -75.44 -48.66
N ALA F 246 -17.03 -75.37 -49.70
CA ALA F 246 -17.56 -76.49 -50.48
C ALA F 246 -16.94 -76.66 -51.85
N VAL F 247 -16.91 -77.90 -52.37
CA VAL F 247 -16.38 -78.25 -53.68
C VAL F 247 -17.08 -79.51 -54.26
N VAL F 248 -17.33 -79.52 -55.58
CA VAL F 248 -17.94 -80.63 -56.30
C VAL F 248 -16.86 -81.67 -56.63
N VAL F 249 -17.06 -82.90 -56.14
CA VAL F 249 -16.16 -84.05 -56.30
C VAL F 249 -16.91 -85.20 -57.01
N PRO F 250 -16.30 -85.89 -58.01
CA PRO F 250 -17.01 -87.01 -58.65
C PRO F 250 -17.10 -88.20 -57.70
N SER F 251 -18.35 -88.66 -57.40
CA SER F 251 -18.67 -89.77 -56.51
C SER F 251 -17.82 -91.00 -56.79
N GLY F 252 -16.77 -91.15 -55.98
CA GLY F 252 -15.81 -92.24 -56.07
C GLY F 252 -14.38 -91.82 -55.76
N GLU F 253 -13.96 -90.64 -56.24
CA GLU F 253 -12.58 -90.14 -56.06
C GLU F 253 -12.51 -88.88 -55.15
N GLU F 254 -12.95 -89.04 -53.87
CA GLU F 254 -12.98 -88.01 -52.83
C GLU F 254 -11.63 -87.75 -52.18
N GLN F 255 -10.85 -88.82 -51.94
CA GLN F 255 -9.53 -88.78 -51.31
C GLN F 255 -8.52 -87.93 -52.10
N ARG F 256 -8.77 -87.76 -53.42
CA ARG F 256 -7.96 -86.98 -54.36
C ARG F 256 -8.00 -85.45 -54.08
N TYR F 257 -8.95 -84.99 -53.24
CA TYR F 257 -9.13 -83.59 -52.85
C TYR F 257 -8.80 -83.40 -51.36
N THR F 258 -8.06 -82.32 -51.03
CA THR F 258 -7.60 -82.03 -49.65
C THR F 258 -7.98 -80.65 -49.11
N CYS F 259 -8.28 -80.57 -47.79
CA CYS F 259 -8.62 -79.31 -47.09
C CYS F 259 -7.39 -78.71 -46.41
N HIS F 260 -7.34 -77.37 -46.27
CA HIS F 260 -6.24 -76.63 -45.64
C HIS F 260 -6.76 -75.46 -44.75
N VAL F 261 -6.49 -75.51 -43.41
CA VAL F 261 -6.97 -74.55 -42.40
C VAL F 261 -5.85 -73.66 -41.78
N GLN F 262 -5.91 -72.33 -42.00
CA GLN F 262 -4.96 -71.33 -41.49
C GLN F 262 -5.60 -70.45 -40.40
N HIS F 263 -5.02 -70.43 -39.20
CA HIS F 263 -5.49 -69.65 -38.04
C HIS F 263 -4.38 -69.49 -36.97
N GLU F 264 -4.46 -68.40 -36.17
CA GLU F 264 -3.52 -68.06 -35.10
C GLU F 264 -3.65 -68.96 -33.85
N GLY F 265 -4.82 -69.57 -33.68
CA GLY F 265 -5.11 -70.49 -32.57
C GLY F 265 -4.34 -71.79 -32.68
N LEU F 266 -4.27 -72.36 -33.91
CA LEU F 266 -3.55 -73.59 -34.24
C LEU F 266 -2.08 -73.29 -34.52
N PRO F 267 -1.12 -74.08 -33.97
CA PRO F 267 0.29 -73.81 -34.27
C PRO F 267 0.65 -74.02 -35.75
N GLU F 268 0.54 -75.27 -36.24
CA GLU F 268 0.85 -75.64 -37.63
C GLU F 268 -0.38 -75.61 -38.54
N PRO F 269 -0.22 -75.38 -39.88
CA PRO F 269 -1.38 -75.40 -40.78
C PRO F 269 -1.96 -76.81 -40.87
N VAL F 270 -3.20 -76.99 -40.38
CA VAL F 270 -3.87 -78.29 -40.34
C VAL F 270 -4.50 -78.65 -41.68
N THR F 271 -4.24 -79.88 -42.15
CA THR F 271 -4.76 -80.48 -43.39
C THR F 271 -5.87 -81.48 -43.01
N LEU F 272 -6.97 -81.51 -43.79
CA LEU F 272 -8.11 -82.37 -43.52
C LEU F 272 -8.63 -83.19 -44.70
N ARG F 273 -9.32 -84.31 -44.38
CA ARG F 273 -9.97 -85.26 -45.30
C ARG F 273 -11.19 -85.88 -44.61
N TRP F 274 -12.19 -86.34 -45.39
CA TRP F 274 -13.44 -86.93 -44.89
C TRP F 274 -13.29 -88.39 -44.44
N LYS F 275 -13.92 -88.73 -43.29
CA LYS F 275 -13.92 -90.06 -42.67
C LYS F 275 -15.17 -90.91 -43.03
N PRO F 276 -15.04 -91.95 -43.90
CA PRO F 276 -16.21 -92.78 -44.24
C PRO F 276 -16.63 -93.70 -43.08
N MET G 1 -29.05 -42.82 -54.31
CA MET G 1 -28.82 -43.49 -53.04
C MET G 1 -28.41 -44.96 -53.24
N ILE G 2 -27.41 -45.43 -52.48
CA ILE G 2 -26.92 -46.82 -52.54
C ILE G 2 -27.88 -47.77 -51.84
N GLN G 3 -28.35 -48.80 -52.57
CA GLN G 3 -29.27 -49.83 -52.09
C GLN G 3 -28.55 -51.18 -52.13
N ARG G 4 -28.21 -51.74 -50.97
CA ARG G 4 -27.52 -53.03 -50.96
C ARG G 4 -28.39 -54.14 -50.38
N THR G 5 -28.44 -55.27 -51.09
CA THR G 5 -29.27 -56.43 -50.75
C THR G 5 -28.59 -57.34 -49.70
N PRO G 6 -29.36 -57.82 -48.70
CA PRO G 6 -28.75 -58.64 -47.63
C PRO G 6 -28.17 -60.00 -48.04
N LYS G 7 -27.40 -60.58 -47.12
CA LYS G 7 -26.77 -61.88 -47.22
C LYS G 7 -27.15 -62.61 -45.94
N ILE G 8 -28.24 -63.39 -46.03
CA ILE G 8 -28.84 -64.14 -44.93
C ILE G 8 -28.20 -65.50 -44.73
N GLN G 9 -28.00 -65.89 -43.46
CA GLN G 9 -27.46 -67.18 -43.06
C GLN G 9 -28.15 -67.65 -41.79
N VAL G 10 -28.76 -68.86 -41.85
CA VAL G 10 -29.43 -69.50 -40.71
C VAL G 10 -28.61 -70.71 -40.30
N TYR G 11 -28.19 -70.74 -39.03
CA TYR G 11 -27.34 -71.80 -38.48
C TYR G 11 -27.47 -71.94 -36.97
N SER G 12 -26.76 -72.94 -36.42
CA SER G 12 -26.72 -73.28 -35.01
C SER G 12 -25.44 -72.76 -34.37
N ARG G 13 -25.46 -72.53 -33.04
CA ARG G 13 -24.28 -72.09 -32.29
C ARG G 13 -23.31 -73.28 -32.13
N HIS G 14 -23.81 -74.37 -31.54
CA HIS G 14 -23.06 -75.61 -31.30
C HIS G 14 -23.56 -76.69 -32.27
N PRO G 15 -22.89 -77.89 -32.39
CA PRO G 15 -23.39 -78.90 -33.34
C PRO G 15 -24.84 -79.30 -33.09
N ALA G 16 -25.63 -79.39 -34.19
CA ALA G 16 -27.04 -79.72 -34.16
C ALA G 16 -27.29 -81.18 -33.74
N GLU G 17 -27.99 -81.35 -32.60
CA GLU G 17 -28.36 -82.64 -32.03
C GLU G 17 -29.75 -82.54 -31.41
N ASN G 18 -30.68 -83.42 -31.85
CA ASN G 18 -32.08 -83.47 -31.42
C ASN G 18 -32.25 -83.64 -29.91
N GLY G 19 -33.08 -82.79 -29.31
CA GLY G 19 -33.37 -82.77 -27.88
C GLY G 19 -32.35 -82.03 -27.04
N LYS G 20 -31.18 -81.74 -27.63
CA LYS G 20 -30.03 -81.04 -27.01
C LYS G 20 -30.12 -79.53 -27.28
N SER G 21 -30.48 -78.73 -26.23
CA SER G 21 -30.66 -77.27 -26.25
C SER G 21 -29.48 -76.49 -26.84
N ASN G 22 -29.76 -75.63 -27.84
CA ASN G 22 -28.78 -74.79 -28.55
C ASN G 22 -29.31 -73.37 -28.80
N PHE G 23 -28.76 -72.67 -29.82
CA PHE G 23 -29.13 -71.31 -30.23
C PHE G 23 -29.19 -71.20 -31.75
N LEU G 24 -30.32 -70.69 -32.25
CA LEU G 24 -30.55 -70.48 -33.68
C LEU G 24 -30.11 -69.07 -34.07
N ASN G 25 -29.48 -68.93 -35.25
CA ASN G 25 -28.99 -67.64 -35.71
C ASN G 25 -29.41 -67.28 -37.13
N CYS G 26 -30.00 -66.09 -37.30
CA CYS G 26 -30.36 -65.50 -38.59
C CYS G 26 -29.42 -64.30 -38.69
N TYR G 27 -28.46 -64.38 -39.62
CA TYR G 27 -27.42 -63.34 -39.78
C TYR G 27 -27.49 -62.66 -41.14
N VAL G 28 -27.96 -61.41 -41.12
CA VAL G 28 -28.11 -60.51 -42.25
C VAL G 28 -26.86 -59.63 -42.37
N SER G 29 -26.33 -59.45 -43.58
CA SER G 29 -25.12 -58.64 -43.81
C SER G 29 -25.04 -58.10 -45.24
N GLY G 30 -24.24 -57.05 -45.41
CA GLY G 30 -24.01 -56.43 -46.70
C GLY G 30 -25.20 -55.66 -47.25
N PHE G 31 -26.06 -55.16 -46.35
CA PHE G 31 -27.27 -54.42 -46.71
C PHE G 31 -27.21 -52.93 -46.38
N HIS G 32 -27.90 -52.11 -47.19
CA HIS G 32 -28.01 -50.67 -47.02
C HIS G 32 -29.34 -50.20 -47.63
N PRO G 33 -30.23 -49.49 -46.88
CA PRO G 33 -30.11 -48.91 -45.52
C PRO G 33 -30.21 -49.85 -44.31
N SER G 34 -30.32 -49.22 -43.11
CA SER G 34 -30.42 -49.82 -41.78
C SER G 34 -31.78 -50.49 -41.52
N ASP G 35 -32.83 -49.96 -42.15
CA ASP G 35 -34.18 -50.45 -41.95
C ASP G 35 -34.36 -51.84 -42.58
N ILE G 36 -34.54 -52.83 -41.70
CA ILE G 36 -34.69 -54.25 -42.03
C ILE G 36 -35.69 -54.90 -41.05
N GLU G 37 -36.38 -55.95 -41.52
CA GLU G 37 -37.35 -56.70 -40.70
C GLU G 37 -36.92 -58.17 -40.65
N VAL G 38 -36.69 -58.68 -39.44
CA VAL G 38 -36.27 -60.07 -39.24
C VAL G 38 -37.13 -60.73 -38.16
N ASP G 39 -37.71 -61.89 -38.52
CA ASP G 39 -38.53 -62.74 -37.67
C ASP G 39 -38.03 -64.18 -37.82
N LEU G 40 -37.87 -64.90 -36.71
CA LEU G 40 -37.44 -66.30 -36.70
C LEU G 40 -38.68 -67.17 -36.55
N LEU G 41 -38.76 -68.27 -37.33
CA LEU G 41 -39.93 -69.13 -37.36
C LEU G 41 -39.72 -70.59 -36.98
N LYS G 42 -40.61 -71.09 -36.10
CA LYS G 42 -40.70 -72.47 -35.65
C LYS G 42 -41.94 -73.03 -36.34
N ASN G 43 -41.75 -73.69 -37.50
CA ASN G 43 -42.79 -74.28 -38.34
C ASN G 43 -43.80 -73.24 -38.86
N GLY G 44 -43.27 -72.07 -39.26
CA GLY G 44 -44.06 -70.96 -39.77
C GLY G 44 -44.58 -69.98 -38.73
N GLU G 45 -44.45 -70.32 -37.44
CA GLU G 45 -44.89 -69.45 -36.36
C GLU G 45 -43.74 -68.68 -35.72
N ARG G 46 -43.84 -67.34 -35.74
CA ARG G 46 -42.86 -66.39 -35.25
C ARG G 46 -42.62 -66.47 -33.74
N ILE G 47 -41.35 -66.66 -33.37
CA ILE G 47 -40.87 -66.72 -31.98
C ILE G 47 -40.70 -65.26 -31.52
N GLU G 48 -41.36 -64.87 -30.41
CA GLU G 48 -41.25 -63.50 -29.88
C GLU G 48 -40.07 -63.34 -28.90
N LYS G 49 -39.51 -64.47 -28.45
CA LYS G 49 -38.36 -64.62 -27.56
C LYS G 49 -37.05 -64.14 -28.26
N VAL G 50 -37.19 -63.47 -29.43
CA VAL G 50 -36.10 -62.98 -30.28
C VAL G 50 -35.33 -61.79 -29.65
N GLU G 51 -33.98 -61.84 -29.79
CA GLU G 51 -32.99 -60.86 -29.37
C GLU G 51 -32.10 -60.56 -30.57
N HIS G 52 -31.42 -59.40 -30.57
CA HIS G 52 -30.53 -59.02 -31.67
C HIS G 52 -29.36 -58.14 -31.24
N SER G 53 -28.29 -58.13 -32.08
CA SER G 53 -27.05 -57.38 -31.89
C SER G 53 -27.28 -55.86 -32.04
N ASP G 54 -26.25 -55.06 -31.68
CA ASP G 54 -26.29 -53.61 -31.84
C ASP G 54 -25.81 -53.31 -33.25
N LEU G 55 -26.58 -52.48 -33.99
CA LEU G 55 -26.30 -52.12 -35.38
C LEU G 55 -24.86 -51.70 -35.62
N SER G 56 -24.24 -52.27 -36.66
CA SER G 56 -22.85 -52.00 -37.03
C SER G 56 -22.68 -52.21 -38.52
N PHE G 57 -21.54 -51.82 -39.07
CA PHE G 57 -21.25 -51.97 -40.49
C PHE G 57 -19.80 -52.41 -40.73
N SER G 58 -19.49 -52.70 -41.99
CA SER G 58 -18.15 -53.08 -42.44
C SER G 58 -17.55 -51.87 -43.16
N LYS G 59 -16.28 -51.94 -43.59
CA LYS G 59 -15.60 -50.82 -44.25
C LYS G 59 -16.22 -50.42 -45.60
N ASP G 60 -17.15 -51.24 -46.15
CA ASP G 60 -17.84 -50.91 -47.39
C ASP G 60 -19.13 -50.10 -47.12
N TRP G 61 -19.40 -49.82 -45.82
CA TRP G 61 -20.52 -49.07 -45.22
C TRP G 61 -21.79 -49.90 -45.05
N SER G 62 -21.75 -51.15 -45.55
CA SER G 62 -22.83 -52.14 -45.50
C SER G 62 -23.04 -52.65 -44.08
N PHE G 63 -24.28 -52.57 -43.58
CA PHE G 63 -24.67 -52.97 -42.23
C PHE G 63 -24.66 -54.47 -41.99
N TYR G 64 -24.70 -54.87 -40.71
CA TYR G 64 -24.74 -56.26 -40.30
C TYR G 64 -25.42 -56.43 -38.95
N LEU G 65 -26.27 -57.45 -38.84
CA LEU G 65 -27.00 -57.78 -37.63
C LEU G 65 -27.07 -59.28 -37.42
N LEU G 66 -27.31 -59.70 -36.17
CA LEU G 66 -27.52 -61.10 -35.82
C LEU G 66 -28.71 -61.24 -34.89
N TYR G 67 -29.80 -61.81 -35.42
CA TYR G 67 -31.01 -62.11 -34.67
C TYR G 67 -30.85 -63.56 -34.23
N TYR G 68 -31.03 -63.80 -32.92
CA TYR G 68 -30.84 -65.11 -32.30
C TYR G 68 -31.89 -65.40 -31.23
N THR G 69 -32.16 -66.70 -30.98
CA THR G 69 -33.11 -67.17 -29.96
C THR G 69 -32.71 -68.56 -29.41
N GLU G 70 -32.96 -68.79 -28.10
CA GLU G 70 -32.68 -70.07 -27.44
C GLU G 70 -33.79 -71.05 -27.82
N PHE G 71 -33.40 -72.27 -28.23
CA PHE G 71 -34.33 -73.31 -28.66
C PHE G 71 -33.79 -74.73 -28.42
N THR G 72 -34.71 -75.68 -28.25
CA THR G 72 -34.37 -77.09 -28.09
C THR G 72 -34.79 -77.73 -29.44
N PRO G 73 -33.82 -78.04 -30.33
CA PRO G 73 -34.18 -78.56 -31.66
C PRO G 73 -34.58 -80.03 -31.67
N THR G 74 -35.56 -80.38 -32.51
CA THR G 74 -36.05 -81.76 -32.67
C THR G 74 -35.97 -82.12 -34.16
N GLU G 75 -36.07 -83.43 -34.48
CA GLU G 75 -36.05 -83.94 -35.86
C GLU G 75 -37.35 -83.58 -36.59
N LYS G 76 -38.44 -83.36 -35.81
CA LYS G 76 -39.79 -83.02 -36.30
C LYS G 76 -39.96 -81.54 -36.63
N ASP G 77 -39.61 -80.62 -35.69
CA ASP G 77 -39.71 -79.17 -35.87
C ASP G 77 -38.73 -78.68 -36.94
N GLU G 78 -39.23 -77.93 -37.93
CA GLU G 78 -38.44 -77.35 -39.02
C GLU G 78 -38.35 -75.83 -38.85
N TYR G 79 -37.12 -75.29 -38.87
CA TYR G 79 -36.86 -73.87 -38.62
C TYR G 79 -36.47 -73.08 -39.88
N ALA G 80 -36.60 -71.73 -39.83
CA ALA G 80 -36.31 -70.74 -40.89
C ALA G 80 -36.48 -69.30 -40.38
N CYS G 81 -35.97 -68.27 -41.11
CA CYS G 81 -36.18 -66.87 -40.74
C CYS G 81 -36.70 -66.02 -41.93
N ARG G 82 -37.73 -65.18 -41.68
N ARG G 82 -37.72 -65.18 -41.68
CA ARG G 82 -38.34 -64.29 -42.67
CA ARG G 82 -38.36 -64.28 -42.65
C ARG G 82 -37.63 -62.95 -42.62
C ARG G 82 -37.63 -62.94 -42.62
N VAL G 83 -36.99 -62.55 -43.74
CA VAL G 83 -36.24 -61.31 -43.83
C VAL G 83 -36.83 -60.36 -44.88
N ASN G 84 -37.10 -59.09 -44.48
CA ASN G 84 -37.64 -58.06 -45.37
C ASN G 84 -36.76 -56.81 -45.42
N HIS G 85 -36.60 -56.25 -46.63
CA HIS G 85 -35.78 -55.08 -46.95
C HIS G 85 -36.35 -54.39 -48.22
N VAL G 86 -35.84 -53.19 -48.58
CA VAL G 86 -36.29 -52.43 -49.74
C VAL G 86 -35.79 -53.05 -51.06
N THR G 87 -34.63 -53.73 -51.02
CA THR G 87 -34.02 -54.40 -52.17
C THR G 87 -34.77 -55.70 -52.53
N LEU G 88 -35.51 -56.25 -51.55
CA LEU G 88 -36.28 -57.50 -51.66
C LEU G 88 -37.69 -57.29 -52.23
N SER G 89 -37.94 -57.93 -53.38
CA SER G 89 -39.22 -57.92 -54.11
C SER G 89 -40.28 -58.69 -53.31
N GLN G 90 -39.88 -59.89 -52.86
CA GLN G 90 -40.69 -60.82 -52.08
C GLN G 90 -39.99 -61.01 -50.74
N PRO G 91 -40.71 -60.99 -49.59
CA PRO G 91 -40.05 -61.17 -48.29
C PRO G 91 -39.39 -62.55 -48.18
N LYS G 92 -38.10 -62.65 -48.54
CA LYS G 92 -37.32 -63.89 -48.57
C LYS G 92 -37.27 -64.62 -47.23
N ILE G 93 -37.33 -65.95 -47.32
CA ILE G 93 -37.29 -66.91 -46.23
C ILE G 93 -36.26 -68.00 -46.58
N VAL G 94 -35.44 -68.41 -45.61
CA VAL G 94 -34.44 -69.47 -45.82
C VAL G 94 -34.49 -70.47 -44.69
N LYS G 95 -34.71 -71.75 -45.05
CA LYS G 95 -34.82 -72.88 -44.12
C LYS G 95 -33.53 -73.19 -43.39
N TRP G 96 -33.62 -73.52 -42.09
CA TRP G 96 -32.47 -73.90 -41.29
C TRP G 96 -32.04 -75.32 -41.62
N ASP G 97 -31.05 -75.43 -42.51
CA ASP G 97 -30.47 -76.69 -42.92
C ASP G 97 -29.39 -77.00 -41.88
N ARG G 98 -29.52 -78.13 -41.15
CA ARG G 98 -28.56 -78.51 -40.12
C ARG G 98 -27.20 -78.92 -40.71
N ASP G 99 -27.17 -79.20 -42.03
CA ASP G 99 -25.98 -79.55 -42.80
C ASP G 99 -25.48 -78.33 -43.60
N MET G 100 -25.77 -77.10 -43.09
CA MET G 100 -25.38 -75.83 -43.71
C MET G 100 -25.15 -74.72 -42.68
N VAL H 1 -11.63 -45.51 -25.40
CA VAL H 1 -12.69 -44.51 -25.51
C VAL H 1 -12.91 -44.11 -26.97
N MET H 2 -14.04 -43.42 -27.28
CA MET H 2 -14.34 -42.97 -28.64
C MET H 2 -13.79 -41.58 -28.87
N ALA H 3 -13.73 -41.13 -30.16
CA ALA H 3 -13.29 -39.79 -30.53
C ALA H 3 -14.06 -38.76 -29.69
N PRO H 4 -13.37 -37.94 -28.87
CA PRO H 4 -14.08 -37.01 -27.97
C PRO H 4 -14.73 -35.83 -28.68
N ARG H 5 -14.55 -35.77 -30.02
CA ARG H 5 -15.05 -34.73 -30.90
C ARG H 5 -15.21 -35.26 -32.33
N THR H 6 -16.25 -34.75 -33.05
CA THR H 6 -16.54 -35.09 -34.44
C THR H 6 -16.38 -33.83 -35.33
N LEU H 7 -16.84 -33.91 -36.59
CA LEU H 7 -16.82 -32.78 -37.51
C LEU H 7 -18.22 -32.19 -37.65
N VAL H 8 -18.29 -30.86 -37.86
CA VAL H 8 -19.53 -30.15 -38.17
C VAL H 8 -19.40 -29.88 -39.66
N LEU H 9 -19.94 -30.79 -40.48
CA LEU H 9 -19.88 -30.67 -41.93
C LEU H 9 -20.88 -29.63 -42.41
N GLN I 2 -8.59 -27.69 -18.96
CA GLN I 2 -8.29 -26.49 -19.75
C GLN I 2 -8.62 -25.24 -18.98
N GLN I 3 -7.61 -24.40 -18.84
CA GLN I 3 -7.67 -23.15 -18.10
C GLN I 3 -6.59 -22.22 -18.70
N LEU I 4 -7.05 -21.13 -19.34
CA LEU I 4 -6.16 -20.14 -19.97
C LEU I 4 -5.82 -19.09 -18.95
N ASN I 5 -4.55 -18.66 -18.94
CA ASN I 5 -4.01 -17.68 -18.01
C ASN I 5 -3.45 -16.45 -18.69
N GLN I 6 -3.94 -15.27 -18.30
CA GLN I 6 -3.50 -14.00 -18.88
C GLN I 6 -2.72 -13.14 -17.88
N SER I 7 -1.41 -12.99 -18.15
CA SER I 7 -0.46 -12.15 -17.41
C SER I 7 -0.10 -11.00 -18.37
N PRO I 8 0.17 -9.75 -17.92
CA PRO I 8 0.27 -9.26 -16.54
C PRO I 8 -1.06 -8.92 -15.87
N GLN I 9 -2.21 -9.14 -16.57
CA GLN I 9 -3.58 -8.96 -16.05
C GLN I 9 -4.08 -7.51 -15.99
N SER I 10 -3.16 -6.54 -15.95
CA SER I 10 -3.46 -5.10 -15.92
C SER I 10 -2.25 -4.37 -16.46
N MET I 11 -2.47 -3.41 -17.35
CA MET I 11 -1.40 -2.65 -17.97
C MET I 11 -1.69 -1.19 -18.09
N PHE I 12 -0.70 -0.39 -17.69
CA PHE I 12 -0.75 1.06 -17.76
C PHE I 12 0.32 1.53 -18.72
N ILE I 13 -0.14 2.06 -19.84
CA ILE I 13 0.67 2.50 -20.95
C ILE I 13 0.37 3.98 -21.25
N GLN I 14 1.31 4.63 -21.94
CA GLN I 14 1.18 6.02 -22.33
C GLN I 14 0.80 6.05 -23.80
N GLU I 15 0.05 7.08 -24.21
CA GLU I 15 -0.37 7.24 -25.61
C GLU I 15 0.85 7.23 -26.53
N GLY I 16 0.80 6.43 -27.59
CA GLY I 16 1.88 6.28 -28.55
C GLY I 16 2.66 5.00 -28.46
N GLU I 17 2.80 4.46 -27.22
CA GLU I 17 3.55 3.22 -26.94
C GLU I 17 2.89 1.99 -27.57
N ASP I 18 3.69 0.95 -27.82
CA ASP I 18 3.18 -0.32 -28.31
C ASP I 18 2.95 -1.17 -27.04
N VAL I 19 2.15 -2.26 -27.14
CA VAL I 19 1.84 -3.17 -26.02
C VAL I 19 1.84 -4.60 -26.47
N SER I 20 2.07 -5.52 -25.52
CA SER I 20 2.01 -6.95 -25.76
C SER I 20 1.18 -7.60 -24.67
N MET I 21 0.38 -8.58 -25.08
CA MET I 21 -0.49 -9.30 -24.17
C MET I 21 -0.31 -10.78 -24.36
N ASN I 22 -0.05 -11.46 -23.24
CA ASN I 22 0.19 -12.88 -23.20
C ASN I 22 -1.06 -13.67 -22.87
N CYS I 23 -1.09 -14.93 -23.31
CA CYS I 23 -2.17 -15.88 -23.03
C CYS I 23 -1.58 -17.26 -23.09
N THR I 24 -1.53 -17.96 -21.94
CA THR I 24 -0.92 -19.28 -21.84
C THR I 24 -1.73 -20.28 -21.04
N SER I 25 -1.58 -21.57 -21.39
CA SER I 25 -2.21 -22.69 -20.70
C SER I 25 -1.20 -23.81 -20.54
N SER I 26 -1.53 -24.77 -19.67
CA SER I 26 -0.77 -25.98 -19.40
C SER I 26 -1.24 -27.06 -20.38
N SER I 27 -2.51 -26.93 -20.81
CA SER I 27 -3.26 -27.78 -21.75
C SER I 27 -2.98 -27.34 -23.21
N ILE I 28 -2.98 -28.28 -24.17
CA ILE I 28 -2.76 -27.94 -25.59
C ILE I 28 -4.05 -27.41 -26.22
N PHE I 29 -3.91 -26.32 -27.00
CA PHE I 29 -5.01 -25.66 -27.71
C PHE I 29 -4.82 -25.78 -29.22
N ASN I 30 -5.91 -25.62 -29.98
CA ASN I 30 -5.89 -25.80 -31.44
C ASN I 30 -6.39 -24.57 -32.21
N THR I 31 -7.02 -23.61 -31.50
CA THR I 31 -7.54 -22.36 -32.03
C THR I 31 -7.51 -21.31 -30.94
N TRP I 32 -7.16 -20.06 -31.31
CA TRP I 32 -7.10 -18.92 -30.40
C TRP I 32 -7.99 -17.78 -30.90
N LEU I 33 -8.67 -17.10 -29.98
CA LEU I 33 -9.60 -16.00 -30.25
C LEU I 33 -9.26 -14.82 -29.36
N TRP I 34 -9.13 -13.62 -29.94
CA TRP I 34 -8.88 -12.41 -29.18
C TRP I 34 -10.09 -11.50 -29.27
N TYR I 35 -10.51 -10.92 -28.13
CA TYR I 35 -11.70 -10.08 -27.95
C TYR I 35 -11.40 -8.81 -27.16
N LYS I 36 -12.08 -7.71 -27.49
CA LYS I 36 -11.99 -6.48 -26.71
C LYS I 36 -13.34 -6.26 -26.07
N GLN I 37 -13.34 -5.75 -24.82
CA GLN I 37 -14.57 -5.45 -24.11
C GLN I 37 -14.53 -4.04 -23.54
N ASP I 38 -15.42 -3.19 -24.06
CA ASP I 38 -15.62 -1.83 -23.58
C ASP I 38 -16.62 -1.95 -22.41
N PRO I 39 -16.50 -1.13 -21.33
CA PRO I 39 -17.37 -1.33 -20.16
C PRO I 39 -18.88 -1.27 -20.45
N GLY I 40 -19.56 -2.34 -20.08
CA GLY I 40 -21.01 -2.47 -20.25
C GLY I 40 -21.47 -3.12 -21.54
N GLU I 41 -20.54 -3.33 -22.49
CA GLU I 41 -20.87 -3.95 -23.77
C GLU I 41 -20.38 -5.39 -23.83
N GLY I 42 -20.90 -6.14 -24.79
CA GLY I 42 -20.52 -7.52 -25.01
C GLY I 42 -19.17 -7.60 -25.68
N PRO I 43 -18.24 -8.46 -25.20
CA PRO I 43 -16.93 -8.59 -25.87
C PRO I 43 -17.07 -8.76 -27.38
N VAL I 44 -16.17 -8.13 -28.16
CA VAL I 44 -16.19 -8.13 -29.62
C VAL I 44 -14.94 -8.82 -30.15
N LEU I 45 -15.08 -9.80 -31.08
CA LEU I 45 -13.94 -10.51 -31.64
C LEU I 45 -13.08 -9.59 -32.48
N LEU I 46 -11.78 -9.57 -32.15
CA LEU I 46 -10.77 -8.79 -32.85
C LEU I 46 -10.09 -9.65 -33.90
N ILE I 47 -9.34 -10.69 -33.47
CA ILE I 47 -8.59 -11.62 -34.32
C ILE I 47 -8.89 -13.09 -33.94
N ALA I 48 -8.74 -14.03 -34.92
CA ALA I 48 -8.94 -15.48 -34.78
C ALA I 48 -7.74 -16.24 -35.40
N LEU I 49 -7.10 -17.12 -34.60
CA LEU I 49 -5.93 -17.92 -34.99
C LEU I 49 -6.31 -19.40 -35.06
N TYR I 50 -5.99 -20.08 -36.18
CA TYR I 50 -6.35 -21.50 -36.40
C TYR I 50 -5.18 -22.43 -36.64
N LYS I 51 -4.04 -21.89 -37.12
CA LYS I 51 -2.85 -22.68 -37.47
C LYS I 51 -1.66 -22.33 -36.57
N ALA I 52 -0.92 -23.35 -36.12
CA ALA I 52 0.20 -23.35 -35.17
C ALA I 52 1.25 -22.25 -35.34
N GLY I 53 1.53 -21.79 -36.54
CA GLY I 53 2.52 -20.73 -36.67
C GLY I 53 1.98 -19.39 -37.11
N GLU I 54 0.67 -19.35 -37.44
CA GLU I 54 0.00 -18.22 -38.03
C GLU I 54 0.09 -16.93 -37.23
N LEU I 55 0.23 -15.86 -38.00
CA LEU I 55 0.40 -14.49 -37.60
C LEU I 55 -0.68 -13.69 -38.33
N THR I 56 -1.71 -13.24 -37.60
CA THR I 56 -2.87 -12.56 -38.17
C THR I 56 -3.11 -11.22 -37.48
N SER I 57 -3.39 -10.19 -38.30
CA SER I 57 -3.60 -8.82 -37.84
C SER I 57 -4.97 -8.19 -38.18
N ASN I 58 -5.36 -7.17 -37.40
CA ASN I 58 -6.57 -6.38 -37.58
C ASN I 58 -6.14 -4.93 -37.33
N GLY I 59 -5.74 -4.24 -38.40
CA GLY I 59 -5.25 -2.87 -38.32
C GLY I 59 -3.94 -2.83 -37.54
N ARG I 60 -3.91 -2.04 -36.45
CA ARG I 60 -2.74 -1.91 -35.56
C ARG I 60 -2.51 -3.13 -34.67
N LEU I 61 -3.50 -4.03 -34.55
CA LEU I 61 -3.36 -5.23 -33.72
C LEU I 61 -2.83 -6.38 -34.51
N THR I 62 -1.96 -7.18 -33.89
CA THR I 62 -1.41 -8.40 -34.46
C THR I 62 -1.52 -9.49 -33.41
N ALA I 63 -1.76 -10.73 -33.85
CA ALA I 63 -1.87 -11.87 -32.98
C ALA I 63 -0.99 -13.00 -33.49
N GLN I 64 -0.37 -13.75 -32.57
CA GLN I 64 0.52 -14.86 -32.91
C GLN I 64 0.06 -16.14 -32.23
N PHE I 65 0.09 -17.27 -32.95
CA PHE I 65 -0.35 -18.56 -32.42
C PHE I 65 0.71 -19.17 -31.52
N GLY I 66 1.89 -19.47 -32.03
CA GLY I 66 2.88 -20.05 -31.14
C GLY I 66 2.87 -21.55 -31.25
N ILE I 67 3.90 -22.05 -31.95
CA ILE I 67 4.22 -23.45 -32.25
C ILE I 67 4.15 -24.36 -31.01
N THR I 68 4.32 -23.74 -29.83
CA THR I 68 4.27 -24.35 -28.52
C THR I 68 2.89 -24.97 -28.22
N ARG I 69 1.81 -24.40 -28.84
CA ARG I 69 0.39 -24.79 -28.71
C ARG I 69 -0.17 -24.52 -27.31
N LYS I 70 0.59 -23.81 -26.46
CA LYS I 70 0.21 -23.51 -25.08
C LYS I 70 0.31 -22.00 -24.79
N ASP I 71 0.76 -21.20 -25.77
CA ASP I 71 0.95 -19.75 -25.67
C ASP I 71 0.37 -19.04 -26.89
N SER I 72 -0.06 -17.77 -26.73
CA SER I 72 -0.58 -16.89 -27.80
C SER I 72 -0.42 -15.42 -27.40
N PHE I 73 -0.01 -14.57 -28.36
CA PHE I 73 0.23 -13.15 -28.08
C PHE I 73 -0.58 -12.18 -28.95
N LEU I 74 -0.92 -11.01 -28.38
CA LEU I 74 -1.63 -9.91 -29.03
C LEU I 74 -0.78 -8.66 -28.86
N ASN I 75 -0.69 -7.87 -29.92
CA ASN I 75 0.09 -6.65 -29.96
C ASN I 75 -0.69 -5.49 -30.53
N ILE I 76 -0.66 -4.32 -29.88
CA ILE I 76 -1.23 -3.05 -30.39
C ILE I 76 -0.01 -2.15 -30.63
N SER I 77 0.07 -1.44 -31.78
CA SER I 77 1.24 -0.62 -32.13
C SER I 77 1.16 0.88 -31.76
N ALA I 78 0.23 1.67 -32.34
CA ALA I 78 0.16 3.08 -31.96
C ALA I 78 -0.95 3.17 -30.92
N SER I 79 -0.61 2.99 -29.63
CA SER I 79 -1.69 3.04 -28.65
C SER I 79 -2.31 4.41 -28.60
N ILE I 80 -3.57 4.42 -28.99
CA ILE I 80 -4.44 5.56 -29.08
C ILE I 80 -5.44 5.40 -27.90
N PRO I 81 -5.91 6.49 -27.23
CA PRO I 81 -6.70 6.31 -25.98
C PRO I 81 -7.99 5.48 -26.09
N SER I 82 -8.47 5.24 -27.32
CA SER I 82 -9.67 4.45 -27.60
C SER I 82 -9.36 2.93 -27.66
N ASP I 83 -8.26 2.50 -27.01
CA ASP I 83 -7.84 1.09 -26.91
C ASP I 83 -8.16 0.57 -25.52
N VAL I 84 -8.59 1.48 -24.63
CA VAL I 84 -8.93 1.18 -23.25
C VAL I 84 -10.06 0.14 -23.19
N GLY I 85 -9.84 -0.89 -22.39
CA GLY I 85 -10.79 -1.96 -22.17
C GLY I 85 -10.15 -3.19 -21.57
N ILE I 86 -10.88 -4.30 -21.63
CA ILE I 86 -10.44 -5.60 -21.16
C ILE I 86 -10.23 -6.41 -22.42
N TYR I 87 -9.03 -7.00 -22.55
CA TYR I 87 -8.70 -7.83 -23.69
C TYR I 87 -8.79 -9.25 -23.24
N PHE I 88 -9.70 -10.01 -23.87
CA PHE I 88 -9.98 -11.40 -23.55
C PHE I 88 -9.44 -12.36 -24.60
N CYS I 89 -8.78 -13.40 -24.12
CA CYS I 89 -8.21 -14.46 -24.94
C CYS I 89 -9.02 -15.72 -24.68
N ALA I 90 -9.49 -16.36 -25.76
CA ALA I 90 -10.28 -17.58 -25.68
C ALA I 90 -9.65 -18.62 -26.59
N GLY I 91 -9.87 -19.89 -26.26
CA GLY I 91 -9.30 -20.97 -27.06
C GLY I 91 -10.11 -22.24 -27.11
N GLN I 92 -9.86 -23.02 -28.14
CA GLN I 92 -10.46 -24.31 -28.39
C GLN I 92 -9.48 -25.34 -27.83
N PRO I 93 -9.74 -25.97 -26.66
CA PRO I 93 -8.79 -26.97 -26.16
C PRO I 93 -8.76 -28.14 -27.12
N LEU I 94 -7.54 -28.65 -27.42
CA LEU I 94 -7.39 -29.80 -28.29
C LEU I 94 -7.99 -31.01 -27.57
N GLY I 95 -8.91 -31.69 -28.25
CA GLY I 95 -9.60 -32.84 -27.68
C GLY I 95 -10.98 -32.52 -27.17
N GLY I 96 -11.24 -31.24 -26.86
CA GLY I 96 -12.55 -30.80 -26.38
C GLY I 96 -13.60 -30.99 -27.45
N SER I 97 -14.85 -31.30 -27.06
CA SER I 97 -15.98 -31.54 -27.98
C SER I 97 -16.32 -30.28 -28.79
N ASN I 98 -17.03 -30.42 -29.93
CA ASN I 98 -17.39 -29.26 -30.76
C ASN I 98 -18.08 -28.16 -29.97
N TYR I 99 -17.73 -26.91 -30.28
CA TYR I 99 -18.24 -25.69 -29.64
C TYR I 99 -17.83 -25.58 -28.17
N LYS I 100 -16.73 -26.26 -27.80
CA LYS I 100 -16.13 -26.17 -26.46
C LYS I 100 -14.97 -25.17 -26.57
N LEU I 101 -15.07 -24.07 -25.82
CA LEU I 101 -14.03 -23.06 -25.75
C LEU I 101 -13.94 -22.43 -24.37
N THR I 102 -12.71 -22.17 -23.92
CA THR I 102 -12.38 -21.61 -22.61
C THR I 102 -11.93 -20.16 -22.72
N PHE I 103 -12.30 -19.33 -21.73
CA PHE I 103 -11.91 -17.93 -21.67
C PHE I 103 -10.90 -17.62 -20.60
N GLY I 104 -10.00 -16.71 -20.92
CA GLY I 104 -9.04 -16.19 -19.96
C GLY I 104 -9.77 -15.14 -19.16
N LYS I 105 -9.17 -14.69 -18.06
CA LYS I 105 -9.80 -13.68 -17.19
C LYS I 105 -9.65 -12.27 -17.73
N GLY I 106 -8.86 -12.12 -18.79
CA GLY I 106 -8.61 -10.84 -19.44
C GLY I 106 -7.47 -10.03 -18.88
N THR I 107 -7.00 -9.03 -19.67
CA THR I 107 -5.96 -8.07 -19.34
C THR I 107 -6.60 -6.69 -19.46
N LEU I 108 -6.47 -5.88 -18.42
CA LEU I 108 -7.01 -4.52 -18.42
C LEU I 108 -6.00 -3.60 -19.08
N LEU I 109 -6.44 -2.74 -20.00
CA LEU I 109 -5.52 -1.79 -20.62
C LEU I 109 -5.95 -0.37 -20.37
N THR I 110 -5.04 0.45 -19.80
CA THR I 110 -5.20 1.88 -19.56
C THR I 110 -4.22 2.59 -20.47
N VAL I 111 -4.70 3.59 -21.22
CA VAL I 111 -3.86 4.38 -22.13
C VAL I 111 -3.96 5.83 -21.67
N ASN I 112 -2.91 6.35 -20.99
CA ASN I 112 -2.87 7.72 -20.52
C ASN I 112 -2.60 8.64 -21.71
N PRO I 113 -3.52 9.57 -22.02
CA PRO I 113 -3.34 10.39 -23.24
C PRO I 113 -2.24 11.44 -23.16
N ASN I 114 -1.80 11.91 -24.34
CA ASN I 114 -0.75 12.92 -24.45
C ASN I 114 -1.38 14.29 -24.44
N ILE I 115 -0.98 15.11 -23.44
CA ILE I 115 -1.41 16.50 -23.26
C ILE I 115 -0.37 17.41 -23.92
N GLN I 116 -0.83 18.33 -24.79
CA GLN I 116 0.05 19.22 -25.56
C GLN I 116 0.44 20.52 -24.86
N ASN I 117 -0.54 21.40 -24.53
CA ASN I 117 -0.23 22.69 -23.92
C ASN I 117 -0.83 22.85 -22.51
N PRO I 118 -0.23 22.24 -21.48
CA PRO I 118 -0.79 22.40 -20.13
C PRO I 118 -0.83 23.84 -19.65
N ASP I 119 -1.99 24.22 -19.10
CA ASP I 119 -2.29 25.52 -18.52
C ASP I 119 -3.08 25.23 -17.22
N PRO I 120 -2.49 24.49 -16.24
CA PRO I 120 -3.23 24.11 -15.03
C PRO I 120 -3.89 25.26 -14.28
N ALA I 121 -5.14 25.04 -13.82
CA ALA I 121 -5.96 26.01 -13.10
C ALA I 121 -7.08 25.36 -12.31
N VAL I 122 -7.61 26.07 -11.28
CA VAL I 122 -8.76 25.63 -10.50
C VAL I 122 -9.79 26.74 -10.56
N TYR I 123 -10.95 26.46 -11.19
CA TYR I 123 -12.02 27.43 -11.39
C TYR I 123 -13.24 27.21 -10.50
N GLN I 124 -14.06 28.25 -10.34
CA GLN I 124 -15.29 28.28 -9.54
C GLN I 124 -16.51 28.33 -10.48
N LEU I 125 -17.23 27.22 -10.62
CA LEU I 125 -18.39 27.16 -11.50
C LEU I 125 -19.70 27.36 -10.75
N ARG I 126 -20.48 28.36 -11.16
CA ARG I 126 -21.75 28.71 -10.50
C ARG I 126 -22.95 27.95 -11.04
N ASP I 127 -23.81 27.48 -10.12
CA ASP I 127 -25.04 26.75 -10.40
C ASP I 127 -26.05 27.63 -11.16
N SER I 128 -26.90 26.99 -12.01
CA SER I 128 -27.98 27.63 -12.78
C SER I 128 -29.08 28.18 -11.84
N LYS I 129 -29.07 27.74 -10.57
CA LYS I 129 -29.96 28.15 -9.48
C LYS I 129 -29.13 29.00 -8.50
N SER I 130 -29.75 30.01 -7.87
CA SER I 130 -29.08 30.87 -6.89
C SER I 130 -28.86 30.13 -5.55
N SER I 131 -27.81 29.27 -5.50
CA SER I 131 -27.49 28.45 -4.33
C SER I 131 -26.01 28.44 -3.93
N ASP I 132 -25.73 27.98 -2.68
CA ASP I 132 -24.39 27.80 -2.10
C ASP I 132 -23.70 26.61 -2.81
N LYS I 133 -24.51 25.83 -3.57
CA LYS I 133 -24.09 24.70 -4.39
C LYS I 133 -23.22 25.24 -5.52
N SER I 134 -21.92 24.89 -5.47
CA SER I 134 -20.94 25.32 -6.45
C SER I 134 -19.87 24.24 -6.61
N VAL I 135 -19.34 24.13 -7.83
CA VAL I 135 -18.33 23.12 -8.15
C VAL I 135 -16.97 23.76 -8.48
N CYS I 136 -15.90 23.09 -8.06
CA CYS I 136 -14.50 23.47 -8.28
C CYS I 136 -13.93 22.58 -9.38
N LEU I 137 -13.60 23.19 -10.52
CA LEU I 137 -13.07 22.48 -11.66
C LEU I 137 -11.58 22.71 -11.79
N PHE I 138 -10.80 21.64 -11.62
CA PHE I 138 -9.36 21.67 -11.81
C PHE I 138 -9.16 21.15 -13.23
N THR I 139 -8.65 22.01 -14.13
CA THR I 139 -8.51 21.63 -15.53
C THR I 139 -7.17 22.06 -16.13
N ASP I 140 -6.93 21.65 -17.40
CA ASP I 140 -5.79 21.93 -18.27
C ASP I 140 -4.43 21.54 -17.68
N PHE I 141 -4.42 20.53 -16.82
CA PHE I 141 -3.19 20.02 -16.23
C PHE I 141 -2.55 19.02 -17.20
N ASP I 142 -1.28 18.68 -16.96
CA ASP I 142 -0.47 17.74 -17.76
C ASP I 142 -0.97 16.29 -17.65
N SER I 143 -0.32 15.37 -18.40
CA SER I 143 -0.63 13.93 -18.43
C SER I 143 -0.28 13.26 -17.10
N GLN I 144 0.90 13.61 -16.53
CA GLN I 144 1.48 13.02 -15.31
C GLN I 144 0.83 13.42 -13.96
N THR I 145 -0.15 14.37 -13.94
CA THR I 145 -0.83 14.74 -12.67
C THR I 145 -1.70 13.55 -12.18
N ASN I 146 -1.85 13.40 -10.83
CA ASN I 146 -2.54 12.26 -10.21
C ASN I 146 -4.02 12.45 -9.82
N VAL I 147 -4.39 13.54 -9.10
CA VAL I 147 -5.75 13.83 -8.59
C VAL I 147 -6.11 12.80 -7.49
N SER I 148 -5.52 12.95 -6.29
CA SER I 148 -5.79 12.08 -5.14
C SER I 148 -7.18 12.37 -4.60
N GLN I 149 -7.98 11.31 -4.42
CA GLN I 149 -9.38 11.34 -3.96
C GLN I 149 -9.57 12.08 -2.64
N SER I 150 -10.82 12.48 -2.36
CA SER I 150 -11.21 13.24 -1.18
C SER I 150 -10.80 12.60 0.15
N LYS I 151 -10.04 13.37 0.93
CA LYS I 151 -9.54 13.01 2.25
C LYS I 151 -10.66 13.21 3.30
N ASP I 152 -11.74 13.94 2.91
CA ASP I 152 -12.89 14.27 3.75
C ASP I 152 -14.19 13.55 3.30
N SER I 153 -15.13 13.36 4.26
CA SER I 153 -16.43 12.73 4.09
C SER I 153 -17.36 13.54 3.18
N ASP I 154 -17.60 14.82 3.51
CA ASP I 154 -18.49 15.70 2.74
C ASP I 154 -17.81 16.35 1.50
N VAL I 155 -16.50 16.09 1.30
CA VAL I 155 -15.78 16.61 0.14
C VAL I 155 -15.80 15.52 -0.96
N TYR I 156 -16.20 15.88 -2.19
CA TYR I 156 -16.27 14.95 -3.31
C TYR I 156 -15.39 15.38 -4.48
N ILE I 157 -14.42 14.52 -4.87
CA ILE I 157 -13.46 14.75 -5.96
C ILE I 157 -13.48 13.60 -6.98
N THR I 158 -13.64 13.93 -8.28
CA THR I 158 -13.65 12.95 -9.36
C THR I 158 -12.26 12.81 -9.97
N ASP I 159 -11.94 11.64 -10.56
CA ASP I 159 -10.66 11.39 -11.22
C ASP I 159 -10.55 12.18 -12.54
N LYS I 160 -9.35 12.22 -13.15
CA LYS I 160 -9.10 12.93 -14.40
C LYS I 160 -10.03 12.48 -15.53
N CYS I 161 -10.35 13.39 -16.45
CA CYS I 161 -11.25 13.13 -17.57
C CYS I 161 -10.73 13.92 -18.77
N VAL I 162 -10.42 13.20 -19.86
CA VAL I 162 -9.90 13.82 -21.06
C VAL I 162 -11.00 14.08 -22.09
N LEU I 163 -11.21 15.35 -22.43
CA LEU I 163 -12.19 15.71 -23.46
C LEU I 163 -11.47 16.13 -24.73
N ASP I 164 -12.06 15.86 -25.89
CA ASP I 164 -11.48 16.25 -27.16
C ASP I 164 -12.42 17.18 -27.91
N MET I 165 -11.96 18.40 -28.18
CA MET I 165 -12.70 19.40 -28.93
C MET I 165 -12.20 19.26 -30.36
N ARG I 166 -12.71 18.20 -31.02
CA ARG I 166 -12.38 17.75 -32.37
C ARG I 166 -12.16 18.88 -33.37
N SER I 167 -13.10 19.85 -33.47
CA SER I 167 -13.02 20.99 -34.39
C SER I 167 -11.73 21.80 -34.22
N MET I 168 -11.24 21.90 -32.96
CA MET I 168 -10.04 22.65 -32.63
C MET I 168 -8.79 21.78 -32.41
N ASP I 169 -8.86 20.45 -32.72
CA ASP I 169 -7.75 19.49 -32.55
C ASP I 169 -7.04 19.72 -31.19
N PHE I 170 -7.86 19.90 -30.13
CA PHE I 170 -7.44 20.21 -28.77
C PHE I 170 -8.02 19.24 -27.74
N LYS I 171 -7.14 18.62 -26.94
CA LYS I 171 -7.55 17.72 -25.86
C LYS I 171 -7.25 18.42 -24.55
N SER I 172 -8.14 18.21 -23.56
CA SER I 172 -8.10 18.87 -22.26
C SER I 172 -8.41 17.92 -21.11
N ASN I 173 -7.60 17.98 -20.04
CA ASN I 173 -7.82 17.18 -18.84
C ASN I 173 -8.66 17.97 -17.83
N SER I 174 -9.49 17.27 -17.03
CA SER I 174 -10.39 17.91 -16.06
C SER I 174 -10.81 17.01 -14.90
N ALA I 175 -10.91 17.60 -13.70
CA ALA I 175 -11.34 16.95 -12.46
C ALA I 175 -12.30 17.88 -11.73
N VAL I 176 -13.42 17.33 -11.23
CA VAL I 176 -14.47 18.07 -10.55
C VAL I 176 -14.45 17.79 -9.06
N ALA I 177 -14.61 18.84 -8.23
CA ALA I 177 -14.68 18.76 -6.78
C ALA I 177 -15.87 19.58 -6.25
N TRP I 178 -16.65 19.03 -5.30
CA TRP I 178 -17.80 19.72 -4.72
C TRP I 178 -18.11 19.30 -3.28
N SER I 179 -18.52 20.28 -2.46
CA SER I 179 -18.90 20.10 -1.05
C SER I 179 -20.03 21.08 -0.68
N ASN I 180 -20.52 21.04 0.57
CA ASN I 180 -21.62 21.91 1.01
C ASN I 180 -21.20 22.97 2.03
N LYS I 181 -20.17 22.67 2.84
CA LYS I 181 -19.65 23.57 3.90
C LYS I 181 -19.14 24.92 3.37
N SER I 182 -19.11 25.95 4.26
CA SER I 182 -18.57 27.27 3.93
C SER I 182 -17.06 27.09 3.81
N ASP I 183 -16.51 26.07 4.52
CA ASP I 183 -15.12 25.65 4.52
C ASP I 183 -14.85 24.80 3.24
N PHE I 184 -15.20 25.37 2.08
CA PHE I 184 -14.99 24.77 0.77
C PHE I 184 -14.50 25.86 -0.18
N ALA I 185 -13.17 25.93 -0.33
CA ALA I 185 -12.47 26.91 -1.14
C ALA I 185 -11.72 26.24 -2.30
N CYS I 186 -11.27 27.03 -3.29
CA CYS I 186 -10.54 26.56 -4.45
C CYS I 186 -9.15 26.05 -4.06
N ALA I 187 -8.31 26.92 -3.43
CA ALA I 187 -6.95 26.57 -2.99
C ALA I 187 -6.94 25.55 -1.84
N ASN I 188 -8.12 25.28 -1.24
CA ASN I 188 -8.30 24.31 -0.15
C ASN I 188 -8.95 23.00 -0.63
N ALA I 189 -9.40 22.94 -1.90
CA ALA I 189 -10.04 21.75 -2.48
C ALA I 189 -9.06 20.65 -2.88
N PHE I 190 -8.19 20.94 -3.87
CA PHE I 190 -7.23 19.96 -4.41
C PHE I 190 -5.91 19.95 -3.64
N ASN I 191 -5.98 19.59 -2.35
CA ASN I 191 -4.80 19.54 -1.50
C ASN I 191 -4.14 18.17 -1.48
N ASN I 192 -4.89 17.08 -1.17
CA ASN I 192 -4.35 15.72 -1.15
C ASN I 192 -3.74 15.37 -2.51
N SER I 193 -4.22 16.03 -3.58
CA SER I 193 -3.73 15.90 -4.94
C SER I 193 -2.46 16.76 -5.09
N ILE I 194 -1.36 16.14 -5.51
CA ILE I 194 -0.07 16.81 -5.73
C ILE I 194 -0.15 17.51 -7.08
N ILE I 195 -0.22 18.85 -7.05
CA ILE I 195 -0.36 19.73 -8.23
C ILE I 195 0.90 20.61 -8.45
N PRO I 196 1.17 21.10 -9.69
CA PRO I 196 2.39 21.93 -9.89
C PRO I 196 2.36 23.27 -9.17
N GLU I 197 3.56 23.82 -8.82
CA GLU I 197 3.68 25.11 -8.14
C GLU I 197 3.18 26.27 -9.00
N ASP I 198 3.11 26.04 -10.33
CA ASP I 198 2.68 26.97 -11.37
C ASP I 198 1.21 26.74 -11.78
N THR I 199 0.32 26.51 -10.79
CA THR I 199 -1.09 26.29 -11.03
C THR I 199 -1.85 27.58 -10.78
N PHE I 200 -2.68 28.00 -11.75
CA PHE I 200 -3.48 29.21 -11.72
C PHE I 200 -4.64 29.08 -10.74
N PHE I 201 -4.92 30.17 -10.02
CA PHE I 201 -6.01 30.31 -9.05
C PHE I 201 -6.41 31.79 -9.09
N PRO I 202 -7.58 32.15 -9.66
CA PRO I 202 -7.97 33.57 -9.69
C PRO I 202 -8.62 34.01 -8.38
N SER I 203 -9.06 35.28 -8.27
CA SER I 203 -9.73 35.77 -7.07
C SER I 203 -11.23 35.50 -7.11
N GLY J 3 -25.97 -9.35 -33.63
CA GLY J 3 -27.33 -9.72 -34.00
C GLY J 3 -28.08 -10.47 -32.90
N VAL J 4 -27.44 -10.62 -31.75
CA VAL J 4 -27.95 -11.28 -30.54
C VAL J 4 -28.67 -10.20 -29.72
N THR J 5 -29.88 -10.51 -29.22
CA THR J 5 -30.61 -9.52 -28.42
C THR J 5 -30.94 -10.07 -27.03
N GLN J 6 -30.67 -9.28 -25.98
CA GLN J 6 -30.95 -9.67 -24.59
C GLN J 6 -32.02 -8.77 -23.98
N THR J 7 -33.00 -9.39 -23.30
CA THR J 7 -34.11 -8.70 -22.66
C THR J 7 -34.25 -9.17 -21.19
N PRO J 8 -34.32 -8.26 -20.19
CA PRO J 8 -34.30 -6.79 -20.27
C PRO J 8 -32.87 -6.26 -20.45
N LYS J 9 -32.70 -4.95 -20.45
CA LYS J 9 -31.40 -4.29 -20.56
C LYS J 9 -30.84 -4.14 -19.12
N HIS J 10 -31.73 -3.86 -18.16
CA HIS J 10 -31.44 -3.69 -16.72
C HIS J 10 -32.51 -4.39 -15.90
N LEU J 11 -32.24 -4.62 -14.60
CA LEU J 11 -33.20 -5.26 -13.70
C LEU J 11 -32.85 -5.11 -12.23
N ILE J 12 -33.81 -4.55 -11.47
CA ILE J 12 -33.72 -4.36 -10.03
C ILE J 12 -34.78 -5.25 -9.37
N THR J 13 -34.31 -6.21 -8.56
CA THR J 13 -35.13 -7.13 -7.76
C THR J 13 -34.56 -7.25 -6.35
N ALA J 14 -35.35 -7.83 -5.44
CA ALA J 14 -35.00 -8.02 -4.04
C ALA J 14 -34.51 -9.44 -3.75
N THR J 15 -33.98 -9.65 -2.52
CA THR J 15 -33.48 -10.93 -2.05
C THR J 15 -34.63 -11.96 -2.03
N GLY J 16 -34.30 -13.19 -2.40
CA GLY J 16 -35.25 -14.30 -2.45
C GLY J 16 -36.11 -14.41 -3.69
N GLN J 17 -36.16 -13.35 -4.52
CA GLN J 17 -36.97 -13.30 -5.72
C GLN J 17 -36.48 -14.22 -6.85
N ARG J 18 -37.37 -14.46 -7.84
CA ARG J 18 -37.16 -15.22 -9.07
C ARG J 18 -37.17 -14.22 -10.23
N VAL J 19 -36.22 -14.37 -11.15
CA VAL J 19 -36.03 -13.49 -12.31
C VAL J 19 -35.84 -14.34 -13.56
N THR J 20 -36.23 -13.79 -14.72
CA THR J 20 -36.07 -14.43 -16.02
C THR J 20 -35.38 -13.48 -16.99
N LEU J 21 -34.24 -13.95 -17.53
CA LEU J 21 -33.43 -13.22 -18.50
C LEU J 21 -33.58 -13.90 -19.84
N ARG J 22 -34.01 -13.15 -20.84
CA ARG J 22 -34.25 -13.70 -22.17
C ARG J 22 -33.15 -13.33 -23.14
N CYS J 23 -32.90 -14.22 -24.12
CA CYS J 23 -31.91 -14.01 -25.16
C CYS J 23 -32.28 -14.64 -26.48
N SER J 24 -32.53 -13.81 -27.49
CA SER J 24 -32.76 -14.30 -28.83
C SER J 24 -31.35 -14.49 -29.42
N PRO J 25 -31.01 -15.63 -30.08
CA PRO J 25 -29.68 -15.73 -30.64
C PRO J 25 -29.58 -14.91 -31.91
N ARG J 26 -28.39 -14.92 -32.51
CA ARG J 26 -28.08 -14.31 -33.79
C ARG J 26 -28.80 -15.23 -34.77
N SER J 27 -29.58 -14.66 -35.72
CA SER J 27 -30.34 -15.48 -36.67
C SER J 27 -29.48 -16.48 -37.44
N GLY J 28 -29.84 -17.75 -37.30
CA GLY J 28 -29.16 -18.87 -37.94
C GLY J 28 -28.19 -19.62 -37.05
N ASP J 29 -27.88 -19.05 -35.86
CA ASP J 29 -26.99 -19.66 -34.88
C ASP J 29 -27.75 -20.66 -34.02
N LEU J 30 -27.16 -21.86 -33.80
CA LEU J 30 -27.74 -22.97 -33.04
C LEU J 30 -27.37 -23.00 -31.57
N SER J 31 -26.13 -22.61 -31.23
CA SER J 31 -25.63 -22.62 -29.87
C SER J 31 -25.96 -21.34 -29.13
N VAL J 32 -26.05 -21.41 -27.79
CA VAL J 32 -26.28 -20.29 -26.89
C VAL J 32 -25.46 -20.57 -25.63
N TYR J 33 -24.72 -19.57 -25.14
CA TYR J 33 -23.91 -19.65 -23.94
C TYR J 33 -24.39 -18.57 -22.97
N TRP J 34 -24.21 -18.79 -21.67
CA TRP J 34 -24.58 -17.79 -20.67
C TRP J 34 -23.37 -17.54 -19.80
N TYR J 35 -23.04 -16.27 -19.59
CA TYR J 35 -21.91 -15.85 -18.78
C TYR J 35 -22.36 -14.82 -17.77
N GLN J 36 -21.84 -14.94 -16.55
CA GLN J 36 -22.08 -14.01 -15.45
C GLN J 36 -20.81 -13.20 -15.29
N GLN J 37 -20.90 -11.87 -15.29
CA GLN J 37 -19.72 -11.03 -15.11
C GLN J 37 -19.82 -10.29 -13.79
N SER J 38 -19.14 -10.78 -12.75
CA SER J 38 -19.10 -10.15 -11.42
C SER J 38 -18.29 -8.84 -11.50
N LEU J 39 -18.23 -8.06 -10.40
CA LEU J 39 -17.58 -6.74 -10.35
C LEU J 39 -16.12 -6.71 -10.84
N ASP J 40 -15.14 -7.10 -9.99
CA ASP J 40 -13.73 -7.11 -10.38
C ASP J 40 -13.53 -8.09 -11.54
N GLN J 41 -14.09 -9.30 -11.40
CA GLN J 41 -14.03 -10.44 -12.31
C GLN J 41 -14.36 -10.19 -13.80
N GLY J 42 -14.03 -11.22 -14.60
CA GLY J 42 -14.32 -11.29 -16.02
C GLY J 42 -15.52 -12.18 -16.23
N LEU J 43 -15.58 -12.87 -17.37
CA LEU J 43 -16.68 -13.75 -17.76
C LEU J 43 -16.62 -15.15 -17.14
N GLN J 44 -17.66 -15.56 -16.38
CA GLN J 44 -17.71 -16.91 -15.85
C GLN J 44 -18.85 -17.69 -16.47
N PHE J 45 -18.49 -18.80 -17.12
CA PHE J 45 -19.40 -19.67 -17.85
C PHE J 45 -20.44 -20.32 -16.98
N LEU J 46 -21.71 -19.95 -17.19
CA LEU J 46 -22.84 -20.52 -16.48
C LEU J 46 -23.32 -21.80 -17.16
N ILE J 47 -23.89 -21.70 -18.40
CA ILE J 47 -24.49 -22.82 -19.12
C ILE J 47 -24.48 -22.64 -20.66
N GLN J 48 -24.57 -23.75 -21.41
CA GLN J 48 -24.58 -23.75 -22.86
C GLN J 48 -25.57 -24.75 -23.43
N TYR J 49 -26.24 -24.31 -24.49
CA TYR J 49 -27.25 -25.06 -25.23
C TYR J 49 -26.85 -25.16 -26.69
N TYR J 50 -27.18 -26.29 -27.32
CA TYR J 50 -26.95 -26.55 -28.73
C TYR J 50 -28.24 -27.11 -29.31
N ASN J 51 -28.78 -26.41 -30.33
CA ASN J 51 -30.00 -26.77 -31.06
C ASN J 51 -31.15 -27.24 -30.12
N GLY J 52 -31.49 -26.41 -29.14
CA GLY J 52 -32.57 -26.67 -28.19
C GLY J 52 -32.19 -27.42 -26.93
N GLU J 53 -31.44 -28.52 -27.08
CA GLU J 53 -31.00 -29.36 -25.95
C GLU J 53 -29.81 -28.73 -25.23
N GLU J 54 -29.55 -29.17 -23.97
CA GLU J 54 -28.40 -28.74 -23.17
C GLU J 54 -27.11 -29.35 -23.77
N ARG J 55 -26.00 -28.57 -23.81
CA ARG J 55 -24.70 -29.02 -24.36
C ARG J 55 -23.60 -29.03 -23.29
N ALA J 56 -23.65 -28.09 -22.34
CA ALA J 56 -22.66 -27.97 -21.27
C ALA J 56 -23.19 -27.17 -20.09
N LYS J 57 -22.76 -27.56 -18.88
CA LYS J 57 -23.11 -26.95 -17.61
C LYS J 57 -21.80 -26.54 -16.98
N GLY J 58 -21.70 -25.29 -16.53
CA GLY J 58 -20.47 -24.76 -15.95
C GLY J 58 -20.56 -24.37 -14.49
N ASN J 59 -20.76 -25.36 -13.60
CA ASN J 59 -20.86 -25.20 -12.15
C ASN J 59 -21.98 -24.21 -11.75
N ILE J 60 -23.22 -24.50 -12.20
CA ILE J 60 -24.40 -23.70 -11.86
C ILE J 60 -24.81 -23.96 -10.42
N LEU J 61 -25.23 -22.90 -9.74
CA LEU J 61 -25.61 -22.89 -8.32
C LEU J 61 -26.87 -23.71 -7.98
N GLU J 62 -27.40 -24.53 -8.92
CA GLU J 62 -28.61 -25.35 -8.81
C GLU J 62 -29.88 -24.50 -8.94
N ARG J 63 -29.94 -23.40 -8.16
CA ARG J 63 -31.02 -22.42 -8.15
C ARG J 63 -31.05 -21.64 -9.47
N PHE J 64 -29.90 -21.65 -10.18
CA PHE J 64 -29.70 -21.10 -11.51
C PHE J 64 -30.18 -22.18 -12.46
N SER J 65 -31.18 -21.86 -13.28
CA SER J 65 -31.80 -22.79 -14.23
C SER J 65 -31.91 -22.12 -15.60
N ALA J 66 -31.95 -22.91 -16.68
CA ALA J 66 -32.07 -22.35 -18.02
C ALA J 66 -32.72 -23.31 -18.99
N GLN J 67 -32.99 -22.84 -20.22
CA GLN J 67 -33.52 -23.64 -21.32
C GLN J 67 -33.36 -22.96 -22.67
N GLN J 68 -33.42 -23.77 -23.74
CA GLN J 68 -33.41 -23.32 -25.13
C GLN J 68 -34.61 -23.95 -25.81
N PHE J 69 -35.45 -23.10 -26.38
CA PHE J 69 -36.69 -23.49 -27.05
C PHE J 69 -36.46 -23.87 -28.51
N PRO J 70 -37.46 -24.52 -29.19
CA PRO J 70 -37.28 -24.89 -30.61
C PRO J 70 -36.95 -23.73 -31.57
N ASP J 71 -37.40 -22.49 -31.23
CA ASP J 71 -37.12 -21.27 -32.01
C ASP J 71 -35.65 -20.86 -31.87
N LEU J 72 -34.95 -21.51 -30.91
CA LEU J 72 -33.54 -21.41 -30.51
C LEU J 72 -33.27 -20.26 -29.55
N HIS J 73 -34.33 -19.55 -29.12
CA HIS J 73 -34.20 -18.49 -28.13
C HIS J 73 -33.92 -19.11 -26.76
N SER J 74 -33.38 -18.33 -25.81
CA SER J 74 -33.05 -18.87 -24.49
C SER J 74 -33.58 -18.06 -23.33
N GLU J 75 -33.76 -18.74 -22.18
CA GLU J 75 -34.22 -18.17 -20.93
C GLU J 75 -33.30 -18.59 -19.80
N LEU J 76 -32.83 -17.62 -19.01
CA LEU J 76 -31.99 -17.85 -17.84
C LEU J 76 -32.82 -17.47 -16.62
N ASN J 77 -33.30 -18.51 -15.93
CA ASN J 77 -34.13 -18.41 -14.75
C ASN J 77 -33.25 -18.41 -13.50
N LEU J 78 -33.22 -17.27 -12.79
CA LEU J 78 -32.45 -17.15 -11.55
C LEU J 78 -33.40 -16.93 -10.39
N SER J 79 -33.13 -17.61 -9.28
CA SER J 79 -33.84 -17.57 -7.99
C SER J 79 -32.87 -18.37 -7.12
N SER J 80 -32.88 -18.33 -5.77
CA SER J 80 -33.63 -17.49 -4.83
C SER J 80 -32.55 -16.48 -4.47
N LEU J 81 -32.43 -15.48 -5.35
CA LEU J 81 -31.45 -14.41 -5.45
C LEU J 81 -30.84 -13.88 -4.15
N GLU J 82 -29.56 -13.53 -4.25
CA GLU J 82 -28.67 -13.02 -3.21
C GLU J 82 -27.99 -11.76 -3.72
N LEU J 83 -27.51 -10.93 -2.78
CA LEU J 83 -26.83 -9.67 -3.04
C LEU J 83 -25.54 -9.80 -3.87
N GLY J 84 -25.04 -11.03 -3.99
CA GLY J 84 -23.85 -11.39 -4.77
C GLY J 84 -24.13 -11.74 -6.23
N ASP J 85 -25.38 -12.13 -6.53
CA ASP J 85 -25.81 -12.48 -7.90
C ASP J 85 -25.91 -11.24 -8.79
N SER J 86 -25.69 -10.04 -8.20
CA SER J 86 -25.68 -8.76 -8.89
C SER J 86 -24.45 -8.74 -9.79
N ALA J 87 -24.68 -9.01 -11.08
CA ALA J 87 -23.65 -9.07 -12.09
C ALA J 87 -24.22 -8.66 -13.45
N LEU J 88 -23.38 -8.68 -14.48
CA LEU J 88 -23.77 -8.34 -15.82
C LEU J 88 -23.87 -9.66 -16.56
N TYR J 89 -25.10 -10.09 -16.89
CA TYR J 89 -25.34 -11.36 -17.53
C TYR J 89 -25.35 -11.23 -19.02
N PHE J 90 -24.38 -11.87 -19.67
CA PHE J 90 -24.22 -11.87 -21.11
C PHE J 90 -24.67 -13.17 -21.70
N CYS J 91 -25.10 -13.10 -22.96
CA CYS J 91 -25.52 -14.22 -23.76
C CYS J 91 -24.67 -14.18 -25.01
N ALA J 92 -24.30 -15.35 -25.54
CA ALA J 92 -23.49 -15.41 -26.75
C ALA J 92 -23.91 -16.55 -27.64
N SER J 93 -23.93 -16.33 -28.96
CA SER J 93 -24.29 -17.38 -29.89
C SER J 93 -23.22 -17.65 -30.95
N SER J 94 -23.19 -18.89 -31.43
CA SER J 94 -22.28 -19.43 -32.46
C SER J 94 -22.98 -20.66 -33.03
N ALA J 95 -22.27 -21.47 -33.86
CA ALA J 95 -22.72 -22.75 -34.42
C ALA J 95 -23.72 -22.67 -35.58
N ASN J 96 -23.52 -21.76 -36.53
CA ASN J 96 -24.37 -21.73 -37.71
C ASN J 96 -23.62 -22.52 -38.75
N PRO J 97 -24.01 -23.78 -39.06
CA PRO J 97 -23.25 -24.58 -40.05
C PRO J 97 -23.01 -23.93 -41.42
N GLY J 98 -23.73 -22.85 -41.73
CA GLY J 98 -23.54 -22.10 -42.97
C GLY J 98 -22.18 -21.45 -42.99
N ASP J 99 -21.84 -20.70 -41.91
CA ASP J 99 -20.59 -19.97 -41.65
C ASP J 99 -19.39 -20.90 -41.73
N SER J 100 -18.26 -20.39 -42.26
CA SER J 100 -17.03 -21.18 -42.38
C SER J 100 -16.36 -21.44 -41.03
N SER J 101 -16.44 -20.46 -40.10
CA SER J 101 -15.82 -20.56 -38.78
C SER J 101 -16.85 -20.54 -37.66
N ASN J 102 -17.78 -21.50 -37.71
CA ASN J 102 -18.90 -21.72 -36.78
C ASN J 102 -18.60 -21.39 -35.31
N GLU J 103 -17.43 -21.85 -34.81
CA GLU J 103 -16.96 -21.69 -33.43
C GLU J 103 -16.88 -20.23 -32.91
N LYS J 104 -16.76 -19.24 -33.83
CA LYS J 104 -16.68 -17.80 -33.51
C LYS J 104 -17.91 -17.31 -32.72
N LEU J 105 -17.69 -16.92 -31.44
CA LEU J 105 -18.74 -16.42 -30.52
C LEU J 105 -19.16 -14.97 -30.78
N PHE J 106 -20.47 -14.70 -30.71
CA PHE J 106 -21.07 -13.39 -30.91
C PHE J 106 -21.84 -13.01 -29.67
N PHE J 107 -21.42 -11.90 -29.02
CA PHE J 107 -22.04 -11.48 -27.78
C PHE J 107 -23.14 -10.44 -27.90
N GLY J 108 -24.19 -10.61 -27.09
CA GLY J 108 -25.27 -9.65 -26.97
C GLY J 108 -24.85 -8.65 -25.91
N SER J 109 -25.59 -7.54 -25.75
CA SER J 109 -25.20 -6.57 -24.72
C SER J 109 -26.00 -6.79 -23.44
N GLY J 110 -25.39 -7.52 -22.52
CA GLY J 110 -25.88 -7.97 -21.23
C GLY J 110 -27.04 -7.32 -20.49
N THR J 111 -27.62 -8.10 -19.56
CA THR J 111 -28.66 -7.65 -18.65
C THR J 111 -27.94 -7.28 -17.36
N GLN J 112 -28.02 -6.00 -16.98
CA GLN J 112 -27.41 -5.50 -15.75
C GLN J 112 -28.36 -5.88 -14.60
N LEU J 113 -28.00 -6.93 -13.85
CA LEU J 113 -28.83 -7.35 -12.73
C LEU J 113 -28.30 -6.77 -11.44
N SER J 114 -29.17 -6.08 -10.70
CA SER J 114 -28.83 -5.49 -9.41
C SER J 114 -29.78 -6.06 -8.37
N VAL J 115 -29.27 -7.01 -7.57
CA VAL J 115 -30.04 -7.69 -6.52
C VAL J 115 -29.84 -6.90 -5.23
N LEU J 116 -30.94 -6.35 -4.70
CA LEU J 116 -30.94 -5.50 -3.50
C LEU J 116 -31.58 -6.14 -2.29
N GLU J 117 -31.17 -5.70 -1.09
CA GLU J 117 -31.73 -6.17 0.17
C GLU J 117 -33.17 -5.65 0.33
N ASP J 118 -33.44 -4.43 -0.18
CA ASP J 118 -34.76 -3.81 -0.12
C ASP J 118 -34.91 -2.81 -1.28
N LEU J 119 -35.99 -2.93 -2.07
CA LEU J 119 -36.26 -2.01 -3.20
C LEU J 119 -36.47 -0.56 -2.74
N ASN J 120 -36.37 -0.32 -1.42
CA ASN J 120 -36.50 1.00 -0.77
C ASN J 120 -35.22 1.77 -0.92
N LYS J 121 -34.16 1.07 -1.35
CA LYS J 121 -32.84 1.62 -1.58
C LYS J 121 -32.72 2.18 -3.00
N VAL J 122 -33.79 2.08 -3.83
CA VAL J 122 -33.81 2.62 -5.20
C VAL J 122 -34.13 4.11 -5.13
N PHE J 123 -33.23 4.95 -5.68
CA PHE J 123 -33.36 6.40 -5.69
C PHE J 123 -32.99 6.96 -7.06
N PRO J 124 -33.75 7.94 -7.61
CA PRO J 124 -33.34 8.52 -8.89
C PRO J 124 -32.29 9.61 -8.69
N PRO J 125 -31.68 10.19 -9.75
CA PRO J 125 -30.66 11.22 -9.51
C PRO J 125 -31.17 12.67 -9.45
N GLU J 126 -30.39 13.54 -8.77
CA GLU J 126 -30.61 14.98 -8.66
C GLU J 126 -29.64 15.57 -9.68
N VAL J 127 -30.16 16.02 -10.83
CA VAL J 127 -29.32 16.51 -11.93
C VAL J 127 -29.23 18.05 -11.95
N ALA J 128 -27.98 18.56 -11.88
CA ALA J 128 -27.65 19.99 -11.85
C ALA J 128 -26.54 20.40 -12.83
N VAL J 129 -26.83 21.37 -13.71
CA VAL J 129 -25.80 21.89 -14.64
C VAL J 129 -25.27 23.23 -14.10
N PHE J 130 -23.93 23.38 -14.09
CA PHE J 130 -23.21 24.53 -13.58
C PHE J 130 -22.59 25.34 -14.70
N GLU J 131 -22.86 26.65 -14.68
CA GLU J 131 -22.39 27.64 -15.65
C GLU J 131 -20.87 27.80 -15.61
N PRO J 132 -20.22 28.07 -16.77
CA PRO J 132 -18.75 28.24 -16.78
C PRO J 132 -18.26 29.40 -15.94
N SER J 133 -16.99 29.33 -15.52
CA SER J 133 -16.32 30.36 -14.72
C SER J 133 -15.81 31.46 -15.66
N GLU J 134 -16.21 32.73 -15.42
CA GLU J 134 -15.78 33.88 -16.24
C GLU J 134 -14.25 34.01 -16.30
N ALA J 135 -13.55 33.51 -15.25
CA ALA J 135 -12.09 33.45 -15.17
C ALA J 135 -11.58 32.59 -16.33
N GLU J 136 -12.10 31.35 -16.46
CA GLU J 136 -11.75 30.40 -17.53
C GLU J 136 -12.00 31.03 -18.91
N ILE J 137 -13.15 31.72 -19.08
CA ILE J 137 -13.54 32.40 -20.32
C ILE J 137 -12.49 33.44 -20.73
N SER J 138 -12.03 34.27 -19.78
CA SER J 138 -11.04 35.32 -20.02
C SER J 138 -9.64 34.77 -20.29
N HIS J 139 -9.24 33.72 -19.54
CA HIS J 139 -7.92 33.12 -19.61
C HIS J 139 -7.69 32.22 -20.83
N THR J 140 -8.55 31.21 -20.99
CA THR J 140 -8.44 30.18 -22.02
C THR J 140 -9.21 30.45 -23.30
N GLN J 141 -10.22 31.35 -23.26
CA GLN J 141 -11.10 31.68 -24.40
C GLN J 141 -11.98 30.48 -24.78
N LYS J 142 -12.27 29.66 -23.75
CA LYS J 142 -13.09 28.45 -23.77
C LYS J 142 -13.95 28.46 -22.51
N ALA J 143 -15.06 27.72 -22.52
CA ALA J 143 -16.00 27.65 -21.42
C ALA J 143 -16.43 26.23 -21.11
N THR J 144 -16.10 25.74 -19.90
CA THR J 144 -16.45 24.40 -19.47
C THR J 144 -17.75 24.41 -18.67
N LEU J 145 -18.72 23.57 -19.07
CA LEU J 145 -20.00 23.37 -18.37
C LEU J 145 -19.87 22.07 -17.59
N VAL J 146 -20.35 22.05 -16.35
CA VAL J 146 -20.24 20.85 -15.53
C VAL J 146 -21.61 20.34 -15.12
N CYS J 147 -21.86 19.04 -15.29
CA CYS J 147 -23.10 18.45 -14.87
C CYS J 147 -22.86 17.51 -13.73
N LEU J 148 -23.82 17.44 -12.80
CA LEU J 148 -23.74 16.57 -11.65
C LEU J 148 -25.05 15.84 -11.44
N ALA J 149 -24.99 14.51 -11.50
CA ALA J 149 -26.10 13.60 -11.24
C ALA J 149 -25.77 13.01 -9.88
N THR J 150 -26.56 13.35 -8.84
CA THR J 150 -26.28 12.94 -7.46
C THR J 150 -27.41 12.12 -6.80
N GLY J 151 -27.07 11.44 -5.70
CA GLY J 151 -27.99 10.63 -4.91
C GLY J 151 -28.75 9.54 -5.65
N PHE J 152 -28.12 8.90 -6.65
CA PHE J 152 -28.81 7.86 -7.39
C PHE J 152 -28.42 6.46 -6.93
N TYR J 153 -29.37 5.52 -6.99
CA TYR J 153 -29.13 4.13 -6.64
C TYR J 153 -30.09 3.23 -7.41
N PRO J 154 -29.59 2.22 -8.17
CA PRO J 154 -28.19 1.79 -8.36
C PRO J 154 -27.43 2.58 -9.43
N ASP J 155 -26.28 2.05 -9.91
CA ASP J 155 -25.40 2.66 -10.93
C ASP J 155 -26.05 2.72 -12.36
N HIS J 156 -27.36 2.44 -12.45
CA HIS J 156 -28.15 2.40 -13.69
C HIS J 156 -28.40 3.77 -14.40
N VAL J 157 -27.34 4.58 -14.70
CA VAL J 157 -27.54 5.87 -15.38
C VAL J 157 -26.85 5.99 -16.75
N GLU J 158 -27.37 6.91 -17.59
CA GLU J 158 -26.86 7.25 -18.92
C GLU J 158 -26.95 8.78 -19.13
N LEU J 159 -25.85 9.50 -18.81
CA LEU J 159 -25.75 10.96 -18.95
C LEU J 159 -25.47 11.32 -20.41
N SER J 160 -26.13 12.38 -20.92
CA SER J 160 -26.04 12.84 -22.31
C SER J 160 -26.17 14.36 -22.46
N TRP J 161 -25.31 14.96 -23.29
CA TRP J 161 -25.35 16.41 -23.54
C TRP J 161 -26.11 16.73 -24.80
N TRP J 162 -26.92 17.80 -24.72
CA TRP J 162 -27.79 18.26 -25.81
C TRP J 162 -27.64 19.75 -26.01
N VAL J 163 -27.10 20.13 -27.17
CA VAL J 163 -26.94 21.54 -27.51
C VAL J 163 -27.88 21.88 -28.65
N ASN J 164 -28.85 22.75 -28.36
CA ASN J 164 -29.89 23.23 -29.28
C ASN J 164 -30.69 22.08 -29.90
N GLY J 165 -31.13 21.16 -29.06
CA GLY J 165 -31.94 20.01 -29.46
C GLY J 165 -31.21 18.80 -30.00
N LYS J 166 -29.97 18.95 -30.48
CA LYS J 166 -29.25 17.80 -31.02
C LYS J 166 -28.18 17.31 -30.06
N GLU J 167 -28.01 15.98 -29.92
CA GLU J 167 -27.03 15.40 -29.01
C GLU J 167 -25.60 15.62 -29.50
N VAL J 168 -24.75 16.16 -28.62
CA VAL J 168 -23.35 16.47 -28.87
C VAL J 168 -22.37 15.47 -28.18
N HIS J 169 -21.22 15.17 -28.83
CA HIS J 169 -20.18 14.30 -28.27
C HIS J 169 -18.83 15.01 -28.21
N SER J 170 -18.58 15.95 -29.14
CA SER J 170 -17.33 16.70 -29.13
C SER J 170 -17.34 17.63 -27.94
N GLY J 171 -16.19 17.71 -27.26
CA GLY J 171 -16.02 18.51 -26.06
C GLY J 171 -16.56 17.87 -24.79
N VAL J 172 -17.12 16.66 -24.91
CA VAL J 172 -17.71 15.91 -23.79
C VAL J 172 -16.72 14.97 -23.10
N CYS J 173 -16.87 14.84 -21.77
CA CYS J 173 -16.16 13.89 -20.90
C CYS J 173 -16.95 13.63 -19.62
N THR J 174 -17.52 12.43 -19.50
CA THR J 174 -18.27 11.97 -18.34
C THR J 174 -17.39 10.99 -17.61
N ASP J 175 -17.47 10.99 -16.27
CA ASP J 175 -16.70 10.07 -15.45
C ASP J 175 -16.96 8.62 -15.87
N PRO J 176 -15.88 7.83 -16.10
CA PRO J 176 -16.08 6.42 -16.51
C PRO J 176 -16.65 5.58 -15.36
N GLN J 177 -16.39 6.01 -14.12
CA GLN J 177 -16.85 5.34 -12.92
C GLN J 177 -17.52 6.32 -11.95
N PRO J 178 -18.66 5.95 -11.34
CA PRO J 178 -19.31 6.87 -10.39
C PRO J 178 -18.69 6.78 -8.99
N LEU J 179 -18.97 7.78 -8.15
CA LEU J 179 -18.45 7.83 -6.79
C LEU J 179 -19.50 7.57 -5.73
N LYS J 180 -19.08 6.96 -4.61
CA LYS J 180 -19.95 6.69 -3.48
C LYS J 180 -20.07 7.95 -2.64
N GLU J 181 -21.30 8.31 -2.24
CA GLU J 181 -21.52 9.48 -1.40
C GLU J 181 -21.09 9.18 0.04
N GLN J 182 -21.31 7.93 0.49
CA GLN J 182 -20.91 7.42 1.81
C GLN J 182 -20.02 6.21 1.52
N PRO J 183 -18.68 6.37 1.28
CA PRO J 183 -17.85 5.20 0.91
C PRO J 183 -17.84 4.05 1.92
N ALA J 184 -17.75 4.35 3.22
CA ALA J 184 -17.79 3.33 4.27
C ALA J 184 -19.26 2.99 4.58
N LEU J 185 -19.98 2.50 3.53
CA LEU J 185 -21.40 2.14 3.59
C LEU J 185 -21.79 1.22 2.43
N ASN J 186 -22.60 0.20 2.77
CA ASN J 186 -23.17 -0.77 1.85
C ASN J 186 -24.57 -0.23 1.51
N ASP J 187 -24.88 -0.08 0.21
CA ASP J 187 -26.11 0.49 -0.38
C ASP J 187 -25.99 2.03 -0.47
N SER J 188 -24.75 2.53 -0.69
CA SER J 188 -24.43 3.95 -0.78
C SER J 188 -24.81 4.55 -2.12
N ARG J 189 -25.59 5.64 -2.09
CA ARG J 189 -26.02 6.39 -3.26
C ARG J 189 -24.82 6.96 -4.01
N TYR J 190 -24.94 7.04 -5.34
CA TYR J 190 -23.90 7.48 -6.24
C TYR J 190 -24.03 8.90 -6.77
N ALA J 191 -22.90 9.45 -7.22
CA ALA J 191 -22.74 10.74 -7.85
C ALA J 191 -21.91 10.53 -9.13
N LEU J 192 -22.16 11.34 -10.18
CA LEU J 192 -21.48 11.24 -11.47
C LEU J 192 -21.39 12.61 -12.13
N SER J 193 -20.17 13.06 -12.44
CA SER J 193 -19.96 14.35 -13.10
C SER J 193 -19.61 14.20 -14.58
N SER J 194 -19.85 15.26 -15.37
CA SER J 194 -19.57 15.30 -16.81
C SER J 194 -19.27 16.71 -17.25
N ARG J 195 -18.33 16.87 -18.18
CA ARG J 195 -17.99 18.20 -18.69
C ARG J 195 -18.26 18.33 -20.16
N LEU J 196 -18.71 19.53 -20.58
CA LEU J 196 -18.90 19.90 -21.96
C LEU J 196 -18.25 21.26 -22.13
N ARG J 197 -17.09 21.26 -22.79
CA ARG J 197 -16.37 22.49 -23.05
C ARG J 197 -16.69 22.98 -24.46
N VAL J 198 -17.10 24.25 -24.55
CA VAL J 198 -17.43 24.98 -25.78
C VAL J 198 -16.50 26.19 -25.86
N SER J 199 -16.44 26.88 -27.01
CA SER J 199 -15.63 28.09 -27.16
C SER J 199 -16.30 29.19 -26.35
N ALA J 200 -15.52 30.20 -25.89
CA ALA J 200 -16.06 31.32 -25.13
C ALA J 200 -17.15 32.06 -25.92
N THR J 201 -16.91 32.28 -27.24
CA THR J 201 -17.87 32.95 -28.13
C THR J 201 -19.15 32.14 -28.32
N PHE J 202 -19.07 30.80 -28.25
CA PHE J 202 -20.24 29.92 -28.38
C PHE J 202 -21.11 30.05 -27.16
N TRP J 203 -20.48 30.00 -25.98
CA TRP J 203 -21.14 30.11 -24.69
C TRP J 203 -21.81 31.48 -24.51
N GLN J 204 -21.16 32.53 -25.03
CA GLN J 204 -21.64 33.91 -24.94
C GLN J 204 -22.94 34.18 -25.71
N ASN J 205 -23.26 33.38 -26.74
CA ASN J 205 -24.49 33.55 -27.50
C ASN J 205 -25.70 33.14 -26.64
N PRO J 206 -26.66 34.06 -26.38
CA PRO J 206 -27.82 33.71 -25.55
C PRO J 206 -28.91 32.92 -26.28
N ARG J 207 -28.62 32.45 -27.49
CA ARG J 207 -29.52 31.64 -28.29
C ARG J 207 -29.06 30.19 -28.33
N ASN J 208 -27.96 29.91 -27.60
CA ASN J 208 -27.39 28.58 -27.47
C ASN J 208 -27.89 27.93 -26.21
N HIS J 209 -28.66 26.85 -26.39
CA HIS J 209 -29.30 26.10 -25.32
C HIS J 209 -28.55 24.81 -25.02
N PHE J 210 -28.17 24.64 -23.75
CA PHE J 210 -27.41 23.50 -23.24
C PHE J 210 -28.27 22.70 -22.29
N ARG J 211 -28.38 21.38 -22.48
CA ARG J 211 -29.14 20.50 -21.58
C ARG J 211 -28.34 19.26 -21.20
N CYS J 212 -28.34 18.92 -19.89
CA CYS J 212 -27.70 17.74 -19.38
C CYS J 212 -28.75 16.66 -19.04
N GLN J 213 -28.97 15.71 -19.97
CA GLN J 213 -29.92 14.63 -19.81
C GLN J 213 -29.32 13.47 -19.01
N VAL J 214 -30.11 12.84 -18.13
CA VAL J 214 -29.67 11.67 -17.34
C VAL J 214 -30.79 10.63 -17.33
N GLN J 215 -30.61 9.58 -18.12
CA GLN J 215 -31.55 8.46 -18.22
C GLN J 215 -31.25 7.47 -17.08
N PHE J 216 -32.16 7.42 -16.11
CA PHE J 216 -32.06 6.50 -14.98
C PHE J 216 -32.87 5.26 -15.28
N TYR J 217 -32.37 4.09 -14.86
CA TYR J 217 -33.05 2.81 -15.08
C TYR J 217 -33.51 2.24 -13.74
N GLY J 218 -34.76 2.53 -13.39
CA GLY J 218 -35.35 2.15 -12.12
C GLY J 218 -36.25 0.94 -12.11
N LEU J 219 -37.33 1.04 -11.33
CA LEU J 219 -38.31 -0.01 -11.14
C LEU J 219 -39.31 -0.11 -12.28
N SER J 220 -40.01 -1.26 -12.36
CA SER J 220 -41.02 -1.56 -13.36
C SER J 220 -42.41 -1.12 -12.86
N GLU J 221 -43.41 -1.09 -13.75
CA GLU J 221 -44.80 -0.76 -13.42
C GLU J 221 -45.45 -1.86 -12.57
N ASN J 222 -44.82 -3.05 -12.54
CA ASN J 222 -45.26 -4.25 -11.80
C ASN J 222 -44.64 -4.28 -10.41
N ASP J 223 -43.55 -3.53 -10.19
CA ASP J 223 -42.88 -3.44 -8.90
C ASP J 223 -43.76 -2.64 -7.93
N GLU J 224 -43.98 -3.19 -6.74
CA GLU J 224 -44.79 -2.56 -5.70
C GLU J 224 -44.01 -1.41 -5.06
N TRP J 225 -44.68 -0.29 -4.86
CA TRP J 225 -44.08 0.85 -4.19
C TRP J 225 -44.92 1.17 -2.99
N THR J 226 -44.60 0.48 -1.90
CA THR J 226 -45.32 0.54 -0.64
C THR J 226 -45.10 1.89 0.10
N GLN J 227 -43.94 2.58 -0.10
CA GLN J 227 -43.55 3.84 0.58
C GLN J 227 -44.30 5.10 0.17
N ASP J 228 -44.00 6.18 0.92
CA ASP J 228 -44.51 7.53 0.79
C ASP J 228 -43.93 8.25 -0.41
N ARG J 229 -42.58 8.39 -0.47
CA ARG J 229 -41.82 9.05 -1.54
C ARG J 229 -42.22 8.60 -2.97
N ALA J 230 -41.82 9.35 -4.01
CA ALA J 230 -42.21 8.98 -5.39
C ALA J 230 -41.53 7.69 -5.88
N LYS J 231 -42.28 6.89 -6.66
CA LYS J 231 -41.84 5.61 -7.23
C LYS J 231 -40.58 5.80 -8.10
N PRO J 232 -39.45 5.15 -7.72
CA PRO J 232 -38.23 5.33 -8.51
C PRO J 232 -38.22 4.40 -9.71
N VAL J 233 -39.06 4.77 -10.68
CA VAL J 233 -39.22 4.06 -11.94
C VAL J 233 -38.17 4.56 -12.91
N THR J 234 -38.07 3.91 -14.09
CA THR J 234 -37.19 4.31 -15.17
C THR J 234 -37.72 5.68 -15.64
N GLN J 235 -36.81 6.68 -15.77
CA GLN J 235 -37.14 8.07 -16.07
C GLN J 235 -35.89 8.87 -16.49
N ILE J 236 -36.13 10.05 -17.10
CA ILE J 236 -35.09 10.99 -17.52
C ILE J 236 -35.12 12.20 -16.58
N VAL J 237 -33.93 12.67 -16.13
CA VAL J 237 -33.81 13.82 -15.25
C VAL J 237 -32.86 14.85 -15.90
N SER J 238 -33.40 15.88 -16.55
CA SER J 238 -32.60 16.90 -17.23
C SER J 238 -32.26 18.10 -16.33
N ALA J 239 -31.41 19.02 -16.84
CA ALA J 239 -30.96 20.26 -16.22
C ALA J 239 -30.41 21.11 -17.35
N GLU J 240 -30.89 22.37 -17.50
CA GLU J 240 -30.42 23.17 -18.63
C GLU J 240 -29.90 24.57 -18.25
N ALA J 241 -29.28 25.23 -19.25
CA ALA J 241 -28.72 26.57 -19.17
C ALA J 241 -28.62 27.20 -20.57
N TRP J 242 -28.85 28.50 -20.66
CA TRP J 242 -28.75 29.25 -21.90
C TRP J 242 -27.48 30.09 -21.85
N GLY J 243 -27.08 30.60 -23.00
CA GLY J 243 -25.92 31.46 -23.11
C GLY J 243 -26.09 32.78 -22.39
N ARG J 244 -24.97 33.33 -21.91
CA ARG J 244 -24.92 34.60 -21.20
C ARG J 244 -23.80 35.43 -21.83
N ALA J 245 -24.16 36.61 -22.35
CA ALA J 245 -23.19 37.53 -22.95
C ALA J 245 -22.34 38.22 -21.87
N SER K 2 -15.83 -18.70 11.49
CA SER K 2 -16.58 -17.82 12.38
C SER K 2 -16.81 -18.45 13.75
N HIS K 3 -16.64 -17.63 14.81
CA HIS K 3 -16.77 -18.04 16.21
C HIS K 3 -17.64 -17.07 17.04
N SER K 4 -18.09 -17.49 18.24
CA SER K 4 -18.96 -16.65 19.08
C SER K 4 -18.77 -16.75 20.60
N LEU K 5 -18.82 -15.60 21.30
CA LEU K 5 -18.82 -15.53 22.77
C LEU K 5 -20.18 -14.97 23.16
N LYS K 6 -21.06 -15.83 23.68
CA LYS K 6 -22.43 -15.48 24.02
C LYS K 6 -22.78 -15.77 25.47
N TYR K 7 -23.64 -14.91 26.05
CA TYR K 7 -24.13 -15.04 27.41
C TYR K 7 -25.66 -14.84 27.43
N PHE K 8 -26.38 -15.67 28.23
CA PHE K 8 -27.84 -15.63 28.38
C PHE K 8 -28.25 -15.40 29.83
N HIS K 9 -28.66 -14.16 30.14
CA HIS K 9 -29.05 -13.72 31.48
C HIS K 9 -30.56 -13.73 31.64
N THR K 10 -31.05 -14.27 32.77
CA THR K 10 -32.47 -14.42 33.06
C THR K 10 -32.78 -14.03 34.51
N SER K 11 -33.76 -13.12 34.69
CA SER K 11 -34.26 -12.70 36.00
C SER K 11 -35.76 -13.00 36.05
N VAL K 12 -36.16 -13.84 37.02
CA VAL K 12 -37.55 -14.31 37.21
C VAL K 12 -38.08 -13.89 38.59
N SER K 13 -39.05 -12.96 38.61
CA SER K 13 -39.66 -12.50 39.87
C SER K 13 -40.58 -13.56 40.48
N ARG K 14 -40.35 -13.88 41.77
CA ARG K 14 -41.10 -14.91 42.50
C ARG K 14 -41.85 -14.24 43.68
N PRO K 15 -43.03 -13.61 43.45
CA PRO K 15 -43.73 -12.92 44.55
C PRO K 15 -44.19 -13.85 45.67
N GLY K 16 -43.89 -13.45 46.90
CA GLY K 16 -44.19 -14.22 48.10
C GLY K 16 -43.01 -15.09 48.47
N ARG K 17 -42.59 -15.96 47.51
CA ARG K 17 -41.45 -16.89 47.57
C ARG K 17 -40.17 -16.23 48.12
N GLY K 18 -39.70 -15.20 47.40
CA GLY K 18 -38.50 -14.45 47.76
C GLY K 18 -37.95 -13.63 46.62
N GLU K 19 -36.68 -13.17 46.79
CA GLU K 19 -35.93 -12.36 45.80
C GLU K 19 -35.87 -13.09 44.44
N PRO K 20 -36.11 -12.38 43.31
CA PRO K 20 -36.11 -13.06 41.99
C PRO K 20 -34.93 -13.98 41.69
N ARG K 21 -35.16 -15.04 40.89
CA ARG K 21 -34.07 -15.94 40.49
C ARG K 21 -33.32 -15.26 39.37
N PHE K 22 -32.00 -15.34 39.44
CA PHE K 22 -31.11 -14.78 38.45
C PHE K 22 -30.09 -15.83 38.04
N ILE K 23 -30.15 -16.24 36.77
CA ILE K 23 -29.21 -17.18 36.18
C ILE K 23 -28.57 -16.55 34.94
N SER K 24 -27.24 -16.62 34.88
CA SER K 24 -26.47 -16.14 33.74
C SER K 24 -25.63 -17.33 33.24
N VAL K 25 -25.67 -17.59 31.91
CA VAL K 25 -24.96 -18.73 31.30
C VAL K 25 -24.10 -18.30 30.10
N GLY K 26 -22.92 -18.88 30.00
CA GLY K 26 -21.97 -18.55 28.94
C GLY K 26 -21.65 -19.69 27.99
N TYR K 27 -21.60 -19.36 26.69
CA TYR K 27 -21.30 -20.26 25.59
C TYR K 27 -20.20 -19.70 24.69
N VAL K 28 -19.29 -20.57 24.23
CA VAL K 28 -18.27 -20.28 23.22
C VAL K 28 -18.71 -21.19 22.08
N ASP K 29 -19.28 -20.57 21.02
CA ASP K 29 -19.88 -21.27 19.88
C ASP K 29 -21.04 -22.11 20.44
N ASP K 30 -20.98 -23.45 20.31
CA ASP K 30 -22.04 -24.31 20.86
C ASP K 30 -21.60 -25.07 22.12
N THR K 31 -20.53 -24.58 22.80
CA THR K 31 -19.99 -25.18 24.02
C THR K 31 -20.27 -24.29 25.23
N GLN K 32 -21.06 -24.79 26.21
CA GLN K 32 -21.31 -24.05 27.46
C GLN K 32 -20.04 -24.15 28.29
N PHE K 33 -19.59 -23.02 28.86
CA PHE K 33 -18.35 -23.01 29.61
C PHE K 33 -18.45 -22.52 31.05
N VAL K 34 -19.34 -21.55 31.34
CA VAL K 34 -19.53 -21.00 32.68
C VAL K 34 -21.02 -20.76 32.99
N ARG K 35 -21.37 -20.70 34.28
CA ARG K 35 -22.72 -20.42 34.76
C ARG K 35 -22.71 -19.69 36.10
N PHE K 36 -23.85 -19.10 36.47
CA PHE K 36 -24.05 -18.41 37.75
C PHE K 36 -25.49 -18.59 38.18
N ASP K 37 -25.70 -18.97 39.44
CA ASP K 37 -27.06 -19.11 39.95
C ASP K 37 -27.21 -18.65 41.37
N ASN K 38 -28.08 -17.66 41.59
CA ASN K 38 -28.39 -17.10 42.90
C ASN K 38 -29.27 -18.07 43.72
N ASP K 39 -29.97 -18.99 43.03
CA ASP K 39 -30.86 -19.98 43.65
C ASP K 39 -30.09 -21.05 44.44
N ALA K 40 -28.84 -21.37 44.00
CA ALA K 40 -27.97 -22.33 44.67
C ALA K 40 -27.41 -21.72 45.98
N ALA K 41 -26.78 -22.55 46.84
CA ALA K 41 -26.17 -22.09 48.09
C ALA K 41 -24.83 -21.41 47.78
N SER K 42 -24.31 -21.66 46.56
CA SER K 42 -23.07 -21.12 45.99
C SER K 42 -23.44 -20.11 44.86
N PRO K 43 -23.77 -18.82 45.18
CA PRO K 43 -24.09 -17.86 44.11
C PRO K 43 -22.77 -17.32 43.54
N ARG K 44 -22.06 -18.20 42.83
CA ARG K 44 -20.75 -17.94 42.26
C ARG K 44 -20.72 -18.26 40.78
N MET K 45 -19.87 -17.57 40.02
CA MET K 45 -19.64 -17.89 38.62
C MET K 45 -18.71 -19.11 38.71
N VAL K 46 -19.17 -20.24 38.20
CA VAL K 46 -18.45 -21.51 38.27
C VAL K 46 -18.15 -22.09 36.88
N PRO K 47 -17.16 -23.01 36.71
CA PRO K 47 -16.95 -23.59 35.38
C PRO K 47 -17.97 -24.68 35.07
N ARG K 48 -18.30 -24.82 33.78
CA ARG K 48 -19.21 -25.82 33.22
C ARG K 48 -18.54 -26.50 32.02
N ALA K 49 -17.22 -26.25 31.86
CA ALA K 49 -16.32 -26.80 30.84
C ALA K 49 -15.01 -27.21 31.52
N PRO K 50 -14.45 -28.40 31.19
CA PRO K 50 -13.20 -28.85 31.85
C PRO K 50 -11.94 -28.07 31.48
N TRP K 51 -12.03 -27.17 30.48
CA TRP K 51 -10.90 -26.32 30.08
C TRP K 51 -10.88 -25.03 30.89
N MET K 52 -12.05 -24.62 31.42
CA MET K 52 -12.19 -23.45 32.30
C MET K 52 -11.78 -23.85 33.72
N GLU K 53 -11.96 -25.16 34.05
CA GLU K 53 -11.67 -25.86 35.31
C GLU K 53 -10.54 -25.21 36.13
N GLN K 54 -9.37 -25.00 35.51
CA GLN K 54 -8.25 -24.33 36.15
C GLN K 54 -8.05 -22.97 35.51
N GLU K 55 -8.45 -21.92 36.24
CA GLU K 55 -8.37 -20.54 35.78
C GLU K 55 -7.87 -19.55 36.84
N GLY K 56 -8.07 -19.89 38.11
CA GLY K 56 -7.64 -19.06 39.22
C GLY K 56 -8.70 -18.07 39.66
N SER K 57 -8.83 -17.93 41.00
CA SER K 57 -9.79 -17.08 41.72
C SER K 57 -9.97 -15.66 41.15
N GLU K 58 -8.88 -15.00 40.70
N GLU K 58 -8.88 -15.02 40.68
CA GLU K 58 -8.88 -13.63 40.12
CA GLU K 58 -8.82 -13.67 40.08
C GLU K 58 -9.99 -13.46 39.07
C GLU K 58 -9.96 -13.47 39.07
N TYR K 59 -10.21 -14.50 38.25
CA TYR K 59 -11.24 -14.52 37.21
C TYR K 59 -12.62 -14.74 37.82
N TRP K 60 -12.78 -15.81 38.63
CA TRP K 60 -14.04 -16.19 39.29
C TRP K 60 -14.62 -15.10 40.17
N ASP K 61 -13.76 -14.34 40.87
CA ASP K 61 -14.14 -13.23 41.73
C ASP K 61 -14.65 -12.05 40.93
N ARG K 62 -13.94 -11.68 39.84
CA ARG K 62 -14.31 -10.58 38.94
C ARG K 62 -15.68 -10.86 38.28
N GLU K 63 -15.89 -12.12 37.84
CA GLU K 63 -17.08 -12.58 37.13
C GLU K 63 -18.29 -12.76 38.06
N THR K 64 -18.08 -13.27 39.29
CA THR K 64 -19.17 -13.42 40.25
C THR K 64 -19.70 -12.02 40.56
N ARG K 65 -18.80 -11.06 40.83
CA ARG K 65 -19.14 -9.66 41.10
C ARG K 65 -19.96 -9.07 39.94
N SER K 66 -19.56 -9.36 38.67
CA SER K 66 -20.24 -8.90 37.45
C SER K 66 -21.69 -9.38 37.41
N ALA K 67 -21.90 -10.66 37.76
CA ALA K 67 -23.22 -11.29 37.79
C ALA K 67 -24.04 -10.81 38.99
N ARG K 68 -23.38 -10.57 40.14
CA ARG K 68 -23.98 -10.09 41.37
C ARG K 68 -24.57 -8.69 41.16
N ASP K 69 -23.77 -7.78 40.61
CA ASP K 69 -24.17 -6.40 40.33
C ASP K 69 -25.25 -6.31 39.25
N THR K 70 -25.31 -7.32 38.34
CA THR K 70 -26.33 -7.38 37.29
C THR K 70 -27.64 -7.77 37.95
N ALA K 71 -27.64 -8.87 38.73
CA ALA K 71 -28.79 -9.38 39.50
C ALA K 71 -29.41 -8.28 40.37
N GLN K 72 -28.55 -7.48 41.04
CA GLN K 72 -28.95 -6.35 41.88
C GLN K 72 -29.74 -5.32 41.07
N ILE K 73 -29.18 -4.89 39.93
CA ILE K 73 -29.81 -3.95 39.01
C ILE K 73 -31.13 -4.53 38.49
N PHE K 74 -31.09 -5.80 38.02
CA PHE K 74 -32.24 -6.51 37.44
C PHE K 74 -33.46 -6.60 38.36
N ARG K 75 -33.26 -6.65 39.70
CA ARG K 75 -34.34 -6.66 40.70
C ARG K 75 -35.15 -5.36 40.55
N VAL K 76 -34.42 -4.23 40.63
CA VAL K 76 -34.93 -2.86 40.49
C VAL K 76 -35.57 -2.68 39.11
N ASN K 77 -35.10 -3.43 38.10
CA ASN K 77 -35.65 -3.38 36.76
C ASN K 77 -37.03 -4.03 36.65
N LEU K 78 -37.23 -5.22 37.26
CA LEU K 78 -38.50 -5.95 37.23
C LEU K 78 -39.66 -5.14 37.82
N ARG K 79 -39.40 -4.37 38.91
CA ARG K 79 -40.41 -3.53 39.54
C ARG K 79 -40.62 -2.21 38.78
N THR K 80 -39.67 -1.82 37.90
CA THR K 80 -39.81 -0.63 37.06
C THR K 80 -40.74 -1.04 35.91
N LEU K 81 -40.58 -2.28 35.43
CA LEU K 81 -41.38 -2.87 34.35
C LEU K 81 -42.80 -3.24 34.79
N ARG K 82 -43.01 -3.42 36.11
CA ARG K 82 -44.32 -3.65 36.72
C ARG K 82 -45.09 -2.33 36.59
N GLY K 83 -44.37 -1.22 36.82
CA GLY K 83 -44.87 0.14 36.74
C GLY K 83 -45.34 0.52 35.35
N TYR K 84 -44.47 0.38 34.33
CA TYR K 84 -44.80 0.69 32.93
C TYR K 84 -46.00 -0.10 32.43
N TYR K 85 -45.99 -1.43 32.67
CA TYR K 85 -47.03 -2.34 32.24
C TYR K 85 -48.26 -2.36 33.19
N ASN K 86 -48.27 -1.46 34.21
CA ASN K 86 -49.33 -1.29 35.23
C ASN K 86 -49.80 -2.63 35.83
N GLN K 87 -48.82 -3.49 36.21
CA GLN K 87 -49.05 -4.83 36.75
C GLN K 87 -49.01 -4.87 38.28
N SER K 88 -49.69 -5.87 38.86
CA SER K 88 -49.81 -6.09 40.30
C SER K 88 -48.63 -6.86 40.91
N GLU K 89 -48.38 -6.60 42.22
CA GLU K 89 -47.32 -7.21 43.03
C GLU K 89 -47.29 -8.74 42.96
N ALA K 90 -48.46 -9.37 42.71
CA ALA K 90 -48.61 -10.83 42.62
C ALA K 90 -48.10 -11.45 41.30
N GLY K 91 -47.88 -10.61 40.29
CA GLY K 91 -47.39 -11.03 38.98
C GLY K 91 -45.95 -11.50 38.94
N SER K 92 -45.74 -12.73 38.44
CA SER K 92 -44.42 -13.36 38.29
C SER K 92 -43.94 -13.17 36.85
N HIS K 93 -42.96 -12.27 36.66
CA HIS K 93 -42.47 -11.87 35.35
C HIS K 93 -41.00 -12.19 35.07
N THR K 94 -40.65 -12.13 33.76
CA THR K 94 -39.33 -12.48 33.22
C THR K 94 -38.61 -11.33 32.50
N LEU K 95 -37.34 -11.13 32.88
CA LEU K 95 -36.42 -10.20 32.25
C LEU K 95 -35.29 -11.04 31.70
N GLN K 96 -35.03 -10.91 30.41
CA GLN K 96 -33.99 -11.68 29.75
C GLN K 96 -33.05 -10.76 29.01
N TRP K 97 -31.77 -11.05 29.10
CA TRP K 97 -30.72 -10.25 28.46
C TRP K 97 -29.77 -11.18 27.76
N MET K 98 -29.33 -10.77 26.59
CA MET K 98 -28.34 -11.51 25.82
C MET K 98 -27.44 -10.57 25.05
N HIS K 99 -26.14 -10.81 25.21
CA HIS K 99 -25.07 -10.12 24.54
C HIS K 99 -24.16 -11.17 23.92
N GLY K 100 -23.45 -10.78 22.88
CA GLY K 100 -22.54 -11.68 22.19
C GLY K 100 -21.79 -11.04 21.06
N CYS K 101 -20.60 -11.58 20.78
CA CYS K 101 -19.76 -11.10 19.69
C CYS K 101 -19.43 -12.24 18.73
N GLU K 102 -19.27 -11.89 17.44
CA GLU K 102 -18.97 -12.82 16.37
C GLU K 102 -17.74 -12.37 15.59
N LEU K 103 -16.88 -13.33 15.24
CA LEU K 103 -15.66 -13.11 14.46
C LEU K 103 -15.92 -13.54 13.02
N GLY K 104 -15.26 -12.88 12.08
CA GLY K 104 -15.37 -13.21 10.66
C GLY K 104 -14.56 -14.42 10.27
N PRO K 105 -14.63 -14.89 8.99
CA PRO K 105 -13.80 -16.03 8.58
C PRO K 105 -12.31 -15.72 8.68
N ASP K 106 -11.97 -14.41 8.60
CA ASP K 106 -10.62 -13.85 8.72
C ASP K 106 -10.09 -14.02 10.16
N ARG K 107 -10.95 -13.74 11.14
CA ARG K 107 -10.61 -13.86 12.56
C ARG K 107 -10.76 -12.55 13.34
N ARG K 108 -11.15 -11.47 12.63
CA ARG K 108 -11.37 -10.16 13.23
C ARG K 108 -12.84 -9.99 13.57
N PHE K 109 -13.18 -8.97 14.40
CA PHE K 109 -14.56 -8.67 14.81
C PHE K 109 -15.48 -8.47 13.61
N LEU K 110 -16.50 -9.34 13.50
CA LEU K 110 -17.51 -9.33 12.43
C LEU K 110 -18.72 -8.52 12.90
N ARG K 111 -19.42 -9.01 13.95
CA ARG K 111 -20.60 -8.32 14.48
C ARG K 111 -20.77 -8.54 15.99
N GLY K 112 -21.57 -7.66 16.59
CA GLY K 112 -21.92 -7.66 18.00
C GLY K 112 -23.40 -7.35 18.14
N TYR K 113 -24.04 -7.88 19.19
CA TYR K 113 -25.47 -7.68 19.41
C TYR K 113 -25.83 -7.64 20.89
N GLU K 114 -26.98 -7.01 21.20
CA GLU K 114 -27.54 -6.89 22.54
C GLU K 114 -29.04 -6.67 22.48
N GLN K 115 -29.78 -7.44 23.30
CA GLN K 115 -31.25 -7.39 23.36
C GLN K 115 -31.79 -7.68 24.76
N PHE K 116 -32.96 -7.08 25.08
CA PHE K 116 -33.72 -7.24 26.31
C PHE K 116 -35.10 -7.80 25.99
N ALA K 117 -35.81 -8.37 27.00
CA ALA K 117 -37.15 -8.95 26.81
C ALA K 117 -37.97 -9.14 28.06
N TYR K 118 -39.09 -8.42 28.15
CA TYR K 118 -40.02 -8.58 29.25
C TYR K 118 -41.08 -9.59 28.82
N ASP K 119 -41.15 -10.72 29.54
CA ASP K 119 -42.08 -11.84 29.34
C ASP K 119 -42.10 -12.36 27.88
N GLY K 120 -40.95 -12.87 27.42
CA GLY K 120 -40.76 -13.44 26.09
C GLY K 120 -40.89 -12.50 24.90
N LYS K 121 -41.48 -11.32 25.12
CA LYS K 121 -41.69 -10.30 24.10
C LYS K 121 -40.50 -9.34 24.08
N ASP K 122 -39.90 -9.14 22.90
CA ASP K 122 -38.76 -8.26 22.67
C ASP K 122 -39.03 -6.87 23.24
N TYR K 123 -38.15 -6.42 24.15
CA TYR K 123 -38.29 -5.13 24.82
C TYR K 123 -37.41 -4.05 24.19
N LEU K 124 -36.09 -4.09 24.43
CA LEU K 124 -35.14 -3.10 23.92
C LEU K 124 -34.02 -3.79 23.13
N THR K 125 -33.50 -3.12 22.09
CA THR K 125 -32.44 -3.66 21.23
C THR K 125 -31.37 -2.62 20.95
N LEU K 126 -30.13 -3.08 20.82
CA LEU K 126 -28.98 -2.27 20.45
C LEU K 126 -28.86 -2.36 18.92
N ASN K 127 -28.89 -1.20 18.23
CA ASN K 127 -28.81 -1.06 16.77
C ASN K 127 -27.51 -1.68 16.21
N GLU K 128 -27.51 -2.04 14.91
CA GLU K 128 -26.35 -2.65 14.25
C GLU K 128 -25.09 -1.78 14.23
N ASP K 129 -25.26 -0.45 14.43
CA ASP K 129 -24.20 0.55 14.48
C ASP K 129 -23.50 0.60 15.86
N LEU K 130 -24.17 0.03 16.90
CA LEU K 130 -23.75 -0.01 18.31
C LEU K 130 -23.56 1.41 18.88
N ARG K 131 -24.48 2.33 18.56
CA ARG K 131 -24.42 3.73 19.01
C ARG K 131 -25.71 4.16 19.71
N SER K 132 -26.83 3.51 19.37
CA SER K 132 -28.15 3.82 19.93
C SER K 132 -28.99 2.57 20.24
N TRP K 133 -30.09 2.77 20.98
CA TRP K 133 -31.03 1.72 21.37
C TRP K 133 -32.37 2.04 20.74
N THR K 134 -33.07 1.02 20.24
CA THR K 134 -34.37 1.17 19.57
C THR K 134 -35.43 0.32 20.27
N ALA K 135 -36.52 0.97 20.70
CA ALA K 135 -37.65 0.35 21.38
C ALA K 135 -38.40 -0.58 20.43
N VAL K 136 -38.65 -1.82 20.88
CA VAL K 136 -39.37 -2.85 20.12
C VAL K 136 -40.82 -2.95 20.69
N ASP K 137 -41.14 -2.03 21.61
CA ASP K 137 -42.45 -1.91 22.25
C ASP K 137 -42.71 -0.45 22.63
N THR K 138 -44.01 -0.11 22.78
CA THR K 138 -44.50 1.22 23.16
C THR K 138 -44.03 1.61 24.58
N ALA K 139 -43.98 0.62 25.50
CA ALA K 139 -43.53 0.78 26.87
C ALA K 139 -42.01 0.98 26.93
N ALA K 140 -41.29 0.34 25.99
CA ALA K 140 -39.83 0.39 25.88
C ALA K 140 -39.30 1.79 25.53
N GLN K 141 -40.19 2.70 25.06
CA GLN K 141 -39.87 4.09 24.70
C GLN K 141 -39.24 4.87 25.85
N ILE K 142 -39.67 4.58 27.10
CA ILE K 142 -39.15 5.22 28.32
C ILE K 142 -37.68 4.86 28.52
N SER K 143 -37.36 3.54 28.57
CA SER K 143 -36.01 2.98 28.71
C SER K 143 -35.11 3.38 27.56
N GLU K 144 -35.70 3.52 26.35
CA GLU K 144 -35.02 3.93 25.11
C GLU K 144 -34.60 5.39 25.26
N GLN K 145 -35.56 6.30 25.55
CA GLN K 145 -35.32 7.73 25.76
C GLN K 145 -34.69 7.99 27.14
N LYS K 146 -33.90 7.00 27.62
CA LYS K 146 -33.18 7.01 28.89
C LYS K 146 -31.77 6.55 28.60
N SER K 147 -31.64 5.33 28.03
CA SER K 147 -30.37 4.69 27.66
C SER K 147 -29.64 5.45 26.57
N ASN K 148 -30.39 6.09 25.63
CA ASN K 148 -29.84 6.91 24.55
C ASN K 148 -29.21 8.18 25.12
N ASP K 149 -29.95 8.88 26.02
CA ASP K 149 -29.56 10.11 26.71
C ASP K 149 -28.27 9.91 27.53
N ALA K 150 -28.22 8.80 28.28
CA ALA K 150 -27.10 8.41 29.14
C ALA K 150 -25.87 8.00 28.34
N SER K 151 -26.05 7.72 27.03
CA SER K 151 -25.02 7.25 26.10
C SER K 151 -24.38 5.95 26.63
N GLU K 152 -25.26 5.08 27.16
CA GLU K 152 -24.91 3.77 27.73
C GLU K 152 -24.36 2.83 26.67
N ALA K 153 -24.77 3.04 25.40
CA ALA K 153 -24.34 2.28 24.23
C ALA K 153 -22.83 2.18 24.10
N GLU K 154 -22.08 3.28 24.36
CA GLU K 154 -20.62 3.31 24.26
C GLU K 154 -19.92 2.40 25.26
N HIS K 155 -20.56 2.10 26.42
CA HIS K 155 -20.01 1.18 27.41
C HIS K 155 -20.06 -0.26 26.87
N GLN K 156 -21.19 -0.64 26.23
CA GLN K 156 -21.44 -1.96 25.64
C GLN K 156 -20.63 -2.14 24.36
N ARG K 157 -20.58 -1.09 23.50
CA ARG K 157 -19.81 -1.07 22.24
C ARG K 157 -18.37 -1.49 22.55
N ALA K 158 -17.79 -0.87 23.61
CA ALA K 158 -16.46 -1.14 24.12
C ALA K 158 -16.29 -2.59 24.55
N TYR K 159 -17.36 -3.23 25.03
CA TYR K 159 -17.30 -4.63 25.45
C TYR K 159 -17.31 -5.54 24.23
N LEU K 160 -18.36 -5.44 23.39
CA LEU K 160 -18.57 -6.27 22.20
C LEU K 160 -17.39 -6.18 21.22
N GLU K 161 -16.95 -4.95 20.90
CA GLU K 161 -15.83 -4.70 19.99
C GLU K 161 -14.45 -5.01 20.59
N ASP K 162 -14.20 -4.69 21.87
CA ASP K 162 -12.88 -4.90 22.47
C ASP K 162 -12.79 -6.09 23.44
N THR K 163 -13.48 -6.01 24.60
CA THR K 163 -13.47 -7.01 25.69
C THR K 163 -13.84 -8.42 25.25
N CYS K 164 -15.02 -8.58 24.62
CA CYS K 164 -15.61 -9.81 24.14
C CYS K 164 -14.66 -10.55 23.18
N VAL K 165 -14.08 -9.83 22.20
CA VAL K 165 -13.13 -10.33 21.20
C VAL K 165 -11.86 -10.82 21.91
N GLU K 166 -11.23 -9.92 22.70
CA GLU K 166 -10.02 -10.17 23.49
C GLU K 166 -10.16 -11.48 24.26
N TRP K 167 -11.35 -11.68 24.85
CA TRP K 167 -11.66 -12.85 25.64
C TRP K 167 -12.07 -14.05 24.79
N LEU K 168 -12.71 -13.82 23.61
CA LEU K 168 -13.09 -14.93 22.71
C LEU K 168 -11.83 -15.60 22.19
N HIS K 169 -10.80 -14.81 21.85
CA HIS K 169 -9.51 -15.34 21.41
C HIS K 169 -8.85 -16.10 22.57
N LYS K 170 -9.00 -15.60 23.82
CA LYS K 170 -8.48 -16.26 25.01
C LYS K 170 -9.15 -17.61 25.22
N TYR K 171 -10.51 -17.68 25.15
CA TYR K 171 -11.25 -18.93 25.31
C TYR K 171 -10.98 -19.95 24.21
N LEU K 172 -10.81 -19.49 22.95
CA LEU K 172 -10.49 -20.34 21.81
C LEU K 172 -9.13 -21.01 21.97
N GLU K 173 -8.18 -20.26 22.59
CA GLU K 173 -6.84 -20.72 22.93
C GLU K 173 -6.96 -21.72 24.08
N LYS K 174 -7.70 -21.36 25.16
CA LYS K 174 -7.92 -22.14 26.38
C LYS K 174 -8.36 -23.58 26.16
N GLY K 175 -9.14 -23.82 25.11
CA GLY K 175 -9.64 -25.17 24.80
C GLY K 175 -9.59 -25.58 23.35
N LYS K 176 -8.46 -25.29 22.66
CA LYS K 176 -8.24 -25.64 21.24
C LYS K 176 -8.40 -27.14 20.95
N GLU K 177 -8.21 -27.99 21.98
CA GLU K 177 -8.35 -29.45 21.95
C GLU K 177 -9.78 -29.88 21.59
N THR K 178 -10.79 -29.27 22.24
CA THR K 178 -12.19 -29.59 22.07
C THR K 178 -12.95 -28.62 21.17
N LEU K 179 -12.77 -27.30 21.39
CA LEU K 179 -13.45 -26.24 20.65
C LEU K 179 -13.16 -26.23 19.16
N LEU K 180 -11.89 -25.93 18.77
CA LEU K 180 -11.47 -25.87 17.38
C LEU K 180 -11.58 -27.21 16.62
N HIS K 181 -11.43 -28.35 17.35
CA HIS K 181 -11.53 -29.69 16.76
C HIS K 181 -12.99 -30.12 16.52
N LEU K 182 -13.32 -30.37 15.25
CA LEU K 182 -14.66 -30.79 14.81
C LEU K 182 -14.86 -32.30 15.00
N GLU K 183 -16.13 -32.73 15.05
CA GLU K 183 -16.52 -34.14 15.19
C GLU K 183 -17.55 -34.48 14.08
N PRO K 184 -17.26 -35.49 13.22
CA PRO K 184 -18.22 -35.82 12.15
C PRO K 184 -19.38 -36.69 12.63
N PRO K 185 -20.60 -36.54 12.07
CA PRO K 185 -21.73 -37.35 12.54
C PRO K 185 -21.68 -38.83 12.13
N LYS K 186 -22.20 -39.72 13.01
CA LYS K 186 -22.31 -41.16 12.78
C LYS K 186 -23.50 -41.35 11.82
N THR K 187 -23.29 -42.07 10.72
CA THR K 187 -24.34 -42.25 9.73
C THR K 187 -24.79 -43.71 9.59
N HIS K 188 -26.12 -43.93 9.74
CA HIS K 188 -26.80 -45.22 9.60
C HIS K 188 -28.30 -45.00 9.34
N VAL K 189 -28.88 -45.73 8.36
CA VAL K 189 -30.31 -45.61 8.02
C VAL K 189 -31.07 -46.84 8.55
N THR K 190 -32.13 -46.59 9.35
CA THR K 190 -32.97 -47.63 9.98
C THR K 190 -34.37 -47.71 9.35
N HIS K 191 -34.87 -48.94 9.14
CA HIS K 191 -36.18 -49.23 8.54
C HIS K 191 -37.19 -49.69 9.61
N HIS K 192 -38.31 -48.96 9.72
CA HIS K 192 -39.40 -49.24 10.67
C HIS K 192 -40.71 -49.33 9.86
N PRO K 193 -41.25 -50.55 9.63
CA PRO K 193 -42.46 -50.67 8.81
C PRO K 193 -43.76 -50.33 9.55
N ILE K 194 -44.74 -49.75 8.82
CA ILE K 194 -46.06 -49.39 9.36
C ILE K 194 -47.04 -50.54 9.14
N SER K 195 -47.29 -50.89 7.86
CA SER K 195 -48.20 -51.95 7.41
C SER K 195 -47.80 -52.44 6.00
N ASP K 196 -48.79 -52.84 5.18
CA ASP K 196 -48.60 -53.36 3.81
C ASP K 196 -48.14 -52.29 2.81
N HIS K 197 -48.92 -51.19 2.68
CA HIS K 197 -48.65 -50.10 1.73
C HIS K 197 -47.53 -49.16 2.17
N GLU K 198 -47.58 -48.67 3.42
CA GLU K 198 -46.63 -47.69 3.94
C GLU K 198 -45.58 -48.22 4.93
N ALA K 199 -44.46 -47.50 5.04
CA ALA K 199 -43.33 -47.76 5.93
C ALA K 199 -42.69 -46.42 6.37
N THR K 200 -41.67 -46.46 7.26
CA THR K 200 -40.99 -45.27 7.75
C THR K 200 -39.47 -45.48 7.79
N LEU K 201 -38.76 -44.82 6.85
CA LEU K 201 -37.30 -44.86 6.74
C LEU K 201 -36.75 -43.58 7.34
N ARG K 202 -35.80 -43.72 8.28
CA ARG K 202 -35.22 -42.57 8.96
C ARG K 202 -33.72 -42.50 8.93
N CYS K 203 -33.22 -41.28 8.77
CA CYS K 203 -31.79 -40.97 8.73
C CYS K 203 -31.32 -40.67 10.15
N TRP K 204 -30.13 -41.16 10.51
CA TRP K 204 -29.57 -40.93 11.84
C TRP K 204 -28.23 -40.20 11.79
N ALA K 205 -28.15 -39.06 12.50
CA ALA K 205 -26.95 -38.22 12.64
C ALA K 205 -26.67 -38.09 14.14
N LEU K 206 -25.59 -38.73 14.62
CA LEU K 206 -25.25 -38.79 16.03
C LEU K 206 -23.77 -38.48 16.31
N GLY K 207 -23.51 -37.84 17.44
CA GLY K 207 -22.17 -37.50 17.90
C GLY K 207 -21.40 -36.53 17.03
N PHE K 208 -21.92 -35.29 16.90
CA PHE K 208 -21.30 -34.25 16.08
C PHE K 208 -21.24 -32.88 16.76
N TYR K 209 -20.21 -32.09 16.42
CA TYR K 209 -20.00 -30.72 16.91
C TYR K 209 -19.37 -29.88 15.78
N PRO K 210 -19.91 -28.69 15.43
CA PRO K 210 -21.05 -27.96 16.02
C PRO K 210 -22.42 -28.52 15.66
N ALA K 211 -23.49 -27.93 16.23
CA ALA K 211 -24.89 -28.33 16.03
C ALA K 211 -25.46 -28.01 14.64
N GLU K 212 -24.78 -27.13 13.85
CA GLU K 212 -25.19 -26.74 12.50
C GLU K 212 -25.06 -27.94 11.55
N ILE K 213 -26.22 -28.48 11.11
CA ILE K 213 -26.32 -29.63 10.23
C ILE K 213 -27.58 -29.49 9.36
N THR K 214 -27.64 -30.26 8.25
CA THR K 214 -28.81 -30.31 7.37
C THR K 214 -28.98 -31.74 6.85
N LEU K 215 -30.23 -32.24 6.94
CA LEU K 215 -30.59 -33.59 6.51
C LEU K 215 -31.75 -33.53 5.51
N THR K 216 -31.55 -34.12 4.32
CA THR K 216 -32.53 -34.12 3.23
C THR K 216 -32.76 -35.49 2.56
N TRP K 217 -34.02 -35.78 2.21
CA TRP K 217 -34.46 -37.00 1.52
C TRP K 217 -34.74 -36.66 0.03
N GLN K 218 -34.20 -37.47 -0.91
CA GLN K 218 -34.37 -37.23 -2.35
C GLN K 218 -35.27 -38.25 -3.07
N GLN K 219 -36.22 -37.72 -3.87
CA GLN K 219 -37.25 -38.39 -4.70
C GLN K 219 -37.80 -39.69 -4.09
N GLY K 223 -35.91 -33.63 -6.36
CA GLY K 223 -35.76 -33.69 -4.91
C GLY K 223 -37.08 -33.71 -4.16
N HIS K 224 -37.21 -34.65 -3.21
CA HIS K 224 -38.40 -34.85 -2.37
C HIS K 224 -38.51 -33.74 -1.31
N THR K 225 -39.71 -33.13 -1.21
CA THR K 225 -40.06 -32.07 -0.25
C THR K 225 -41.45 -32.31 0.36
N GLN K 226 -42.31 -33.08 -0.35
CA GLN K 226 -43.68 -33.41 0.05
C GLN K 226 -43.72 -34.23 1.33
N ASP K 227 -44.20 -33.60 2.42
CA ASP K 227 -44.36 -34.16 3.77
C ASP K 227 -43.03 -34.70 4.35
N THR K 228 -42.22 -33.78 4.90
CA THR K 228 -40.91 -34.07 5.49
C THR K 228 -40.95 -33.92 7.02
N GLU K 229 -40.86 -35.05 7.73
CA GLU K 229 -40.87 -35.08 9.20
C GLU K 229 -39.45 -34.80 9.71
N LEU K 230 -39.24 -33.67 10.40
CA LEU K 230 -37.93 -33.28 10.93
C LEU K 230 -38.01 -32.80 12.38
N VAL K 231 -37.10 -33.29 13.24
CA VAL K 231 -37.05 -32.96 14.67
C VAL K 231 -35.89 -32.00 15.00
N GLU K 232 -36.08 -31.20 16.08
CA GLU K 232 -35.13 -30.22 16.62
C GLU K 232 -33.80 -30.89 17.01
N THR K 233 -32.66 -30.21 16.74
CA THR K 233 -31.32 -30.71 17.05
C THR K 233 -31.13 -30.84 18.57
N ARG K 234 -31.31 -32.06 19.07
CA ARG K 234 -31.20 -32.38 20.48
C ARG K 234 -29.75 -32.57 20.94
N PRO K 235 -29.37 -32.04 22.13
CA PRO K 235 -28.00 -32.26 22.61
C PRO K 235 -27.88 -33.66 23.21
N ALA K 236 -26.72 -34.31 23.05
CA ALA K 236 -26.56 -35.66 23.60
C ALA K 236 -26.38 -35.64 25.13
N GLY K 237 -25.65 -34.66 25.63
CA GLY K 237 -25.36 -34.49 27.05
C GLY K 237 -23.89 -34.61 27.37
N ASP K 238 -23.11 -35.14 26.43
CA ASP K 238 -21.66 -35.31 26.54
C ASP K 238 -20.91 -34.11 25.98
N GLY K 239 -21.49 -33.47 24.96
CA GLY K 239 -20.93 -32.32 24.25
C GLY K 239 -21.32 -32.34 22.79
N THR K 240 -21.59 -33.55 22.26
CA THR K 240 -22.00 -33.76 20.87
C THR K 240 -23.51 -33.55 20.72
N PHE K 241 -23.99 -33.49 19.47
CA PHE K 241 -25.41 -33.28 19.16
C PHE K 241 -26.00 -34.48 18.42
N GLN K 242 -27.34 -34.50 18.33
CA GLN K 242 -28.11 -35.55 17.67
C GLN K 242 -29.28 -34.94 16.91
N LYS K 243 -29.59 -35.49 15.72
CA LYS K 243 -30.70 -35.05 14.86
C LYS K 243 -31.11 -36.14 13.88
N TRP K 244 -32.41 -36.20 13.54
CA TRP K 244 -32.96 -37.17 12.59
C TRP K 244 -34.12 -36.60 11.76
N ALA K 245 -34.36 -37.22 10.58
CA ALA K 245 -35.42 -36.85 9.65
C ALA K 245 -36.11 -38.10 9.09
N ALA K 246 -37.45 -38.06 9.00
CA ALA K 246 -38.30 -39.16 8.53
C ALA K 246 -39.05 -38.85 7.24
N VAL K 247 -39.40 -39.92 6.51
CA VAL K 247 -40.18 -39.89 5.26
C VAL K 247 -40.91 -41.24 5.06
N VAL K 248 -42.12 -41.20 4.46
CA VAL K 248 -42.96 -42.39 4.20
C VAL K 248 -42.58 -42.98 2.83
N VAL K 249 -42.12 -44.25 2.82
CA VAL K 249 -41.65 -44.98 1.62
C VAL K 249 -42.54 -46.21 1.31
N PRO K 250 -42.96 -46.44 0.04
CA PRO K 250 -43.77 -47.64 -0.26
C PRO K 250 -42.92 -48.91 -0.25
N SER K 251 -43.42 -49.96 0.44
CA SER K 251 -42.75 -51.27 0.62
C SER K 251 -42.27 -51.87 -0.70
N GLY K 252 -40.95 -52.03 -0.82
CA GLY K 252 -40.28 -52.57 -2.00
C GLY K 252 -39.30 -51.62 -2.66
N GLU K 253 -39.69 -50.32 -2.79
CA GLU K 253 -38.88 -49.29 -3.44
C GLU K 253 -38.20 -48.35 -2.41
N GLU K 254 -37.26 -48.90 -1.63
CA GLU K 254 -36.52 -48.22 -0.57
C GLU K 254 -35.29 -47.47 -1.09
N GLN K 255 -34.50 -48.13 -1.96
CA GLN K 255 -33.26 -47.60 -2.56
C GLN K 255 -33.53 -46.38 -3.47
N ARG K 256 -34.81 -46.19 -3.88
CA ARG K 256 -35.30 -45.08 -4.70
C ARG K 256 -35.18 -43.76 -3.91
N TYR K 257 -35.32 -43.84 -2.58
CA TYR K 257 -35.20 -42.71 -1.64
C TYR K 257 -33.78 -42.69 -1.05
N THR K 258 -33.07 -41.57 -1.26
CA THR K 258 -31.69 -41.36 -0.79
C THR K 258 -31.61 -40.24 0.25
N CYS K 259 -30.67 -40.37 1.22
CA CYS K 259 -30.49 -39.39 2.28
C CYS K 259 -29.21 -38.56 2.10
N HIS K 260 -29.22 -37.31 2.61
CA HIS K 260 -28.07 -36.40 2.48
C HIS K 260 -27.69 -35.74 3.81
N VAL K 261 -26.40 -35.88 4.19
CA VAL K 261 -25.84 -35.34 5.44
C VAL K 261 -24.76 -34.29 5.10
N GLN K 262 -25.00 -33.03 5.49
CA GLN K 262 -24.07 -31.90 5.27
C GLN K 262 -23.62 -31.33 6.61
N HIS K 263 -22.34 -31.51 6.95
CA HIS K 263 -21.74 -31.05 8.21
C HIS K 263 -20.29 -30.62 7.96
N GLU K 264 -19.80 -29.66 8.78
CA GLU K 264 -18.45 -29.11 8.74
C GLU K 264 -17.38 -30.19 9.00
N GLY K 265 -17.69 -31.13 9.91
CA GLY K 265 -16.83 -32.25 10.27
C GLY K 265 -16.60 -33.24 9.14
N LEU K 266 -17.60 -33.37 8.23
CA LEU K 266 -17.56 -34.26 7.07
C LEU K 266 -16.58 -33.75 6.00
N PRO K 267 -15.65 -34.60 5.50
CA PRO K 267 -14.72 -34.14 4.45
C PRO K 267 -15.47 -33.80 3.15
N GLU K 268 -16.42 -34.66 2.76
CA GLU K 268 -17.30 -34.53 1.60
C GLU K 268 -18.72 -34.90 2.03
N PRO K 269 -19.79 -34.20 1.55
CA PRO K 269 -21.15 -34.55 2.00
C PRO K 269 -21.53 -35.99 1.64
N VAL K 270 -21.54 -36.87 2.66
CA VAL K 270 -21.83 -38.30 2.50
C VAL K 270 -23.33 -38.57 2.35
N THR K 271 -23.70 -39.23 1.24
CA THR K 271 -25.05 -39.66 0.90
C THR K 271 -25.20 -41.09 1.44
N LEU K 272 -26.37 -41.43 2.01
CA LEU K 272 -26.57 -42.76 2.58
C LEU K 272 -27.92 -43.40 2.23
N ARG K 273 -27.88 -44.72 1.96
CA ARG K 273 -29.01 -45.58 1.64
C ARG K 273 -29.15 -46.66 2.73
N TRP K 274 -30.30 -47.36 2.76
CA TRP K 274 -30.57 -48.43 3.73
C TRP K 274 -29.96 -49.78 3.30
N LYS K 275 -29.25 -50.43 4.23
CA LYS K 275 -28.61 -51.73 4.02
C LYS K 275 -29.41 -52.88 4.70
N PRO K 276 -30.22 -53.65 3.93
CA PRO K 276 -31.02 -54.72 4.55
C PRO K 276 -30.19 -55.97 4.86
N MET L 1 -48.39 -11.22 27.32
CA MET L 1 -47.52 -12.21 27.94
C MET L 1 -47.41 -13.46 27.07
N ILE L 2 -46.18 -13.91 26.82
CA ILE L 2 -45.86 -15.05 25.98
C ILE L 2 -45.98 -16.39 26.73
N GLN L 3 -46.77 -17.30 26.14
CA GLN L 3 -47.01 -18.66 26.61
C GLN L 3 -46.52 -19.60 25.50
N ARG L 4 -45.70 -20.60 25.85
CA ARG L 4 -45.15 -21.55 24.87
C ARG L 4 -45.10 -22.97 25.42
N THR L 5 -45.63 -23.93 24.65
CA THR L 5 -45.66 -25.32 25.05
C THR L 5 -44.30 -25.99 24.82
N PRO L 6 -43.70 -26.59 25.88
CA PRO L 6 -42.39 -27.26 25.70
C PRO L 6 -42.43 -28.42 24.71
N LYS L 7 -41.31 -28.62 24.02
CA LYS L 7 -41.15 -29.69 23.04
C LYS L 7 -40.26 -30.77 23.64
N ILE L 8 -40.89 -31.86 24.12
CA ILE L 8 -40.20 -32.98 24.76
C ILE L 8 -39.62 -33.93 23.71
N GLN L 9 -38.41 -34.42 23.98
CA GLN L 9 -37.69 -35.39 23.17
C GLN L 9 -37.00 -36.34 24.15
N VAL L 10 -37.39 -37.63 24.12
CA VAL L 10 -36.80 -38.64 24.99
C VAL L 10 -35.90 -39.52 24.14
N TYR L 11 -34.64 -39.70 24.57
CA TYR L 11 -33.62 -40.45 23.85
C TYR L 11 -32.49 -40.95 24.75
N SER L 12 -31.63 -41.81 24.18
CA SER L 12 -30.44 -42.40 24.82
C SER L 12 -29.21 -41.65 24.32
N ARG L 13 -28.25 -41.38 25.22
CA ARG L 13 -27.01 -40.66 24.89
C ARG L 13 -26.16 -41.42 23.84
N HIS L 14 -26.10 -42.75 23.95
CA HIS L 14 -25.33 -43.65 23.07
C HIS L 14 -26.23 -44.83 22.59
N PRO L 15 -25.75 -45.84 21.80
CA PRO L 15 -26.65 -46.93 21.37
C PRO L 15 -27.27 -47.75 22.50
N ALA L 16 -28.60 -48.00 22.42
CA ALA L 16 -29.38 -48.74 23.42
C ALA L 16 -29.13 -50.26 23.38
N GLU L 17 -28.62 -50.81 24.51
CA GLU L 17 -28.32 -52.23 24.70
C GLU L 17 -28.77 -52.71 26.08
N ASN L 18 -29.43 -53.87 26.12
CA ASN L 18 -29.96 -54.48 27.34
C ASN L 18 -28.86 -55.06 28.24
N GLY L 19 -28.47 -54.27 29.24
CA GLY L 19 -27.42 -54.62 30.19
C GLY L 19 -26.23 -53.67 30.17
N LYS L 20 -26.15 -52.82 29.12
CA LYS L 20 -25.09 -51.83 28.92
C LYS L 20 -25.46 -50.50 29.58
N SER L 21 -24.54 -49.91 30.37
CA SER L 21 -24.75 -48.64 31.05
C SER L 21 -24.72 -47.46 30.07
N ASN L 22 -25.81 -46.66 30.05
CA ASN L 22 -26.00 -45.48 29.20
C ASN L 22 -26.64 -44.34 30.02
N PHE L 23 -27.02 -43.23 29.37
CA PHE L 23 -27.65 -42.06 29.98
C PHE L 23 -28.98 -41.74 29.32
N LEU L 24 -30.04 -41.64 30.13
CA LEU L 24 -31.38 -41.34 29.65
C LEU L 24 -31.64 -39.84 29.68
N ASN L 25 -32.03 -39.28 28.53
CA ASN L 25 -32.31 -37.86 28.37
C ASN L 25 -33.79 -37.58 28.10
N CYS L 26 -34.25 -36.41 28.57
CA CYS L 26 -35.61 -35.88 28.43
C CYS L 26 -35.40 -34.36 28.28
N TYR L 27 -35.22 -33.91 27.02
CA TYR L 27 -34.93 -32.52 26.66
C TYR L 27 -36.16 -31.74 26.21
N VAL L 28 -36.55 -30.77 27.04
CA VAL L 28 -37.67 -29.87 26.79
C VAL L 28 -37.11 -28.56 26.24
N SER L 29 -37.78 -27.99 25.24
CA SER L 29 -37.34 -26.75 24.61
C SER L 29 -38.52 -25.90 24.15
N GLY L 30 -38.28 -24.60 24.04
CA GLY L 30 -39.28 -23.64 23.59
C GLY L 30 -40.45 -23.43 24.53
N PHE L 31 -40.18 -23.26 25.84
CA PHE L 31 -41.22 -23.08 26.85
C PHE L 31 -41.14 -21.73 27.56
N HIS L 32 -42.29 -21.06 27.71
CA HIS L 32 -42.39 -19.77 28.39
C HIS L 32 -43.60 -19.70 29.35
N PRO L 33 -43.38 -19.38 30.65
CA PRO L 33 -42.13 -19.02 31.32
C PRO L 33 -41.21 -20.18 31.72
N SER L 34 -40.10 -19.82 32.40
CA SER L 34 -39.01 -20.65 32.92
C SER L 34 -39.44 -21.84 33.75
N ASP L 35 -40.52 -21.70 34.54
CA ASP L 35 -40.98 -22.77 35.44
C ASP L 35 -41.57 -23.95 34.70
N ILE L 36 -40.93 -25.12 34.89
CA ILE L 36 -41.28 -26.41 34.30
C ILE L 36 -41.03 -27.56 35.29
N GLU L 37 -42.05 -28.43 35.45
CA GLU L 37 -42.03 -29.58 36.35
C GLU L 37 -41.65 -30.84 35.54
N VAL L 38 -40.36 -31.24 35.60
CA VAL L 38 -39.85 -32.41 34.87
C VAL L 38 -39.45 -33.52 35.85
N ASP L 39 -40.04 -34.72 35.65
CA ASP L 39 -39.81 -35.95 36.42
C ASP L 39 -39.36 -37.06 35.46
N LEU L 40 -38.43 -37.94 35.89
CA LEU L 40 -37.98 -39.08 35.08
C LEU L 40 -38.47 -40.39 35.70
N LEU L 41 -38.98 -41.31 34.86
CA LEU L 41 -39.60 -42.57 35.31
C LEU L 41 -38.93 -43.87 34.89
N LYS L 42 -38.96 -44.87 35.78
CA LYS L 42 -38.49 -46.24 35.59
C LYS L 42 -39.69 -47.15 35.91
N ASN L 43 -40.47 -47.51 34.84
CA ASN L 43 -41.68 -48.33 34.85
C ASN L 43 -42.85 -47.69 35.65
N GLY L 44 -42.86 -46.35 35.71
CA GLY L 44 -43.89 -45.59 36.40
C GLY L 44 -43.45 -44.90 37.67
N GLU L 45 -42.48 -45.50 38.39
CA GLU L 45 -41.96 -44.93 39.65
C GLU L 45 -40.83 -43.93 39.39
N ARG L 46 -40.97 -42.72 39.97
CA ARG L 46 -40.04 -41.59 39.82
C ARG L 46 -38.63 -41.86 40.34
N ILE L 47 -37.61 -41.50 39.54
CA ILE L 47 -36.18 -41.64 39.85
C ILE L 47 -35.74 -40.39 40.64
N GLU L 48 -34.90 -40.59 41.68
CA GLU L 48 -34.39 -39.51 42.52
C GLU L 48 -32.98 -39.04 42.10
N LYS L 49 -32.19 -39.95 41.49
CA LYS L 49 -30.83 -39.72 41.01
C LYS L 49 -30.72 -38.65 39.92
N VAL L 50 -31.79 -38.49 39.09
CA VAL L 50 -31.94 -37.59 37.94
C VAL L 50 -31.33 -36.16 38.18
N GLU L 51 -30.44 -35.74 37.25
CA GLU L 51 -29.75 -34.45 37.22
C GLU L 51 -30.36 -33.49 36.16
N HIS L 52 -29.94 -32.21 36.17
CA HIS L 52 -30.45 -31.19 35.25
C HIS L 52 -29.35 -30.29 34.66
N SER L 53 -29.69 -29.56 33.58
CA SER L 53 -28.78 -28.63 32.92
C SER L 53 -29.04 -27.19 33.41
N ASP L 54 -28.20 -26.22 32.97
CA ASP L 54 -28.35 -24.81 33.33
C ASP L 54 -29.42 -24.15 32.47
N LEU L 55 -30.26 -23.33 33.10
CA LEU L 55 -31.34 -22.63 32.43
C LEU L 55 -30.84 -21.58 31.43
N SER L 56 -30.99 -21.92 30.14
CA SER L 56 -30.58 -21.07 29.02
C SER L 56 -31.77 -20.78 28.07
N PHE L 57 -31.58 -19.95 27.04
CA PHE L 57 -32.66 -19.63 26.09
C PHE L 57 -32.17 -19.49 24.63
N SER L 58 -33.13 -19.55 23.69
CA SER L 58 -32.94 -19.42 22.23
C SER L 58 -33.03 -17.96 21.82
N LYS L 59 -32.66 -17.61 20.55
CA LYS L 59 -32.72 -16.24 20.05
C LYS L 59 -34.14 -15.66 20.02
N ASP L 60 -35.15 -16.53 20.16
CA ASP L 60 -36.57 -16.17 20.22
C ASP L 60 -37.09 -16.22 21.67
N TRP L 61 -36.16 -16.12 22.66
CA TRP L 61 -36.39 -16.10 24.12
C TRP L 61 -36.98 -17.39 24.70
N SER L 62 -37.13 -18.45 23.88
CA SER L 62 -37.68 -19.72 24.34
C SER L 62 -36.65 -20.53 25.13
N PHE L 63 -37.00 -20.90 26.36
CA PHE L 63 -36.16 -21.64 27.31
C PHE L 63 -35.88 -23.08 26.88
N TYR L 64 -34.74 -23.65 27.33
CA TYR L 64 -34.35 -25.03 27.03
C TYR L 64 -33.56 -25.68 28.16
N LEU L 65 -33.91 -26.94 28.49
CA LEU L 65 -33.29 -27.69 29.56
C LEU L 65 -33.06 -29.16 29.23
N LEU L 66 -32.00 -29.74 29.81
CA LEU L 66 -31.65 -31.14 29.67
C LEU L 66 -31.67 -31.84 31.02
N TYR L 67 -32.54 -32.85 31.13
CA TYR L 67 -32.65 -33.68 32.33
C TYR L 67 -31.98 -35.01 31.99
N TYR L 68 -30.88 -35.31 32.71
CA TYR L 68 -30.06 -36.47 32.43
C TYR L 68 -29.76 -37.36 33.64
N THR L 69 -29.91 -38.70 33.47
CA THR L 69 -29.64 -39.69 34.52
C THR L 69 -28.94 -40.94 33.97
N GLU L 70 -28.06 -41.53 34.80
CA GLU L 70 -27.27 -42.74 34.54
C GLU L 70 -28.18 -43.96 34.72
N PHE L 71 -28.23 -44.86 33.72
CA PHE L 71 -29.11 -46.05 33.77
C PHE L 71 -28.57 -47.27 33.01
N THR L 72 -29.05 -48.46 33.39
CA THR L 72 -28.72 -49.74 32.76
C THR L 72 -30.02 -50.30 32.12
N PRO L 73 -30.31 -50.00 30.83
CA PRO L 73 -31.57 -50.45 30.23
C PRO L 73 -31.69 -51.96 30.02
N THR L 74 -32.94 -52.43 29.86
CA THR L 74 -33.34 -53.80 29.57
C THR L 74 -34.68 -53.80 28.81
N GLU L 75 -34.88 -54.84 27.99
CA GLU L 75 -36.08 -55.05 27.16
C GLU L 75 -37.37 -55.03 27.98
N LYS L 76 -37.32 -55.62 29.19
CA LYS L 76 -38.45 -55.72 30.13
C LYS L 76 -38.77 -54.40 30.84
N ASP L 77 -37.75 -53.56 31.17
CA ASP L 77 -37.95 -52.25 31.82
C ASP L 77 -38.45 -51.21 30.80
N GLU L 78 -39.45 -50.41 31.19
CA GLU L 78 -40.05 -49.36 30.35
C GLU L 78 -39.72 -47.95 30.89
N TYR L 79 -39.31 -47.02 30.01
CA TYR L 79 -38.93 -45.66 30.39
C TYR L 79 -39.76 -44.56 29.70
N ALA L 80 -39.99 -43.45 30.45
CA ALA L 80 -40.73 -42.24 30.05
C ALA L 80 -40.40 -41.08 31.04
N CYS L 81 -40.88 -39.85 30.76
CA CYS L 81 -40.67 -38.71 31.65
C CYS L 81 -41.91 -37.82 31.77
N ARG L 82 -42.34 -37.54 33.02
N ARG L 82 -42.34 -37.54 33.02
CA ARG L 82 -43.50 -36.69 33.30
CA ARG L 82 -43.49 -36.69 33.33
C ARG L 82 -43.08 -35.22 33.17
C ARG L 82 -43.10 -35.22 33.21
N VAL L 83 -43.83 -34.45 32.36
CA VAL L 83 -43.55 -33.03 32.11
C VAL L 83 -44.82 -32.18 32.31
N ASN L 84 -44.74 -31.16 33.20
CA ASN L 84 -45.83 -30.23 33.47
C ASN L 84 -45.41 -28.77 33.31
N HIS L 85 -46.32 -27.94 32.78
CA HIS L 85 -46.15 -26.52 32.50
C HIS L 85 -47.49 -25.82 32.73
N VAL L 86 -47.53 -24.47 32.62
CA VAL L 86 -48.76 -23.71 32.80
C VAL L 86 -49.67 -23.85 31.54
N THR L 87 -49.05 -24.05 30.36
CA THR L 87 -49.73 -24.25 29.08
C THR L 87 -50.40 -25.63 29.05
N LEU L 88 -49.76 -26.62 29.72
CA LEU L 88 -50.22 -28.00 29.83
C LEU L 88 -51.20 -28.18 30.99
N SER L 89 -52.49 -28.41 30.65
CA SER L 89 -53.55 -28.65 31.64
C SER L 89 -53.39 -30.06 32.20
N GLN L 90 -53.07 -31.04 31.32
CA GLN L 90 -52.83 -32.43 31.69
C GLN L 90 -51.30 -32.63 31.72
N PRO L 91 -50.70 -33.07 32.86
CA PRO L 91 -49.24 -33.28 32.91
C PRO L 91 -48.78 -34.31 31.87
N LYS L 92 -48.30 -33.81 30.72
CA LYS L 92 -47.89 -34.62 29.56
C LYS L 92 -46.65 -35.47 29.78
N ILE L 93 -46.82 -36.77 29.52
CA ILE L 93 -45.81 -37.82 29.62
C ILE L 93 -45.62 -38.40 28.21
N VAL L 94 -44.42 -38.89 27.90
CA VAL L 94 -44.09 -39.48 26.61
C VAL L 94 -43.11 -40.65 26.78
N LYS L 95 -43.46 -41.80 26.19
CA LYS L 95 -42.68 -43.03 26.22
C LYS L 95 -41.35 -42.88 25.50
N TRP L 96 -40.32 -43.59 25.97
CA TRP L 96 -39.01 -43.60 25.32
C TRP L 96 -39.01 -44.65 24.24
N ASP L 97 -38.69 -44.24 23.02
CA ASP L 97 -38.61 -45.13 21.88
C ASP L 97 -37.12 -45.24 21.53
N ARG L 98 -36.52 -46.45 21.75
CA ARG L 98 -35.09 -46.69 21.50
C ARG L 98 -34.69 -46.50 20.02
N ASP L 99 -35.67 -46.68 19.10
CA ASP L 99 -35.51 -46.55 17.65
C ASP L 99 -35.97 -45.18 17.10
N MET L 100 -36.50 -44.29 17.98
CA MET L 100 -37.01 -42.96 17.61
C MET L 100 -36.32 -41.82 18.38
N VAL M 1 -15.17 -13.07 29.24
CA VAL M 1 -15.83 -12.46 30.40
C VAL M 1 -17.17 -11.86 29.97
N MET M 2 -18.17 -11.83 30.87
CA MET M 2 -19.48 -11.24 30.60
C MET M 2 -19.43 -9.71 30.63
N ALA M 3 -20.52 -9.03 30.22
CA ALA M 3 -20.60 -7.57 30.24
C ALA M 3 -20.54 -7.11 31.71
N PRO M 4 -19.62 -6.18 32.06
CA PRO M 4 -19.49 -5.79 33.48
C PRO M 4 -20.45 -4.67 33.88
N ARG M 5 -21.35 -4.30 32.95
CA ARG M 5 -22.33 -3.25 33.12
C ARG M 5 -23.58 -3.60 32.34
N THR M 6 -24.73 -3.20 32.86
CA THR M 6 -26.02 -3.43 32.21
C THR M 6 -26.78 -2.09 32.12
N LEU M 7 -28.10 -2.16 31.99
CA LEU M 7 -28.93 -0.97 31.87
C LEU M 7 -29.93 -0.86 33.00
N VAL M 8 -30.19 0.37 33.40
CA VAL M 8 -31.21 0.72 34.38
C VAL M 8 -32.39 1.07 33.46
N LEU M 9 -33.32 0.13 33.32
CA LEU M 9 -34.49 0.29 32.46
C LEU M 9 -35.51 1.19 33.13
N GLN N 3 -7.65 3.86 41.42
CA GLN N 3 -7.01 5.10 41.85
C GLN N 3 -7.19 6.26 40.84
N LEU N 4 -7.14 7.50 41.36
CA LEU N 4 -7.32 8.78 40.68
C LEU N 4 -6.39 9.78 41.38
N ASN N 5 -5.56 10.51 40.62
CA ASN N 5 -4.58 11.43 41.19
C ASN N 5 -4.81 12.89 40.85
N GLN N 6 -4.98 13.71 41.92
CA GLN N 6 -5.16 15.15 41.87
C GLN N 6 -3.88 15.84 42.23
N SER N 7 -3.40 16.72 41.33
CA SER N 7 -2.18 17.50 41.51
C SER N 7 -2.41 18.95 41.10
N PRO N 8 -1.84 19.94 41.83
CA PRO N 8 -1.00 19.84 43.04
C PRO N 8 -1.83 19.47 44.27
N GLN N 9 -1.23 18.85 45.29
CA GLN N 9 -1.96 18.43 46.51
C GLN N 9 -2.49 19.59 47.37
N SER N 10 -1.98 20.82 47.13
CA SER N 10 -2.33 22.04 47.83
C SER N 10 -1.86 23.24 47.01
N MET N 11 -2.65 24.34 47.01
CA MET N 11 -2.30 25.55 46.26
C MET N 11 -2.54 26.82 47.07
N PHE N 12 -1.59 27.77 46.98
CA PHE N 12 -1.68 29.09 47.62
C PHE N 12 -1.54 30.13 46.53
N ILE N 13 -2.65 30.83 46.26
CA ILE N 13 -2.77 31.80 45.18
C ILE N 13 -3.25 33.16 45.71
N GLN N 14 -2.93 34.25 44.98
CA GLN N 14 -3.33 35.61 45.31
C GLN N 14 -4.64 35.97 44.61
N GLU N 15 -5.50 36.79 45.26
CA GLU N 15 -6.80 37.27 44.74
C GLU N 15 -6.61 37.95 43.38
N GLY N 16 -7.49 37.62 42.44
CA GLY N 16 -7.44 38.17 41.10
C GLY N 16 -6.72 37.28 40.09
N GLU N 17 -5.82 36.38 40.59
CA GLU N 17 -5.07 35.43 39.77
C GLU N 17 -5.99 34.33 39.23
N ASP N 18 -5.49 33.55 38.25
CA ASP N 18 -6.19 32.41 37.69
C ASP N 18 -5.49 31.15 38.19
N VAL N 19 -6.21 30.00 38.28
CA VAL N 19 -5.64 28.71 38.72
C VAL N 19 -6.12 27.52 37.92
N SER N 20 -5.25 26.53 37.77
CA SER N 20 -5.55 25.27 37.12
C SER N 20 -5.26 24.11 38.07
N MET N 21 -6.15 23.11 38.04
CA MET N 21 -6.12 21.89 38.82
C MET N 21 -6.13 20.72 37.88
N ASN N 22 -5.14 19.81 38.03
CA ASN N 22 -4.98 18.62 37.20
C ASN N 22 -5.51 17.37 37.91
N CYS N 23 -5.95 16.36 37.13
CA CYS N 23 -6.45 15.09 37.62
C CYS N 23 -6.23 13.97 36.59
N THR N 24 -5.61 12.85 37.02
CA THR N 24 -5.28 11.67 36.20
C THR N 24 -5.92 10.40 36.75
N SER N 25 -6.27 9.45 35.86
CA SER N 25 -6.82 8.14 36.22
C SER N 25 -5.95 7.02 35.67
N SER N 26 -5.97 5.85 36.31
CA SER N 26 -5.26 4.67 35.85
C SER N 26 -6.14 3.94 34.81
N SER N 27 -7.47 3.82 35.08
CA SER N 27 -8.45 3.24 34.15
C SER N 27 -8.74 4.26 33.01
N ILE N 28 -9.55 3.89 31.99
CA ILE N 28 -9.82 4.76 30.84
C ILE N 28 -10.75 5.93 31.23
N PHE N 29 -11.94 5.68 31.82
CA PHE N 29 -12.91 6.72 32.25
C PHE N 29 -13.75 7.30 31.11
N ASN N 30 -15.04 7.54 31.38
CA ASN N 30 -16.06 8.02 30.45
C ASN N 30 -16.74 9.30 30.97
N THR N 31 -16.79 9.48 32.29
CA THR N 31 -17.40 10.66 32.89
C THR N 31 -16.40 11.28 33.88
N TRP N 32 -16.34 12.62 33.92
CA TRP N 32 -15.51 13.40 34.83
C TRP N 32 -16.43 14.35 35.59
N LEU N 33 -16.28 14.39 36.91
CA LEU N 33 -17.06 15.22 37.82
C LEU N 33 -16.12 16.00 38.72
N TRP N 34 -16.42 17.29 38.92
CA TRP N 34 -15.63 18.17 39.79
C TRP N 34 -16.52 18.68 40.91
N TYR N 35 -16.14 18.40 42.18
CA TYR N 35 -16.86 18.81 43.37
C TYR N 35 -16.04 19.80 44.17
N LYS N 36 -16.71 20.57 45.05
CA LYS N 36 -16.07 21.52 45.96
C LYS N 36 -16.61 21.28 47.37
N GLN N 37 -15.74 21.36 48.37
CA GLN N 37 -16.16 21.20 49.76
C GLN N 37 -15.79 22.40 50.60
N ASP N 38 -16.79 23.24 50.88
CA ASP N 38 -16.66 24.40 51.73
C ASP N 38 -16.61 23.90 53.19
N PRO N 39 -15.93 24.63 54.10
CA PRO N 39 -15.83 24.14 55.49
C PRO N 39 -17.16 23.87 56.18
N GLY N 40 -17.25 22.72 56.84
CA GLY N 40 -18.44 22.27 57.56
C GLY N 40 -19.33 21.33 56.79
N GLU N 41 -19.65 21.68 55.54
CA GLU N 41 -20.51 20.92 54.63
C GLU N 41 -19.74 19.75 53.95
N GLY N 42 -20.45 19.00 53.11
CA GLY N 42 -19.89 17.92 52.31
C GLY N 42 -19.71 18.37 50.87
N PRO N 43 -19.02 17.59 49.99
CA PRO N 43 -18.85 18.04 48.61
C PRO N 43 -20.13 18.40 47.86
N VAL N 44 -20.03 19.41 47.00
CA VAL N 44 -21.12 19.88 46.16
C VAL N 44 -20.56 20.02 44.75
N LEU N 45 -21.26 19.42 43.77
CA LEU N 45 -20.87 19.41 42.38
C LEU N 45 -20.80 20.80 41.78
N LEU N 46 -19.75 21.06 41.01
CA LEU N 46 -19.54 22.30 40.28
C LEU N 46 -19.89 22.04 38.82
N ILE N 47 -19.07 21.20 38.15
CA ILE N 47 -19.22 20.82 36.73
C ILE N 47 -19.20 19.29 36.59
N ALA N 48 -19.76 18.80 35.46
CA ALA N 48 -19.82 17.40 35.04
C ALA N 48 -19.54 17.34 33.53
N LEU N 49 -18.49 16.61 33.13
CA LEU N 49 -18.08 16.42 31.74
C LEU N 49 -18.44 15.00 31.32
N TYR N 50 -19.13 14.84 30.17
CA TYR N 50 -19.63 13.55 29.69
C TYR N 50 -18.98 12.98 28.42
N LYS N 51 -18.44 13.85 27.54
CA LYS N 51 -17.85 13.48 26.24
C LYS N 51 -16.38 13.91 26.13
N ALA N 52 -15.55 13.14 25.39
CA ALA N 52 -14.13 13.44 25.20
C ALA N 52 -13.86 14.79 24.54
N GLY N 53 -12.87 15.51 25.04
CA GLY N 53 -12.47 16.83 24.55
C GLY N 53 -13.50 17.93 24.76
N GLU N 54 -14.51 17.65 25.60
CA GLU N 54 -15.58 18.57 25.95
C GLU N 54 -15.07 19.60 26.94
N LEU N 55 -15.49 20.86 26.79
CA LEU N 55 -15.18 21.86 27.79
C LEU N 55 -16.48 22.55 28.21
N THR N 56 -16.71 22.57 29.52
CA THR N 56 -17.90 23.17 30.13
C THR N 56 -17.40 24.24 31.08
N SER N 57 -18.13 25.36 31.16
CA SER N 57 -17.79 26.48 32.05
C SER N 57 -18.98 26.83 32.95
N ASN N 58 -18.70 27.00 34.26
CA ASN N 58 -19.68 27.36 35.29
C ASN N 58 -19.37 28.79 35.79
N GLY N 59 -19.37 29.72 34.84
CA GLY N 59 -19.04 31.12 35.08
C GLY N 59 -17.54 31.30 35.02
N ARG N 60 -16.92 31.55 36.18
CA ARG N 60 -15.48 31.72 36.32
C ARG N 60 -14.74 30.37 36.21
N LEU N 61 -15.47 29.26 36.45
CA LEU N 61 -14.95 27.89 36.36
C LEU N 61 -14.92 27.42 34.91
N THR N 62 -14.00 26.48 34.58
CA THR N 62 -13.86 25.86 33.26
C THR N 62 -13.29 24.45 33.46
N ALA N 63 -13.95 23.45 32.88
CA ALA N 63 -13.53 22.06 32.99
C ALA N 63 -13.27 21.50 31.61
N GLN N 64 -12.23 20.66 31.47
CA GLN N 64 -11.88 20.04 30.19
C GLN N 64 -11.85 18.53 30.32
N PHE N 65 -12.48 17.81 29.39
CA PHE N 65 -12.53 16.35 29.44
C PHE N 65 -11.17 15.70 29.21
N GLY N 66 -10.50 16.00 28.11
CA GLY N 66 -9.20 15.41 27.83
C GLY N 66 -9.33 14.13 27.02
N ILE N 67 -9.00 14.26 25.71
CA ILE N 67 -9.04 13.23 24.64
C ILE N 67 -8.28 11.96 24.99
N THR N 68 -7.36 12.07 25.95
CA THR N 68 -6.55 10.97 26.47
C THR N 68 -7.44 9.94 27.17
N ARG N 69 -8.61 10.43 27.66
CA ARG N 69 -9.66 9.77 28.45
C ARG N 69 -9.26 9.69 29.90
N LYS N 70 -7.97 9.46 30.16
CA LYS N 70 -7.39 9.34 31.48
C LYS N 70 -7.14 10.68 32.24
N ASP N 71 -7.44 11.87 31.65
CA ASP N 71 -7.16 13.16 32.32
C ASP N 71 -8.23 14.26 32.26
N SER N 72 -8.34 15.08 33.33
CA SER N 72 -9.28 16.21 33.37
C SER N 72 -8.70 17.43 34.08
N PHE N 73 -9.09 18.64 33.61
CA PHE N 73 -8.63 19.91 34.17
C PHE N 73 -9.76 20.81 34.65
N LEU N 74 -9.51 21.50 35.78
CA LEU N 74 -10.41 22.49 36.35
C LEU N 74 -9.67 23.81 36.42
N ASN N 75 -10.28 24.82 35.84
CA ASN N 75 -9.72 26.15 35.75
C ASN N 75 -10.63 27.17 36.42
N ILE N 76 -10.03 28.09 37.17
CA ILE N 76 -10.75 29.20 37.81
C ILE N 76 -10.20 30.49 37.24
N SER N 77 -11.11 31.35 36.76
CA SER N 77 -10.79 32.67 36.22
C SER N 77 -11.04 33.69 37.33
N ALA N 78 -10.05 34.57 37.57
CA ALA N 78 -10.07 35.65 38.56
C ALA N 78 -10.54 35.22 39.94
N SER N 79 -9.64 34.54 40.68
CA SER N 79 -9.88 34.03 42.04
C SER N 79 -10.37 35.11 43.00
N ILE N 80 -11.39 34.72 43.76
CA ILE N 80 -12.11 35.51 44.77
C ILE N 80 -11.90 34.77 46.10
N PRO N 81 -11.70 35.46 47.25
CA PRO N 81 -11.48 34.73 48.52
C PRO N 81 -12.47 33.61 48.86
N SER N 82 -13.71 33.69 48.34
CA SER N 82 -14.75 32.66 48.57
C SER N 82 -14.55 31.38 47.73
N ASP N 83 -13.32 31.15 47.23
CA ASP N 83 -12.95 29.95 46.48
C ASP N 83 -12.23 28.97 47.39
N VAL N 84 -11.84 29.42 48.60
CA VAL N 84 -11.19 28.60 49.61
C VAL N 84 -12.06 27.35 49.85
N GLY N 85 -11.47 26.20 49.61
CA GLY N 85 -12.13 24.91 49.77
C GLY N 85 -11.25 23.78 49.28
N ILE N 86 -11.80 22.57 49.34
CA ILE N 86 -11.15 21.37 48.85
C ILE N 86 -11.86 21.06 47.54
N TYR N 87 -11.10 20.89 46.47
CA TYR N 87 -11.69 20.62 45.16
C TYR N 87 -11.46 19.16 44.81
N PHE N 88 -12.55 18.41 44.64
CA PHE N 88 -12.50 16.99 44.30
C PHE N 88 -12.72 16.71 42.83
N CYS N 89 -12.09 15.64 42.36
CA CYS N 89 -12.14 15.09 41.03
C CYS N 89 -12.76 13.71 41.19
N ALA N 90 -13.70 13.35 40.32
CA ALA N 90 -14.41 12.07 40.36
C ALA N 90 -14.82 11.61 38.98
N GLY N 91 -15.16 10.33 38.82
CA GLY N 91 -15.58 9.85 37.51
C GLY N 91 -16.06 8.42 37.35
N GLN N 92 -16.73 8.18 36.22
CA GLN N 92 -17.28 6.89 35.79
C GLN N 92 -16.17 6.18 34.99
N PRO N 93 -15.48 5.17 35.57
CA PRO N 93 -14.50 4.46 34.76
C PRO N 93 -15.22 3.63 33.71
N LEU N 94 -14.77 3.72 32.45
CA LEU N 94 -15.36 2.94 31.36
C LEU N 94 -15.04 1.47 31.68
N GLY N 95 -16.08 0.64 31.68
CA GLY N 95 -15.97 -0.78 31.99
C GLY N 95 -16.27 -1.14 33.44
N GLY N 96 -16.93 -0.22 34.14
CA GLY N 96 -17.31 -0.41 35.54
C GLY N 96 -18.80 -0.56 35.70
N SER N 97 -19.23 -1.17 36.82
CA SER N 97 -20.63 -1.41 37.18
C SER N 97 -21.48 -0.14 37.16
N ASN N 98 -22.81 -0.31 37.17
CA ASN N 98 -23.73 0.81 37.24
C ASN N 98 -23.61 1.39 38.65
N TYR N 99 -23.67 2.73 38.76
CA TYR N 99 -23.54 3.47 40.03
C TYR N 99 -22.15 3.24 40.64
N LYS N 100 -21.12 3.56 39.83
CA LYS N 100 -19.69 3.47 40.18
C LYS N 100 -19.00 4.81 39.93
N LEU N 101 -18.40 5.34 40.98
CA LEU N 101 -17.63 6.57 40.94
C LEU N 101 -16.35 6.37 41.70
N THR N 102 -15.26 6.99 41.20
CA THR N 102 -13.95 6.98 41.83
C THR N 102 -13.71 8.42 42.23
N PHE N 103 -13.26 8.65 43.46
CA PHE N 103 -13.03 10.00 43.94
C PHE N 103 -11.56 10.28 44.16
N GLY N 104 -11.20 11.56 44.10
CA GLY N 104 -9.85 12.02 44.36
C GLY N 104 -9.72 12.48 45.80
N LYS N 105 -8.48 12.56 46.30
CA LYS N 105 -8.16 13.00 47.67
C LYS N 105 -8.61 14.46 47.89
N GLY N 106 -8.52 15.27 46.85
CA GLY N 106 -8.89 16.67 46.93
C GLY N 106 -7.69 17.58 46.87
N THR N 107 -7.90 18.78 46.33
CA THR N 107 -6.87 19.81 46.19
C THR N 107 -7.32 20.99 47.07
N LEU N 108 -6.52 21.33 48.09
CA LEU N 108 -6.85 22.43 49.00
C LEU N 108 -6.41 23.78 48.43
N LEU N 109 -7.39 24.58 47.96
CA LEU N 109 -7.14 25.90 47.40
C LEU N 109 -7.19 26.96 48.50
N THR N 110 -6.18 27.85 48.48
CA THR N 110 -6.06 28.95 49.43
C THR N 110 -5.89 30.25 48.67
N VAL N 111 -6.94 31.11 48.71
CA VAL N 111 -6.90 32.41 48.05
C VAL N 111 -6.48 33.44 49.08
N ASN N 112 -5.41 34.18 48.76
CA ASN N 112 -4.83 35.24 49.57
C ASN N 112 -5.58 36.50 49.21
N PRO N 113 -6.19 37.19 50.20
CA PRO N 113 -6.97 38.40 49.91
C PRO N 113 -6.22 39.61 49.36
N ASN N 114 -6.96 40.65 49.00
CA ASN N 114 -6.42 41.89 48.47
C ASN N 114 -6.69 43.05 49.44
N ILE N 115 -5.64 43.80 49.77
CA ILE N 115 -5.68 44.94 50.69
C ILE N 115 -5.56 46.25 49.90
N GLN N 116 -6.55 47.16 50.07
CA GLN N 116 -6.64 48.46 49.40
C GLN N 116 -5.84 49.55 50.11
N ASN N 117 -6.08 49.71 51.43
CA ASN N 117 -5.42 50.70 52.26
C ASN N 117 -4.81 50.07 53.51
N PRO N 118 -3.50 49.76 53.48
CA PRO N 118 -2.88 49.11 54.64
C PRO N 118 -2.48 50.07 55.75
N ASP N 119 -3.35 50.21 56.75
CA ASP N 119 -3.04 51.01 57.92
C ASP N 119 -2.92 50.08 59.13
N PRO N 120 -1.72 49.53 59.39
CA PRO N 120 -1.59 48.61 60.53
C PRO N 120 -1.69 49.35 61.85
N ALA N 121 -2.26 48.67 62.86
CA ALA N 121 -2.46 49.25 64.18
C ALA N 121 -2.67 48.15 65.21
N VAL N 122 -2.10 48.35 66.40
CA VAL N 122 -2.27 47.41 67.51
C VAL N 122 -3.10 48.11 68.58
N TYR N 123 -4.35 47.67 68.75
CA TYR N 123 -5.28 48.25 69.69
C TYR N 123 -5.45 47.46 70.97
N GLN N 124 -5.65 48.18 72.10
CA GLN N 124 -5.86 47.61 73.43
C GLN N 124 -7.36 47.44 73.64
N LEU N 125 -7.86 46.20 73.52
CA LEU N 125 -9.29 45.95 73.68
C LEU N 125 -9.59 45.52 75.11
N ARG N 126 -10.35 46.37 75.82
CA ARG N 126 -10.71 46.16 77.22
C ARG N 126 -11.87 45.20 77.41
N ASP N 127 -11.81 44.41 78.50
CA ASP N 127 -12.81 43.42 78.89
C ASP N 127 -14.01 44.06 79.57
N SER N 128 -15.20 43.43 79.45
CA SER N 128 -16.45 43.87 80.09
C SER N 128 -16.34 43.80 81.61
N LYS N 129 -15.61 42.79 82.14
CA LYS N 129 -15.36 42.60 83.57
C LYS N 129 -14.22 43.50 84.03
N SER N 130 -14.26 43.95 85.31
CA SER N 130 -13.23 44.77 85.93
C SER N 130 -12.01 43.87 86.25
N SER N 131 -11.22 43.53 85.20
CA SER N 131 -10.06 42.64 85.29
C SER N 131 -8.88 43.03 84.40
N ASP N 132 -7.66 42.55 84.78
CA ASP N 132 -6.40 42.73 84.05
C ASP N 132 -6.49 41.98 82.72
N LYS N 133 -7.27 40.86 82.70
CA LYS N 133 -7.54 40.02 81.54
C LYS N 133 -8.02 40.87 80.37
N SER N 134 -7.15 41.05 79.38
CA SER N 134 -7.40 41.88 78.20
C SER N 134 -6.73 41.32 76.95
N VAL N 135 -7.15 41.81 75.77
CA VAL N 135 -6.66 41.37 74.47
C VAL N 135 -5.99 42.50 73.67
N CYS N 136 -5.21 42.14 72.65
CA CYS N 136 -4.49 43.05 71.74
C CYS N 136 -4.80 42.74 70.28
N LEU N 137 -5.48 43.67 69.61
CA LEU N 137 -5.91 43.54 68.22
C LEU N 137 -4.91 44.14 67.24
N PHE N 138 -4.42 43.32 66.30
CA PHE N 138 -3.55 43.79 65.23
C PHE N 138 -4.42 43.71 63.98
N THR N 139 -4.67 44.87 63.34
CA THR N 139 -5.61 44.95 62.22
C THR N 139 -5.18 45.89 61.08
N ASP N 140 -5.84 45.72 59.90
CA ASP N 140 -5.70 46.47 58.65
C ASP N 140 -4.29 46.38 58.04
N PHE N 141 -3.67 45.20 58.14
CA PHE N 141 -2.33 44.94 57.59
C PHE N 141 -2.36 44.28 56.20
N ASP N 142 -1.26 44.45 55.45
CA ASP N 142 -1.02 43.96 54.09
C ASP N 142 -1.15 42.43 53.90
N SER N 143 -1.41 42.00 52.66
CA SER N 143 -1.59 40.61 52.26
C SER N 143 -0.33 39.76 52.35
N GLN N 144 0.86 40.37 52.17
CA GLN N 144 2.14 39.67 52.18
C GLN N 144 2.79 39.53 53.59
N THR N 145 1.99 39.65 54.68
CA THR N 145 2.49 39.51 56.06
C THR N 145 2.54 38.04 56.49
N ASN N 146 3.76 37.48 56.55
CA ASN N 146 3.98 36.08 56.98
C ASN N 146 3.93 35.94 58.52
N VAL N 147 2.80 36.40 59.13
CA VAL N 147 2.53 36.42 60.58
C VAL N 147 2.61 35.00 61.22
N SER N 148 3.69 34.76 61.97
CA SER N 148 3.95 33.50 62.67
C SER N 148 3.37 33.44 64.09
N GLN N 149 3.14 32.20 64.56
CA GLN N 149 2.53 31.80 65.83
C GLN N 149 3.15 32.41 67.12
N SER N 150 2.56 32.07 68.28
CA SER N 150 2.95 32.53 69.60
C SER N 150 4.38 32.10 69.96
N LYS N 151 5.12 33.02 70.59
CA LYS N 151 6.50 32.79 70.99
C LYS N 151 6.64 32.07 72.34
N ASP N 152 5.70 32.31 73.28
CA ASP N 152 5.79 31.74 74.63
C ASP N 152 4.59 30.92 75.08
N SER N 153 4.80 30.19 76.20
CA SER N 153 3.89 29.27 76.89
C SER N 153 2.57 29.90 77.35
N ASP N 154 2.57 31.21 77.67
CA ASP N 154 1.36 31.89 78.16
C ASP N 154 0.77 32.91 77.18
N VAL N 155 1.59 33.51 76.31
CA VAL N 155 1.09 34.47 75.33
C VAL N 155 0.56 33.68 74.13
N TYR N 156 -0.69 33.97 73.69
CA TYR N 156 -1.36 33.28 72.59
C TYR N 156 -1.70 34.19 71.42
N ILE N 157 -1.32 33.76 70.20
CA ILE N 157 -1.54 34.50 68.95
C ILE N 157 -2.25 33.62 67.92
N THR N 158 -3.15 34.24 67.13
CA THR N 158 -3.93 33.61 66.07
C THR N 158 -3.52 34.21 64.72
N ASP N 159 -3.56 33.40 63.64
CA ASP N 159 -3.24 33.83 62.27
C ASP N 159 -4.26 34.85 61.75
N LYS N 160 -3.90 35.57 60.66
CA LYS N 160 -4.76 36.56 60.00
C LYS N 160 -6.12 35.98 59.61
N CYS N 161 -7.17 36.79 59.77
CA CYS N 161 -8.55 36.48 59.43
C CYS N 161 -8.96 37.57 58.47
N VAL N 162 -9.71 37.21 57.42
CA VAL N 162 -10.11 38.19 56.41
C VAL N 162 -11.59 38.57 56.54
N LEU N 163 -11.88 39.59 57.36
CA LEU N 163 -13.26 40.06 57.52
C LEU N 163 -13.69 40.71 56.20
N ASP N 164 -14.75 40.18 55.58
CA ASP N 164 -15.25 40.68 54.30
C ASP N 164 -16.31 41.79 54.55
N MET N 165 -15.92 43.05 54.27
CA MET N 165 -16.75 44.25 54.42
C MET N 165 -17.12 44.80 53.00
N ARG N 166 -17.53 43.88 52.11
CA ARG N 166 -17.96 44.09 50.72
C ARG N 166 -18.82 45.33 50.51
N ASP N 169 -17.04 48.14 50.77
CA ASP N 169 -15.91 47.38 50.27
C ASP N 169 -14.61 47.80 50.96
N PHE N 170 -14.60 47.65 52.30
CA PHE N 170 -13.47 47.95 53.18
C PHE N 170 -13.12 46.74 54.06
N LYS N 171 -12.81 45.61 53.40
CA LYS N 171 -12.40 44.36 54.05
C LYS N 171 -10.99 44.53 54.60
N SER N 172 -10.68 43.90 55.75
CA SER N 172 -9.36 44.08 56.37
C SER N 172 -8.86 42.84 57.09
N ASN N 173 -7.52 42.69 57.14
CA ASN N 173 -6.87 41.59 57.84
C ASN N 173 -6.87 41.86 59.35
N SER N 174 -6.98 40.80 60.17
CA SER N 174 -7.01 40.93 61.64
C SER N 174 -6.52 39.70 62.39
N ALA N 175 -5.64 39.92 63.39
CA ALA N 175 -5.08 38.89 64.26
C ALA N 175 -5.18 39.32 65.72
N VAL N 176 -5.54 38.38 66.62
CA VAL N 176 -5.74 38.62 68.05
C VAL N 176 -4.65 37.97 68.91
N ALA N 177 -4.18 38.71 69.94
CA ALA N 177 -3.16 38.26 70.89
C ALA N 177 -3.60 38.53 72.32
N TRP N 178 -3.40 37.55 73.23
CA TRP N 178 -3.80 37.68 74.64
C TRP N 178 -2.95 36.86 75.61
N SER N 179 -2.90 37.34 76.87
CA SER N 179 -2.20 36.70 77.99
C SER N 179 -2.78 37.18 79.34
N ASN N 180 -2.29 36.60 80.45
CA ASN N 180 -2.72 36.92 81.81
C ASN N 180 -1.61 37.61 82.63
N LYS N 181 -0.36 37.49 82.16
CA LYS N 181 0.83 38.03 82.83
C LYS N 181 0.90 39.57 82.84
N SER N 182 1.69 40.13 83.78
CA SER N 182 1.93 41.56 83.93
C SER N 182 2.77 42.00 82.72
N ASP N 183 3.81 41.20 82.40
CA ASP N 183 4.71 41.44 81.26
C ASP N 183 4.02 41.02 79.95
N PHE N 184 3.14 41.91 79.45
CA PHE N 184 2.37 41.76 78.22
C PHE N 184 2.02 43.15 77.68
N ALA N 185 2.92 43.72 76.86
CA ALA N 185 2.74 45.05 76.25
C ALA N 185 2.38 44.91 74.76
N CYS N 186 1.91 46.00 74.13
CA CYS N 186 1.49 46.04 72.72
C CYS N 186 2.61 45.70 71.74
N ALA N 187 3.70 46.49 71.73
CA ALA N 187 4.84 46.27 70.86
C ALA N 187 5.58 45.00 71.27
N ASN N 188 5.52 44.65 72.57
CA ASN N 188 6.12 43.47 73.19
C ASN N 188 5.45 42.17 72.73
N ALA N 189 4.11 42.17 72.57
CA ALA N 189 3.32 41.00 72.16
C ALA N 189 3.70 40.49 70.76
N PHE N 190 3.70 41.40 69.75
CA PHE N 190 4.03 41.04 68.38
C PHE N 190 5.51 41.31 68.10
N ASN N 191 6.37 40.40 68.57
CA ASN N 191 7.82 40.52 68.40
C ASN N 191 8.36 39.58 67.34
N ASN N 192 7.99 38.27 67.40
CA ASN N 192 8.42 37.28 66.42
C ASN N 192 7.85 37.59 65.04
N SER N 193 6.66 38.21 65.02
CA SER N 193 5.98 38.63 63.80
C SER N 193 6.60 39.95 63.35
N ILE N 194 7.28 39.93 62.20
CA ILE N 194 7.95 41.09 61.62
C ILE N 194 6.89 42.06 61.08
N ILE N 195 6.76 43.21 61.76
CA ILE N 195 5.79 44.26 61.45
C ILE N 195 6.47 45.50 60.85
N PRO N 196 5.86 46.20 59.85
CA PRO N 196 6.50 47.40 59.27
C PRO N 196 6.84 48.49 60.28
N GLU N 197 7.86 49.33 59.97
CA GLU N 197 8.30 50.44 60.84
C GLU N 197 7.20 51.48 61.09
N ASP N 198 6.25 51.64 60.14
CA ASP N 198 5.13 52.57 60.20
C ASP N 198 3.84 51.94 60.79
N THR N 199 3.99 50.85 61.56
CA THR N 199 2.87 50.15 62.21
C THR N 199 2.50 50.92 63.48
N PHE N 200 1.31 51.56 63.49
CA PHE N 200 0.75 52.38 64.57
C PHE N 200 0.78 51.70 65.95
N PHE N 201 1.11 52.48 67.00
CA PHE N 201 1.16 52.04 68.39
C PHE N 201 0.66 53.12 69.37
N PRO N 202 -0.57 52.98 69.94
CA PRO N 202 -1.04 53.98 70.91
C PRO N 202 -0.58 53.71 72.34
N SER N 203 -0.80 54.67 73.27
CA SER N 203 -0.40 54.55 74.67
C SER N 203 -1.48 53.91 75.56
N GLY O 3 -32.96 15.92 50.58
CA GLY O 3 -31.54 15.96 50.93
C GLY O 3 -31.08 14.77 51.74
N VAL O 4 -29.78 14.73 52.05
CA VAL O 4 -29.17 13.63 52.82
C VAL O 4 -28.93 14.04 54.26
N THR O 5 -29.72 13.52 55.22
CA THR O 5 -29.51 13.90 56.62
C THR O 5 -28.65 12.85 57.33
N GLN O 6 -27.68 13.33 58.13
CA GLN O 6 -26.73 12.50 58.84
C GLN O 6 -26.84 12.64 60.34
N THR O 7 -26.93 11.50 61.04
CA THR O 7 -27.16 11.46 62.47
C THR O 7 -26.13 10.62 63.23
N PRO O 8 -25.52 11.15 64.33
CA PRO O 8 -25.63 12.52 64.85
C PRO O 8 -24.66 13.49 64.17
N LYS O 9 -24.83 14.82 64.37
CA LYS O 9 -23.96 15.82 63.75
C LYS O 9 -22.55 15.79 64.31
N HIS O 10 -22.42 15.41 65.59
CA HIS O 10 -21.15 15.28 66.31
C HIS O 10 -21.28 14.09 67.23
N LEU O 11 -20.17 13.36 67.40
CA LEU O 11 -20.15 12.20 68.28
C LEU O 11 -18.80 12.08 68.95
N ILE O 12 -18.82 11.81 70.26
CA ILE O 12 -17.62 11.57 71.07
C ILE O 12 -17.77 10.31 71.91
N THR O 13 -16.89 9.34 71.70
CA THR O 13 -16.85 8.08 72.45
C THR O 13 -15.41 7.73 72.82
N ALA O 14 -15.25 6.73 73.70
CA ALA O 14 -13.96 6.27 74.18
C ALA O 14 -13.32 5.23 73.25
N THR O 15 -12.07 4.83 73.55
CA THR O 15 -11.32 3.80 72.82
C THR O 15 -11.91 2.44 73.20
N GLY O 16 -12.08 1.57 72.20
CA GLY O 16 -12.65 0.24 72.35
C GLY O 16 -14.14 0.18 72.10
N GLN O 17 -14.83 1.33 72.28
CA GLN O 17 -16.28 1.51 72.15
C GLN O 17 -16.89 1.16 70.78
N ARG O 18 -18.22 0.93 70.79
CA ARG O 18 -19.03 0.67 69.59
C ARG O 18 -19.78 1.96 69.29
N VAL O 19 -19.91 2.29 68.00
CA VAL O 19 -20.59 3.52 67.60
C VAL O 19 -21.32 3.36 66.27
N THR O 20 -22.60 3.74 66.24
CA THR O 20 -23.42 3.64 65.04
C THR O 20 -23.69 5.00 64.44
N LEU O 21 -23.30 5.19 63.18
CA LEU O 21 -23.56 6.43 62.46
C LEU O 21 -24.71 6.16 61.52
N ARG O 22 -25.70 7.07 61.52
CA ARG O 22 -26.91 6.94 60.73
C ARG O 22 -26.91 7.84 59.53
N CYS O 23 -27.63 7.42 58.49
CA CYS O 23 -27.80 8.20 57.29
C CYS O 23 -29.15 8.02 56.66
N SER O 24 -29.77 9.15 56.37
CA SER O 24 -31.03 9.24 55.67
C SER O 24 -30.68 9.68 54.28
N PRO O 25 -30.77 8.76 53.29
CA PRO O 25 -30.52 9.17 51.90
C PRO O 25 -31.65 10.07 51.45
N ARG O 26 -31.55 10.61 50.24
CA ARG O 26 -32.63 11.43 49.76
C ARG O 26 -33.65 10.52 49.12
N SER O 27 -34.92 10.75 49.47
CA SER O 27 -36.07 9.97 49.05
C SER O 27 -36.02 9.52 47.60
N GLY O 28 -36.16 8.21 47.41
CA GLY O 28 -36.17 7.56 46.10
C GLY O 28 -34.84 6.99 45.66
N ASP O 29 -33.71 7.46 46.26
CA ASP O 29 -32.36 6.99 45.95
C ASP O 29 -32.09 5.65 46.61
N LEU O 30 -31.70 4.67 45.81
CA LEU O 30 -31.46 3.29 46.24
C LEU O 30 -30.05 2.97 46.71
N SER O 31 -29.09 3.90 46.52
CA SER O 31 -27.71 3.63 46.93
C SER O 31 -27.14 4.62 47.94
N VAL O 32 -26.41 4.07 48.90
CA VAL O 32 -25.72 4.78 49.99
C VAL O 32 -24.22 4.48 49.84
N TYR O 33 -23.39 5.52 49.97
CA TYR O 33 -21.93 5.46 49.92
C TYR O 33 -21.38 6.07 51.20
N TRP O 34 -20.45 5.37 51.86
CA TRP O 34 -19.83 5.89 53.07
C TRP O 34 -18.36 6.22 52.81
N TYR O 35 -17.90 7.40 53.26
CA TYR O 35 -16.53 7.91 53.09
C TYR O 35 -15.94 8.35 54.42
N GLN O 36 -14.60 8.54 54.44
CA GLN O 36 -13.88 9.02 55.61
C GLN O 36 -12.88 10.09 55.26
N GLN O 37 -13.13 11.33 55.73
CA GLN O 37 -12.24 12.44 55.46
C GLN O 37 -11.24 12.54 56.59
N SER O 38 -10.07 11.94 56.34
CA SER O 38 -8.95 11.85 57.27
C SER O 38 -8.31 13.23 57.48
N LEU O 39 -7.91 13.54 58.74
CA LEU O 39 -7.29 14.83 59.09
C LEU O 39 -6.07 15.16 58.21
N ASP O 40 -5.39 14.10 57.73
CA ASP O 40 -4.23 14.17 56.83
C ASP O 40 -4.64 14.15 55.34
N GLN O 41 -5.28 13.05 54.94
CA GLN O 41 -5.78 12.69 53.61
C GLN O 41 -7.18 13.25 53.33
N GLY O 42 -7.65 13.08 52.10
CA GLY O 42 -8.98 13.50 51.70
C GLY O 42 -9.96 12.40 52.00
N LEU O 43 -11.12 12.42 51.34
CA LEU O 43 -12.10 11.37 51.58
C LEU O 43 -11.63 10.07 50.98
N GLN O 44 -11.71 9.01 51.78
CA GLN O 44 -11.35 7.68 51.34
C GLN O 44 -12.55 6.77 51.51
N PHE O 45 -13.06 6.28 50.38
CA PHE O 45 -14.22 5.41 50.26
C PHE O 45 -14.18 4.22 51.21
N LEU O 46 -15.33 3.94 51.85
CA LEU O 46 -15.47 2.85 52.81
C LEU O 46 -16.34 1.73 52.28
N ILE O 47 -17.64 1.97 52.07
CA ILE O 47 -18.58 0.93 51.65
C ILE O 47 -19.83 1.53 50.94
N GLN O 48 -20.40 0.75 50.02
CA GLN O 48 -21.58 1.10 49.24
C GLN O 48 -22.63 0.01 49.37
N TYR O 49 -23.91 0.41 49.56
CA TYR O 49 -25.06 -0.48 49.65
C TYR O 49 -26.08 -0.12 48.58
N TYR O 50 -26.74 -1.12 48.00
CA TYR O 50 -27.74 -0.91 46.94
C TYR O 50 -28.96 -1.79 47.17
N ASN O 51 -30.10 -1.13 47.49
CA ASN O 51 -31.40 -1.75 47.78
C ASN O 51 -31.29 -2.83 48.87
N GLY O 52 -30.79 -2.42 50.04
CA GLY O 52 -30.61 -3.27 51.21
C GLY O 52 -29.37 -4.16 51.25
N GLU O 53 -28.87 -4.58 50.07
CA GLU O 53 -27.69 -5.46 49.88
C GLU O 53 -26.40 -4.66 49.70
N GLU O 54 -25.22 -5.28 49.98
CA GLU O 54 -23.90 -4.67 49.78
C GLU O 54 -23.51 -4.71 48.29
N ARG O 55 -22.94 -3.61 47.77
CA ARG O 55 -22.51 -3.52 46.35
C ARG O 55 -21.00 -3.34 46.18
N ALA O 56 -20.33 -2.59 47.08
CA ALA O 56 -18.88 -2.33 46.98
C ALA O 56 -18.20 -2.02 48.30
N LYS O 57 -17.09 -2.70 48.58
CA LYS O 57 -16.27 -2.46 49.76
C LYS O 57 -15.05 -1.59 49.34
N GLY O 58 -14.16 -1.24 50.27
CA GLY O 58 -13.01 -0.41 49.94
C GLY O 58 -11.91 -0.33 50.98
N ASN O 59 -11.41 -1.49 51.43
CA ASN O 59 -10.35 -1.66 52.44
C ASN O 59 -10.81 -1.23 53.84
N ILE O 60 -11.91 -1.81 54.30
CA ILE O 60 -12.49 -1.57 55.62
C ILE O 60 -11.72 -2.42 56.64
N LEU O 61 -11.63 -1.94 57.88
CA LEU O 61 -10.90 -2.61 58.96
C LEU O 61 -11.66 -3.81 59.56
N GLU O 62 -12.66 -4.38 58.82
CA GLU O 62 -13.52 -5.52 59.18
C GLU O 62 -14.29 -5.32 60.52
N ARG O 63 -14.09 -4.15 61.13
CA ARG O 63 -14.74 -3.67 62.35
C ARG O 63 -15.59 -2.48 61.95
N PHE O 64 -15.43 -2.07 60.67
CA PHE O 64 -16.13 -1.00 59.98
C PHE O 64 -17.23 -1.69 59.20
N SER O 65 -18.34 -1.94 59.90
CA SER O 65 -19.53 -2.63 59.39
C SER O 65 -20.56 -1.62 58.86
N ALA O 66 -21.47 -2.09 58.00
CA ALA O 66 -22.55 -1.27 57.46
C ALA O 66 -23.79 -2.06 57.08
N GLN O 67 -24.94 -1.37 57.01
CA GLN O 67 -26.22 -1.96 56.63
C GLN O 67 -27.16 -0.93 56.01
N GLN O 68 -28.14 -1.43 55.28
CA GLN O 68 -29.19 -0.66 54.62
C GLN O 68 -30.46 -1.47 54.78
N PHE O 69 -31.55 -0.82 55.22
CA PHE O 69 -32.84 -1.47 55.50
C PHE O 69 -33.87 -1.26 54.36
N PRO O 70 -35.04 -1.99 54.35
CA PRO O 70 -36.07 -1.75 53.32
C PRO O 70 -36.42 -0.29 53.07
N ASP O 71 -36.54 0.53 54.15
CA ASP O 71 -36.65 1.98 54.05
C ASP O 71 -35.16 2.24 53.90
N LEU O 72 -34.71 2.80 52.77
CA LEU O 72 -33.28 2.91 52.47
C LEU O 72 -32.46 3.73 53.50
N HIS O 73 -32.50 3.39 54.78
CA HIS O 73 -31.72 4.08 55.78
C HIS O 73 -30.47 3.28 56.02
N SER O 74 -29.37 3.97 56.30
CA SER O 74 -28.12 3.26 56.42
C SER O 74 -27.41 3.48 57.72
N GLU O 75 -26.75 2.44 58.20
CA GLU O 75 -25.98 2.52 59.43
C GLU O 75 -24.55 2.09 59.20
N LEU O 76 -23.60 2.85 59.78
CA LEU O 76 -22.18 2.58 59.71
C LEU O 76 -21.73 2.28 61.14
N ASN O 77 -21.43 1.00 61.41
CA ASN O 77 -21.06 0.49 62.72
C ASN O 77 -19.54 0.32 62.88
N LEU O 78 -18.91 1.20 63.69
CA LEU O 78 -17.46 1.22 63.95
C LEU O 78 -17.21 0.68 65.36
N SER O 79 -16.68 -0.56 65.47
CA SER O 79 -16.43 -1.27 66.72
C SER O 79 -15.47 -2.46 66.46
N SER O 80 -14.32 -2.65 67.19
CA SER O 80 -13.75 -1.85 68.29
C SER O 80 -13.08 -0.60 67.79
N LEU O 81 -13.58 0.55 68.24
CA LEU O 81 -13.12 1.90 67.91
C LEU O 81 -11.72 2.18 68.45
N GLU O 82 -10.88 2.88 67.66
CA GLU O 82 -9.51 3.24 68.06
C GLU O 82 -9.21 4.71 67.78
N LEU O 83 -8.37 5.33 68.63
CA LEU O 83 -7.93 6.74 68.60
C LEU O 83 -7.88 7.39 67.20
N GLY O 84 -7.25 6.71 66.25
CA GLY O 84 -7.05 7.17 64.87
C GLY O 84 -8.27 7.17 63.98
N ASP O 85 -9.42 6.72 64.49
CA ASP O 85 -10.67 6.70 63.73
C ASP O 85 -11.38 8.04 63.79
N SER O 86 -10.86 8.98 64.61
CA SER O 86 -11.41 10.33 64.73
C SER O 86 -11.23 11.02 63.37
N ALA O 87 -12.35 11.24 62.66
CA ALA O 87 -12.42 11.86 61.34
C ALA O 87 -13.84 12.36 61.05
N LEU O 88 -14.08 12.88 59.83
CA LEU O 88 -15.40 13.31 59.39
C LEU O 88 -15.90 12.18 58.49
N TYR O 89 -17.06 11.61 58.81
CA TYR O 89 -17.64 10.51 58.05
C TYR O 89 -18.80 11.01 57.24
N PHE O 90 -18.72 10.85 55.91
CA PHE O 90 -19.77 11.32 55.02
C PHE O 90 -20.61 10.23 54.45
N CYS O 91 -21.82 10.63 54.07
CA CYS O 91 -22.80 9.78 53.45
C CYS O 91 -23.12 10.39 52.10
N ALA O 92 -23.15 9.56 51.07
CA ALA O 92 -23.46 9.98 49.72
C ALA O 92 -24.68 9.20 49.26
N SER O 93 -25.42 9.75 48.29
CA SER O 93 -26.63 9.11 47.80
C SER O 93 -26.91 9.31 46.34
N SER O 94 -27.29 8.22 45.65
CA SER O 94 -27.71 8.19 44.25
C SER O 94 -28.51 6.91 43.97
N ALA O 95 -28.81 6.63 42.69
CA ALA O 95 -29.56 5.48 42.16
C ALA O 95 -31.07 5.56 42.32
N ASN O 96 -31.66 6.73 41.98
CA ASN O 96 -33.11 6.86 41.96
C ASN O 96 -33.51 6.31 40.59
N PRO O 97 -34.28 5.20 40.51
CA PRO O 97 -34.58 4.61 39.19
C PRO O 97 -35.61 5.39 38.36
N GLY O 98 -36.09 6.51 38.91
CA GLY O 98 -37.01 7.41 38.23
C GLY O 98 -36.28 8.59 37.61
N ASP O 99 -35.00 8.78 38.00
CA ASP O 99 -34.14 9.87 37.55
C ASP O 99 -33.46 9.63 36.21
N SER O 100 -32.95 10.72 35.60
CA SER O 100 -32.20 10.76 34.34
C SER O 100 -30.69 10.89 34.66
N SER O 101 -30.37 11.74 35.67
CA SER O 101 -29.04 12.01 36.21
C SER O 101 -28.65 10.90 37.23
N ASN O 102 -29.11 9.67 36.95
CA ASN O 102 -28.97 8.44 37.71
C ASN O 102 -27.70 8.29 38.57
N GLU O 103 -26.53 8.51 37.96
CA GLU O 103 -25.21 8.27 38.55
C GLU O 103 -24.64 9.35 39.48
N LYS O 104 -24.92 10.66 39.22
CA LYS O 104 -24.40 11.79 40.03
C LYS O 104 -24.71 11.66 41.53
N LEU O 105 -23.67 11.72 42.38
CA LEU O 105 -23.76 11.58 43.84
C LEU O 105 -24.11 12.88 44.55
N PHE O 106 -24.92 12.79 45.61
CA PHE O 106 -25.28 13.93 46.45
C PHE O 106 -24.84 13.61 47.86
N PHE O 107 -24.08 14.53 48.47
CA PHE O 107 -23.49 14.38 49.80
C PHE O 107 -24.25 15.05 50.92
N GLY O 108 -24.20 14.43 52.09
CA GLY O 108 -24.74 14.99 53.32
C GLY O 108 -23.69 15.82 54.01
N SER O 109 -23.96 16.31 55.22
CA SER O 109 -23.00 17.10 55.99
C SER O 109 -22.50 16.22 57.14
N GLY O 110 -21.35 15.62 56.90
CA GLY O 110 -20.65 14.66 57.75
C GLY O 110 -20.79 14.69 59.25
N THR O 111 -20.83 13.49 59.83
CA THR O 111 -20.84 13.26 61.26
C THR O 111 -19.37 13.38 61.68
N GLN O 112 -19.06 14.25 62.65
CA GLN O 112 -17.69 14.35 63.14
C GLN O 112 -17.54 13.36 64.29
N LEU O 113 -16.55 12.46 64.17
CA LEU O 113 -16.28 11.46 65.19
C LEU O 113 -14.98 11.81 65.90
N SER O 114 -14.97 11.67 67.24
CA SER O 114 -13.79 11.94 68.05
C SER O 114 -13.57 10.88 69.12
N VAL O 115 -12.73 9.87 68.78
CA VAL O 115 -12.32 8.79 69.67
C VAL O 115 -11.29 9.37 70.61
N LEU O 116 -11.48 9.16 71.92
CA LEU O 116 -10.58 9.66 72.95
C LEU O 116 -10.22 8.52 73.89
N GLU O 117 -9.01 8.56 74.47
CA GLU O 117 -8.58 7.53 75.43
C GLU O 117 -9.32 7.75 76.75
N ASP O 118 -9.41 9.03 77.19
CA ASP O 118 -10.12 9.37 78.43
C ASP O 118 -11.19 10.44 78.18
N LEU O 119 -12.47 10.06 78.44
CA LEU O 119 -13.66 10.91 78.30
C LEU O 119 -13.59 12.15 79.21
N ASN O 120 -12.83 12.05 80.33
CA ASN O 120 -12.64 13.13 81.32
C ASN O 120 -11.94 14.35 80.69
N LYS O 121 -11.24 14.14 79.57
CA LYS O 121 -10.54 15.21 78.87
C LYS O 121 -11.50 16.10 78.05
N VAL O 122 -12.83 15.81 78.10
CA VAL O 122 -13.87 16.57 77.39
C VAL O 122 -14.22 17.82 78.17
N PHE O 123 -14.00 19.00 77.58
CA PHE O 123 -14.26 20.28 78.23
C PHE O 123 -15.14 21.24 77.45
N PRO O 124 -16.14 21.87 78.09
CA PRO O 124 -16.94 22.89 77.39
C PRO O 124 -16.13 24.20 77.30
N PRO O 125 -16.56 25.27 76.58
CA PRO O 125 -15.70 26.46 76.48
C PRO O 125 -15.89 27.56 77.53
N GLU O 126 -15.02 28.58 77.46
CA GLU O 126 -14.99 29.78 78.30
C GLU O 126 -15.16 30.96 77.33
N VAL O 127 -16.41 31.32 77.04
CA VAL O 127 -16.72 32.42 76.13
C VAL O 127 -16.44 33.75 76.85
N ALA O 128 -15.93 34.74 76.10
CA ALA O 128 -15.60 36.08 76.59
C ALA O 128 -15.65 37.09 75.45
N VAL O 129 -16.35 38.21 75.66
CA VAL O 129 -16.49 39.29 74.68
C VAL O 129 -15.70 40.53 75.14
N PHE O 130 -15.04 41.22 74.19
CA PHE O 130 -14.19 42.36 74.48
C PHE O 130 -14.62 43.63 73.74
N GLU O 131 -14.77 44.73 74.50
CA GLU O 131 -15.19 46.02 73.99
C GLU O 131 -14.12 46.67 73.10
N PRO O 132 -14.52 47.24 71.94
CA PRO O 132 -13.55 47.88 71.04
C PRO O 132 -12.73 48.99 71.68
N SER O 133 -11.50 49.17 71.19
CA SER O 133 -10.57 50.20 71.66
C SER O 133 -11.08 51.57 71.25
N GLU O 134 -10.91 52.58 72.13
CA GLU O 134 -11.30 53.97 71.88
C GLU O 134 -10.50 54.53 70.70
N ALA O 135 -9.21 54.10 70.61
CA ALA O 135 -8.25 54.46 69.57
C ALA O 135 -8.71 54.00 68.19
N GLU O 136 -9.35 52.81 68.11
CA GLU O 136 -9.89 52.22 66.88
C GLU O 136 -11.01 53.07 66.32
N ILE O 137 -11.94 53.51 67.19
CA ILE O 137 -13.09 54.34 66.85
C ILE O 137 -12.67 55.72 66.31
N SER O 138 -11.54 56.26 66.81
CA SER O 138 -11.02 57.56 66.39
C SER O 138 -10.10 57.47 65.17
N HIS O 139 -9.20 56.48 65.15
CA HIS O 139 -8.23 56.29 64.08
C HIS O 139 -8.84 55.72 62.81
N THR O 140 -9.65 54.65 62.93
CA THR O 140 -10.28 53.98 61.79
C THR O 140 -11.69 54.50 61.54
N GLN O 141 -12.38 54.99 62.60
CA GLN O 141 -13.76 55.47 62.58
C GLN O 141 -14.70 54.24 62.42
N LYS O 142 -14.26 53.10 62.97
CA LYS O 142 -14.90 51.78 62.97
C LYS O 142 -14.61 51.11 64.32
N ALA O 143 -15.37 50.04 64.69
CA ALA O 143 -15.20 49.34 65.96
C ALA O 143 -15.26 47.81 65.82
N THR O 144 -14.19 47.11 66.28
CA THR O 144 -14.08 45.64 66.24
C THR O 144 -14.40 45.00 67.60
N LEU O 145 -15.52 44.28 67.67
CA LEU O 145 -15.98 43.54 68.84
C LEU O 145 -15.39 42.15 68.72
N VAL O 146 -14.50 41.79 69.65
CA VAL O 146 -13.77 40.53 69.59
C VAL O 146 -14.23 39.50 70.62
N CYS O 147 -14.55 38.29 70.14
CA CYS O 147 -14.93 37.17 71.01
C CYS O 147 -13.81 36.17 71.11
N LEU O 148 -13.67 35.55 72.28
CA LEU O 148 -12.63 34.56 72.57
C LEU O 148 -13.18 33.39 73.38
N ALA O 149 -13.36 32.24 72.70
CA ALA O 149 -13.81 30.98 73.29
C ALA O 149 -12.55 30.18 73.61
N THR O 150 -12.45 29.66 74.84
CA THR O 150 -11.23 28.97 75.31
C THR O 150 -11.49 27.76 76.21
N GLY O 151 -10.45 26.94 76.40
CA GLY O 151 -10.45 25.77 77.28
C GLY O 151 -11.46 24.68 76.97
N PHE O 152 -11.62 24.33 75.68
CA PHE O 152 -12.54 23.30 75.23
C PHE O 152 -11.87 22.13 74.51
N TYR O 153 -12.41 20.91 74.68
CA TYR O 153 -11.90 19.71 74.04
C TYR O 153 -12.99 18.67 73.78
N PRO O 154 -13.18 18.17 72.54
CA PRO O 154 -12.44 18.46 71.29
C PRO O 154 -12.93 19.71 70.57
N ASP O 155 -12.48 19.92 69.30
CA ASP O 155 -12.87 21.06 68.44
C ASP O 155 -14.32 20.87 67.91
N HIS O 156 -15.27 20.68 68.83
CA HIS O 156 -16.69 20.48 68.55
C HIS O 156 -17.46 21.77 68.86
N VAL O 157 -17.02 22.92 68.31
CA VAL O 157 -17.70 24.20 68.60
C VAL O 157 -18.21 24.92 67.35
N GLU O 158 -19.25 25.76 67.55
CA GLU O 158 -19.89 26.61 66.55
C GLU O 158 -20.06 28.02 67.11
N LEU O 159 -19.22 28.97 66.65
CA LEU O 159 -19.30 30.35 67.09
C LEU O 159 -20.35 31.10 66.28
N SER O 160 -21.23 31.83 66.99
CA SER O 160 -22.35 32.61 66.44
C SER O 160 -22.34 34.02 67.00
N TRP O 161 -22.67 35.02 66.16
CA TRP O 161 -22.80 36.41 66.60
C TRP O 161 -24.25 36.83 66.46
N TRP O 162 -24.78 37.54 67.47
CA TRP O 162 -26.18 37.94 67.50
C TRP O 162 -26.32 39.42 67.81
N VAL O 163 -26.69 40.21 66.79
CA VAL O 163 -26.91 41.64 66.97
C VAL O 163 -28.40 41.92 67.02
N ASN O 164 -28.85 42.47 68.17
CA ASN O 164 -30.22 42.82 68.52
C ASN O 164 -31.18 41.65 68.33
N GLY O 165 -30.86 40.56 69.03
CA GLY O 165 -31.61 39.31 69.04
C GLY O 165 -31.54 38.43 67.81
N LYS O 166 -31.08 38.99 66.68
CA LYS O 166 -30.99 38.28 65.39
C LYS O 166 -29.55 37.95 65.00
N GLU O 167 -29.36 36.77 64.37
CA GLU O 167 -28.05 36.30 63.93
C GLU O 167 -27.57 37.13 62.74
N VAL O 168 -26.32 37.61 62.84
CA VAL O 168 -25.66 38.42 61.83
C VAL O 168 -24.56 37.63 61.11
N HIS O 169 -24.10 38.12 59.96
CA HIS O 169 -23.03 37.54 59.15
C HIS O 169 -22.11 38.65 58.64
N SER O 170 -22.70 39.80 58.22
CA SER O 170 -21.99 40.97 57.70
C SER O 170 -21.03 41.60 58.73
N GLY O 171 -19.75 41.30 58.56
CA GLY O 171 -18.68 41.79 59.43
C GLY O 171 -18.11 40.80 60.42
N VAL O 172 -18.48 39.52 60.31
CA VAL O 172 -18.01 38.45 61.21
C VAL O 172 -16.72 37.80 60.65
N CYS O 173 -15.74 37.51 61.53
CA CYS O 173 -14.50 36.84 61.17
C CYS O 173 -14.05 35.83 62.20
N THR O 174 -14.69 34.65 62.20
CA THR O 174 -14.28 33.57 63.08
C THR O 174 -13.04 33.01 62.36
N ASP O 175 -11.92 32.84 63.09
CA ASP O 175 -10.69 32.29 62.50
C ASP O 175 -10.88 30.85 61.99
N PRO O 176 -10.25 30.39 60.92
CA PRO O 176 -10.57 29.04 60.35
C PRO O 176 -10.14 27.82 61.17
N GLN O 177 -8.98 27.87 61.85
CA GLN O 177 -8.51 26.72 62.64
C GLN O 177 -8.28 27.13 64.10
N PRO O 178 -8.75 26.32 65.08
CA PRO O 178 -8.50 26.67 66.49
C PRO O 178 -7.06 26.33 66.85
N LEU O 179 -6.51 26.98 67.87
CA LEU O 179 -5.13 26.68 68.22
C LEU O 179 -4.99 26.11 69.62
N LYS O 180 -4.08 25.12 69.74
CA LYS O 180 -3.77 24.40 70.98
C LYS O 180 -3.17 25.36 72.00
N GLU O 181 -3.65 25.29 73.24
CA GLU O 181 -3.13 26.09 74.35
C GLU O 181 -1.74 25.57 74.74
N GLN O 182 -1.55 24.24 74.66
CA GLN O 182 -0.29 23.56 74.95
C GLN O 182 0.16 22.85 73.64
N PRO O 183 1.02 23.51 72.81
CA PRO O 183 1.41 22.90 71.52
C PRO O 183 2.13 21.55 71.59
N ALA O 184 3.14 21.44 72.47
CA ALA O 184 3.92 20.22 72.66
C ALA O 184 3.21 19.21 73.59
N LEU O 185 1.87 19.07 73.42
CA LEU O 185 1.04 18.15 74.20
C LEU O 185 -0.01 17.43 73.35
N ASN O 186 -0.27 16.17 73.71
CA ASN O 186 -1.27 15.29 73.10
C ASN O 186 -2.55 15.41 73.92
N ASP O 187 -3.69 15.66 73.24
CA ASP O 187 -5.03 15.85 73.82
C ASP O 187 -5.15 17.17 74.61
N SER O 188 -4.56 18.24 74.04
CA SER O 188 -4.57 19.60 74.59
C SER O 188 -5.85 20.30 74.21
N ARG O 189 -6.35 21.17 75.10
CA ARG O 189 -7.56 21.97 74.88
C ARG O 189 -7.33 23.03 73.81
N TYR O 190 -8.38 23.34 73.04
CA TYR O 190 -8.34 24.34 71.96
C TYR O 190 -8.87 25.69 72.44
N ALA O 191 -8.52 26.74 71.68
CA ALA O 191 -8.94 28.13 71.90
C ALA O 191 -9.27 28.72 70.55
N LEU O 192 -10.49 29.24 70.39
CA LEU O 192 -10.98 29.84 69.14
C LEU O 192 -11.33 31.30 69.35
N SER O 193 -11.01 32.14 68.36
CA SER O 193 -11.31 33.57 68.41
C SER O 193 -12.26 33.97 67.28
N SER O 194 -12.84 35.18 67.39
CA SER O 194 -13.74 35.74 66.38
C SER O 194 -13.79 37.24 66.50
N ARG O 195 -14.17 37.88 65.40
CA ARG O 195 -14.30 39.33 65.32
C ARG O 195 -15.68 39.71 64.77
N LEU O 196 -16.05 40.99 64.93
CA LEU O 196 -17.29 41.57 64.45
C LEU O 196 -17.07 43.06 64.36
N ARG O 197 -16.93 43.57 63.14
CA ARG O 197 -16.70 44.99 62.96
C ARG O 197 -18.00 45.71 62.68
N VAL O 198 -18.11 46.98 63.14
CA VAL O 198 -19.29 47.84 63.00
C VAL O 198 -18.87 49.29 62.74
N SER O 199 -19.81 50.15 62.30
CA SER O 199 -19.54 51.57 62.11
C SER O 199 -19.42 52.25 63.49
N ALA O 200 -18.61 53.33 63.57
CA ALA O 200 -18.34 54.08 64.82
C ALA O 200 -19.62 54.41 65.58
N THR O 201 -20.59 55.00 64.86
CA THR O 201 -21.91 55.41 65.34
C THR O 201 -22.77 54.25 65.83
N PHE O 202 -22.65 53.07 65.18
CA PHE O 202 -23.43 51.87 65.52
C PHE O 202 -23.13 51.35 66.92
N TRP O 203 -21.84 51.07 67.25
CA TRP O 203 -21.49 50.58 68.59
C TRP O 203 -21.70 51.65 69.66
N GLN O 204 -21.60 52.94 69.26
CA GLN O 204 -21.76 54.08 70.18
C GLN O 204 -23.22 54.26 70.68
N ASN O 205 -24.19 53.53 70.10
CA ASN O 205 -25.59 53.56 70.54
C ASN O 205 -25.81 52.47 71.62
N PRO O 206 -26.21 52.84 72.86
CA PRO O 206 -26.43 51.81 73.90
C PRO O 206 -27.74 51.02 73.74
N ARG O 207 -28.52 51.31 72.67
CA ARG O 207 -29.76 50.61 72.36
C ARG O 207 -29.48 49.40 71.43
N ASN O 208 -28.20 49.00 71.35
CA ASN O 208 -27.70 47.90 70.54
C ASN O 208 -27.12 46.78 71.41
N HIS O 209 -27.62 45.55 71.19
CA HIS O 209 -27.18 44.34 71.90
C HIS O 209 -26.35 43.45 70.96
N PHE O 210 -25.24 42.92 71.48
CA PHE O 210 -24.34 42.03 70.74
C PHE O 210 -24.06 40.82 71.60
N ARG O 211 -24.20 39.61 71.03
CA ARG O 211 -23.94 38.40 71.79
C ARG O 211 -23.19 37.34 71.00
N CYS O 212 -22.00 37.00 71.49
CA CYS O 212 -21.17 35.95 70.95
C CYS O 212 -21.63 34.65 71.62
N GLN O 213 -22.22 33.76 70.82
CA GLN O 213 -22.74 32.46 71.23
C GLN O 213 -21.79 31.36 70.76
N VAL O 214 -21.58 30.33 71.59
CA VAL O 214 -20.71 29.19 71.25
C VAL O 214 -21.43 27.87 71.54
N GLN O 215 -21.86 27.18 70.46
CA GLN O 215 -22.55 25.90 70.58
C GLN O 215 -21.51 24.80 70.59
N PHE O 216 -21.36 24.15 71.74
CA PHE O 216 -20.42 23.07 71.98
C PHE O 216 -21.17 21.74 71.95
N TYR O 217 -20.60 20.73 71.30
CA TYR O 217 -21.21 19.40 71.23
C TYR O 217 -20.37 18.42 72.05
N GLY O 218 -20.91 18.00 73.19
CA GLY O 218 -20.24 17.12 74.14
C GLY O 218 -20.82 15.74 74.34
N LEU O 219 -20.77 15.26 75.60
CA LEU O 219 -21.22 13.93 76.00
C LEU O 219 -22.71 13.65 75.88
N SER O 220 -23.03 12.36 75.66
CA SER O 220 -24.38 11.80 75.51
C SER O 220 -25.03 11.50 76.88
N GLU O 221 -26.37 11.40 76.89
CA GLU O 221 -27.17 11.13 78.08
C GLU O 221 -27.16 9.62 78.45
N ASN O 222 -26.44 8.82 77.65
CA ASN O 222 -26.26 7.37 77.82
C ASN O 222 -24.89 7.11 78.45
N ASP O 223 -23.95 8.07 78.28
CA ASP O 223 -22.59 8.02 78.79
C ASP O 223 -22.53 8.45 80.25
N GLU O 224 -22.05 7.54 81.12
CA GLU O 224 -21.92 7.76 82.57
C GLU O 224 -20.78 8.72 82.91
N TRP O 225 -21.01 9.60 83.89
CA TRP O 225 -20.06 10.60 84.35
C TRP O 225 -19.50 10.22 85.73
N THR O 226 -18.30 9.61 85.73
CA THR O 226 -17.61 9.13 86.93
C THR O 226 -17.08 10.26 87.84
N GLN O 227 -16.46 11.29 87.24
CA GLN O 227 -15.80 12.42 87.88
C GLN O 227 -16.68 13.31 88.75
N ASP O 228 -16.00 14.14 89.55
CA ASP O 228 -16.57 15.07 90.52
C ASP O 228 -17.17 16.30 89.84
N ARG O 229 -16.44 16.90 88.88
CA ARG O 229 -16.84 18.10 88.10
C ARG O 229 -18.20 17.91 87.38
N ALA O 230 -18.85 19.03 86.98
CA ALA O 230 -20.14 18.99 86.28
C ALA O 230 -20.01 18.28 84.92
N LYS O 231 -21.08 17.58 84.47
CA LYS O 231 -21.06 16.83 83.21
C LYS O 231 -20.85 17.75 81.99
N PRO O 232 -19.88 17.43 81.09
CA PRO O 232 -19.62 18.29 79.92
C PRO O 232 -20.44 17.86 78.70
N VAL O 233 -21.76 17.92 78.83
CA VAL O 233 -22.73 17.59 77.80
C VAL O 233 -22.82 18.69 76.75
N THR O 234 -23.55 18.40 75.65
CA THR O 234 -23.83 19.35 74.57
C THR O 234 -24.57 20.52 75.22
N GLN O 235 -23.95 21.72 75.19
CA GLN O 235 -24.46 22.93 75.84
C GLN O 235 -24.16 24.20 75.05
N ILE O 236 -24.96 25.26 75.27
CA ILE O 236 -24.79 26.56 74.62
C ILE O 236 -24.28 27.59 75.63
N VAL O 237 -23.03 28.03 75.47
CA VAL O 237 -22.38 29.02 76.35
C VAL O 237 -22.31 30.38 75.64
N SER O 238 -22.66 31.47 76.34
CA SER O 238 -22.70 32.82 75.75
C SER O 238 -22.08 33.94 76.62
N ALA O 239 -21.64 35.03 75.95
CA ALA O 239 -21.08 36.24 76.52
C ALA O 239 -21.69 37.44 75.80
N GLU O 240 -22.34 38.35 76.54
CA GLU O 240 -23.00 39.50 75.93
C GLU O 240 -22.34 40.86 76.23
N ALA O 241 -22.66 41.85 75.37
CA ALA O 241 -22.18 43.23 75.42
C ALA O 241 -23.24 44.17 74.86
N TRP O 242 -23.26 45.42 75.35
CA TRP O 242 -24.17 46.50 74.95
C TRP O 242 -23.34 47.68 74.48
N GLY O 243 -23.96 48.58 73.72
CA GLY O 243 -23.33 49.79 73.24
C GLY O 243 -22.97 50.75 74.34
N ARG O 244 -21.99 51.64 74.08
CA ARG O 244 -21.51 52.62 75.07
C ARG O 244 -21.24 53.98 74.42
N ALA O 245 -21.65 55.07 75.08
CA ALA O 245 -21.43 56.43 74.60
C ALA O 245 -19.98 56.89 74.80
N SER P 2 -1.27 58.07 40.27
CA SER P 2 -1.06 57.03 39.27
C SER P 2 0.32 57.10 38.61
N HIS P 3 0.87 55.92 38.28
CA HIS P 3 2.17 55.73 37.63
C HIS P 3 2.01 55.00 36.29
N SER P 4 2.98 55.18 35.37
CA SER P 4 2.96 54.53 34.05
C SER P 4 4.34 54.12 33.55
N LEU P 5 4.39 53.08 32.69
CA LEU P 5 5.59 52.60 32.01
C LEU P 5 5.22 52.56 30.53
N LYS P 6 5.69 53.54 29.76
CA LYS P 6 5.35 53.69 28.34
C LYS P 6 6.58 53.62 27.44
N TYR P 7 6.40 53.07 26.21
CA TYR P 7 7.47 52.97 25.22
C TYR P 7 6.97 53.49 23.87
N PHE P 8 7.85 54.14 23.07
CA PHE P 8 7.50 54.72 21.76
C PHE P 8 8.47 54.22 20.67
N HIS P 9 7.98 53.29 19.84
CA HIS P 9 8.76 52.63 18.77
C HIS P 9 8.48 53.23 17.41
N THR P 10 9.55 53.67 16.74
CA THR P 10 9.47 54.32 15.43
C THR P 10 10.38 53.67 14.41
N SER P 11 9.82 53.27 13.26
CA SER P 11 10.59 52.72 12.15
C SER P 11 10.24 53.51 10.90
N VAL P 12 11.23 54.24 10.36
CA VAL P 12 11.08 55.07 9.16
C VAL P 12 11.95 54.46 8.08
N SER P 13 11.36 54.18 6.90
CA SER P 13 12.10 53.61 5.78
C SER P 13 13.04 54.65 5.16
N ARG P 14 14.26 54.22 4.82
CA ARG P 14 15.29 55.07 4.21
C ARG P 14 15.62 54.50 2.81
N PRO P 15 14.73 54.67 1.79
CA PRO P 15 15.00 54.10 0.47
C PRO P 15 16.15 54.77 -0.26
N GLY P 16 17.02 53.96 -0.86
CA GLY P 16 18.20 54.44 -1.58
C GLY P 16 19.42 54.51 -0.68
N ARG P 17 19.25 55.10 0.52
CA ARG P 17 20.29 55.25 1.55
C ARG P 17 20.74 53.86 2.01
N GLY P 18 19.80 53.06 2.50
CA GLY P 18 20.04 51.69 2.97
C GLY P 18 18.85 51.08 3.67
N GLU P 19 19.07 50.65 4.93
CA GLU P 19 18.08 50.00 5.79
C GLU P 19 17.28 51.03 6.58
N PRO P 20 16.01 50.75 6.98
CA PRO P 20 15.23 51.74 7.76
C PRO P 20 15.79 52.13 9.12
N ARG P 21 15.22 53.18 9.74
CA ARG P 21 15.65 53.67 11.05
C ARG P 21 14.63 53.33 12.12
N PHE P 22 15.10 52.60 13.15
CA PHE P 22 14.32 52.15 14.30
C PHE P 22 14.77 52.88 15.55
N ILE P 23 13.83 53.53 16.26
CA ILE P 23 14.11 54.24 17.51
C ILE P 23 13.15 53.74 18.58
N SER P 24 13.69 53.50 19.77
CA SER P 24 12.91 53.04 20.92
C SER P 24 13.24 53.89 22.14
N VAL P 25 12.20 54.46 22.80
CA VAL P 25 12.36 55.29 24.01
C VAL P 25 11.34 54.93 25.09
N GLY P 26 11.86 54.55 26.26
CA GLY P 26 11.05 54.17 27.42
C GLY P 26 10.89 55.33 28.40
N TYR P 27 9.65 55.56 28.84
CA TYR P 27 9.26 56.64 29.76
C TYR P 27 8.53 56.14 31.01
N VAL P 28 9.06 56.46 32.20
CA VAL P 28 8.42 56.18 33.48
C VAL P 28 7.66 57.47 33.76
N ASP P 29 6.32 57.42 33.68
CA ASP P 29 5.45 58.59 33.85
C ASP P 29 5.97 59.66 32.86
N ASP P 30 6.45 60.82 33.34
CA ASP P 30 6.98 61.90 32.49
C ASP P 30 8.53 61.94 32.36
N THR P 31 9.22 60.85 32.74
CA THR P 31 10.69 60.78 32.66
C THR P 31 11.19 59.69 31.70
N GLN P 32 12.00 60.06 30.69
CA GLN P 32 12.60 59.09 29.77
C GLN P 32 13.72 58.39 30.54
N PHE P 33 13.87 57.06 30.36
CA PHE P 33 14.89 56.31 31.10
C PHE P 33 15.75 55.39 30.22
N VAL P 34 15.25 54.96 29.04
CA VAL P 34 15.99 54.08 28.11
C VAL P 34 15.85 54.52 26.66
N ARG P 35 16.85 54.18 25.83
CA ARG P 35 16.84 54.48 24.40
C ARG P 35 17.57 53.44 23.55
N PHE P 36 17.06 53.21 22.34
CA PHE P 36 17.63 52.30 21.36
C PHE P 36 17.57 52.94 19.98
N ASP P 37 18.68 52.83 19.24
CA ASP P 37 18.79 53.32 17.87
C ASP P 37 19.72 52.43 17.06
N ASN P 38 19.22 51.98 15.89
CA ASN P 38 19.96 51.11 14.97
C ASN P 38 21.07 51.85 14.21
N ASP P 39 21.00 53.21 14.18
CA ASP P 39 21.95 54.10 13.52
C ASP P 39 23.36 54.04 14.11
N ALA P 40 23.49 54.30 15.44
CA ALA P 40 24.75 54.33 16.19
C ALA P 40 25.61 53.06 16.02
N ALA P 41 26.96 53.23 16.11
CA ALA P 41 27.98 52.17 15.97
C ALA P 41 27.67 50.96 16.86
N SER P 42 27.31 51.24 18.14
CA SER P 42 26.90 50.26 19.13
C SER P 42 25.35 50.31 19.13
N PRO P 43 24.65 49.43 18.37
CA PRO P 43 23.17 49.49 18.36
C PRO P 43 22.62 48.73 19.56
N ARG P 44 22.60 49.40 20.72
CA ARG P 44 22.16 48.82 21.98
C ARG P 44 21.20 49.70 22.74
N MET P 45 20.41 49.08 23.63
CA MET P 45 19.50 49.78 24.53
C MET P 45 20.42 50.36 25.60
N VAL P 46 20.34 51.67 25.82
CA VAL P 46 21.22 52.37 26.77
C VAL P 46 20.44 53.23 27.78
N PRO P 47 21.00 53.51 28.98
CA PRO P 47 20.26 54.34 29.94
C PRO P 47 20.20 55.81 29.55
N ARG P 48 19.16 56.52 30.02
CA ARG P 48 18.94 57.95 29.77
C ARG P 48 18.42 58.65 31.05
N ALA P 49 18.86 58.12 32.20
CA ALA P 49 18.55 58.55 33.56
C ALA P 49 19.76 58.18 34.45
N PRO P 50 20.01 58.84 35.61
CA PRO P 50 21.18 58.47 36.44
C PRO P 50 21.07 57.10 37.13
N TRP P 51 19.87 56.74 37.60
CA TRP P 51 19.62 55.49 38.32
C TRP P 51 19.66 54.22 37.44
N MET P 52 19.44 54.35 36.11
CA MET P 52 19.50 53.22 35.19
C MET P 52 20.95 52.78 34.89
N GLU P 53 21.93 53.69 35.15
CA GLU P 53 23.38 53.52 34.97
C GLU P 53 23.92 52.25 35.63
N GLN P 54 23.39 51.90 36.82
CA GLN P 54 23.81 50.73 37.59
C GLN P 54 22.74 49.63 37.48
N GLU P 55 22.74 48.86 36.36
CA GLU P 55 21.75 47.81 36.14
C GLU P 55 22.36 46.44 35.73
N GLY P 56 23.59 46.45 35.23
CA GLY P 56 24.29 45.22 34.84
C GLY P 56 23.89 44.65 33.50
N SER P 57 24.91 44.17 32.73
CA SER P 57 24.82 43.61 31.37
C SER P 57 23.69 42.61 31.12
N GLU P 58 23.28 41.83 32.14
N GLU P 58 23.28 41.84 32.15
CA GLU P 58 22.19 40.84 32.07
CA GLU P 58 22.19 40.85 32.09
C GLU P 58 20.91 41.52 31.55
C GLU P 58 20.91 41.52 31.56
N TYR P 59 20.56 42.69 32.14
CA TYR P 59 19.39 43.51 31.78
C TYR P 59 19.53 44.10 30.38
N TRP P 60 20.68 44.76 30.09
CA TRP P 60 20.93 45.42 28.81
C TRP P 60 20.95 44.45 27.64
N ASP P 61 21.55 43.25 27.83
CA ASP P 61 21.61 42.18 26.82
C ASP P 61 20.21 41.75 26.39
N ARG P 62 19.28 41.63 27.35
CA ARG P 62 17.88 41.26 27.12
C ARG P 62 17.18 42.35 26.28
N GLU P 63 17.05 43.56 26.86
CA GLU P 63 16.38 44.74 26.28
C GLU P 63 16.91 45.14 24.91
N THR P 64 18.18 44.83 24.61
CA THR P 64 18.79 45.10 23.31
C THR P 64 18.19 44.12 22.30
N ARG P 65 18.34 42.79 22.51
CA ARG P 65 17.78 41.76 21.62
C ARG P 65 16.25 41.86 21.52
N SER P 66 15.59 42.45 22.53
CA SER P 66 14.14 42.66 22.55
C SER P 66 13.74 43.72 21.50
N ALA P 67 14.56 44.78 21.36
CA ALA P 67 14.36 45.86 20.40
C ALA P 67 14.93 45.49 19.03
N ARG P 68 16.11 44.82 19.00
CA ARG P 68 16.81 44.32 17.81
C ARG P 68 15.85 43.49 16.94
N ASP P 69 15.04 42.66 17.61
CA ASP P 69 14.05 41.80 17.00
C ASP P 69 12.84 42.60 16.57
N THR P 70 12.47 43.66 17.32
CA THR P 70 11.33 44.51 16.96
C THR P 70 11.67 45.22 15.66
N ALA P 71 12.94 45.66 15.48
CA ALA P 71 13.41 46.31 14.26
C ALA P 71 13.32 45.35 13.06
N GLN P 72 13.82 44.09 13.20
CA GLN P 72 13.79 43.02 12.19
C GLN P 72 12.39 42.79 11.65
N ILE P 73 11.38 42.73 12.55
CA ILE P 73 9.98 42.52 12.20
C ILE P 73 9.41 43.79 11.54
N PHE P 74 9.80 44.98 12.06
CA PHE P 74 9.29 46.28 11.60
C PHE P 74 9.67 46.64 10.19
N ARG P 75 10.92 46.35 9.76
CA ARG P 75 11.34 46.61 8.37
C ARG P 75 10.54 45.74 7.38
N VAL P 76 10.19 44.52 7.80
CA VAL P 76 9.40 43.57 7.02
C VAL P 76 7.96 44.05 7.04
N ASN P 77 7.49 44.53 8.20
CA ASN P 77 6.15 45.10 8.33
C ASN P 77 6.01 46.29 7.39
N LEU P 78 7.11 47.07 7.21
CA LEU P 78 7.17 48.22 6.31
C LEU P 78 6.91 47.80 4.85
N ARG P 79 7.65 46.78 4.34
CA ARG P 79 7.47 46.32 2.97
C ARG P 79 6.11 45.60 2.77
N THR P 80 5.53 45.03 3.85
CA THR P 80 4.22 44.37 3.80
C THR P 80 3.13 45.44 3.71
N LEU P 81 3.30 46.57 4.45
CA LEU P 81 2.40 47.71 4.48
C LEU P 81 2.32 48.43 3.14
N ARG P 82 3.44 48.45 2.38
CA ARG P 82 3.51 49.00 1.04
C ARG P 82 2.51 48.23 0.16
N GLY P 83 2.55 46.90 0.23
CA GLY P 83 1.65 46.01 -0.50
C GLY P 83 0.18 46.16 -0.12
N TYR P 84 -0.10 46.60 1.12
CA TYR P 84 -1.46 46.82 1.61
C TYR P 84 -2.05 48.09 0.99
N TYR P 85 -1.30 49.21 1.06
CA TYR P 85 -1.70 50.54 0.57
C TYR P 85 -1.29 50.82 -0.88
N ASN P 86 -0.59 49.87 -1.52
CA ASN P 86 -0.03 49.93 -2.88
C ASN P 86 0.80 51.21 -3.09
N GLN P 87 2.00 51.24 -2.47
CA GLN P 87 2.95 52.35 -2.55
C GLN P 87 4.17 51.90 -3.39
N SER P 88 5.18 52.78 -3.56
CA SER P 88 6.39 52.47 -4.32
C SER P 88 7.62 52.32 -3.44
N GLU P 89 8.67 51.66 -3.97
CA GLU P 89 9.97 51.45 -3.32
C GLU P 89 10.61 52.78 -2.89
N ALA P 90 10.42 53.84 -3.71
CA ALA P 90 10.98 55.18 -3.55
C ALA P 90 10.39 56.01 -2.39
N GLY P 91 9.09 55.89 -2.15
CA GLY P 91 8.40 56.63 -1.10
C GLY P 91 8.73 56.17 0.30
N SER P 92 9.12 57.11 1.19
CA SER P 92 9.47 56.82 2.60
C SER P 92 8.23 56.85 3.49
N HIS P 93 8.13 55.87 4.41
CA HIS P 93 6.99 55.70 5.31
C HIS P 93 7.39 55.48 6.77
N THR P 94 6.44 55.74 7.69
CA THR P 94 6.68 55.62 9.12
C THR P 94 5.67 54.68 9.81
N LEU P 95 6.21 53.72 10.58
CA LEU P 95 5.47 52.76 11.39
C LEU P 95 5.77 53.09 12.87
N GLN P 96 4.71 53.45 13.61
CA GLN P 96 4.79 53.83 15.03
C GLN P 96 4.03 52.84 15.90
N TRP P 97 4.66 52.41 17.00
CA TRP P 97 4.04 51.47 17.92
C TRP P 97 4.27 51.88 19.37
N MET P 98 3.16 52.09 20.10
CA MET P 98 3.21 52.48 21.50
C MET P 98 2.51 51.50 22.43
N HIS P 99 3.07 51.33 23.63
CA HIS P 99 2.54 50.44 24.66
C HIS P 99 2.84 50.96 26.04
N GLY P 100 1.86 50.85 26.93
CA GLY P 100 1.98 51.31 28.31
C GLY P 100 0.97 50.72 29.26
N CYS P 101 1.28 50.82 30.56
CA CYS P 101 0.41 50.33 31.62
C CYS P 101 0.37 51.33 32.77
N GLU P 102 -0.83 51.63 33.25
CA GLU P 102 -1.08 52.55 34.34
C GLU P 102 -1.36 51.77 35.60
N LEU P 103 -0.83 52.22 36.73
CA LEU P 103 -1.10 51.62 38.03
C LEU P 103 -2.24 52.42 38.66
N GLY P 104 -2.95 51.80 39.60
CA GLY P 104 -4.03 52.47 40.30
C GLY P 104 -3.49 53.35 41.41
N PRO P 105 -4.35 54.13 42.11
CA PRO P 105 -3.83 54.94 43.23
C PRO P 105 -3.46 54.05 44.44
N ASP P 106 -3.84 52.76 44.38
CA ASP P 106 -3.61 51.73 45.38
C ASP P 106 -2.22 51.09 45.33
N ARG P 107 -1.66 50.93 44.12
CA ARG P 107 -0.37 50.32 43.91
C ARG P 107 -0.42 49.22 42.86
N ARG P 108 -1.54 48.46 42.83
CA ARG P 108 -1.78 47.38 41.87
C ARG P 108 -2.23 47.95 40.52
N PHE P 109 -2.19 47.12 39.45
CA PHE P 109 -2.56 47.44 38.06
C PHE P 109 -3.91 48.18 37.91
N LEU P 110 -4.02 49.03 36.88
CA LEU P 110 -5.23 49.76 36.57
C LEU P 110 -5.68 49.50 35.14
N ARG P 111 -4.91 50.00 34.14
CA ARG P 111 -5.25 49.80 32.72
C ARG P 111 -4.02 49.75 31.81
N GLY P 112 -4.16 49.08 30.68
CA GLY P 112 -3.13 48.94 29.66
C GLY P 112 -3.61 49.36 28.28
N TYR P 113 -2.69 49.72 27.39
CA TYR P 113 -3.01 50.12 26.02
C TYR P 113 -1.93 49.66 25.03
N GLU P 114 -2.31 49.48 23.75
CA GLU P 114 -1.37 49.11 22.68
C GLU P 114 -1.92 49.53 21.32
N GLN P 115 -1.18 50.41 20.63
CA GLN P 115 -1.59 50.93 19.34
C GLN P 115 -0.51 50.94 18.29
N PHE P 116 -0.90 50.63 17.05
CA PHE P 116 -0.03 50.65 15.88
C PHE P 116 -0.48 51.80 14.98
N ALA P 117 0.47 52.36 14.21
CA ALA P 117 0.21 53.48 13.31
C ALA P 117 1.10 53.44 12.08
N TYR P 118 0.50 53.73 10.92
CA TYR P 118 1.20 53.81 9.64
C TYR P 118 0.96 55.20 9.06
N ASP P 119 2.04 56.02 9.00
CA ASP P 119 2.06 57.40 8.51
C ASP P 119 1.07 58.32 9.24
N GLY P 120 1.29 58.46 10.55
CA GLY P 120 0.48 59.30 11.43
C GLY P 120 -0.94 58.84 11.71
N LYS P 121 -1.49 57.98 10.85
CA LYS P 121 -2.84 57.45 10.98
C LYS P 121 -2.78 56.22 11.88
N ASP P 122 -3.61 56.18 12.95
CA ASP P 122 -3.66 54.99 13.82
C ASP P 122 -4.21 53.82 13.01
N TYR P 123 -3.38 52.79 12.89
CA TYR P 123 -3.61 51.61 12.07
C TYR P 123 -4.32 50.46 12.77
N LEU P 124 -3.87 50.09 13.98
CA LEU P 124 -4.43 48.96 14.72
C LEU P 124 -4.50 49.26 16.22
N THR P 125 -5.54 48.74 16.90
CA THR P 125 -5.74 48.92 18.34
C THR P 125 -6.14 47.65 19.05
N LEU P 126 -5.44 47.37 20.17
CA LEU P 126 -5.71 46.25 21.06
C LEU P 126 -6.86 46.66 21.98
N ASN P 127 -7.98 45.93 21.90
CA ASN P 127 -9.21 46.16 22.68
C ASN P 127 -8.92 46.23 24.18
N GLU P 128 -9.74 47.00 24.95
CA GLU P 128 -9.57 47.19 26.39
C GLU P 128 -9.64 45.89 27.21
N ASP P 129 -10.42 44.87 26.75
CA ASP P 129 -10.51 43.56 27.39
C ASP P 129 -9.15 42.86 27.32
N LEU P 130 -8.35 43.23 26.28
CA LEU P 130 -6.99 42.76 25.94
C LEU P 130 -6.99 41.33 25.41
N ARG P 131 -8.15 40.86 24.90
CA ARG P 131 -8.31 39.52 24.37
C ARG P 131 -8.28 39.45 22.83
N SER P 132 -8.59 40.58 22.14
CA SER P 132 -8.56 40.65 20.67
C SER P 132 -8.12 42.02 20.12
N TRP P 133 -7.95 42.12 18.79
CA TRP P 133 -7.51 43.33 18.07
C TRP P 133 -8.64 43.88 17.21
N THR P 134 -8.56 45.18 16.85
CA THR P 134 -9.55 45.84 16.01
C THR P 134 -8.90 46.81 15.02
N ALA P 135 -9.24 46.65 13.73
CA ALA P 135 -8.78 47.49 12.63
C ALA P 135 -9.41 48.87 12.73
N VAL P 136 -8.60 49.93 12.60
CA VAL P 136 -9.03 51.33 12.66
C VAL P 136 -9.11 51.88 11.22
N ASP P 137 -8.21 51.39 10.36
CA ASP P 137 -8.14 51.72 8.94
C ASP P 137 -8.70 50.51 8.17
N THR P 138 -8.96 50.66 6.86
CA THR P 138 -9.50 49.58 6.03
C THR P 138 -8.48 48.47 5.77
N ALA P 139 -7.24 48.84 5.37
CA ALA P 139 -6.13 47.91 5.07
C ALA P 139 -5.78 47.00 6.24
N ALA P 140 -6.03 47.48 7.47
CA ALA P 140 -5.77 46.77 8.72
C ALA P 140 -6.71 45.57 8.94
N GLN P 141 -7.70 45.34 8.03
CA GLN P 141 -8.64 44.22 8.10
C GLN P 141 -7.93 42.87 8.04
N ILE P 142 -6.86 42.77 7.21
CA ILE P 142 -6.06 41.56 7.04
C ILE P 142 -5.18 41.31 8.27
N SER P 143 -4.48 42.35 8.75
CA SER P 143 -3.64 42.26 9.95
C SER P 143 -4.46 42.03 11.22
N GLU P 144 -5.75 42.46 11.20
CA GLU P 144 -6.70 42.29 12.30
C GLU P 144 -6.95 40.79 12.50
N GLN P 145 -7.39 40.07 11.43
CA GLN P 145 -7.67 38.64 11.48
C GLN P 145 -6.43 37.80 11.81
N LYS P 146 -5.27 38.05 11.13
CA LYS P 146 -4.01 37.35 11.35
C LYS P 146 -3.61 37.28 12.83
N SER P 147 -3.66 38.43 13.54
CA SER P 147 -3.34 38.57 14.96
C SER P 147 -4.34 37.83 15.85
N ASN P 148 -5.66 38.02 15.57
CA ASN P 148 -6.77 37.38 16.31
C ASN P 148 -6.79 35.86 16.13
N ASP P 149 -6.47 35.38 14.91
CA ASP P 149 -6.47 33.96 14.57
C ASP P 149 -5.30 33.22 15.20
N ALA P 150 -4.12 33.85 15.25
CA ALA P 150 -2.89 33.30 15.83
C ALA P 150 -2.72 33.56 17.34
N SER P 151 -3.78 34.10 18.01
CA SER P 151 -3.81 34.42 19.45
C SER P 151 -2.64 35.33 19.91
N GLU P 152 -2.44 36.46 19.21
CA GLU P 152 -1.36 37.37 19.54
C GLU P 152 -1.65 38.28 20.74
N ALA P 153 -2.94 38.61 20.96
CA ALA P 153 -3.40 39.47 22.05
C ALA P 153 -3.04 38.91 23.43
N GLU P 154 -2.96 37.57 23.55
CA GLU P 154 -2.60 36.86 24.79
C GLU P 154 -1.17 37.18 25.23
N HIS P 155 -0.24 37.41 24.29
CA HIS P 155 1.15 37.76 24.57
C HIS P 155 1.23 39.15 25.17
N GLN P 156 0.48 40.12 24.60
CA GLN P 156 0.46 41.52 25.03
C GLN P 156 -0.27 41.68 26.35
N ARG P 157 -1.42 40.99 26.50
CA ARG P 157 -2.22 40.98 27.74
C ARG P 157 -1.35 40.52 28.92
N ALA P 158 -0.46 39.53 28.67
CA ALA P 158 0.47 39.00 29.66
C ALA P 158 1.50 40.05 30.10
N TYR P 159 2.15 40.76 29.13
CA TYR P 159 3.14 41.82 29.39
C TYR P 159 2.55 42.97 30.20
N LEU P 160 1.47 43.59 29.67
CA LEU P 160 0.79 44.74 30.29
C LEU P 160 0.39 44.48 31.74
N GLU P 161 -0.34 43.38 31.99
CA GLU P 161 -0.82 43.00 33.31
C GLU P 161 0.27 42.54 34.27
N ASP P 162 1.23 41.70 33.82
CA ASP P 162 2.27 41.17 34.70
C ASP P 162 3.61 41.93 34.62
N THR P 163 4.36 41.74 33.51
CA THR P 163 5.71 42.31 33.27
C THR P 163 5.80 43.83 33.47
N CYS P 164 4.98 44.61 32.76
CA CYS P 164 4.93 46.06 32.77
C CYS P 164 4.70 46.62 34.18
N VAL P 165 3.78 45.99 34.93
CA VAL P 165 3.43 46.36 36.30
C VAL P 165 4.61 46.08 37.25
N GLU P 166 5.12 44.83 37.24
CA GLU P 166 6.26 44.36 38.04
C GLU P 166 7.52 45.19 37.78
N TRP P 167 7.75 45.58 36.51
CA TRP P 167 8.91 46.37 36.16
C TRP P 167 8.77 47.82 36.50
N LEU P 168 7.56 48.40 36.35
CA LEU P 168 7.30 49.79 36.75
C LEU P 168 7.70 49.93 38.23
N HIS P 169 7.24 48.98 39.08
CA HIS P 169 7.55 48.88 40.51
C HIS P 169 9.06 48.78 40.77
N LYS P 170 9.76 47.95 39.96
CA LYS P 170 11.21 47.77 40.06
C LYS P 170 11.95 49.11 39.81
N TYR P 171 11.53 49.89 38.78
CA TYR P 171 12.12 51.19 38.44
C TYR P 171 11.81 52.27 39.50
N LEU P 172 10.55 52.33 39.99
CA LEU P 172 10.10 53.30 40.99
C LEU P 172 10.93 53.24 42.28
N GLU P 173 11.45 52.04 42.62
CA GLU P 173 12.33 51.80 43.76
C GLU P 173 13.75 52.29 43.43
N LYS P 174 14.24 52.01 42.20
CA LYS P 174 15.57 52.38 41.75
C LYS P 174 15.78 53.90 41.60
N GLY P 175 14.72 54.62 41.23
CA GLY P 175 14.78 56.07 41.07
C GLY P 175 13.83 56.85 41.97
N LYS P 176 13.56 56.32 43.19
CA LYS P 176 12.66 56.90 44.21
C LYS P 176 12.98 58.37 44.54
N GLU P 177 14.27 58.69 44.64
CA GLU P 177 14.81 60.02 44.94
C GLU P 177 14.35 61.09 43.92
N THR P 178 14.25 60.70 42.62
CA THR P 178 13.88 61.54 41.49
C THR P 178 12.37 61.51 41.21
N LEU P 179 11.86 60.32 40.86
CA LEU P 179 10.47 60.06 40.43
C LEU P 179 9.42 60.26 41.51
N LEU P 180 9.64 59.70 42.72
CA LEU P 180 8.65 59.80 43.79
C LEU P 180 8.64 61.17 44.49
N HIS P 181 9.71 61.98 44.32
CA HIS P 181 9.77 63.32 44.88
C HIS P 181 9.04 64.31 43.96
N LEU P 182 8.19 65.15 44.55
CA LEU P 182 7.40 66.15 43.82
C LEU P 182 8.06 67.53 43.90
N GLU P 183 8.38 68.11 42.75
CA GLU P 183 8.98 69.45 42.68
C GLU P 183 7.87 70.44 42.29
N PRO P 184 7.60 71.48 43.13
CA PRO P 184 6.53 72.42 42.82
C PRO P 184 6.94 73.57 41.88
N PRO P 185 5.98 74.26 41.19
CA PRO P 185 6.38 75.34 40.27
C PRO P 185 6.83 76.65 40.94
N LYS P 186 7.88 77.28 40.38
CA LYS P 186 8.45 78.56 40.82
C LYS P 186 7.59 79.68 40.20
N THR P 187 6.57 80.12 40.95
CA THR P 187 5.59 81.10 40.51
C THR P 187 6.05 82.56 40.62
N HIS P 188 5.69 83.37 39.60
CA HIS P 188 5.94 84.81 39.46
C HIS P 188 5.13 85.41 38.29
N VAL P 189 4.54 86.62 38.49
CA VAL P 189 3.75 87.34 37.48
C VAL P 189 4.58 88.49 36.88
N THR P 190 4.81 88.45 35.55
CA THR P 190 5.57 89.47 34.83
C THR P 190 4.65 90.39 33.99
N HIS P 191 5.13 91.60 33.67
CA HIS P 191 4.38 92.62 32.92
C HIS P 191 5.06 93.05 31.61
N HIS P 192 4.26 93.12 30.51
CA HIS P 192 4.69 93.54 29.17
C HIS P 192 3.61 94.50 28.60
N PRO P 193 3.78 95.84 28.71
CA PRO P 193 2.73 96.74 28.19
C PRO P 193 2.79 97.01 26.69
N ILE P 194 1.60 97.20 26.07
CA ILE P 194 1.45 97.46 24.63
C ILE P 194 1.32 98.98 24.36
N SER P 195 0.27 99.64 24.91
CA SER P 195 0.04 101.08 24.73
C SER P 195 -0.64 101.73 25.97
N ASP P 196 -1.41 102.82 25.76
CA ASP P 196 -2.14 103.56 26.82
C ASP P 196 -3.30 102.78 27.44
N HIS P 197 -3.74 101.68 26.79
CA HIS P 197 -4.84 100.84 27.25
C HIS P 197 -4.51 99.34 27.34
N GLU P 198 -3.83 98.79 26.32
CA GLU P 198 -3.47 97.38 26.29
C GLU P 198 -2.18 97.06 27.05
N ALA P 199 -2.18 95.94 27.79
CA ALA P 199 -1.06 95.44 28.59
C ALA P 199 -1.15 93.92 28.75
N THR P 200 0.01 93.22 28.72
CA THR P 200 0.11 91.76 28.84
C THR P 200 0.65 91.31 30.21
N LEU P 201 -0.16 90.55 30.96
CA LEU P 201 0.19 89.99 32.27
C LEU P 201 0.21 88.46 32.17
N ARG P 202 1.40 87.85 32.23
CA ARG P 202 1.51 86.39 32.13
C ARG P 202 2.11 85.75 33.39
N CYS P 203 1.47 84.65 33.85
CA CYS P 203 1.86 83.87 35.02
C CYS P 203 2.91 82.85 34.61
N TRP P 204 3.96 82.69 35.44
CA TRP P 204 5.05 81.77 35.15
C TRP P 204 5.19 80.64 36.17
N ALA P 205 5.16 79.39 35.67
CA ALA P 205 5.32 78.16 36.45
C ALA P 205 6.57 77.45 35.92
N LEU P 206 7.69 77.54 36.67
CA LEU P 206 8.99 77.01 36.28
C LEU P 206 9.52 75.93 37.21
N GLY P 207 10.14 74.91 36.62
CA GLY P 207 10.75 73.81 37.37
C GLY P 207 9.79 72.95 38.14
N PHE P 208 8.74 72.44 37.48
CA PHE P 208 7.74 71.57 38.10
C PHE P 208 7.76 70.17 37.50
N TYR P 209 7.40 69.16 38.32
CA TYR P 209 7.31 67.75 37.93
C TYR P 209 6.20 67.07 38.76
N PRO P 210 5.23 66.36 38.16
CA PRO P 210 5.06 66.04 36.72
C PRO P 210 4.57 67.20 35.84
N ALA P 211 4.55 66.98 34.50
CA ALA P 211 4.12 67.94 33.48
C ALA P 211 2.64 68.33 33.55
N GLU P 212 1.83 67.58 34.33
CA GLU P 212 0.40 67.84 34.52
C GLU P 212 0.22 69.14 35.30
N ILE P 213 -0.36 70.15 34.63
CA ILE P 213 -0.60 71.49 35.17
C ILE P 213 -1.86 72.13 34.58
N THR P 214 -2.57 72.91 35.41
CA THR P 214 -3.77 73.65 35.03
C THR P 214 -3.73 75.06 35.63
N LEU P 215 -3.16 76.01 34.88
CA LEU P 215 -3.11 77.41 35.29
C LEU P 215 -4.17 78.20 34.54
N THR P 216 -4.93 79.06 35.27
CA THR P 216 -6.02 79.85 34.71
C THR P 216 -6.02 81.32 35.19
N TRP P 217 -6.80 82.17 34.49
CA TRP P 217 -7.01 83.59 34.80
C TRP P 217 -8.52 83.80 35.01
N GLN P 218 -8.91 84.61 36.02
CA GLN P 218 -10.31 84.88 36.31
C GLN P 218 -10.63 86.38 36.47
N GLN P 219 -11.73 86.83 35.81
CA GLN P 219 -12.29 88.19 35.73
C GLN P 219 -11.22 89.28 35.47
N GLY P 223 -14.98 84.88 36.28
CA GLY P 223 -14.55 83.87 35.32
C GLY P 223 -14.22 84.44 33.95
N HIS P 224 -12.91 84.50 33.63
CA HIS P 224 -12.38 85.02 32.36
C HIS P 224 -12.22 83.88 31.35
N THR P 225 -12.91 84.01 30.19
CA THR P 225 -12.91 83.02 29.12
C THR P 225 -12.56 83.63 27.74
N GLN P 226 -12.91 84.91 27.53
CA GLN P 226 -12.70 85.63 26.26
C GLN P 226 -11.24 86.08 26.03
N ASP P 227 -10.56 85.38 25.08
CA ASP P 227 -9.19 85.61 24.60
C ASP P 227 -8.08 85.45 25.67
N THR P 228 -7.61 84.20 25.85
CA THR P 228 -6.51 83.85 26.76
C THR P 228 -5.53 82.92 26.01
N GLU P 229 -4.35 83.47 25.63
CA GLU P 229 -3.29 82.76 24.91
C GLU P 229 -2.62 81.76 25.87
N LEU P 230 -2.33 80.53 25.38
CA LEU P 230 -1.70 79.48 26.20
C LEU P 230 -0.75 78.59 25.40
N VAL P 231 0.53 78.57 25.82
CA VAL P 231 1.60 77.75 25.21
C VAL P 231 1.61 76.31 25.74
N GLU P 232 1.99 75.35 24.89
CA GLU P 232 2.08 73.92 25.20
C GLU P 232 3.17 73.68 26.26
N THR P 233 2.98 72.67 27.15
CA THR P 233 3.93 72.33 28.21
C THR P 233 5.29 71.99 27.60
N ARG P 234 6.32 72.75 27.99
CA ARG P 234 7.70 72.60 27.49
C ARG P 234 8.68 72.11 28.56
N PRO P 235 9.65 71.24 28.22
CA PRO P 235 10.60 70.78 29.24
C PRO P 235 11.81 71.70 29.39
N ALA P 236 12.24 71.93 30.63
CA ALA P 236 13.39 72.78 30.96
C ALA P 236 14.72 72.24 30.41
N GLY P 237 14.84 70.92 30.31
CA GLY P 237 16.03 70.24 29.81
C GLY P 237 16.70 69.37 30.85
N ASP P 238 16.71 69.83 32.11
CA ASP P 238 17.28 69.12 33.25
C ASP P 238 16.45 67.89 33.65
N GLY P 239 15.13 68.06 33.59
CA GLY P 239 14.14 67.04 33.95
C GLY P 239 12.84 67.67 34.42
N THR P 240 12.84 68.99 34.64
CA THR P 240 11.67 69.76 35.09
C THR P 240 10.92 70.38 33.89
N PHE P 241 9.74 70.96 34.15
CA PHE P 241 8.90 71.56 33.10
C PHE P 241 8.66 73.07 33.29
N GLN P 242 8.23 73.76 32.20
CA GLN P 242 7.94 75.20 32.11
C GLN P 242 6.65 75.42 31.33
N LYS P 243 5.82 76.45 31.72
CA LYS P 243 4.55 76.81 31.05
C LYS P 243 4.01 78.17 31.52
N TRP P 244 3.36 78.92 30.59
CA TRP P 244 2.73 80.21 30.88
C TRP P 244 1.41 80.45 30.11
N ALA P 245 0.61 81.43 30.58
CA ALA P 245 -0.65 81.87 29.95
C ALA P 245 -0.76 83.39 30.00
N ALA P 246 -0.98 84.01 28.83
CA ALA P 246 -1.11 85.45 28.68
C ALA P 246 -2.56 85.93 28.65
N VAL P 247 -2.81 87.12 29.25
CA VAL P 247 -4.13 87.74 29.33
C VAL P 247 -4.03 89.26 29.07
N VAL P 248 -4.96 89.80 28.26
CA VAL P 248 -5.02 91.23 27.92
C VAL P 248 -5.66 91.96 29.12
N VAL P 249 -4.91 92.90 29.73
CA VAL P 249 -5.34 93.65 30.92
C VAL P 249 -5.35 95.19 30.64
N PRO P 250 -6.42 95.94 31.01
CA PRO P 250 -6.40 97.40 30.78
C PRO P 250 -5.32 98.10 31.62
N SER P 251 -4.68 99.16 31.06
CA SER P 251 -3.62 99.92 31.72
C SER P 251 -4.12 100.70 32.93
N GLY P 252 -3.60 100.33 34.10
CA GLY P 252 -3.96 100.95 35.38
C GLY P 252 -4.95 100.13 36.20
N GLU P 253 -5.53 99.08 35.59
CA GLU P 253 -6.50 98.17 36.23
C GLU P 253 -5.94 96.72 36.26
N GLU P 254 -4.71 96.58 36.79
CA GLU P 254 -3.97 95.31 36.90
C GLU P 254 -4.48 94.40 38.03
N GLN P 255 -4.86 95.00 39.18
CA GLN P 255 -5.31 94.32 40.40
C GLN P 255 -6.63 93.53 40.26
N ARG P 256 -7.41 93.80 39.19
CA ARG P 256 -8.69 93.16 38.92
C ARG P 256 -8.58 91.70 38.42
N TYR P 257 -7.34 91.22 38.15
CA TYR P 257 -7.09 89.88 37.62
C TYR P 257 -6.28 88.96 38.57
N THR P 258 -6.84 87.77 38.87
CA THR P 258 -6.24 86.75 39.76
C THR P 258 -5.68 85.56 38.97
N CYS P 259 -4.46 85.08 39.32
CA CYS P 259 -3.80 83.92 38.71
C CYS P 259 -4.02 82.69 39.59
N HIS P 260 -4.25 81.52 38.98
CA HIS P 260 -4.47 80.26 39.73
C HIS P 260 -3.64 79.11 39.15
N VAL P 261 -2.84 78.43 40.00
CA VAL P 261 -1.99 77.30 39.59
C VAL P 261 -2.33 76.03 40.38
N GLN P 262 -2.69 74.94 39.66
CA GLN P 262 -3.00 73.63 40.24
C GLN P 262 -1.88 72.64 39.97
N HIS P 263 -1.31 72.06 41.04
CA HIS P 263 -0.20 71.11 40.96
C HIS P 263 -0.20 70.11 42.14
N GLU P 264 0.51 68.99 41.96
CA GLU P 264 0.66 67.92 42.96
C GLU P 264 1.69 68.33 44.04
N GLY P 265 2.65 69.17 43.66
CA GLY P 265 3.69 69.68 44.54
C GLY P 265 3.19 70.70 45.55
N LEU P 266 2.15 71.47 45.16
CA LEU P 266 1.52 72.50 46.00
C LEU P 266 0.47 71.83 46.90
N PRO P 267 0.58 71.93 48.26
CA PRO P 267 -0.42 71.28 49.13
C PRO P 267 -1.82 71.87 49.03
N GLU P 268 -1.92 73.13 48.58
CA GLU P 268 -3.16 73.89 48.39
C GLU P 268 -3.07 74.71 47.08
N PRO P 269 -4.21 74.98 46.34
CA PRO P 269 -4.11 75.73 45.08
C PRO P 269 -3.65 77.18 45.22
N VAL P 270 -2.43 77.46 44.74
CA VAL P 270 -1.76 78.77 44.83
C VAL P 270 -2.37 79.82 43.88
N THR P 271 -2.74 80.99 44.45
CA THR P 271 -3.28 82.16 43.77
C THR P 271 -2.17 83.22 43.69
N LEU P 272 -2.09 83.97 42.57
CA LEU P 272 -1.05 84.98 42.38
C LEU P 272 -1.52 86.29 41.73
N ARG P 273 -0.88 87.41 42.11
CA ARG P 273 -1.12 88.76 41.62
C ARG P 273 0.20 89.53 41.51
N TRP P 274 0.29 90.43 40.51
CA TRP P 274 1.50 91.22 40.25
C TRP P 274 1.74 92.34 41.27
N LYS P 275 3.02 92.54 41.66
CA LYS P 275 3.45 93.61 42.57
C LYS P 275 4.06 94.74 41.72
N PRO P 276 3.60 96.02 41.89
CA PRO P 276 4.14 97.10 41.04
C PRO P 276 5.54 97.58 41.43
N MET Q 1 -2.26 61.33 3.37
CA MET Q 1 -1.24 61.17 4.41
C MET Q 1 -1.17 62.39 5.33
N ILE Q 2 -0.99 62.12 6.65
CA ILE Q 2 -0.90 63.12 7.72
C ILE Q 2 0.32 64.03 7.52
N GLN Q 3 0.08 65.33 7.33
CA GLN Q 3 1.13 66.34 7.14
C GLN Q 3 1.04 67.45 8.20
N ARG Q 4 1.74 67.25 9.32
CA ARG Q 4 1.76 68.21 10.43
C ARG Q 4 3.06 69.00 10.49
N THR Q 5 2.94 70.32 10.68
CA THR Q 5 4.04 71.28 10.74
C THR Q 5 4.49 71.52 12.22
N PRO Q 6 5.79 71.76 12.49
CA PRO Q 6 6.24 71.90 13.90
C PRO Q 6 5.80 73.15 14.67
N LYS Q 7 5.36 72.95 15.92
CA LYS Q 7 4.99 73.98 16.89
C LYS Q 7 6.29 74.31 17.63
N ILE Q 8 6.96 75.39 17.20
CA ILE Q 8 8.26 75.80 17.76
C ILE Q 8 8.09 76.72 18.98
N GLN Q 9 9.05 76.62 19.92
CA GLN Q 9 9.20 77.41 21.13
C GLN Q 9 10.70 77.53 21.45
N VAL Q 10 11.23 78.77 21.50
CA VAL Q 10 12.64 79.03 21.83
C VAL Q 10 12.66 79.65 23.21
N TYR Q 11 13.49 79.12 24.11
CA TYR Q 11 13.57 79.57 25.49
C TYR Q 11 14.87 79.22 26.20
N SER Q 12 14.96 79.65 27.46
CA SER Q 12 16.07 79.45 28.38
C SER Q 12 15.70 78.41 29.45
N ARG Q 13 16.72 77.69 29.97
CA ARG Q 13 16.55 76.68 31.01
C ARG Q 13 16.14 77.34 32.35
N HIS Q 14 16.77 78.49 32.67
CA HIS Q 14 16.51 79.31 33.85
C HIS Q 14 16.39 80.78 33.41
N PRO Q 15 15.62 81.66 34.11
CA PRO Q 15 15.50 83.06 33.67
C PRO Q 15 16.84 83.70 33.31
N ALA Q 16 16.93 84.23 32.07
CA ALA Q 16 18.13 84.83 31.50
C ALA Q 16 18.65 86.07 32.25
N GLU Q 17 19.96 86.03 32.56
CA GLU Q 17 20.70 87.09 33.23
C GLU Q 17 22.04 87.24 32.51
N ASN Q 18 22.43 88.50 32.21
CA ASN Q 18 23.69 88.78 31.52
C ASN Q 18 24.92 88.41 32.36
N GLY Q 19 25.86 87.71 31.74
CA GLY Q 19 27.09 87.22 32.39
C GLY Q 19 26.96 85.83 32.99
N LYS Q 20 25.73 85.49 33.44
CA LYS Q 20 25.34 84.21 34.04
C LYS Q 20 25.23 83.11 32.97
N SER Q 21 25.75 81.89 33.28
CA SER Q 21 25.73 80.73 32.38
C SER Q 21 24.34 80.06 32.35
N ASN Q 22 23.87 79.66 31.15
CA ASN Q 22 22.56 79.02 30.94
C ASN Q 22 22.53 78.06 29.71
N PHE Q 23 21.31 77.62 29.30
CA PHE Q 23 21.08 76.69 28.19
C PHE Q 23 19.87 77.11 27.35
N LEU Q 24 20.04 77.19 26.01
CA LEU Q 24 18.96 77.56 25.11
C LEU Q 24 18.36 76.31 24.44
N ASN Q 25 17.01 76.26 24.36
CA ASN Q 25 16.28 75.12 23.80
C ASN Q 25 15.27 75.50 22.72
N CYS Q 26 15.40 74.90 21.51
CA CYS Q 26 14.43 75.10 20.42
C CYS Q 26 13.59 73.81 20.35
N TYR Q 27 12.54 73.78 21.18
CA TYR Q 27 11.61 72.66 21.32
C TYR Q 27 10.60 72.59 20.17
N VAL Q 28 10.76 71.58 19.32
CA VAL Q 28 9.90 71.30 18.17
C VAL Q 28 8.93 70.15 18.49
N SER Q 29 7.62 70.43 18.44
CA SER Q 29 6.59 69.44 18.77
C SER Q 29 5.40 69.47 17.82
N GLY Q 30 4.69 68.35 17.70
CA GLY Q 30 3.52 68.22 16.86
C GLY Q 30 3.75 68.16 15.36
N PHE Q 31 4.89 67.58 14.93
CA PHE Q 31 5.25 67.48 13.50
C PHE Q 31 5.25 66.06 12.95
N HIS Q 32 4.98 65.93 11.62
CA HIS Q 32 4.95 64.66 10.89
C HIS Q 32 5.43 64.86 9.43
N PRO Q 33 6.39 64.06 8.92
CA PRO Q 33 7.08 62.92 9.56
C PRO Q 33 8.20 63.33 10.53
N SER Q 34 9.00 62.33 10.96
CA SER Q 34 10.11 62.45 11.89
C SER Q 34 11.22 63.38 11.39
N ASP Q 35 11.54 63.28 10.08
CA ASP Q 35 12.58 64.03 9.38
C ASP Q 35 12.47 65.53 9.64
N ILE Q 36 13.44 66.09 10.36
CA ILE Q 36 13.47 67.51 10.72
C ILE Q 36 14.92 68.04 10.78
N GLU Q 37 15.10 69.27 10.29
CA GLU Q 37 16.39 69.96 10.26
C GLU Q 37 16.33 71.16 11.21
N VAL Q 38 16.97 71.04 12.38
CA VAL Q 38 16.99 72.09 13.40
C VAL Q 38 18.42 72.63 13.58
N ASP Q 39 18.58 73.96 13.43
CA ASP Q 39 19.85 74.69 13.53
C ASP Q 39 19.73 75.83 14.55
N LEU Q 40 20.66 75.90 15.53
CA LEU Q 40 20.66 76.96 16.56
C LEU Q 40 21.62 78.10 16.22
N LEU Q 41 21.06 79.31 15.95
CA LEU Q 41 21.78 80.50 15.51
C LEU Q 41 21.97 81.60 16.57
N LYS Q 42 23.16 82.22 16.57
CA LYS Q 42 23.56 83.35 17.42
C LYS Q 42 23.93 84.50 16.48
N ASN Q 43 23.02 85.50 16.35
CA ASN Q 43 23.15 86.70 15.51
C ASN Q 43 23.28 86.40 13.99
N GLY Q 44 22.81 85.22 13.57
CA GLY Q 44 22.87 84.79 12.18
C GLY Q 44 23.82 83.63 11.92
N GLU Q 45 24.82 83.44 12.81
CA GLU Q 45 25.80 82.35 12.71
C GLU Q 45 25.46 81.22 13.67
N ARG Q 46 25.39 79.98 13.13
CA ARG Q 46 25.03 78.74 13.83
C ARG Q 46 26.08 78.26 14.87
N ILE Q 47 25.67 77.31 15.73
CA ILE Q 47 26.48 76.63 16.76
C ILE Q 47 26.58 75.15 16.35
N GLU Q 48 27.80 74.59 16.35
CA GLU Q 48 28.05 73.18 15.95
C GLU Q 48 28.10 72.19 17.15
N LYS Q 49 28.29 72.73 18.37
CA LYS Q 49 28.36 72.00 19.64
C LYS Q 49 26.96 71.52 20.11
N VAL Q 50 25.88 72.13 19.56
CA VAL Q 50 24.46 71.87 19.87
C VAL Q 50 24.08 70.37 19.85
N GLU Q 51 23.40 69.92 20.93
CA GLU Q 51 22.92 68.55 21.14
C GLU Q 51 21.41 68.44 20.89
N HIS Q 52 20.86 67.22 21.05
CA HIS Q 52 19.45 66.88 20.84
C HIS Q 52 19.02 65.65 21.65
N SER Q 53 17.68 65.54 21.87
CA SER Q 53 17.07 64.42 22.58
C SER Q 53 16.83 63.26 21.60
N ASP Q 54 16.28 62.13 22.10
CA ASP Q 54 15.97 60.96 21.27
C ASP Q 54 14.53 61.10 20.80
N LEU Q 55 14.30 60.81 19.51
CA LEU Q 55 12.98 60.92 18.87
C LEU Q 55 11.89 60.11 19.57
N SER Q 56 10.82 60.82 19.97
CA SER Q 56 9.65 60.27 20.65
C SER Q 56 8.37 60.80 19.99
N PHE Q 57 7.17 60.43 20.48
CA PHE Q 57 5.88 60.88 19.95
C PHE Q 57 4.75 60.90 21.00
N SER Q 58 3.77 61.80 20.79
CA SER Q 58 2.60 61.97 21.66
C SER Q 58 1.54 60.90 21.38
N LYS Q 59 0.52 60.80 22.27
CA LYS Q 59 -0.60 59.85 22.11
C LYS Q 59 -1.48 60.23 20.89
N ASP Q 60 -1.07 61.25 20.11
CA ASP Q 60 -1.72 61.72 18.89
C ASP Q 60 -0.82 61.51 17.64
N TRP Q 61 0.31 60.79 17.82
CA TRP Q 61 1.33 60.37 16.84
C TRP Q 61 2.31 61.48 16.40
N SER Q 62 2.15 62.71 16.91
CA SER Q 62 3.03 63.82 16.56
C SER Q 62 4.34 63.76 17.34
N PHE Q 63 5.47 63.77 16.61
CA PHE Q 63 6.83 63.66 17.16
C PHE Q 63 7.25 64.86 18.03
N TYR Q 64 8.26 64.64 18.91
CA TYR Q 64 8.82 65.68 19.76
C TYR Q 64 10.30 65.48 20.05
N LEU Q 65 11.09 66.55 19.84
CA LEU Q 65 12.54 66.61 20.04
C LEU Q 65 12.91 67.87 20.83
N LEU Q 66 14.07 67.84 21.50
CA LEU Q 66 14.59 68.98 22.24
C LEU Q 66 16.07 69.20 21.93
N TYR Q 67 16.36 70.26 21.16
CA TYR Q 67 17.70 70.66 20.77
C TYR Q 67 18.22 71.62 21.83
N TYR Q 68 19.43 71.37 22.37
CA TYR Q 68 19.99 72.15 23.47
C TYR Q 68 21.50 72.41 23.37
N THR Q 69 21.95 73.61 23.80
CA THR Q 69 23.36 74.04 23.82
C THR Q 69 23.66 74.94 25.03
N GLU Q 70 24.92 74.87 25.54
CA GLU Q 70 25.40 75.69 26.66
C GLU Q 70 25.71 77.09 26.14
N PHE Q 71 25.12 78.12 26.78
CA PHE Q 71 25.32 79.51 26.37
C PHE Q 71 25.33 80.49 27.55
N THR Q 72 25.76 81.74 27.29
CA THR Q 72 25.80 82.82 28.28
C THR Q 72 25.10 84.05 27.69
N PRO Q 73 23.86 84.40 28.15
CA PRO Q 73 23.14 85.54 27.56
C PRO Q 73 23.74 86.92 27.80
N THR Q 74 23.57 87.83 26.82
CA THR Q 74 24.01 89.23 26.81
C THR Q 74 22.96 90.06 26.05
N GLU Q 75 22.76 91.32 26.47
CA GLU Q 75 21.79 92.27 25.88
C GLU Q 75 22.06 92.61 24.42
N LYS Q 76 23.35 92.70 24.03
CA LYS Q 76 23.77 93.00 22.65
C LYS Q 76 23.48 91.83 21.70
N ASP Q 77 23.81 90.59 22.13
CA ASP Q 77 23.61 89.37 21.34
C ASP Q 77 22.14 88.94 21.25
N GLU Q 78 21.74 88.45 20.06
CA GLU Q 78 20.39 87.99 19.73
C GLU Q 78 20.44 86.51 19.27
N TYR Q 79 19.61 85.65 19.91
CA TYR Q 79 19.55 84.21 19.62
C TYR Q 79 18.22 83.81 18.96
N ALA Q 80 18.26 82.90 17.95
CA ALA Q 80 17.10 82.42 17.19
C ALA Q 80 17.36 81.03 16.57
N CYS Q 81 16.31 80.18 16.38
CA CYS Q 81 16.51 78.85 15.78
C CYS Q 81 15.88 78.69 14.39
N ARG Q 82 16.63 78.09 13.45
N ARG Q 82 16.64 78.08 13.45
CA ARG Q 82 16.21 77.82 12.08
CA ARG Q 82 16.20 77.81 12.09
C ARG Q 82 15.66 76.38 12.00
C ARG Q 82 15.65 76.38 12.02
N VAL Q 83 14.34 76.25 11.79
CA VAL Q 83 13.63 74.97 11.70
C VAL Q 83 13.19 74.72 10.26
N ASN Q 84 13.55 73.55 9.71
CA ASN Q 84 13.14 73.14 8.37
C ASN Q 84 12.43 71.80 8.40
N HIS Q 85 11.30 71.73 7.70
CA HIS Q 85 10.44 70.56 7.58
C HIS Q 85 9.92 70.47 6.15
N VAL Q 86 9.31 69.35 5.78
CA VAL Q 86 8.73 69.14 4.44
C VAL Q 86 7.44 69.97 4.28
N THR Q 87 6.77 70.29 5.41
CA THR Q 87 5.56 71.09 5.50
C THR Q 87 5.90 72.58 5.32
N LEU Q 88 7.17 72.95 5.57
CA LEU Q 88 7.68 74.32 5.47
C LEU Q 88 8.24 74.64 4.09
N SER Q 89 7.65 75.65 3.44
CA SER Q 89 8.02 76.19 2.13
C SER Q 89 9.39 76.88 2.23
N GLN Q 90 9.58 77.61 3.35
CA GLN Q 90 10.81 78.33 3.69
C GLN Q 90 11.29 77.84 5.07
N PRO Q 91 12.62 77.69 5.31
CA PRO Q 91 13.09 77.23 6.64
C PRO Q 91 12.95 78.29 7.75
N LYS Q 92 11.69 78.51 8.19
CA LYS Q 92 11.22 79.50 9.17
C LYS Q 92 12.07 79.61 10.44
N ILE Q 93 12.45 80.85 10.78
CA ILE Q 93 13.27 81.19 11.96
C ILE Q 93 12.44 82.02 12.93
N VAL Q 94 12.51 81.69 14.23
CA VAL Q 94 11.82 82.41 15.29
C VAL Q 94 12.84 82.93 16.31
N LYS Q 95 12.77 84.25 16.59
CA LYS Q 95 13.66 84.96 17.51
C LYS Q 95 13.37 84.64 18.98
N TRP Q 96 14.43 84.53 19.79
CA TRP Q 96 14.31 84.28 21.22
C TRP Q 96 14.20 85.59 21.97
N ASP Q 97 13.16 85.69 22.79
CA ASP Q 97 12.89 86.82 23.66
C ASP Q 97 13.02 86.24 25.08
N ARG Q 98 13.67 86.98 25.99
CA ARG Q 98 13.89 86.49 27.36
C ARG Q 98 12.66 86.63 28.26
N ASP Q 99 11.70 87.31 27.67
CA ASP Q 99 10.42 87.59 28.24
C ASP Q 99 9.45 87.45 27.06
N MET Q 100 9.88 87.95 25.89
CA MET Q 100 9.05 88.25 24.71
C MET Q 100 7.90 89.27 24.92
N VAL R 1 10.07 46.81 31.56
CA VAL R 1 10.82 46.44 30.36
C VAL R 1 9.98 46.66 29.09
N MET R 2 10.59 46.54 27.90
CA MET R 2 9.86 46.72 26.65
C MET R 2 9.18 45.43 26.21
N ALA R 3 8.00 45.55 25.56
CA ALA R 3 7.22 44.41 25.05
C ALA R 3 8.15 43.38 24.37
N PRO R 4 8.16 42.13 24.86
CA PRO R 4 9.12 41.14 24.32
C PRO R 4 8.81 40.62 22.90
N ARG R 5 7.53 40.70 22.50
CA ARG R 5 7.03 40.27 21.20
C ARG R 5 6.23 41.40 20.56
N THR R 6 6.28 41.48 19.22
CA THR R 6 5.57 42.48 18.41
C THR R 6 4.63 41.78 17.42
N LEU R 7 4.04 42.53 16.47
CA LEU R 7 3.12 41.96 15.51
C LEU R 7 3.67 41.87 14.10
N VAL R 8 3.39 40.74 13.44
CA VAL R 8 3.74 40.47 12.06
C VAL R 8 2.49 40.83 11.24
N LEU R 9 2.46 42.08 10.80
CA LEU R 9 1.37 42.66 10.00
C LEU R 9 1.58 42.24 8.54
N GLN S 2 12.15 27.44 29.02
CA GLN S 2 11.10 26.99 28.11
C GLN S 2 11.40 25.58 27.52
N GLN S 3 11.23 24.52 28.36
CA GLN S 3 11.47 23.12 27.97
C GLN S 3 10.16 22.37 27.78
N LEU S 4 10.04 21.63 26.64
CA LEU S 4 8.87 20.79 26.34
C LEU S 4 9.19 19.33 26.60
N ASN S 5 8.36 18.66 27.39
CA ASN S 5 8.56 17.26 27.76
C ASN S 5 7.51 16.37 27.16
N GLN S 6 7.92 15.58 26.17
CA GLN S 6 7.06 14.64 25.52
C GLN S 6 7.19 13.31 26.23
N SER S 7 6.06 12.65 26.44
CA SER S 7 6.02 11.35 27.12
C SER S 7 4.98 10.42 26.49
N PRO S 8 5.25 9.09 26.43
CA PRO S 8 6.36 8.34 27.06
C PRO S 8 7.68 8.28 26.28
N GLN S 9 7.78 8.91 25.12
CA GLN S 9 8.97 8.76 24.29
C GLN S 9 9.05 7.34 23.64
N SER S 10 8.54 6.30 24.33
CA SER S 10 8.54 4.91 23.79
C SER S 10 7.13 4.31 23.77
N MET S 11 6.56 4.07 22.60
CA MET S 11 5.19 3.58 22.67
C MET S 11 4.98 2.32 21.84
N PHE S 12 5.00 1.16 22.50
CA PHE S 12 4.75 -0.11 21.82
C PHE S 12 3.31 -0.56 22.04
N ILE S 13 2.51 -0.49 20.97
CA ILE S 13 1.08 -0.84 20.97
C ILE S 13 0.72 -1.75 19.79
N GLN S 14 -0.44 -2.43 19.88
CA GLN S 14 -0.95 -3.36 18.87
C GLN S 14 -1.80 -2.69 17.80
N GLU S 15 -1.83 -3.28 16.60
CA GLU S 15 -2.63 -2.82 15.47
C GLU S 15 -4.10 -2.86 15.91
N GLY S 16 -4.81 -1.78 15.64
CA GLY S 16 -6.21 -1.63 16.01
C GLY S 16 -6.44 -0.78 17.25
N GLU S 17 -5.43 -0.71 18.16
CA GLU S 17 -5.49 0.07 19.40
C GLU S 17 -5.54 1.58 19.14
N ASP S 18 -6.03 2.34 20.14
CA ASP S 18 -6.04 3.79 20.12
C ASP S 18 -4.80 4.19 20.92
N VAL S 19 -4.23 5.38 20.66
CA VAL S 19 -3.01 5.87 21.36
C VAL S 19 -3.10 7.32 21.77
N SER S 20 -2.44 7.66 22.88
CA SER S 20 -2.36 9.03 23.39
C SER S 20 -0.93 9.38 23.66
N MET S 21 -0.58 10.63 23.33
CA MET S 21 0.75 11.20 23.53
C MET S 21 0.60 12.46 24.31
N ASN S 22 1.54 12.71 25.20
CA ASN S 22 1.51 13.90 26.03
C ASN S 22 2.69 14.78 25.71
N CYS S 23 2.50 16.09 25.94
CA CYS S 23 3.50 17.12 25.74
C CYS S 23 3.23 18.18 26.79
N THR S 24 4.23 18.46 27.66
CA THR S 24 4.07 19.37 28.79
C THR S 24 5.23 20.34 29.00
N SER S 25 5.03 21.37 29.84
CA SER S 25 6.02 22.37 30.26
C SER S 25 5.60 23.02 31.58
N SER S 26 6.57 23.58 32.33
CA SER S 26 6.30 24.30 33.58
C SER S 26 5.94 25.76 33.25
N SER S 27 6.30 26.16 32.00
CA SER S 27 6.09 27.46 31.38
C SER S 27 4.73 27.50 30.66
N ILE S 28 4.21 28.69 30.34
CA ILE S 28 2.96 28.84 29.61
C ILE S 28 3.25 28.91 28.12
N PHE S 29 2.49 28.14 27.32
CA PHE S 29 2.62 28.13 25.88
C PHE S 29 1.34 28.64 25.24
N ASN S 30 1.47 29.43 24.18
CA ASN S 30 0.33 30.05 23.50
C ASN S 30 -0.18 29.25 22.28
N THR S 31 0.72 28.46 21.66
CA THR S 31 0.41 27.65 20.47
C THR S 31 1.18 26.32 20.50
N TRP S 32 0.52 25.23 20.03
CA TRP S 32 1.08 23.87 19.92
C TRP S 32 1.05 23.39 18.47
N LEU S 33 2.09 22.65 18.07
CA LEU S 33 2.31 22.11 16.74
C LEU S 33 2.71 20.64 16.88
N TRP S 34 2.07 19.74 16.11
CA TRP S 34 2.40 18.31 16.12
C TRP S 34 2.95 17.87 14.77
N TYR S 35 4.11 17.21 14.80
CA TYR S 35 4.82 16.76 13.61
C TYR S 35 5.01 15.25 13.64
N LYS S 36 5.23 14.65 12.46
CA LYS S 36 5.54 13.22 12.39
C LYS S 36 6.76 13.08 11.50
N GLN S 37 7.72 12.26 11.93
CA GLN S 37 8.94 12.08 11.18
C GLN S 37 9.19 10.64 10.83
N ASP S 38 9.12 10.35 9.53
CA ASP S 38 9.42 9.05 8.97
C ASP S 38 10.93 8.98 8.79
N PRO S 39 11.59 7.96 9.40
CA PRO S 39 13.06 7.83 9.34
C PRO S 39 13.81 8.47 8.17
N GLY S 40 14.75 9.36 8.51
CA GLY S 40 15.61 10.06 7.56
C GLY S 40 14.95 11.11 6.68
N GLU S 41 13.67 11.43 6.94
CA GLU S 41 12.94 12.43 6.16
C GLU S 41 12.65 13.65 7.04
N GLY S 42 12.16 14.74 6.44
CA GLY S 42 11.84 15.96 7.18
C GLY S 42 10.55 15.86 7.96
N PRO S 43 10.51 16.29 9.25
CA PRO S 43 9.24 16.24 10.01
C PRO S 43 8.12 16.97 9.26
N VAL S 44 6.93 16.36 9.22
CA VAL S 44 5.80 16.90 8.48
C VAL S 44 4.64 17.25 9.45
N LEU S 45 4.15 18.51 9.36
CA LEU S 45 3.09 19.03 10.23
C LEU S 45 1.77 18.27 10.12
N LEU S 46 1.33 17.73 11.25
CA LEU S 46 0.09 17.00 11.36
C LEU S 46 -1.03 17.96 11.75
N ILE S 47 -0.96 18.54 12.97
CA ILE S 47 -1.97 19.45 13.53
C ILE S 47 -1.33 20.66 14.19
N ALA S 48 -2.02 21.82 14.13
CA ALA S 48 -1.62 23.06 14.80
C ALA S 48 -2.81 23.59 15.60
N LEU S 49 -2.56 23.86 16.89
CA LEU S 49 -3.55 24.37 17.84
C LEU S 49 -3.16 25.80 18.22
N TYR S 50 -4.14 26.73 18.20
CA TYR S 50 -3.90 28.15 18.49
C TYR S 50 -4.75 28.73 19.63
N LYS S 51 -5.81 28.01 20.05
CA LYS S 51 -6.74 28.46 21.09
C LYS S 51 -6.86 27.52 22.28
N ALA S 52 -6.75 28.11 23.50
CA ALA S 52 -6.77 27.54 24.85
C ALA S 52 -7.60 26.26 25.09
N GLY S 53 -8.71 26.07 24.38
CA GLY S 53 -9.50 24.87 24.57
C GLY S 53 -9.79 24.07 23.32
N GLU S 54 -9.27 24.53 22.17
CA GLU S 54 -9.50 23.95 20.86
C GLU S 54 -8.92 22.55 20.69
N LEU S 55 -9.65 21.74 19.91
CA LEU S 55 -9.29 20.38 19.53
C LEU S 55 -9.56 20.23 18.02
N THR S 56 -8.47 20.14 17.26
CA THR S 56 -8.46 20.01 15.80
C THR S 56 -8.17 18.55 15.46
N SER S 57 -8.67 18.09 14.32
CA SER S 57 -8.44 16.73 13.87
C SER S 57 -8.01 16.67 12.40
N ASN S 58 -7.01 15.83 12.12
CA ASN S 58 -6.49 15.61 10.77
C ASN S 58 -6.62 14.11 10.49
N GLY S 59 -7.79 13.74 9.99
CA GLY S 59 -8.15 12.36 9.73
C GLY S 59 -8.39 11.61 11.02
N ARG S 60 -7.59 10.55 11.26
CA ARG S 60 -7.67 9.71 12.46
C ARG S 60 -6.86 10.30 13.62
N LEU S 61 -6.24 11.47 13.41
CA LEU S 61 -5.46 12.14 14.45
C LEU S 61 -6.26 13.28 15.00
N THR S 62 -6.24 13.42 16.33
CA THR S 62 -6.90 14.46 17.10
C THR S 62 -5.89 15.01 18.11
N ALA S 63 -5.68 16.32 18.10
CA ALA S 63 -4.81 16.99 19.07
C ALA S 63 -5.66 17.93 19.90
N GLN S 64 -5.34 18.11 21.19
CA GLN S 64 -6.10 18.97 22.11
C GLN S 64 -5.21 20.04 22.72
N PHE S 65 -5.76 21.26 22.92
CA PHE S 65 -4.99 22.36 23.49
C PHE S 65 -4.72 22.19 24.97
N GLY S 66 -5.75 22.08 25.79
CA GLY S 66 -5.53 21.96 27.23
C GLY S 66 -5.59 23.32 27.87
N ILE S 67 -6.70 23.57 28.60
CA ILE S 67 -7.05 24.81 29.29
C ILE S 67 -6.00 25.26 30.32
N THR S 68 -5.13 24.32 30.73
CA THR S 68 -4.01 24.47 31.66
C THR S 68 -2.91 25.39 31.09
N ARG S 69 -2.79 25.44 29.73
CA ARG S 69 -1.80 26.19 28.92
C ARG S 69 -0.41 25.60 29.00
N LYS S 70 -0.25 24.49 29.73
CA LYS S 70 1.01 23.80 29.96
C LYS S 70 0.99 22.34 29.47
N ASP S 71 -0.19 21.79 29.11
CA ASP S 71 -0.33 20.40 28.65
C ASP S 71 -1.04 20.31 27.30
N SER S 72 -0.54 19.44 26.39
CA SER S 72 -1.12 19.20 25.06
C SER S 72 -1.10 17.70 24.72
N PHE S 73 -2.12 17.22 23.99
CA PHE S 73 -2.24 15.79 23.66
C PHE S 73 -2.50 15.47 22.21
N LEU S 74 -1.93 14.37 21.73
CA LEU S 74 -2.18 13.85 20.39
C LEU S 74 -2.75 12.45 20.51
N ASN S 75 -3.83 12.19 19.77
CA ASN S 75 -4.55 10.93 19.80
C ASN S 75 -4.69 10.28 18.41
N ILE S 76 -4.13 9.07 18.24
CA ILE S 76 -4.28 8.33 16.98
C ILE S 76 -5.39 7.32 17.20
N SER S 77 -6.48 7.44 16.41
CA SER S 77 -7.69 6.64 16.45
C SER S 77 -7.44 5.13 16.27
N ALA S 78 -7.25 4.63 15.04
CA ALA S 78 -7.02 3.19 14.88
C ALA S 78 -5.65 2.94 14.32
N SER S 79 -4.73 2.51 15.18
CA SER S 79 -3.35 2.28 14.81
C SER S 79 -3.18 1.24 13.69
N ILE S 80 -2.50 1.68 12.62
CA ILE S 80 -2.10 0.92 11.42
C ILE S 80 -0.55 1.07 11.34
N PRO S 81 0.26 0.03 11.02
CA PRO S 81 1.73 0.20 11.06
C PRO S 81 2.31 1.38 10.28
N SER S 82 1.58 1.95 9.31
CA SER S 82 2.02 3.15 8.59
C SER S 82 2.00 4.40 9.52
N ASP S 83 1.66 4.19 10.82
CA ASP S 83 1.64 5.21 11.87
C ASP S 83 2.98 5.27 12.59
N VAL S 84 3.80 4.18 12.48
CA VAL S 84 5.15 4.11 13.08
C VAL S 84 5.95 5.37 12.76
N GLY S 85 6.70 5.86 13.74
CA GLY S 85 7.57 7.01 13.59
C GLY S 85 7.73 7.82 14.86
N ILE S 86 8.50 8.90 14.75
CA ILE S 86 8.74 9.83 15.86
C ILE S 86 7.73 10.95 15.69
N TYR S 87 7.00 11.25 16.76
CA TYR S 87 6.01 12.33 16.77
C TYR S 87 6.59 13.47 17.58
N PHE S 88 6.66 14.66 16.98
CA PHE S 88 7.25 15.82 17.64
C PHE S 88 6.23 16.87 18.05
N CYS S 89 6.49 17.53 19.18
CA CYS S 89 5.62 18.55 19.73
C CYS S 89 6.36 19.87 19.86
N ALA S 90 5.98 20.83 19.01
CA ALA S 90 6.55 22.17 19.03
C ALA S 90 5.58 23.10 19.70
N GLY S 91 6.10 24.08 20.42
CA GLY S 91 5.30 25.05 21.14
C GLY S 91 5.86 26.45 21.09
N GLN S 92 4.96 27.44 21.01
CA GLN S 92 5.28 28.86 20.99
C GLN S 92 5.18 29.35 22.45
N PRO S 93 6.31 29.60 23.16
CA PRO S 93 6.18 30.02 24.56
C PRO S 93 5.64 31.42 24.70
N LEU S 94 4.73 31.63 25.68
CA LEU S 94 4.11 32.91 25.98
C LEU S 94 5.20 33.88 26.41
N GLY S 95 5.28 35.01 25.73
CA GLY S 95 6.30 36.02 26.00
C GLY S 95 7.49 35.99 25.06
N GLY S 96 7.73 34.85 24.41
CA GLY S 96 8.83 34.68 23.46
C GLY S 96 8.68 35.60 22.27
N SER S 97 9.82 36.08 21.70
CA SER S 97 9.84 36.97 20.53
C SER S 97 9.23 36.30 19.30
N ASN S 98 8.92 37.05 18.24
CA ASN S 98 8.31 36.49 17.04
C ASN S 98 9.15 35.38 16.43
N TYR S 99 8.47 34.30 16.00
CA TYR S 99 9.03 33.10 15.38
C TYR S 99 9.88 32.26 16.33
N LYS S 100 9.67 32.44 17.67
CA LYS S 100 10.33 31.62 18.68
C LYS S 100 9.45 30.43 18.91
N LEU S 101 10.03 29.22 18.84
CA LEU S 101 9.32 27.97 19.14
C LEU S 101 10.29 26.88 19.53
N THR S 102 9.92 26.17 20.60
CA THR S 102 10.62 25.07 21.27
C THR S 102 10.05 23.74 20.80
N PHE S 103 10.91 22.72 20.64
CA PHE S 103 10.52 21.37 20.23
C PHE S 103 10.75 20.36 21.34
N GLY S 104 9.94 19.31 21.36
CA GLY S 104 10.12 18.21 22.29
C GLY S 104 11.12 17.24 21.69
N LYS S 105 11.55 16.24 22.48
CA LYS S 105 12.50 15.24 21.98
C LYS S 105 11.83 14.17 21.11
N GLY S 106 10.51 14.13 21.14
CA GLY S 106 9.70 13.20 20.37
C GLY S 106 9.25 11.97 21.12
N THR S 107 8.16 11.37 20.66
CA THR S 107 7.61 10.11 21.16
C THR S 107 7.77 9.11 20.04
N LEU S 108 8.38 7.94 20.31
CA LEU S 108 8.63 6.92 19.30
C LEU S 108 7.56 5.81 19.29
N LEU S 109 6.64 5.88 18.31
CA LEU S 109 5.54 4.95 18.14
C LEU S 109 5.90 3.71 17.32
N THR S 110 5.61 2.53 17.88
CA THR S 110 5.81 1.22 17.25
C THR S 110 4.43 0.55 17.23
N VAL S 111 3.93 0.24 16.03
CA VAL S 111 2.62 -0.36 15.80
C VAL S 111 2.78 -1.82 15.39
N ASN S 112 2.59 -2.77 16.33
CA ASN S 112 2.73 -4.20 16.07
C ASN S 112 1.60 -4.73 15.17
N PRO S 113 1.87 -5.68 14.24
CA PRO S 113 0.82 -6.10 13.31
C PRO S 113 0.02 -7.35 13.67
N ASN S 114 -1.24 -7.38 13.24
CA ASN S 114 -2.17 -8.48 13.48
C ASN S 114 -1.86 -9.72 12.63
N ILE S 115 -1.25 -10.74 13.26
CA ILE S 115 -0.93 -12.02 12.63
C ILE S 115 -2.18 -12.90 12.79
N GLN S 116 -2.97 -13.03 11.71
CA GLN S 116 -4.23 -13.75 11.73
C GLN S 116 -4.11 -15.27 11.88
N ASN S 117 -3.21 -15.90 11.09
CA ASN S 117 -3.02 -17.35 11.14
C ASN S 117 -1.54 -17.74 11.11
N PRO S 118 -0.85 -17.75 12.27
CA PRO S 118 0.59 -18.09 12.28
C PRO S 118 0.88 -19.53 11.88
N ASP S 119 1.91 -19.70 11.05
CA ASP S 119 2.38 -21.00 10.55
C ASP S 119 3.92 -21.00 10.66
N PRO S 120 4.50 -20.90 11.89
CA PRO S 120 5.97 -20.84 12.01
C PRO S 120 6.70 -21.94 11.27
N ALA S 121 7.84 -21.53 10.69
CA ALA S 121 8.73 -22.37 9.88
C ALA S 121 10.05 -21.65 9.68
N VAL S 122 11.11 -22.42 9.39
CA VAL S 122 12.46 -21.93 9.09
C VAL S 122 12.82 -22.61 7.76
N TYR S 123 13.11 -21.81 6.71
CA TYR S 123 13.38 -22.32 5.36
C TYR S 123 14.81 -22.14 4.86
N GLN S 124 15.19 -22.96 3.87
CA GLN S 124 16.50 -22.94 3.21
C GLN S 124 16.37 -22.22 1.86
N LEU S 125 17.13 -21.13 1.69
CA LEU S 125 17.09 -20.33 0.47
C LEU S 125 18.46 -20.34 -0.22
N ARG S 126 18.51 -20.91 -1.45
CA ARG S 126 19.74 -21.01 -2.25
C ARG S 126 20.03 -19.72 -3.02
N ASP S 127 21.32 -19.36 -3.15
CA ASP S 127 21.77 -18.18 -3.91
C ASP S 127 21.79 -18.51 -5.40
N SER S 128 21.50 -17.50 -6.25
CA SER S 128 21.55 -17.61 -7.71
C SER S 128 23.03 -17.54 -8.21
N LYS S 129 23.95 -18.23 -7.48
CA LYS S 129 25.40 -18.34 -7.73
C LYS S 129 25.94 -19.69 -7.20
N SER S 130 27.02 -20.20 -7.82
CA SER S 130 27.66 -21.47 -7.44
C SER S 130 28.41 -21.41 -6.10
N SER S 131 27.66 -21.45 -4.98
CA SER S 131 28.23 -21.39 -3.62
C SER S 131 27.41 -22.09 -2.53
N ASP S 132 28.09 -22.49 -1.43
CA ASP S 132 27.50 -23.06 -0.20
C ASP S 132 26.75 -21.90 0.49
N LYS S 133 27.05 -20.65 0.08
CA LYS S 133 26.45 -19.40 0.55
C LYS S 133 24.97 -19.39 0.25
N SER S 134 24.19 -19.37 1.34
CA SER S 134 22.75 -19.41 1.36
C SER S 134 22.27 -18.77 2.66
N VAL S 135 20.94 -18.57 2.78
CA VAL S 135 20.32 -17.96 3.96
C VAL S 135 19.21 -18.84 4.54
N CYS S 136 18.95 -18.70 5.84
CA CYS S 136 17.88 -19.40 6.55
C CYS S 136 16.81 -18.35 6.91
N LEU S 137 15.54 -18.59 6.54
CA LEU S 137 14.45 -17.63 6.75
C LEU S 137 13.35 -18.15 7.70
N PHE S 138 13.19 -17.47 8.85
CA PHE S 138 12.16 -17.77 9.85
C PHE S 138 10.95 -16.91 9.52
N THR S 139 9.86 -17.54 9.11
CA THR S 139 8.68 -16.81 8.67
C THR S 139 7.36 -17.34 9.27
N ASP S 140 6.27 -16.56 9.06
CA ASP S 140 4.89 -16.81 9.47
C ASP S 140 4.75 -17.03 10.98
N PHE S 141 5.50 -16.28 11.79
CA PHE S 141 5.43 -16.40 13.24
C PHE S 141 4.46 -15.40 13.86
N ASP S 142 3.89 -15.79 15.01
CA ASP S 142 2.93 -15.03 15.82
C ASP S 142 3.39 -13.61 16.10
N SER S 143 2.44 -12.71 16.32
CA SER S 143 2.70 -11.29 16.54
C SER S 143 3.51 -10.95 17.79
N GLN S 144 3.44 -11.78 18.84
CA GLN S 144 4.17 -11.52 20.09
C GLN S 144 5.61 -12.09 20.18
N THR S 145 6.08 -12.86 19.15
CA THR S 145 7.45 -13.38 19.15
C THR S 145 8.45 -12.24 19.00
N ASN S 146 9.31 -12.10 20.01
CA ASN S 146 10.37 -11.11 20.06
C ASN S 146 11.68 -11.92 19.83
N VAL S 147 12.15 -11.91 18.56
CA VAL S 147 13.33 -12.63 18.05
C VAL S 147 14.66 -11.95 18.46
N SER S 148 15.47 -12.68 19.27
CA SER S 148 16.77 -12.24 19.80
C SER S 148 17.90 -12.29 18.77
N GLN S 149 18.82 -11.30 18.87
CA GLN S 149 19.99 -11.12 17.98
C GLN S 149 21.03 -12.25 18.07
N SER S 150 22.06 -12.21 17.19
CA SER S 150 23.12 -13.20 17.04
C SER S 150 23.88 -13.53 18.32
N LYS S 151 23.94 -14.84 18.64
CA LYS S 151 24.64 -15.40 19.80
C LYS S 151 26.07 -15.83 19.41
N ASP S 152 26.49 -15.50 18.16
CA ASP S 152 27.80 -15.82 17.57
C ASP S 152 28.28 -14.73 16.60
N SER S 153 29.62 -14.68 16.36
CA SER S 153 30.35 -13.75 15.51
C SER S 153 30.05 -13.85 13.99
N ASP S 154 30.31 -15.03 13.36
CA ASP S 154 30.05 -15.24 11.92
C ASP S 154 28.56 -15.35 11.59
N VAL S 155 27.72 -15.73 12.58
CA VAL S 155 26.28 -15.85 12.33
C VAL S 155 25.63 -14.45 12.43
N TYR S 156 24.79 -14.10 11.44
CA TYR S 156 24.09 -12.82 11.35
C TYR S 156 22.57 -13.01 11.39
N ILE S 157 21.87 -12.29 12.27
CA ILE S 157 20.40 -12.39 12.41
C ILE S 157 19.77 -10.99 12.37
N THR S 158 18.71 -10.83 11.56
CA THR S 158 17.96 -9.58 11.41
C THR S 158 16.75 -9.62 12.35
N ASP S 159 16.26 -8.45 12.79
CA ASP S 159 15.05 -8.38 13.61
C ASP S 159 13.82 -8.62 12.71
N LYS S 160 12.69 -9.06 13.31
CA LYS S 160 11.42 -9.34 12.62
C LYS S 160 11.03 -8.22 11.63
N CYS S 161 10.34 -8.60 10.56
CA CYS S 161 9.93 -7.67 9.51
C CYS S 161 8.56 -8.08 9.01
N VAL S 162 7.65 -7.12 8.90
CA VAL S 162 6.30 -7.43 8.46
C VAL S 162 6.06 -7.00 7.00
N LEU S 163 5.60 -7.94 6.18
CA LEU S 163 5.29 -7.64 4.79
C LEU S 163 3.80 -7.78 4.55
N ASP S 164 3.21 -6.76 3.93
CA ASP S 164 1.78 -6.75 3.64
C ASP S 164 1.59 -7.07 2.16
N MET S 165 1.05 -8.27 1.88
CA MET S 165 0.71 -8.75 0.53
C MET S 165 -0.71 -8.23 0.26
N ARG S 166 -0.82 -6.91 0.02
CA ARG S 166 -2.03 -6.12 -0.24
C ARG S 166 -3.06 -6.86 -1.11
N SER S 167 -2.61 -7.36 -2.27
CA SER S 167 -3.38 -8.13 -3.27
C SER S 167 -4.30 -9.20 -2.66
N MET S 168 -3.72 -10.29 -2.10
CA MET S 168 -4.44 -11.40 -1.48
C MET S 168 -4.94 -11.09 -0.05
N ASP S 169 -4.72 -9.82 0.41
CA ASP S 169 -5.12 -9.27 1.73
C ASP S 169 -4.61 -10.16 2.88
N PHE S 170 -3.28 -10.20 3.03
CA PHE S 170 -2.52 -11.01 3.99
C PHE S 170 -1.26 -10.27 4.42
N LYS S 171 -0.90 -10.35 5.72
CA LYS S 171 0.34 -9.80 6.28
C LYS S 171 1.13 -10.99 6.83
N SER S 172 2.46 -10.85 7.00
CA SER S 172 3.31 -11.90 7.57
C SER S 172 4.61 -11.36 8.14
N ASN S 173 5.20 -12.10 9.09
CA ASN S 173 6.46 -11.74 9.72
C ASN S 173 7.62 -12.59 9.18
N SER S 174 8.86 -12.07 9.31
CA SER S 174 10.07 -12.72 8.79
C SER S 174 11.37 -12.18 9.39
N ALA S 175 12.35 -13.07 9.60
CA ALA S 175 13.69 -12.74 10.10
C ALA S 175 14.72 -13.59 9.35
N VAL S 176 15.74 -12.92 8.80
CA VAL S 176 16.79 -13.53 7.97
C VAL S 176 18.06 -13.84 8.78
N ALA S 177 18.67 -15.02 8.53
CA ALA S 177 19.89 -15.47 9.21
C ALA S 177 20.87 -16.13 8.25
N TRP S 178 22.18 -15.74 8.35
CA TRP S 178 23.24 -16.28 7.48
C TRP S 178 24.63 -16.29 8.13
N SER S 179 25.46 -17.29 7.71
CA SER S 179 26.84 -17.53 8.17
C SER S 179 27.69 -18.14 7.03
N ASN S 180 28.96 -18.53 7.32
CA ASN S 180 29.87 -19.13 6.34
C ASN S 180 30.39 -20.51 6.77
N LYS S 181 30.28 -20.82 8.07
CA LYS S 181 30.71 -22.10 8.64
C LYS S 181 29.83 -23.28 8.19
N SER S 182 30.41 -24.50 8.18
CA SER S 182 29.66 -25.71 7.83
C SER S 182 28.76 -26.10 9.02
N ASP S 183 29.08 -25.56 10.22
CA ASP S 183 28.35 -25.73 11.48
C ASP S 183 27.17 -24.71 11.55
N PHE S 184 26.47 -24.52 10.41
CA PHE S 184 25.33 -23.61 10.27
C PHE S 184 24.17 -24.34 9.59
N ALA S 185 23.04 -24.48 10.32
CA ALA S 185 21.82 -25.16 9.85
C ALA S 185 20.54 -24.47 10.35
N CYS S 186 19.38 -24.90 9.84
CA CYS S 186 18.04 -24.37 10.15
C CYS S 186 17.69 -24.34 11.65
N ALA S 187 17.64 -25.52 12.31
CA ALA S 187 17.32 -25.63 13.74
C ALA S 187 18.46 -25.11 14.60
N ASN S 188 19.71 -25.26 14.13
CA ASN S 188 20.91 -24.79 14.82
C ASN S 188 21.12 -23.27 14.67
N ALA S 189 20.24 -22.58 13.91
CA ALA S 189 20.32 -21.13 13.69
C ALA S 189 19.67 -20.31 14.79
N PHE S 190 18.34 -20.48 14.98
CA PHE S 190 17.56 -19.72 15.96
C PHE S 190 17.46 -20.45 17.31
N ASN S 191 18.55 -20.41 18.09
CA ASN S 191 18.66 -21.04 19.41
C ASN S 191 18.37 -20.06 20.55
N ASN S 192 18.87 -18.82 20.42
CA ASN S 192 18.70 -17.76 21.41
C ASN S 192 17.23 -17.30 21.53
N SER S 193 16.52 -17.24 20.40
CA SER S 193 15.11 -16.82 20.34
C SER S 193 14.16 -17.97 20.71
N ILE S 194 13.15 -17.68 21.56
CA ILE S 194 12.16 -18.67 21.97
C ILE S 194 11.14 -18.81 20.84
N ILE S 195 11.30 -19.88 20.06
CA ILE S 195 10.45 -20.19 18.92
C ILE S 195 9.39 -21.25 19.30
N PRO S 196 8.19 -21.29 18.66
CA PRO S 196 7.18 -22.30 19.06
C PRO S 196 7.63 -23.76 18.96
N GLU S 197 7.00 -24.65 19.77
CA GLU S 197 7.27 -26.09 19.77
C GLU S 197 6.86 -26.74 18.44
N ASP S 198 5.90 -26.09 17.75
CA ASP S 198 5.30 -26.49 16.48
C ASP S 198 5.79 -25.62 15.32
N THR S 199 7.13 -25.54 15.15
CA THR S 199 7.78 -24.80 14.06
C THR S 199 8.19 -25.83 13.01
N PHE S 200 7.90 -25.54 11.73
CA PHE S 200 8.19 -26.41 10.59
C PHE S 200 9.68 -26.39 10.24
N PHE S 201 10.25 -27.56 9.90
CA PHE S 201 11.65 -27.74 9.51
C PHE S 201 11.76 -28.81 8.40
N PRO S 202 11.96 -28.41 7.13
CA PRO S 202 12.04 -29.40 6.04
C PRO S 202 13.43 -30.06 5.89
N SER S 203 13.55 -31.04 4.97
CA SER S 203 14.79 -31.78 4.71
C SER S 203 15.89 -30.93 4.05
N GLY T 3 8.62 22.46 0.01
CA GLY T 3 9.23 23.49 -0.84
C GLY T 3 10.63 23.91 -0.42
N VAL T 4 11.22 23.18 0.53
CA VAL T 4 12.57 23.42 1.06
C VAL T 4 13.51 22.42 0.42
N THR T 5 14.57 22.92 -0.23
CA THR T 5 15.55 22.03 -0.85
C THR T 5 16.90 22.19 -0.18
N GLN T 6 17.45 21.06 0.28
CA GLN T 6 18.74 20.98 0.95
C GLN T 6 19.74 20.31 0.02
N THR T 7 21.00 20.79 0.06
CA THR T 7 22.07 20.30 -0.80
C THR T 7 23.37 20.09 0.00
N PRO T 8 23.99 18.89 -0.06
CA PRO T 8 23.56 17.68 -0.78
C PRO T 8 22.66 16.80 0.09
N LYS T 9 22.14 15.67 -0.44
CA LYS T 9 21.31 14.78 0.35
C LYS T 9 22.22 13.94 1.27
N HIS T 10 23.34 13.43 0.73
CA HIS T 10 24.32 12.63 1.45
C HIS T 10 25.70 13.30 1.35
N LEU T 11 26.59 13.00 2.32
CA LEU T 11 27.95 13.56 2.37
C LEU T 11 28.89 12.74 3.26
N ILE T 12 29.98 12.20 2.67
CA ILE T 12 31.02 11.47 3.39
C ILE T 12 32.26 12.37 3.42
N THR T 13 32.82 12.66 4.63
CA THR T 13 34.05 13.46 4.77
C THR T 13 34.96 13.00 5.89
N ALA T 14 36.22 13.43 5.79
CA ALA T 14 37.27 13.16 6.75
C ALA T 14 37.17 14.06 7.98
N THR T 15 37.83 13.63 9.06
CA THR T 15 37.92 14.35 10.33
C THR T 15 38.91 15.50 10.08
N GLY T 16 38.70 16.61 10.78
CA GLY T 16 39.50 17.81 10.66
C GLY T 16 39.28 18.60 9.39
N GLN T 17 38.19 18.25 8.65
CA GLN T 17 37.85 18.88 7.36
C GLN T 17 36.72 19.91 7.47
N ARG T 18 36.60 20.77 6.44
CA ARG T 18 35.51 21.75 6.36
C ARG T 18 34.49 21.35 5.33
N VAL T 19 33.22 21.60 5.66
CA VAL T 19 32.09 21.26 4.81
C VAL T 19 31.05 22.36 4.82
N THR T 20 30.36 22.53 3.69
CA THR T 20 29.31 23.53 3.55
C THR T 20 28.01 22.83 3.16
N LEU T 21 26.94 23.13 3.91
CA LEU T 21 25.62 22.58 3.64
C LEU T 21 24.75 23.73 3.19
N ARG T 22 23.99 23.52 2.11
CA ARG T 22 23.12 24.55 1.58
C ARG T 22 21.67 24.21 1.78
N CYS T 23 20.88 25.27 1.98
CA CYS T 23 19.45 25.20 2.08
C CYS T 23 18.89 26.33 1.26
N SER T 24 17.90 26.01 0.42
CA SER T 24 17.17 26.99 -0.36
C SER T 24 15.84 27.05 0.38
N PRO T 25 15.47 28.20 0.98
CA PRO T 25 14.20 28.25 1.70
C PRO T 25 13.03 28.05 0.79
N ARG T 26 11.90 27.80 1.41
CA ARG T 26 10.62 27.70 0.73
C ARG T 26 10.32 29.13 0.33
N SER T 27 9.83 29.32 -0.90
CA SER T 27 9.52 30.62 -1.48
C SER T 27 8.63 31.50 -0.58
N GLY T 28 8.94 32.79 -0.59
CA GLY T 28 8.22 33.79 0.21
C GLY T 28 8.50 33.76 1.70
N ASP T 29 9.05 32.63 2.20
CA ASP T 29 9.43 32.40 3.60
C ASP T 29 10.76 33.11 3.86
N LEU T 30 10.78 33.96 4.90
CA LEU T 30 11.96 34.75 5.28
C LEU T 30 12.82 34.09 6.35
N SER T 31 12.26 33.14 7.12
CA SER T 31 12.99 32.46 8.17
C SER T 31 13.62 31.15 7.73
N VAL T 32 14.85 30.88 8.24
CA VAL T 32 15.59 29.64 8.00
C VAL T 32 16.18 29.16 9.33
N TYR T 33 15.91 27.90 9.65
CA TYR T 33 16.33 27.26 10.88
C TYR T 33 17.28 26.13 10.56
N TRP T 34 18.28 25.89 11.41
CA TRP T 34 19.18 24.76 11.23
C TRP T 34 19.07 23.84 12.43
N TYR T 35 18.82 22.55 12.16
CA TYR T 35 18.66 21.51 13.17
C TYR T 35 19.62 20.38 12.96
N GLN T 36 20.11 19.81 14.07
CA GLN T 36 21.03 18.69 14.03
C GLN T 36 20.40 17.50 14.72
N GLN T 37 20.12 16.43 13.96
CA GLN T 37 19.54 15.24 14.52
C GLN T 37 20.58 14.12 14.65
N SER T 38 20.94 13.78 15.89
CA SER T 38 21.89 12.70 16.20
C SER T 38 21.09 11.39 16.26
N LEU T 39 21.79 10.24 16.33
CA LEU T 39 21.24 8.88 16.30
C LEU T 39 20.15 8.60 17.36
N ASP T 40 20.41 8.85 18.66
CA ASP T 40 19.35 8.63 19.64
C ASP T 40 18.54 9.93 19.77
N GLN T 41 19.22 11.04 20.14
CA GLN T 41 18.70 12.40 20.35
C GLN T 41 17.73 12.90 19.26
N GLY T 42 16.87 13.84 19.65
CA GLY T 42 15.90 14.46 18.76
C GLY T 42 16.47 15.58 17.93
N LEU T 43 15.63 16.57 17.60
CA LEU T 43 15.99 17.72 16.80
C LEU T 43 16.64 18.89 17.56
N GLN T 44 17.97 18.79 17.82
CA GLN T 44 18.63 19.88 18.54
C GLN T 44 18.78 21.10 17.62
N PHE T 45 18.29 22.25 18.09
CA PHE T 45 18.34 23.51 17.35
C PHE T 45 19.76 24.04 17.33
N LEU T 46 20.20 24.59 16.20
CA LEU T 46 21.53 25.18 16.07
C LEU T 46 21.46 26.70 15.94
N ILE T 47 20.95 27.19 14.80
CA ILE T 47 20.85 28.62 14.49
C ILE T 47 19.62 28.96 13.63
N GLN T 48 19.03 30.14 13.88
CA GLN T 48 17.88 30.67 13.15
C GLN T 48 18.22 32.01 12.54
N TYR T 49 17.66 32.26 11.35
CA TYR T 49 17.81 33.48 10.57
C TYR T 49 16.43 34.05 10.23
N TYR T 50 16.40 35.38 9.98
CA TYR T 50 15.20 36.12 9.60
C TYR T 50 15.59 37.23 8.66
N ASN T 51 15.13 37.14 7.39
CA ASN T 51 15.36 38.13 6.33
C ASN T 51 16.84 38.58 6.25
N GLY T 52 17.73 37.63 5.97
CA GLY T 52 19.16 37.87 5.83
C GLY T 52 19.98 38.08 7.10
N GLU T 53 19.31 38.29 8.26
CA GLU T 53 19.96 38.55 9.56
C GLU T 53 19.89 37.34 10.50
N GLU T 54 20.82 37.26 11.47
CA GLU T 54 20.83 36.24 12.52
C GLU T 54 19.71 36.59 13.51
N ARG T 55 18.75 35.68 13.69
CA ARG T 55 17.58 35.84 14.57
C ARG T 55 17.77 35.14 15.93
N ALA T 56 18.43 33.97 15.95
CA ALA T 56 18.66 33.20 17.17
C ALA T 56 19.83 32.23 17.07
N LYS T 57 20.59 32.11 18.15
CA LYS T 57 21.73 31.20 18.31
C LYS T 57 21.32 30.19 19.40
N GLY T 58 21.67 28.92 19.23
CA GLY T 58 21.28 27.87 20.17
C GLY T 58 22.35 26.83 20.44
N ASN T 59 23.46 27.28 21.05
CA ASN T 59 24.65 26.52 21.40
C ASN T 59 25.33 25.90 20.19
N ILE T 60 25.84 26.78 19.32
CA ILE T 60 26.63 26.42 18.16
C ILE T 60 28.05 26.28 18.68
N LEU T 61 28.72 25.21 18.28
CA LEU T 61 30.06 24.82 18.71
C LEU T 61 31.17 25.85 18.39
N GLU T 62 30.80 27.08 17.94
CA GLU T 62 31.68 28.19 17.56
C GLU T 62 32.50 27.90 16.30
N ARG T 63 32.80 26.62 16.07
CA ARG T 63 33.47 26.10 14.89
C ARG T 63 32.39 25.71 13.84
N PHE T 64 31.16 26.17 14.08
CA PHE T 64 29.97 26.02 13.24
C PHE T 64 29.52 27.42 12.88
N SER T 65 29.63 27.80 11.61
CA SER T 65 29.23 29.12 11.15
C SER T 65 28.08 29.00 10.17
N ALA T 66 27.34 30.10 9.97
CA ALA T 66 26.20 30.15 9.05
C ALA T 66 25.95 31.58 8.58
N GLN T 67 25.20 31.74 7.49
CA GLN T 67 24.82 33.05 6.95
C GLN T 67 23.61 32.96 6.02
N GLN T 68 22.76 33.99 6.06
CA GLN T 68 21.58 34.09 5.21
C GLN T 68 21.78 35.26 4.25
N PHE T 69 21.84 34.95 2.96
CA PHE T 69 22.08 35.90 1.87
C PHE T 69 20.88 36.79 1.57
N PRO T 70 21.04 37.88 0.74
CA PRO T 70 19.88 38.72 0.37
C PRO T 70 18.82 37.89 -0.33
N ASP T 71 19.26 36.89 -1.16
CA ASP T 71 18.41 35.85 -1.74
C ASP T 71 18.27 34.98 -0.49
N LEU T 72 17.05 34.84 0.04
CA LEU T 72 16.72 34.21 1.33
C LEU T 72 17.48 32.90 1.68
N HIS T 73 18.20 32.26 0.73
CA HIS T 73 19.02 31.05 0.90
C HIS T 73 20.04 31.14 2.05
N SER T 74 20.48 29.98 2.57
CA SER T 74 21.42 29.91 3.69
C SER T 74 22.46 28.81 3.56
N GLU T 75 23.64 29.03 4.18
CA GLU T 75 24.75 28.08 4.20
C GLU T 75 25.16 27.76 5.63
N LEU T 76 25.54 26.50 5.86
CA LEU T 76 26.00 26.06 7.17
C LEU T 76 27.38 25.44 7.01
N ASN T 77 28.36 26.10 7.62
CA ASN T 77 29.75 25.73 7.59
C ASN T 77 30.15 25.01 8.86
N LEU T 78 30.60 23.76 8.71
CA LEU T 78 31.04 22.93 9.82
C LEU T 78 32.51 22.55 9.60
N SER T 79 33.36 22.86 10.60
CA SER T 79 34.82 22.64 10.62
C SER T 79 35.39 23.17 11.94
N SER T 80 36.38 22.52 12.58
CA SER T 80 36.98 21.24 12.19
C SER T 80 36.13 20.09 12.65
N LEU T 81 35.59 19.36 11.66
CA LEU T 81 34.70 18.23 11.87
C LEU T 81 35.36 17.10 12.63
N GLU T 82 34.60 16.53 13.55
CA GLU T 82 34.98 15.39 14.37
C GLU T 82 33.93 14.33 14.04
N LEU T 83 34.29 13.04 14.10
CA LEU T 83 33.38 11.93 13.75
C LEU T 83 32.03 11.89 14.52
N GLY T 84 31.95 12.65 15.61
CA GLY T 84 30.73 12.77 16.41
C GLY T 84 29.73 13.69 15.76
N ASP T 85 30.20 14.50 14.79
CA ASP T 85 29.40 15.46 14.02
C ASP T 85 28.54 14.78 12.96
N SER T 86 28.70 13.45 12.79
CA SER T 86 27.92 12.63 11.85
C SER T 86 26.48 12.63 12.33
N ALA T 87 25.60 13.30 11.56
CA ALA T 87 24.18 13.48 11.89
C ALA T 87 23.38 13.90 10.66
N LEU T 88 22.05 13.90 10.79
CA LEU T 88 21.15 14.36 9.75
C LEU T 88 20.94 15.84 10.05
N TYR T 89 21.28 16.72 9.11
CA TYR T 89 21.14 18.15 9.35
C TYR T 89 19.91 18.67 8.62
N PHE T 90 18.92 19.15 9.37
CA PHE T 90 17.65 19.64 8.83
C PHE T 90 17.56 21.15 8.75
N CYS T 91 16.76 21.63 7.79
CA CYS T 91 16.53 23.04 7.54
C CYS T 91 15.03 23.26 7.37
N ALA T 92 14.49 24.23 8.10
CA ALA T 92 13.07 24.54 8.05
C ALA T 92 12.80 25.98 7.67
N SER T 93 11.67 26.20 6.98
CA SER T 93 11.24 27.52 6.51
C SER T 93 9.91 27.94 7.11
N SER T 94 9.78 29.25 7.35
CA SER T 94 8.59 29.93 7.86
C SER T 94 8.78 31.44 7.69
N ALA T 95 7.88 32.23 8.29
CA ALA T 95 7.89 33.69 8.31
C ALA T 95 7.53 34.39 6.99
N ASN T 96 6.70 33.75 6.16
CA ASN T 96 6.21 34.42 4.95
C ASN T 96 5.18 35.38 5.53
N PRO T 97 5.28 36.71 5.33
CA PRO T 97 4.30 37.62 5.95
C PRO T 97 2.89 37.51 5.35
N GLY T 98 2.82 37.01 4.11
CA GLY T 98 1.57 36.82 3.37
C GLY T 98 0.68 35.75 3.95
N ASP T 99 1.29 34.62 4.37
CA ASP T 99 0.60 33.47 4.98
C ASP T 99 -0.10 33.87 6.29
N SER T 100 -1.27 33.30 6.57
CA SER T 100 -2.03 33.62 7.78
C SER T 100 -1.39 33.02 9.04
N SER T 101 -0.85 31.78 8.91
CA SER T 101 -0.20 31.06 10.00
C SER T 101 1.30 31.03 9.73
N ASN T 102 1.93 32.20 9.92
CA ASN T 102 3.35 32.51 9.70
C ASN T 102 4.34 31.52 10.34
N GLU T 103 4.14 31.24 11.66
CA GLU T 103 4.99 30.42 12.55
C GLU T 103 5.24 28.96 12.11
N LYS T 104 4.33 28.35 11.32
CA LYS T 104 4.43 26.96 10.83
C LYS T 104 5.74 26.68 10.10
N LEU T 105 6.53 25.73 10.62
CA LEU T 105 7.80 25.30 10.04
C LEU T 105 7.57 24.24 8.97
N PHE T 106 8.34 24.29 7.87
CA PHE T 106 8.30 23.32 6.77
C PHE T 106 9.72 22.89 6.54
N PHE T 107 10.00 21.61 6.78
CA PHE T 107 11.33 21.03 6.68
C PHE T 107 11.70 20.48 5.31
N GLY T 108 13.00 20.48 5.01
CA GLY T 108 13.57 19.87 3.82
C GLY T 108 14.03 18.47 4.17
N SER T 109 14.42 17.66 3.16
CA SER T 109 14.87 16.29 3.40
C SER T 109 16.38 16.18 3.63
N GLY T 110 16.82 16.83 4.71
CA GLY T 110 18.19 16.98 5.23
C GLY T 110 19.40 16.27 4.67
N THR T 111 20.58 16.86 4.94
CA THR T 111 21.88 16.30 4.56
C THR T 111 22.27 15.23 5.58
N GLN T 112 22.65 14.03 5.10
CA GLN T 112 23.15 12.97 5.97
C GLN T 112 24.66 13.10 5.95
N LEU T 113 25.23 13.60 7.04
CA LEU T 113 26.67 13.78 7.18
C LEU T 113 27.28 12.57 7.86
N SER T 114 28.37 12.06 7.27
CA SER T 114 29.14 10.94 7.79
C SER T 114 30.60 11.37 7.84
N VAL T 115 31.13 11.48 9.07
CA VAL T 115 32.50 11.89 9.33
C VAL T 115 33.35 10.66 9.69
N LEU T 116 34.39 10.41 8.86
CA LEU T 116 35.28 9.25 8.98
C LEU T 116 36.73 9.65 9.21
N GLU T 117 37.46 8.84 10.00
CA GLU T 117 38.87 9.11 10.26
C GLU T 117 39.70 8.76 9.00
N ASP T 118 39.27 7.71 8.29
CA ASP T 118 39.90 7.25 7.06
C ASP T 118 38.88 7.07 5.92
N LEU T 119 39.07 7.80 4.80
CA LEU T 119 38.22 7.69 3.61
C LEU T 119 38.39 6.33 2.92
N ASN T 120 39.38 5.54 3.39
CA ASN T 120 39.69 4.21 2.88
C ASN T 120 38.87 3.14 3.63
N LYS T 121 38.07 3.57 4.62
CA LYS T 121 37.17 2.70 5.40
C LYS T 121 35.77 2.64 4.73
N VAL T 122 35.60 3.39 3.60
CA VAL T 122 34.40 3.50 2.77
C VAL T 122 34.33 2.26 1.84
N PHE T 123 33.15 1.61 1.75
CA PHE T 123 32.92 0.41 0.92
C PHE T 123 31.52 0.33 0.30
N PRO T 124 31.40 -0.08 -1.00
CA PRO T 124 30.05 -0.22 -1.58
C PRO T 124 29.43 -1.58 -1.24
N PRO T 125 28.08 -1.75 -1.36
CA PRO T 125 27.47 -3.03 -1.02
C PRO T 125 27.70 -4.15 -2.04
N GLU T 126 27.44 -5.39 -1.61
CA GLU T 126 27.49 -6.60 -2.40
C GLU T 126 26.07 -7.14 -2.34
N VAL T 127 25.41 -7.19 -3.50
CA VAL T 127 24.02 -7.60 -3.61
C VAL T 127 23.87 -9.03 -4.11
N ALA T 128 22.98 -9.77 -3.45
CA ALA T 128 22.67 -11.16 -3.74
C ALA T 128 21.20 -11.38 -3.53
N VAL T 129 20.58 -12.22 -4.37
CA VAL T 129 19.18 -12.56 -4.24
C VAL T 129 19.08 -14.09 -4.13
N PHE T 130 18.27 -14.56 -3.15
CA PHE T 130 18.06 -15.95 -2.81
C PHE T 130 16.66 -16.37 -3.20
N GLU T 131 16.60 -17.43 -4.01
CA GLU T 131 15.37 -17.97 -4.58
C GLU T 131 14.51 -18.71 -3.55
N PRO T 132 13.17 -18.59 -3.67
CA PRO T 132 12.27 -19.28 -2.75
C PRO T 132 12.54 -20.77 -2.50
N SER T 133 12.21 -21.22 -1.29
CA SER T 133 12.33 -22.61 -0.84
C SER T 133 11.14 -23.39 -1.42
N GLU T 134 11.37 -24.52 -2.13
CA GLU T 134 10.27 -25.31 -2.71
C GLU T 134 9.36 -25.82 -1.58
N ALA T 135 9.96 -25.97 -0.38
CA ALA T 135 9.35 -26.37 0.89
C ALA T 135 8.27 -25.37 1.29
N GLU T 136 8.60 -24.07 1.18
CA GLU T 136 7.71 -22.95 1.45
C GLU T 136 6.63 -22.90 0.38
N ILE T 137 7.00 -23.20 -0.88
CA ILE T 137 6.08 -23.20 -2.00
C ILE T 137 5.02 -24.30 -1.79
N SER T 138 5.47 -25.55 -1.53
CA SER T 138 4.60 -26.71 -1.27
C SER T 138 3.73 -26.53 -0.02
N HIS T 139 4.29 -25.90 1.04
CA HIS T 139 3.59 -25.68 2.30
C HIS T 139 2.61 -24.49 2.26
N THR T 140 3.14 -23.25 2.28
CA THR T 140 2.37 -22.00 2.37
C THR T 140 1.71 -21.52 1.06
N GLN T 141 2.09 -22.07 -0.12
CA GLN T 141 1.58 -21.67 -1.46
C GLN T 141 1.98 -20.22 -1.80
N LYS T 142 3.11 -19.80 -1.23
CA LYS T 142 3.71 -18.47 -1.36
C LYS T 142 5.21 -18.62 -1.52
N ALA T 143 5.85 -17.63 -2.15
CA ALA T 143 7.27 -17.65 -2.43
C ALA T 143 7.97 -16.39 -1.90
N THR T 144 8.96 -16.58 -1.02
CA THR T 144 9.71 -15.45 -0.46
C THR T 144 11.11 -15.40 -1.03
N LEU T 145 11.45 -14.26 -1.64
CA LEU T 145 12.76 -13.96 -2.21
C LEU T 145 13.46 -13.09 -1.19
N VAL T 146 14.69 -13.42 -0.85
CA VAL T 146 15.47 -12.62 0.10
C VAL T 146 16.63 -11.99 -0.62
N CYS T 147 16.74 -10.66 -0.50
CA CYS T 147 17.86 -9.92 -1.04
C CYS T 147 18.76 -9.53 0.09
N LEU T 148 20.07 -9.56 -0.14
CA LEU T 148 21.07 -9.27 0.88
C LEU T 148 22.16 -8.31 0.39
N ALA T 149 22.22 -7.10 1.00
CA ALA T 149 23.24 -6.09 0.71
C ALA T 149 24.24 -6.13 1.87
N THR T 150 25.46 -6.59 1.59
CA THR T 150 26.51 -6.79 2.60
C THR T 150 27.80 -6.08 2.24
N GLY T 151 28.62 -5.83 3.26
CA GLY T 151 29.94 -5.21 3.12
C GLY T 151 29.93 -3.75 2.72
N PHE T 152 28.96 -2.97 3.23
CA PHE T 152 28.89 -1.54 2.90
C PHE T 152 29.20 -0.65 4.08
N TYR T 153 29.88 0.47 3.80
CA TYR T 153 30.22 1.48 4.80
C TYR T 153 30.27 2.87 4.16
N PRO T 154 29.51 3.87 4.66
CA PRO T 154 28.55 3.84 5.79
C PRO T 154 27.15 3.36 5.36
N ASP T 155 26.09 3.63 6.17
CA ASP T 155 24.73 3.15 5.85
C ASP T 155 23.98 4.06 4.80
N HIS T 156 24.71 4.53 3.78
CA HIS T 156 24.17 5.33 2.69
C HIS T 156 23.58 4.41 1.60
N VAL T 157 22.57 3.60 1.96
CA VAL T 157 21.98 2.71 0.95
C VAL T 157 20.50 2.98 0.76
N GLU T 158 19.94 2.39 -0.31
CA GLU T 158 18.56 2.51 -0.74
C GLU T 158 18.19 1.21 -1.44
N LEU T 159 17.52 0.30 -0.73
CA LEU T 159 17.13 -0.97 -1.32
C LEU T 159 15.76 -0.84 -1.97
N SER T 160 15.62 -1.43 -3.17
CA SER T 160 14.39 -1.42 -3.93
C SER T 160 14.24 -2.72 -4.70
N TRP T 161 12.99 -3.20 -4.83
CA TRP T 161 12.65 -4.42 -5.56
C TRP T 161 11.99 -4.06 -6.87
N TRP T 162 12.51 -4.63 -7.95
CA TRP T 162 12.06 -4.38 -9.31
C TRP T 162 11.57 -5.65 -9.93
N VAL T 163 10.27 -5.71 -10.22
CA VAL T 163 9.64 -6.87 -10.81
C VAL T 163 9.19 -6.53 -12.23
N ASN T 164 9.76 -7.25 -13.23
CA ASN T 164 9.49 -7.09 -14.66
C ASN T 164 9.67 -5.64 -15.16
N GLY T 165 10.67 -4.97 -14.60
CA GLY T 165 10.98 -3.58 -14.92
C GLY T 165 10.34 -2.55 -14.00
N LYS T 166 9.20 -2.88 -13.38
CA LYS T 166 8.50 -1.95 -12.49
C LYS T 166 8.84 -2.18 -11.01
N GLU T 167 9.11 -1.08 -10.26
CA GLU T 167 9.36 -1.17 -8.82
C GLU T 167 8.06 -1.56 -8.13
N VAL T 168 8.15 -2.58 -7.26
CA VAL T 168 7.06 -3.15 -6.49
C VAL T 168 7.16 -2.72 -4.99
N HIS T 169 6.02 -2.68 -4.29
CA HIS T 169 5.95 -2.35 -2.86
C HIS T 169 5.14 -3.39 -2.07
N SER T 170 4.08 -3.97 -2.71
CA SER T 170 3.25 -5.02 -2.11
C SER T 170 4.11 -6.28 -1.92
N GLY T 171 4.03 -6.84 -0.73
CA GLY T 171 4.78 -8.02 -0.34
C GLY T 171 6.26 -7.79 -0.09
N VAL T 172 6.66 -6.53 0.18
CA VAL T 172 8.05 -6.13 0.43
C VAL T 172 8.29 -5.79 1.93
N CYS T 173 9.51 -6.09 2.44
CA CYS T 173 9.95 -5.72 3.79
C CYS T 173 11.44 -5.51 3.86
N THR T 174 11.87 -4.27 4.05
CA THR T 174 13.30 -4.01 4.21
C THR T 174 13.60 -3.68 5.65
N ASP T 175 14.72 -4.22 6.16
CA ASP T 175 15.23 -3.98 7.51
C ASP T 175 15.24 -2.48 7.74
N PRO T 176 14.61 -1.98 8.82
CA PRO T 176 14.64 -0.52 9.06
C PRO T 176 15.99 -0.09 9.63
N GLN T 177 16.84 -1.08 9.99
CA GLN T 177 18.17 -0.87 10.56
C GLN T 177 19.19 -1.88 10.06
N PRO T 178 20.43 -1.46 9.74
CA PRO T 178 21.43 -2.43 9.28
C PRO T 178 22.11 -3.16 10.44
N LEU T 179 22.80 -4.28 10.13
CA LEU T 179 23.56 -5.08 11.09
C LEU T 179 25.04 -4.82 10.91
N LYS T 180 25.77 -4.70 12.03
CA LYS T 180 27.23 -4.55 11.97
C LYS T 180 27.82 -5.94 11.74
N GLU T 181 28.70 -6.07 10.73
CA GLU T 181 29.35 -7.35 10.41
C GLU T 181 30.34 -7.76 11.52
N GLN T 182 30.96 -6.77 12.17
CA GLN T 182 31.85 -6.91 13.32
C GLN T 182 31.24 -5.99 14.40
N PRO T 183 30.26 -6.49 15.22
CA PRO T 183 29.60 -5.60 16.20
C PRO T 183 30.53 -4.93 17.20
N ALA T 184 31.50 -5.69 17.69
CA ALA T 184 32.52 -5.21 18.62
C ALA T 184 33.71 -4.72 17.78
N LEU T 185 33.48 -3.64 17.01
CA LEU T 185 34.46 -2.98 16.13
C LEU T 185 34.01 -1.56 15.80
N ASN T 186 34.98 -0.63 15.81
CA ASN T 186 34.83 0.80 15.53
C ASN T 186 34.89 1.01 14.01
N ASP T 187 33.84 1.63 13.43
CA ASP T 187 33.68 1.89 11.99
C ASP T 187 33.44 0.59 11.19
N SER T 188 32.71 -0.38 11.79
CA SER T 188 32.41 -1.68 11.19
C SER T 188 31.41 -1.63 10.04
N ARG T 189 31.67 -2.44 8.99
CA ARG T 189 30.84 -2.56 7.80
C ARG T 189 29.46 -3.14 8.10
N TYR T 190 28.44 -2.59 7.42
CA TYR T 190 27.03 -2.92 7.58
C TYR T 190 26.50 -3.97 6.60
N ALA T 191 25.38 -4.61 6.98
CA ALA T 191 24.63 -5.60 6.22
C ALA T 191 23.13 -5.31 6.39
N LEU T 192 22.39 -5.31 5.28
CA LEU T 192 20.95 -5.02 5.24
C LEU T 192 20.24 -6.11 4.44
N SER T 193 19.04 -6.51 4.88
CA SER T 193 18.26 -7.55 4.20
C SER T 193 16.85 -7.09 3.85
N SER T 194 16.30 -7.65 2.77
CA SER T 194 14.95 -7.34 2.31
C SER T 194 14.23 -8.58 1.85
N ARG T 195 12.90 -8.56 1.90
CA ARG T 195 12.09 -9.70 1.52
C ARG T 195 11.01 -9.34 0.52
N LEU T 196 10.76 -10.21 -0.44
CA LEU T 196 9.65 -10.04 -1.38
C LEU T 196 8.89 -11.34 -1.43
N ARG T 197 7.63 -11.31 -0.97
CA ARG T 197 6.79 -12.49 -1.01
C ARG T 197 5.72 -12.38 -2.08
N VAL T 198 5.73 -13.36 -3.00
CA VAL T 198 4.81 -13.45 -4.14
C VAL T 198 3.97 -14.74 -4.02
N SER T 199 2.98 -14.94 -4.91
CA SER T 199 2.18 -16.17 -4.92
C SER T 199 3.05 -17.27 -5.54
N ALA T 200 2.86 -18.54 -5.13
CA ALA T 200 3.63 -19.66 -5.69
C ALA T 200 3.50 -19.67 -7.21
N THR T 201 2.26 -19.41 -7.73
CA THR T 201 1.96 -19.34 -9.16
C THR T 201 2.77 -18.23 -9.88
N PHE T 202 2.92 -17.06 -9.22
CA PHE T 202 3.67 -15.92 -9.73
C PHE T 202 5.13 -16.27 -9.88
N TRP T 203 5.75 -16.87 -8.84
CA TRP T 203 7.14 -17.30 -8.89
C TRP T 203 7.30 -18.44 -9.89
N GLN T 204 6.24 -19.26 -10.07
CA GLN T 204 6.28 -20.38 -11.00
C GLN T 204 6.23 -19.96 -12.47
N ASN T 205 5.81 -18.71 -12.76
CA ASN T 205 5.78 -18.18 -14.13
C ASN T 205 7.21 -17.81 -14.59
N PRO T 206 7.79 -18.50 -15.61
CA PRO T 206 9.16 -18.16 -16.04
C PRO T 206 9.33 -16.78 -16.68
N ARG T 207 8.21 -16.09 -16.97
CA ARG T 207 8.25 -14.77 -17.59
C ARG T 207 8.41 -13.62 -16.60
N ASN T 208 8.37 -13.91 -15.29
CA ASN T 208 8.52 -12.90 -14.24
C ASN T 208 9.97 -12.73 -13.86
N HIS T 209 10.50 -11.51 -14.03
CA HIS T 209 11.88 -11.18 -13.75
C HIS T 209 11.97 -10.41 -12.46
N PHE T 210 12.76 -10.93 -11.52
CA PHE T 210 12.93 -10.33 -10.20
C PHE T 210 14.30 -9.76 -10.12
N ARG T 211 14.41 -8.52 -9.65
CA ARG T 211 15.70 -7.84 -9.48
C ARG T 211 15.69 -6.96 -8.25
N CYS T 212 16.70 -7.12 -7.42
CA CYS T 212 16.88 -6.33 -6.21
C CYS T 212 17.94 -5.29 -6.48
N GLN T 213 17.61 -4.02 -6.27
CA GLN T 213 18.49 -2.88 -6.54
C GLN T 213 18.94 -2.20 -5.26
N VAL T 214 20.24 -1.92 -5.15
CA VAL T 214 20.80 -1.23 -4.00
C VAL T 214 21.55 0.02 -4.48
N GLN T 215 20.98 1.19 -4.20
CA GLN T 215 21.56 2.49 -4.55
C GLN T 215 22.42 2.96 -3.41
N PHE T 216 23.73 2.98 -3.64
CA PHE T 216 24.71 3.41 -2.66
C PHE T 216 25.08 4.85 -2.93
N TYR T 217 25.20 5.62 -1.83
CA TYR T 217 25.60 7.01 -1.90
C TYR T 217 27.04 7.11 -1.35
N GLY T 218 28.01 7.08 -2.27
CA GLY T 218 29.42 7.07 -1.95
C GLY T 218 30.17 8.37 -2.05
N LEU T 219 31.51 8.26 -2.25
CA LEU T 219 32.44 9.38 -2.35
C LEU T 219 32.21 10.26 -3.57
N SER T 220 32.64 11.53 -3.46
CA SER T 220 32.54 12.54 -4.51
C SER T 220 33.47 12.21 -5.67
N GLU T 221 33.17 12.78 -6.84
CA GLU T 221 34.00 12.62 -8.03
C GLU T 221 35.36 13.30 -7.76
N ASN T 222 35.30 14.49 -7.13
CA ASN T 222 36.43 15.33 -6.74
C ASN T 222 37.31 14.63 -5.70
N ASP T 223 36.68 13.90 -4.74
CA ASP T 223 37.34 13.15 -3.65
C ASP T 223 38.53 12.32 -4.17
N GLU T 224 39.71 12.52 -3.58
CA GLU T 224 40.94 11.84 -3.99
C GLU T 224 40.97 10.42 -3.48
N TRP T 225 41.12 9.46 -4.40
CA TRP T 225 41.22 8.03 -4.07
C TRP T 225 42.67 7.60 -4.13
N THR T 226 43.21 7.15 -2.98
CA THR T 226 44.62 6.77 -2.83
C THR T 226 44.88 5.28 -2.91
N GLN T 227 44.06 4.45 -2.21
CA GLN T 227 44.21 2.99 -2.15
C GLN T 227 44.23 2.31 -3.54
N ASP T 228 44.84 1.11 -3.61
CA ASP T 228 45.04 0.32 -4.82
C ASP T 228 43.74 -0.31 -5.37
N ARG T 229 42.72 -0.51 -4.51
CA ARG T 229 41.41 -1.08 -4.88
C ARG T 229 40.51 -0.09 -5.69
N ALA T 230 39.20 -0.39 -5.88
CA ALA T 230 38.29 0.45 -6.67
C ALA T 230 37.52 1.51 -5.86
N LYS T 231 37.52 2.76 -6.39
CA LYS T 231 36.89 3.95 -5.80
C LYS T 231 35.41 3.76 -5.43
N PRO T 232 35.06 3.84 -4.13
CA PRO T 232 33.65 3.66 -3.73
C PRO T 232 32.83 4.94 -3.96
N VAL T 233 32.37 5.07 -5.20
CA VAL T 233 31.59 6.21 -5.70
C VAL T 233 30.08 5.98 -5.54
N THR T 234 29.27 7.02 -5.79
CA THR T 234 27.80 6.95 -5.76
C THR T 234 27.43 6.06 -6.95
N GLN T 235 26.90 4.86 -6.66
CA GLN T 235 26.59 3.84 -7.66
C GLN T 235 25.39 2.97 -7.26
N ILE T 236 24.98 2.06 -8.16
CA ILE T 236 23.92 1.07 -7.97
C ILE T 236 24.53 -0.33 -8.09
N VAL T 237 24.10 -1.28 -7.24
CA VAL T 237 24.53 -2.68 -7.26
C VAL T 237 23.25 -3.53 -7.24
N SER T 238 23.14 -4.51 -8.13
CA SER T 238 21.96 -5.37 -8.23
C SER T 238 22.26 -6.86 -8.25
N ALA T 239 21.20 -7.65 -8.17
CA ALA T 239 21.17 -9.11 -8.24
C ALA T 239 19.81 -9.47 -8.78
N GLU T 240 19.68 -10.57 -9.54
CA GLU T 240 18.39 -10.92 -10.11
C GLU T 240 18.11 -12.41 -10.14
N ALA T 241 16.82 -12.74 -10.23
CA ALA T 241 16.33 -14.11 -10.28
C ALA T 241 15.15 -14.16 -11.21
N TRP T 242 15.05 -15.25 -11.95
CA TRP T 242 13.97 -15.45 -12.89
C TRP T 242 13.01 -16.44 -12.29
N GLY T 243 11.74 -16.33 -12.69
CA GLY T 243 10.70 -17.26 -12.30
C GLY T 243 11.04 -18.63 -12.83
N ARG T 244 11.04 -19.63 -11.95
CA ARG T 244 11.37 -21.01 -12.28
C ARG T 244 10.09 -21.83 -12.33
N ALA T 245 9.97 -22.70 -13.33
CA ALA T 245 8.80 -23.58 -13.43
C ALA T 245 9.11 -24.88 -12.64
#